data_7KHA
#
_entry.id   7KHA
#
_cell.length_a   1.00
_cell.length_b   1.00
_cell.length_c   1.00
_cell.angle_alpha   90.00
_cell.angle_beta   90.00
_cell.angle_gamma   90.00
#
_symmetry.space_group_name_H-M   'P 1'
#
loop_
_entity.id
_entity.type
_entity.pdbx_description
1 polymer 'CRISPR-associated protein, CT1134 family'
2 polymer 'CRISPR-associated protein, TM1801 family'
3 polymer 'CRISPR-associated protein, CT1133 family'
4 polymer 'CRISPR-associated protein, CT1133 family'
5 polymer 'RNA (45-MER)'
#
loop_
_entity_poly.entity_id
_entity_poly.type
_entity_poly.pdbx_seq_one_letter_code
_entity_poly.pdbx_strand_id
1 'polypeptide(L)'
;TYGIRLRVWGDYACFTRPEMKVERVSYDVMPPSAARGILEAIHWKPAIRWIVDRIHVLRPIVFDNVRRNEVSSKIPKPNP
ATAMRDRKPLYFLVDDGSNRQQRAATLLRNVDYVIEAHFELTDKAGAEDNAGKHLDIFRRRARAGQSFQQPCLGCREFPA
SFELLEGDVPLSCYAGEKRDLGYMLLDIDFERDMTPLFFKAVMEDGVITPPSRTSPEVRA
;
A
2 'polypeptide(L)'
;MTAIANRYEFVLLFDVENGNPNGDPDAGNMPRIDPETGHGLVTDVCLKRKIRNHVALTKEGAERFNIYIQEKAILNETHE
RAYTACDLKPEPKKLPKKVEDAKRVTDWMCTNFYDIRTFGAVMTTEVNCGQVRGPVQMAFARSVEPVVPQEVSITRMAVT
TKAEAEKQQGDNRTMGRKHIVPYGLYVAHGFISAPLAEKTGFSDEDLTLFWDALVNMFEHDRSAARGLMSSRKLIVFKHQ
NRLGNAPAHKLFDLVKVSRAEGSSGPARSFADYAVTVGQAPEGVEVKEML
;
B,C,D,E,F,G,H
3 'polypeptide(L)'
;WENTSYILGVDAKGKQERTDKCHAAFIAHIKAYCDTADQDLAAVLQFLEHGEKDLSAFPVSEEVIGSNIVFRIEGEPGFV
HERPAARQAWANCLNRREQGLCGQCLITGERQKPIAQLHPSIKGGRDGVRGAQAVASIVSFNNTAFESYGKEQSINAPVS
QEAAFSYVTALNYLLNPSNRQKVTIADATVVFWAERSSPAEDIFAGMFDPPSTTAKPESSNGTPPEDSEEGSQPDTARDD
PHAAARMHDLLVAIRSGKRATDIMPDMDESVRFHVLGLSPNAARLSVRFWEVDTVGHMLDKVGRHYRELEIIPQFNNEQE
FPSLSTLLRQTAVLNKTENISPVLAGGLFRAMLTGGPYPQSLLPAVLGRIRAEHARPEDKSRYRLEVVTYYRAALIKAYL
IRNRKLEVPVSLDPARTDRPYLLGRLFAVLEKAQEDAVPGANATIKDRYLASASANPGQVFHMLLKNASNHTAKLRKDPE
RKGSAIHYEIMMQEIIDNISDFPVTMSSDEQGLFMIGYYHQRKALFTKKNKEN
;
I
4 'polypeptide(L)'
;VSLDPARTDRPYLLGRLFAVLEKAQEDAVPGANATIKDRYLASASANPGQVFHMLLKNASNHTAKLRKDPERKGSAIHYE
IMMQEIIDNISDFPVTMSSDEQGLFMIGYYHQRKALFTKKNKEN
;
K,L
5 'polyribonucleotide' UGGAUUGAAACGCCAUGCUCAGGCUGGCGAGUGCGCCACUCAUCA J
#
loop_
_chem_comp.id
_chem_comp.type
_chem_comp.name
_chem_comp.formula
A RNA linking ADENOSINE-5'-MONOPHOSPHATE 'C10 H14 N5 O7 P'
C RNA linking CYTIDINE-5'-MONOPHOSPHATE 'C9 H14 N3 O8 P'
G RNA linking GUANOSINE-5'-MONOPHOSPHATE 'C10 H14 N5 O8 P'
U RNA linking URIDINE-5'-MONOPHOSPHATE 'C9 H13 N2 O9 P'
#
# COMPACT_ATOMS: atom_id res chain seq x y z
N THR A 1 85.63 9.87 -18.08
CA THR A 1 84.18 9.78 -17.89
C THR A 1 83.60 8.59 -18.66
N TYR A 2 82.36 8.26 -18.36
CA TYR A 2 81.72 7.08 -18.94
C TYR A 2 80.31 7.42 -19.41
N GLY A 3 79.85 8.61 -19.07
CA GLY A 3 78.46 8.98 -19.31
C GLY A 3 77.54 8.39 -18.27
N ILE A 4 76.36 8.98 -18.09
CA ILE A 4 75.35 8.44 -17.19
C ILE A 4 73.99 8.80 -17.76
N ARG A 5 73.07 7.84 -17.67
CA ARG A 5 71.73 7.95 -18.22
C ARG A 5 70.75 8.05 -17.06
N LEU A 6 70.14 9.21 -16.90
CA LEU A 6 69.18 9.46 -15.83
C LEU A 6 67.76 9.35 -16.38
N ARG A 7 66.85 8.80 -15.59
CA ARG A 7 65.44 8.69 -15.96
C ARG A 7 64.67 9.78 -15.24
N VAL A 8 63.90 10.55 -16.00
CA VAL A 8 63.17 11.70 -15.48
C VAL A 8 61.77 11.72 -16.07
N TRP A 9 60.75 11.76 -15.22
CA TRP A 9 59.39 11.60 -15.70
C TRP A 9 58.43 12.32 -14.77
N GLY A 10 57.30 12.72 -15.31
CA GLY A 10 56.32 13.42 -14.49
C GLY A 10 54.97 13.49 -15.17
N ASP A 11 54.01 14.07 -14.45
CA ASP A 11 52.67 14.23 -15.00
C ASP A 11 52.63 15.33 -16.04
N TYR A 12 53.06 16.53 -15.68
CA TYR A 12 53.08 17.67 -16.58
C TYR A 12 54.52 18.02 -16.96
N ALA A 13 54.66 18.76 -18.05
CA ALA A 13 55.94 19.31 -18.44
C ALA A 13 55.69 20.50 -19.36
N CYS A 14 56.58 21.47 -19.32
CA CYS A 14 56.47 22.60 -20.24
C CYS A 14 57.84 23.12 -20.63
N PHE A 15 58.37 22.60 -21.74
CA PHE A 15 59.62 23.08 -22.30
C PHE A 15 59.28 24.08 -23.41
N THR A 16 59.15 25.33 -23.01
CA THR A 16 58.52 26.34 -23.86
C THR A 16 59.33 26.58 -25.13
N ARG A 17 58.62 26.80 -26.23
CA ARG A 17 59.26 27.21 -27.46
C ARG A 17 59.87 28.60 -27.26
N PRO A 18 60.77 29.02 -28.15
CA PRO A 18 61.24 30.41 -28.05
C PRO A 18 60.25 31.41 -28.62
N GLU A 19 59.55 31.05 -29.69
CA GLU A 19 58.56 31.97 -30.24
C GLU A 19 57.38 32.12 -29.31
N MET A 20 56.72 31.01 -29.00
CA MET A 20 55.45 31.02 -28.29
C MET A 20 55.76 31.01 -26.80
N LYS A 21 56.15 32.15 -26.27
CA LYS A 21 56.51 32.32 -24.85
C LYS A 21 55.42 32.99 -24.04
N VAL A 22 54.62 33.86 -24.64
CA VAL A 22 53.57 34.53 -23.88
C VAL A 22 52.38 33.62 -23.69
N GLU A 23 51.95 32.95 -24.75
CA GLU A 23 50.96 31.88 -24.67
C GLU A 23 51.73 30.59 -24.93
N ARG A 24 52.24 29.99 -23.86
CA ARG A 24 53.28 28.98 -23.97
C ARG A 24 52.81 27.79 -24.79
N VAL A 25 53.66 27.32 -25.70
CA VAL A 25 53.46 26.09 -26.43
C VAL A 25 54.75 25.29 -26.36
N SER A 26 54.73 24.21 -25.60
CA SER A 26 55.96 23.47 -25.32
C SER A 26 56.47 22.74 -26.55
N TYR A 27 57.76 22.45 -26.55
CA TYR A 27 58.28 21.50 -27.52
C TYR A 27 57.66 20.14 -27.25
N ASP A 28 57.68 19.28 -28.27
CA ASP A 28 57.14 17.93 -28.10
C ASP A 28 57.94 17.16 -27.06
N VAL A 29 59.21 17.50 -26.88
CA VAL A 29 60.16 16.69 -26.13
C VAL A 29 61.03 17.62 -25.29
N MET A 30 61.78 17.03 -24.38
CA MET A 30 62.71 17.81 -23.60
C MET A 30 63.90 18.23 -24.46
N PRO A 31 64.26 19.50 -24.48
CA PRO A 31 65.42 19.92 -25.25
C PRO A 31 66.70 19.72 -24.45
N PRO A 32 67.87 19.78 -25.09
CA PRO A 32 69.11 19.61 -24.35
C PRO A 32 69.30 20.61 -23.23
N SER A 33 68.88 21.86 -23.41
CA SER A 33 69.10 22.86 -22.38
C SER A 33 68.30 22.55 -21.13
N ALA A 34 67.03 22.16 -21.31
CA ALA A 34 66.22 21.76 -20.17
C ALA A 34 66.81 20.53 -19.49
N ALA A 35 67.35 19.60 -20.28
CA ALA A 35 67.92 18.39 -19.72
C ALA A 35 69.13 18.71 -18.87
N ARG A 36 70.04 19.52 -19.39
CA ARG A 36 71.21 19.92 -18.62
C ARG A 36 70.80 20.71 -17.38
N GLY A 37 69.74 21.51 -17.48
CA GLY A 37 69.25 22.20 -16.30
C GLY A 37 68.65 21.26 -15.27
N ILE A 38 68.05 20.15 -15.72
CA ILE A 38 67.60 19.14 -14.80
C ILE A 38 68.78 18.51 -14.09
N LEU A 39 69.84 18.24 -14.84
CA LEU A 39 71.02 17.62 -14.25
C LEU A 39 71.65 18.51 -13.20
N GLU A 40 71.84 19.79 -13.52
CA GLU A 40 72.45 20.72 -12.57
C GLU A 40 71.58 20.98 -11.36
N ALA A 41 70.39 20.38 -11.29
CA ALA A 41 69.57 20.43 -10.09
C ALA A 41 69.69 19.15 -9.27
N ILE A 42 70.69 18.32 -9.57
CA ILE A 42 70.95 17.12 -8.81
C ILE A 42 72.38 17.20 -8.29
N HIS A 43 73.32 17.48 -9.19
CA HIS A 43 74.67 17.81 -8.79
C HIS A 43 75.30 18.73 -9.82
N TRP A 44 75.98 19.76 -9.34
CA TRP A 44 76.76 20.63 -10.21
C TRP A 44 77.74 21.46 -9.41
N LYS A 45 78.94 21.66 -9.94
CA LYS A 45 79.95 22.49 -9.30
C LYS A 45 80.61 23.33 -10.36
N PRO A 46 81.02 24.55 -10.04
CA PRO A 46 81.59 25.43 -11.07
C PRO A 46 82.88 24.92 -11.66
N ALA A 47 83.30 23.73 -11.27
CA ALA A 47 84.49 23.13 -11.87
C ALA A 47 84.12 22.29 -13.09
N ILE A 48 82.88 21.84 -13.16
CA ILE A 48 82.43 20.92 -14.20
C ILE A 48 81.44 21.60 -15.13
N ARG A 49 81.01 20.89 -16.16
CA ARG A 49 79.83 21.26 -16.91
C ARG A 49 79.18 19.98 -17.42
N TRP A 50 77.91 20.08 -17.80
CA TRP A 50 77.17 18.94 -18.30
C TRP A 50 76.96 19.11 -19.80
N ILE A 51 77.20 18.04 -20.55
CA ILE A 51 76.84 17.98 -21.96
C ILE A 51 75.89 16.80 -22.15
N VAL A 52 74.97 16.94 -23.10
CA VAL A 52 73.97 15.94 -23.38
C VAL A 52 74.25 15.37 -24.77
N ASP A 53 74.25 14.04 -24.89
CA ASP A 53 74.49 13.39 -26.17
C ASP A 53 73.22 12.81 -26.78
N ARG A 54 72.30 12.32 -25.96
CA ARG A 54 71.06 11.76 -26.46
C ARG A 54 69.97 11.95 -25.43
N ILE A 55 68.73 12.01 -25.91
CA ILE A 55 67.56 12.03 -25.04
C ILE A 55 66.53 11.07 -25.60
N HIS A 56 66.18 10.05 -24.82
CA HIS A 56 65.25 9.01 -25.22
C HIS A 56 63.84 9.35 -24.74
N VAL A 57 62.88 9.23 -25.66
CA VAL A 57 61.48 9.56 -25.43
C VAL A 57 60.74 8.25 -25.24
N LEU A 58 60.25 7.99 -24.04
CA LEU A 58 59.68 6.69 -23.72
C LEU A 58 58.16 6.67 -23.65
N ARG A 59 57.48 7.71 -24.09
CA ARG A 59 56.04 7.79 -23.91
C ARG A 59 55.43 8.61 -25.03
N PRO A 60 54.12 8.48 -25.26
CA PRO A 60 53.48 9.30 -26.29
C PRO A 60 53.59 10.78 -25.97
N ILE A 61 53.54 11.60 -27.01
CA ILE A 61 53.51 13.04 -26.87
C ILE A 61 52.06 13.48 -26.85
N VAL A 62 51.64 14.10 -25.75
CA VAL A 62 50.24 14.48 -25.56
C VAL A 62 50.20 15.86 -24.91
N PHE A 63 49.48 16.78 -25.54
CA PHE A 63 49.44 18.17 -25.11
C PHE A 63 48.19 18.44 -24.28
N ASP A 64 48.21 19.58 -23.59
CA ASP A 64 47.09 19.99 -22.78
C ASP A 64 47.13 21.50 -22.62
N ASN A 65 45.98 22.08 -22.33
CA ASN A 65 45.82 23.52 -22.23
C ASN A 65 45.50 23.86 -20.78
N VAL A 66 46.29 24.76 -20.19
CA VAL A 66 46.04 25.23 -18.84
C VAL A 66 46.33 26.73 -18.81
N ARG A 67 45.30 27.53 -18.58
CA ARG A 67 45.47 28.96 -18.48
C ARG A 67 45.63 29.36 -17.02
N ARG A 68 46.51 30.31 -16.77
CA ARG A 68 46.72 30.79 -15.42
C ARG A 68 46.72 32.31 -15.42
N ASN A 69 46.15 32.87 -14.37
CA ASN A 69 46.26 34.29 -14.10
C ASN A 69 47.70 34.59 -13.73
N GLU A 70 48.37 35.40 -14.54
CA GLU A 70 49.77 35.67 -14.28
C GLU A 70 50.03 37.17 -14.35
N VAL A 71 50.92 37.62 -13.47
CA VAL A 71 51.50 38.95 -13.55
C VAL A 71 51.88 39.30 -14.98
N SER A 72 51.49 40.48 -15.42
CA SER A 72 51.85 41.02 -16.72
C SER A 72 53.14 41.81 -16.59
N SER A 73 53.41 42.64 -17.60
CA SER A 73 54.52 43.58 -17.55
C SER A 73 54.65 44.22 -16.18
N LYS A 74 55.85 44.14 -15.61
CA LYS A 74 56.23 44.92 -14.44
C LYS A 74 56.75 46.25 -15.00
N ILE A 75 55.80 47.08 -15.45
CA ILE A 75 56.03 48.15 -16.41
C ILE A 75 57.02 49.20 -15.88
N PRO A 76 57.92 49.71 -16.72
CA PRO A 76 58.84 50.77 -16.27
C PRO A 76 58.10 51.96 -15.68
N LYS A 77 58.76 52.63 -14.75
CA LYS A 77 58.17 53.74 -14.02
C LYS A 77 58.01 54.96 -14.93
N PRO A 78 56.82 55.55 -15.01
CA PRO A 78 56.67 56.85 -15.69
C PRO A 78 57.06 58.03 -14.83
N ASN A 79 57.03 57.90 -13.51
CA ASN A 79 57.39 58.97 -12.58
C ASN A 79 58.18 58.37 -11.41
N PRO A 80 59.46 58.75 -11.26
CA PRO A 80 60.27 58.19 -10.16
C PRO A 80 59.67 58.42 -8.79
N ALA A 81 59.79 57.43 -7.90
CA ALA A 81 59.26 57.53 -6.55
C ALA A 81 60.20 56.80 -5.60
N THR A 82 60.04 57.09 -4.31
CA THR A 82 60.88 56.50 -3.27
C THR A 82 60.01 56.22 -2.05
N ALA A 83 60.39 55.20 -1.29
CA ALA A 83 59.63 54.82 -0.12
C ALA A 83 59.82 55.83 1.00
N MET A 84 58.78 55.95 1.84
CA MET A 84 58.79 56.95 2.90
C MET A 84 59.81 56.61 3.98
N ARG A 85 59.98 55.32 4.28
CA ARG A 85 60.99 54.86 5.21
C ARG A 85 61.73 53.65 4.65
N ASP A 86 62.77 53.22 5.38
CA ASP A 86 63.63 52.16 4.88
C ASP A 86 62.85 50.85 4.72
N ARG A 87 62.39 50.26 5.82
CA ARG A 87 61.68 48.99 5.81
C ARG A 87 60.23 49.23 6.18
N LYS A 88 59.35 49.22 5.19
CA LYS A 88 57.93 49.51 5.35
C LYS A 88 57.19 48.80 4.22
N PRO A 89 55.85 48.77 4.23
CA PRO A 89 55.13 48.08 3.15
C PRO A 89 55.30 48.73 1.77
N LEU A 90 55.69 47.90 0.81
CA LEU A 90 55.65 48.23 -0.60
C LEU A 90 55.13 47.01 -1.35
N TYR A 91 54.55 47.23 -2.54
CA TYR A 91 53.62 46.27 -3.09
C TYR A 91 53.85 46.06 -4.59
N PHE A 92 53.04 45.15 -5.15
CA PHE A 92 52.84 45.04 -6.59
C PHE A 92 51.38 44.69 -6.88
N LEU A 93 50.71 45.55 -7.62
CA LEU A 93 49.35 45.31 -8.06
C LEU A 93 49.26 44.06 -8.93
N VAL A 94 48.66 43.01 -8.41
CA VAL A 94 48.52 41.77 -9.17
C VAL A 94 47.09 41.52 -9.58
N ASP A 95 46.20 42.50 -9.38
CA ASP A 95 44.82 42.30 -9.76
C ASP A 95 44.17 43.49 -10.42
N ASP A 96 44.76 44.67 -10.35
CA ASP A 96 44.19 45.84 -11.00
C ASP A 96 45.13 46.32 -12.09
N GLY A 97 44.58 47.08 -13.04
CA GLY A 97 45.34 47.55 -14.17
C GLY A 97 45.58 46.45 -15.16
N SER A 98 46.50 46.66 -16.10
CA SER A 98 46.94 45.60 -16.99
C SER A 98 48.09 44.83 -16.39
N ASN A 99 47.93 44.39 -15.14
CA ASN A 99 48.92 43.59 -14.44
C ASN A 99 48.39 42.18 -14.19
N ARG A 100 47.51 41.71 -15.07
CA ARG A 100 46.96 40.37 -14.99
C ARG A 100 46.89 39.84 -16.41
N GLN A 101 47.69 38.82 -16.71
CA GLN A 101 47.89 38.50 -18.11
C GLN A 101 47.10 37.29 -18.58
N GLN A 102 46.85 36.33 -17.71
CA GLN A 102 46.12 35.14 -18.11
C GLN A 102 46.83 34.44 -19.25
N ARG A 103 48.02 33.91 -19.00
CA ARG A 103 48.76 33.23 -20.03
C ARG A 103 48.31 31.78 -20.13
N ALA A 104 48.17 31.30 -21.36
CA ALA A 104 47.64 29.98 -21.66
C ALA A 104 48.79 29.06 -22.07
N ALA A 105 49.07 28.04 -21.26
CA ALA A 105 50.16 27.12 -21.50
C ALA A 105 49.64 25.90 -22.25
N THR A 106 50.31 25.57 -23.36
CA THR A 106 50.06 24.32 -24.08
C THR A 106 51.16 23.35 -23.68
N LEU A 107 51.00 22.80 -22.48
CA LEU A 107 52.03 22.02 -21.81
C LEU A 107 51.79 20.52 -21.98
N LEU A 108 52.87 19.76 -21.87
CA LEU A 108 52.81 18.34 -22.13
C LEU A 108 52.21 17.59 -20.95
N ARG A 109 51.87 16.32 -21.19
CA ARG A 109 51.29 15.46 -20.18
C ARG A 109 52.02 14.13 -20.14
N ASN A 110 52.11 13.56 -18.94
CA ASN A 110 52.59 12.20 -18.72
C ASN A 110 53.86 11.92 -19.52
N VAL A 111 54.91 12.64 -19.19
CA VAL A 111 56.14 12.60 -19.95
C VAL A 111 57.15 11.72 -19.24
N ASP A 112 58.04 11.12 -20.03
CA ASP A 112 59.05 10.19 -19.54
C ASP A 112 60.24 10.23 -20.47
N TYR A 113 61.43 10.50 -19.92
CA TYR A 113 62.63 10.73 -20.71
C TYR A 113 63.80 10.05 -20.05
N VAL A 114 64.83 9.78 -20.85
CA VAL A 114 66.10 9.27 -20.36
C VAL A 114 67.22 10.08 -21.00
N ILE A 115 68.03 10.74 -20.17
CA ILE A 115 69.04 11.68 -20.62
C ILE A 115 70.41 11.02 -20.51
N GLU A 116 71.19 11.08 -21.59
CA GLU A 116 72.59 10.69 -21.57
C GLU A 116 73.46 11.92 -21.34
N ALA A 117 74.39 11.87 -20.39
CA ALA A 117 75.18 13.07 -20.16
C ALA A 117 76.57 12.73 -19.63
N HIS A 118 77.45 13.71 -19.71
CA HIS A 118 78.89 13.51 -19.46
C HIS A 118 79.41 14.69 -18.66
N PHE A 119 80.74 14.78 -18.59
CA PHE A 119 81.44 15.77 -17.77
C PHE A 119 82.64 16.30 -18.54
N GLU A 120 82.57 17.56 -18.96
CA GLU A 120 83.79 18.26 -19.32
C GLU A 120 84.39 18.88 -18.06
N LEU A 121 85.55 19.49 -18.22
CA LEU A 121 86.19 20.24 -17.14
C LEU A 121 86.61 21.60 -17.68
N THR A 122 86.14 22.65 -17.01
CA THR A 122 86.37 24.02 -17.44
C THR A 122 87.49 24.63 -16.63
N ASP A 123 87.68 25.94 -16.77
CA ASP A 123 88.52 26.67 -15.84
C ASP A 123 87.93 26.56 -14.43
N LYS A 124 88.77 26.85 -13.44
CA LYS A 124 88.42 26.64 -12.04
C LYS A 124 88.22 25.14 -11.85
N ALA A 125 89.07 24.35 -12.50
CA ALA A 125 89.01 22.90 -12.37
C ALA A 125 89.67 22.46 -11.08
N GLY A 126 90.93 22.86 -10.88
CA GLY A 126 91.66 22.47 -9.69
C GLY A 126 92.50 21.24 -9.92
N ALA A 127 91.96 20.30 -10.69
CA ALA A 127 92.66 19.08 -11.07
C ALA A 127 92.09 18.60 -12.40
N GLU A 128 92.70 17.54 -12.93
CA GLU A 128 92.23 16.92 -14.16
C GLU A 128 91.39 15.68 -13.93
N ASP A 129 91.21 15.27 -12.68
CA ASP A 129 90.43 14.09 -12.34
C ASP A 129 89.11 14.41 -11.68
N ASN A 130 88.69 15.69 -11.71
CA ASN A 130 87.42 16.07 -11.12
C ASN A 130 86.26 15.29 -11.73
N ALA A 131 86.42 14.81 -12.97
CA ALA A 131 85.36 14.08 -13.64
C ALA A 131 84.91 12.88 -12.83
N GLY A 132 85.86 12.09 -12.33
CA GLY A 132 85.47 10.87 -11.63
C GLY A 132 84.74 11.15 -10.34
N LYS A 133 85.32 12.02 -9.50
CA LYS A 133 84.70 12.32 -8.22
C LYS A 133 83.31 12.91 -8.40
N HIS A 134 83.16 13.86 -9.32
CA HIS A 134 81.86 14.50 -9.49
C HIS A 134 80.85 13.56 -10.13
N LEU A 135 81.27 12.77 -11.11
CA LEU A 135 80.39 11.80 -11.75
C LEU A 135 79.88 10.79 -10.72
N ASP A 136 80.73 10.35 -9.82
CA ASP A 136 80.29 9.39 -8.81
C ASP A 136 79.43 10.05 -7.74
N ILE A 137 79.68 11.32 -7.40
CA ILE A 137 78.79 12.02 -6.47
C ILE A 137 77.40 12.16 -7.08
N PHE A 138 77.33 12.51 -8.36
CA PHE A 138 76.02 12.59 -9.00
C PHE A 138 75.35 11.24 -9.04
N ARG A 139 76.11 10.17 -9.28
CA ARG A 139 75.49 8.86 -9.33
C ARG A 139 74.91 8.50 -7.98
N ARG A 140 75.65 8.77 -6.90
CA ARG A 140 75.13 8.51 -5.56
C ARG A 140 73.86 9.32 -5.31
N ARG A 141 73.86 10.59 -5.72
CA ARG A 141 72.67 11.42 -5.48
C ARG A 141 71.48 10.91 -6.26
N ALA A 142 71.69 10.53 -7.53
CA ALA A 142 70.60 9.99 -8.33
C ALA A 142 70.05 8.71 -7.70
N ARG A 143 70.93 7.86 -7.18
CA ARG A 143 70.46 6.62 -6.58
C ARG A 143 69.69 6.88 -5.29
N ALA A 144 70.19 7.77 -4.45
CA ALA A 144 69.65 7.99 -3.12
C ALA A 144 68.49 8.97 -3.08
N GLY A 145 68.07 9.51 -4.23
CA GLY A 145 66.97 10.44 -4.28
C GLY A 145 67.31 11.83 -3.79
N GLN A 146 68.59 12.10 -3.59
CA GLN A 146 69.06 13.39 -3.11
C GLN A 146 69.14 14.36 -4.28
N SER A 147 69.17 15.65 -3.96
CA SER A 147 69.15 16.68 -4.97
C SER A 147 69.35 18.03 -4.30
N PHE A 148 69.96 18.95 -5.04
CA PHE A 148 70.10 20.32 -4.56
C PHE A 148 68.74 21.01 -4.48
N GLN A 149 67.83 20.65 -5.37
CA GLN A 149 66.49 21.18 -5.40
C GLN A 149 65.64 20.20 -6.19
N GLN A 150 64.35 20.18 -5.92
CA GLN A 150 63.49 19.30 -6.66
C GLN A 150 63.54 19.68 -8.13
N PRO A 151 64.00 18.80 -9.01
CA PRO A 151 63.98 19.13 -10.44
C PRO A 151 62.57 19.32 -10.95
N CYS A 152 62.45 20.17 -11.96
CA CYS A 152 61.17 20.50 -12.55
C CYS A 152 61.14 19.88 -13.93
N LEU A 153 60.02 20.03 -14.63
CA LEU A 153 59.96 19.67 -16.04
C LEU A 153 59.58 20.93 -16.79
N GLY A 154 60.57 21.77 -17.07
CA GLY A 154 60.31 23.12 -17.48
C GLY A 154 60.11 24.06 -16.31
N CYS A 155 58.87 24.41 -16.03
CA CYS A 155 58.58 25.33 -14.95
C CYS A 155 58.46 24.60 -13.62
N ARG A 156 58.64 25.34 -12.53
CA ARG A 156 58.68 24.74 -11.20
C ARG A 156 57.30 24.31 -10.74
N GLU A 157 56.28 24.59 -11.54
CA GLU A 157 54.93 24.12 -11.30
C GLU A 157 54.81 22.62 -11.55
N PHE A 158 55.82 22.03 -12.17
CA PHE A 158 55.82 20.64 -12.57
C PHE A 158 57.07 19.95 -12.06
N PRO A 159 56.98 19.22 -10.96
CA PRO A 159 58.19 18.60 -10.42
C PRO A 159 58.52 17.30 -11.13
N ALA A 160 59.80 17.00 -11.26
CA ALA A 160 60.25 15.84 -12.01
C ALA A 160 60.65 14.74 -11.04
N SER A 161 60.14 13.54 -11.29
CA SER A 161 60.57 12.37 -10.55
C SER A 161 61.75 11.74 -11.29
N PHE A 162 62.85 11.52 -10.58
CA PHE A 162 64.10 11.14 -11.20
C PHE A 162 64.68 9.91 -10.51
N GLU A 163 65.12 8.95 -11.31
CA GLU A 163 65.84 7.77 -10.85
C GLU A 163 67.07 7.57 -11.72
N LEU A 164 68.01 6.79 -11.23
CA LEU A 164 69.23 6.49 -11.98
C LEU A 164 69.00 5.23 -12.78
N LEU A 165 68.96 5.37 -14.10
CA LEU A 165 68.75 4.24 -14.99
C LEU A 165 70.09 3.61 -15.33
N GLU A 166 70.35 2.44 -14.73
CA GLU A 166 71.59 1.72 -14.98
C GLU A 166 71.38 0.49 -15.85
N GLY A 167 70.14 0.06 -16.05
CA GLY A 167 69.83 -1.03 -16.95
C GLY A 167 69.72 -0.56 -18.38
N ASP A 168 69.04 -1.36 -19.19
CA ASP A 168 68.83 -0.99 -20.57
C ASP A 168 67.82 0.15 -20.68
N VAL A 169 68.04 1.02 -21.67
CA VAL A 169 67.09 2.09 -21.97
C VAL A 169 65.76 1.45 -22.29
N PRO A 170 64.72 1.68 -21.48
CA PRO A 170 63.49 0.89 -21.60
C PRO A 170 62.82 1.10 -22.95
N LEU A 171 61.81 0.27 -23.20
CA LEU A 171 61.06 0.33 -24.45
C LEU A 171 60.50 1.72 -24.62
N SER A 172 60.69 2.30 -25.79
CA SER A 172 60.10 3.59 -26.13
C SER A 172 58.78 3.39 -26.84
N CYS A 173 58.16 4.50 -27.21
CA CYS A 173 56.96 4.47 -28.03
C CYS A 173 57.23 4.70 -29.50
N TYR A 174 58.48 5.00 -29.86
CA TYR A 174 58.84 5.34 -31.23
C TYR A 174 59.97 4.42 -31.68
N ALA A 175 59.63 3.47 -32.55
CA ALA A 175 60.62 2.55 -33.10
C ALA A 175 60.98 2.83 -34.55
N GLY A 176 60.10 3.45 -35.32
CA GLY A 176 60.46 3.96 -36.63
C GLY A 176 60.35 5.47 -36.64
N GLU A 177 61.03 6.14 -37.56
CA GLU A 177 61.07 7.60 -37.59
C GLU A 177 59.73 8.11 -38.12
N LYS A 178 58.75 8.22 -37.23
CA LYS A 178 57.49 8.87 -37.52
C LYS A 178 57.43 10.28 -36.98
N ARG A 179 58.56 10.85 -36.56
CA ARG A 179 58.60 12.19 -35.98
C ARG A 179 59.94 12.83 -36.29
N ASP A 180 59.91 14.13 -36.60
CA ASP A 180 61.08 14.88 -37.02
C ASP A 180 61.36 16.12 -36.16
N LEU A 181 60.42 16.52 -35.31
CA LEU A 181 60.59 17.53 -34.28
C LEU A 181 60.90 18.92 -34.82
N GLY A 182 61.07 19.09 -36.12
CA GLY A 182 61.22 20.41 -36.68
C GLY A 182 62.60 21.00 -36.55
N TYR A 183 62.75 21.97 -35.66
CA TYR A 183 64.01 22.69 -35.51
C TYR A 183 64.02 23.29 -34.11
N MET A 184 64.79 22.68 -33.21
CA MET A 184 64.66 22.98 -31.80
C MET A 184 65.81 23.84 -31.33
N LEU A 185 65.68 24.37 -30.13
CA LEU A 185 66.80 25.06 -29.49
C LEU A 185 67.81 24.04 -29.00
N LEU A 186 69.09 24.34 -29.22
CA LEU A 186 70.14 23.46 -28.72
C LEU A 186 70.41 23.73 -27.24
N ASP A 187 70.94 24.90 -26.94
CA ASP A 187 71.19 25.32 -25.58
C ASP A 187 71.52 26.80 -25.61
N ILE A 188 70.79 27.59 -24.83
CA ILE A 188 71.08 29.02 -24.74
C ILE A 188 72.56 29.22 -24.44
N ASP A 189 73.26 29.89 -25.34
CA ASP A 189 74.68 30.16 -25.17
C ASP A 189 74.88 31.25 -24.13
N PHE A 190 76.03 31.22 -23.45
CA PHE A 190 76.29 32.22 -22.42
C PHE A 190 77.63 32.90 -22.60
N GLU A 191 78.46 32.40 -23.51
CA GLU A 191 79.64 33.14 -23.90
C GLU A 191 79.26 34.44 -24.61
N ARG A 192 78.17 34.39 -25.37
CA ARG A 192 77.61 35.56 -26.04
C ARG A 192 76.16 35.83 -25.63
N ASP A 193 75.55 34.90 -24.90
CA ASP A 193 74.19 35.00 -24.38
C ASP A 193 73.18 35.10 -25.53
N MET A 194 73.28 34.13 -26.43
CA MET A 194 72.50 34.09 -27.65
C MET A 194 71.83 32.73 -27.76
N THR A 195 71.14 32.51 -28.87
CA THR A 195 70.32 31.30 -29.04
C THR A 195 70.86 30.45 -30.18
N PRO A 196 71.64 29.41 -29.90
CA PRO A 196 71.96 28.45 -30.96
C PRO A 196 70.94 27.32 -31.05
N LEU A 197 70.45 27.07 -32.26
CA LEU A 197 69.43 26.06 -32.52
C LEU A 197 70.05 25.03 -33.46
N PHE A 198 69.70 23.76 -33.29
CA PHE A 198 70.55 22.71 -33.83
C PHE A 198 69.90 21.81 -34.85
N PHE A 199 68.60 21.55 -34.74
CA PHE A 199 68.07 20.30 -35.27
C PHE A 199 68.24 20.23 -36.78
N LYS A 200 69.15 19.37 -37.23
CA LYS A 200 69.36 19.15 -38.65
C LYS A 200 69.40 17.65 -38.94
N ALA A 201 69.47 16.85 -37.87
CA ALA A 201 69.41 15.40 -37.96
C ALA A 201 68.14 14.94 -37.26
N VAL A 202 67.36 14.10 -37.96
CA VAL A 202 66.04 13.70 -37.49
C VAL A 202 66.12 13.01 -36.13
N MET A 203 65.00 13.04 -35.41
CA MET A 203 64.86 12.23 -34.20
C MET A 203 64.27 10.86 -34.54
N GLU A 204 65.04 9.81 -34.23
CA GLU A 204 64.59 8.48 -34.62
C GLU A 204 64.04 7.72 -33.42
N ASP A 205 64.87 7.50 -32.41
CA ASP A 205 64.37 7.00 -31.13
C ASP A 205 64.75 7.98 -30.04
N GLY A 206 66.03 8.35 -30.02
CA GLY A 206 66.55 9.33 -29.08
C GLY A 206 67.12 10.52 -29.81
N VAL A 207 66.63 11.71 -29.46
CA VAL A 207 67.14 12.95 -30.03
C VAL A 207 68.63 13.01 -29.83
N ILE A 208 69.38 13.14 -30.92
CA ILE A 208 70.84 13.11 -30.91
C ILE A 208 71.40 14.52 -31.08
N THR A 209 71.59 15.16 -30.06
CA THR A 209 72.00 16.54 -30.02
C THR A 209 73.53 16.65 -30.11
N PRO A 210 74.05 17.65 -30.82
CA PRO A 210 75.49 17.87 -30.84
C PRO A 210 75.92 18.61 -29.58
N PRO A 211 77.21 18.56 -29.24
CA PRO A 211 77.66 19.26 -28.02
C PRO A 211 77.58 20.76 -28.20
N SER A 212 76.90 21.41 -27.27
CA SER A 212 76.77 22.87 -27.32
C SER A 212 78.09 23.59 -27.20
N ARG A 213 79.15 22.89 -26.83
CA ARG A 213 80.44 23.52 -26.54
C ARG A 213 81.46 23.36 -27.66
N THR A 214 81.10 22.71 -28.76
CA THR A 214 82.08 22.52 -29.83
C THR A 214 81.58 23.05 -31.17
N SER A 215 80.31 22.79 -31.49
CA SER A 215 79.74 23.27 -32.74
C SER A 215 78.48 24.08 -32.46
N PRO A 216 78.61 25.38 -32.19
CA PRO A 216 77.45 26.18 -31.75
C PRO A 216 76.31 26.17 -32.75
N GLU A 217 76.60 25.92 -34.02
CA GLU A 217 75.57 25.98 -35.04
C GLU A 217 76.07 25.30 -36.30
N VAL A 218 75.12 24.90 -37.15
CA VAL A 218 75.47 24.42 -38.48
C VAL A 218 76.05 25.56 -39.31
N ARG A 219 75.72 26.80 -38.96
CA ARG A 219 76.31 27.96 -39.60
C ARG A 219 77.82 27.97 -39.44
N ALA A 220 78.33 27.47 -38.31
CA ALA A 220 79.77 27.43 -38.07
C ALA A 220 80.34 26.04 -38.32
N MET B 1 68.86 35.37 10.60
CA MET B 1 67.97 34.37 10.03
C MET B 1 68.76 33.15 9.57
N THR B 2 68.98 32.21 10.50
CA THR B 2 69.72 30.99 10.21
C THR B 2 68.84 30.09 9.38
N ALA B 3 69.31 29.74 8.18
CA ALA B 3 68.51 28.96 7.25
C ALA B 3 68.22 27.58 7.81
N ILE B 4 67.34 26.85 7.11
CA ILE B 4 66.99 25.52 7.58
C ILE B 4 68.12 24.55 7.26
N ALA B 5 68.36 23.63 8.19
CA ALA B 5 69.40 22.62 8.04
C ALA B 5 68.83 21.29 7.57
N ASN B 6 67.53 21.19 7.39
CA ASN B 6 66.87 19.98 6.92
C ASN B 6 66.10 20.36 5.67
N ARG B 7 65.87 19.39 4.78
CA ARG B 7 64.92 19.61 3.70
C ARG B 7 63.62 18.90 4.02
N TYR B 8 62.55 19.34 3.37
CA TYR B 8 61.22 18.92 3.73
C TYR B 8 60.44 18.51 2.50
N GLU B 9 59.51 17.59 2.70
CA GLU B 9 58.38 17.39 1.83
C GLU B 9 57.15 17.75 2.64
N PHE B 10 56.02 17.92 1.96
CA PHE B 10 54.77 18.01 2.71
C PHE B 10 53.62 17.65 1.78
N VAL B 11 52.67 16.90 2.33
CA VAL B 11 51.44 16.56 1.66
C VAL B 11 50.31 17.24 2.41
N LEU B 12 49.64 18.16 1.76
CA LEU B 12 48.55 18.91 2.37
C LEU B 12 47.23 18.43 1.80
N LEU B 13 46.35 18.00 2.70
CA LEU B 13 44.99 17.63 2.34
C LEU B 13 44.04 18.76 2.73
N PHE B 14 43.29 19.24 1.74
CA PHE B 14 42.27 20.23 1.98
C PHE B 14 41.06 19.85 1.14
N ASP B 15 39.88 20.10 1.68
CA ASP B 15 38.63 19.74 1.01
C ASP B 15 37.78 20.98 0.81
N VAL B 16 36.79 20.87 -0.06
CA VAL B 16 35.85 21.95 -0.34
C VAL B 16 34.44 21.39 -0.17
N GLU B 17 33.49 22.27 0.15
CA GLU B 17 32.11 21.87 0.37
C GLU B 17 31.17 22.84 -0.32
N ASN B 18 30.47 22.38 -1.36
CA ASN B 18 29.54 23.20 -2.14
C ASN B 18 30.20 24.47 -2.66
N GLY B 19 31.48 24.40 -3.03
CA GLY B 19 32.20 25.59 -3.40
C GLY B 19 32.99 25.40 -4.68
N ASN B 20 33.76 26.43 -5.03
CA ASN B 20 34.63 26.45 -6.19
C ASN B 20 36.03 26.75 -5.73
N PRO B 21 36.89 25.75 -5.51
CA PRO B 21 38.22 26.06 -4.96
C PRO B 21 39.08 26.83 -5.92
N ASN B 22 38.88 26.66 -7.22
CA ASN B 22 39.68 27.32 -8.23
C ASN B 22 38.95 27.28 -9.55
N GLY B 23 38.74 28.42 -10.18
CA GLY B 23 38.08 28.42 -11.47
C GLY B 23 39.07 28.48 -12.62
N ASP B 24 38.70 27.91 -13.76
CA ASP B 24 39.53 27.98 -14.94
C ASP B 24 39.11 29.20 -15.73
N PRO B 25 40.03 30.12 -16.04
CA PRO B 25 39.65 31.29 -16.81
C PRO B 25 39.38 30.97 -18.27
N ASP B 26 39.59 29.73 -18.68
CA ASP B 26 39.22 29.33 -20.04
C ASP B 26 37.97 28.48 -20.10
N ALA B 27 37.60 27.79 -19.03
CA ALA B 27 36.38 26.99 -19.04
C ALA B 27 35.22 27.76 -18.44
N GLY B 28 35.15 29.07 -18.67
CA GLY B 28 34.17 29.88 -18.00
C GLY B 28 34.68 30.25 -16.64
N ASN B 29 34.06 29.71 -15.60
CA ASN B 29 34.64 29.80 -14.27
C ASN B 29 34.45 28.46 -13.58
N MET B 30 34.13 27.44 -14.35
CA MET B 30 33.96 26.11 -13.81
C MET B 30 35.23 25.68 -13.10
N PRO B 31 35.15 24.75 -12.15
CA PRO B 31 36.37 24.28 -11.51
C PRO B 31 37.30 23.62 -12.50
N ARG B 32 38.60 23.84 -12.35
CA ARG B 32 39.56 23.22 -13.26
C ARG B 32 39.41 21.70 -13.20
N ILE B 33 39.72 21.05 -14.31
CA ILE B 33 39.59 19.61 -14.43
C ILE B 33 40.74 19.12 -15.28
N ASP B 34 41.48 18.15 -14.76
CA ASP B 34 42.46 17.47 -15.57
C ASP B 34 41.75 16.67 -16.66
N PRO B 35 41.93 17.01 -17.92
CA PRO B 35 41.15 16.37 -18.97
C PRO B 35 41.59 14.94 -19.26
N GLU B 36 42.68 14.50 -18.63
CA GLU B 36 43.20 13.16 -18.86
C GLU B 36 42.91 12.21 -17.72
N THR B 37 42.50 12.73 -16.55
CA THR B 37 42.15 11.85 -15.45
C THR B 37 40.77 12.20 -14.91
N GLY B 38 40.39 13.47 -15.01
CA GLY B 38 39.10 13.92 -14.51
C GLY B 38 39.15 14.59 -13.16
N HIS B 39 40.19 14.34 -12.37
CA HIS B 39 40.25 14.89 -11.02
C HIS B 39 40.48 16.40 -11.08
N GLY B 40 39.77 17.13 -10.23
CA GLY B 40 39.86 18.57 -10.25
C GLY B 40 41.26 19.04 -9.91
N LEU B 41 41.67 20.13 -10.58
CA LEU B 41 42.95 20.77 -10.34
C LEU B 41 42.79 21.98 -9.43
N VAL B 42 43.86 22.32 -8.75
CA VAL B 42 44.03 23.62 -8.11
C VAL B 42 45.48 23.99 -8.34
N THR B 43 45.72 24.96 -9.22
CA THR B 43 47.08 25.32 -9.57
C THR B 43 47.90 25.69 -8.33
N ASP B 44 49.21 25.61 -8.49
CA ASP B 44 50.10 25.92 -7.38
C ASP B 44 50.04 27.40 -7.02
N VAL B 45 49.88 28.27 -8.03
CA VAL B 45 49.88 29.70 -7.77
C VAL B 45 48.63 30.11 -7.03
N CYS B 46 47.56 29.33 -7.16
CA CYS B 46 46.37 29.54 -6.34
C CYS B 46 46.69 29.42 -4.86
N LEU B 47 47.26 28.29 -4.46
CA LEU B 47 47.56 28.06 -3.06
C LEU B 47 48.68 28.97 -2.60
N LYS B 48 49.56 29.39 -3.50
CA LYS B 48 50.58 30.36 -3.12
C LYS B 48 49.97 31.72 -2.85
N ARG B 49 48.99 32.13 -3.65
CA ARG B 49 48.24 33.34 -3.37
C ARG B 49 47.55 33.26 -2.02
N LYS B 50 46.94 32.12 -1.71
CA LYS B 50 46.31 31.97 -0.41
C LYS B 50 47.30 32.02 0.73
N ILE B 51 48.50 31.44 0.54
CA ILE B 51 49.54 31.52 1.57
C ILE B 51 49.97 32.96 1.79
N ARG B 52 50.22 33.69 0.70
CA ARG B 52 50.59 35.09 0.81
C ARG B 52 49.51 35.88 1.52
N ASN B 53 48.25 35.62 1.22
CA ASN B 53 47.16 36.35 1.86
C ASN B 53 47.13 36.07 3.36
N HIS B 54 47.27 34.81 3.75
CA HIS B 54 47.29 34.51 5.18
C HIS B 54 48.45 35.20 5.88
N VAL B 55 49.62 35.23 5.25
CA VAL B 55 50.76 35.86 5.89
C VAL B 55 50.58 37.36 5.96
N ALA B 56 49.95 37.95 4.93
CA ALA B 56 49.63 39.37 4.96
C ALA B 56 48.71 39.72 6.11
N LEU B 57 47.67 38.92 6.30
CA LEU B 57 46.71 39.20 7.36
C LEU B 57 47.33 38.96 8.74
N THR B 58 47.75 37.74 9.02
CA THR B 58 48.18 37.39 10.38
C THR B 58 49.38 38.17 10.86
N LYS B 59 50.05 38.92 9.99
CA LYS B 59 51.27 39.62 10.37
C LYS B 59 51.12 41.13 10.47
N GLU B 60 50.08 41.70 9.88
CA GLU B 60 49.78 43.14 9.94
C GLU B 60 50.98 43.99 9.53
N GLY B 61 51.75 43.58 8.55
CA GLY B 61 52.88 44.37 8.12
C GLY B 61 54.06 44.35 9.06
N ALA B 62 54.03 43.51 10.09
CA ALA B 62 55.17 43.37 10.97
C ALA B 62 56.43 43.08 10.16
N GLU B 63 57.40 43.98 10.26
CA GLU B 63 58.56 43.97 9.38
C GLU B 63 59.35 42.69 9.57
N ARG B 64 60.13 42.34 8.54
CA ARG B 64 60.72 41.02 8.29
C ARG B 64 59.69 40.08 7.67
N PHE B 65 58.45 40.56 7.47
CA PHE B 65 57.39 39.74 6.89
C PHE B 65 56.49 40.51 5.93
N ASN B 66 57.01 41.55 5.28
CA ASN B 66 56.17 42.24 4.32
C ASN B 66 55.99 41.37 3.07
N ILE B 67 54.81 41.47 2.46
CA ILE B 67 54.39 40.34 1.65
C ILE B 67 53.89 40.71 0.25
N TYR B 68 54.33 41.86 -0.28
CA TYR B 68 54.18 42.16 -1.72
C TYR B 68 52.81 41.74 -2.26
N ILE B 69 51.76 42.36 -1.72
CA ILE B 69 50.48 41.67 -1.68
C ILE B 69 49.72 41.77 -2.99
N GLN B 70 48.97 42.86 -3.17
CA GLN B 70 48.32 43.17 -4.42
C GLN B 70 48.18 44.68 -4.61
N GLU B 71 48.67 45.46 -3.66
CA GLU B 71 48.09 46.77 -3.38
C GLU B 71 48.35 47.74 -4.52
N LYS B 72 47.78 48.94 -4.38
CA LYS B 72 47.86 49.94 -5.44
C LYS B 72 49.28 50.51 -5.51
N ALA B 73 50.14 49.79 -6.22
CA ALA B 73 51.56 50.12 -6.30
C ALA B 73 52.25 49.24 -7.34
N ILE B 74 53.54 49.44 -7.54
CA ILE B 74 54.29 48.70 -8.55
C ILE B 74 55.59 48.19 -7.95
N LEU B 75 56.02 47.01 -8.39
CA LEU B 75 57.30 46.46 -7.94
C LEU B 75 58.43 47.43 -8.16
N ASN B 76 58.44 48.08 -9.33
CA ASN B 76 59.62 48.82 -9.77
C ASN B 76 59.88 50.01 -8.86
N GLU B 77 58.83 50.54 -8.22
CA GLU B 77 59.02 51.52 -7.17
C GLU B 77 59.95 51.00 -6.08
N THR B 78 59.80 49.73 -5.68
CA THR B 78 60.62 49.21 -4.60
C THR B 78 61.94 48.66 -5.12
N HIS B 79 61.95 48.11 -6.34
CA HIS B 79 63.22 47.88 -7.02
C HIS B 79 64.10 49.12 -6.93
N GLU B 80 63.53 50.29 -7.29
CA GLU B 80 64.29 51.54 -7.28
C GLU B 80 64.53 52.07 -5.86
N ARG B 81 63.64 51.77 -4.91
CA ARG B 81 63.91 52.12 -3.53
C ARG B 81 65.15 51.39 -3.02
N ALA B 82 65.22 50.08 -3.25
CA ALA B 82 66.44 49.34 -2.96
C ALA B 82 67.62 49.93 -3.71
N TYR B 83 67.42 50.26 -4.99
CA TYR B 83 68.45 50.89 -5.80
C TYR B 83 69.05 52.12 -5.13
N THR B 84 68.21 53.08 -4.77
CA THR B 84 68.69 54.29 -4.10
C THR B 84 69.21 53.97 -2.70
N ALA B 85 68.79 52.84 -2.13
CA ALA B 85 69.34 52.41 -0.86
C ALA B 85 70.78 51.93 -1.01
N CYS B 86 71.15 51.45 -2.21
CA CYS B 86 72.51 50.97 -2.46
C CYS B 86 73.31 51.89 -3.38
N ASP B 87 72.67 52.89 -4.00
CA ASP B 87 73.36 53.93 -4.78
C ASP B 87 74.11 53.34 -5.98
N LEU B 88 73.37 52.64 -6.84
CA LEU B 88 73.94 52.02 -8.02
C LEU B 88 73.76 52.90 -9.26
N LYS B 89 73.96 52.31 -10.44
CA LYS B 89 73.68 52.96 -11.71
C LYS B 89 72.34 52.46 -12.23
N PRO B 90 71.52 53.33 -12.82
CA PRO B 90 70.16 52.90 -13.19
C PRO B 90 70.08 52.21 -14.53
N GLU B 91 71.16 52.20 -15.32
CA GLU B 91 71.10 51.69 -16.68
C GLU B 91 71.01 50.17 -16.78
N PRO B 92 71.87 49.36 -16.10
CA PRO B 92 71.87 47.91 -16.35
C PRO B 92 70.52 47.23 -16.14
N LYS B 93 70.22 46.23 -16.96
CA LYS B 93 68.95 45.53 -16.88
C LYS B 93 69.08 44.01 -16.73
N LYS B 94 70.30 43.47 -16.69
CA LYS B 94 70.55 42.08 -16.36
C LYS B 94 71.33 42.06 -15.06
N LEU B 95 71.80 40.88 -14.66
CA LEU B 95 72.62 40.73 -13.47
C LEU B 95 73.78 41.71 -13.51
N PRO B 96 73.94 42.58 -12.49
CA PRO B 96 74.97 43.60 -12.53
C PRO B 96 76.38 43.00 -12.56
N LYS B 97 77.35 43.83 -12.97
CA LYS B 97 78.72 43.36 -13.09
C LYS B 97 79.36 43.06 -11.74
N LYS B 98 79.34 44.03 -10.82
CA LYS B 98 79.92 43.85 -9.51
C LYS B 98 78.97 43.00 -8.67
N VAL B 99 79.52 42.09 -7.87
CA VAL B 99 78.68 41.10 -7.20
C VAL B 99 78.12 41.63 -5.89
N GLU B 100 78.83 42.54 -5.22
CA GLU B 100 78.43 42.94 -3.88
C GLU B 100 77.13 43.73 -3.89
N ASP B 101 76.93 44.57 -4.92
CA ASP B 101 75.74 45.40 -4.96
C ASP B 101 74.49 44.58 -5.32
N ALA B 102 74.62 43.69 -6.30
CA ALA B 102 73.51 42.79 -6.61
C ALA B 102 73.16 41.93 -5.42
N LYS B 103 74.18 41.42 -4.72
CA LYS B 103 73.93 40.63 -3.52
C LYS B 103 73.25 41.48 -2.45
N ARG B 104 73.63 42.75 -2.33
CA ARG B 104 73.01 43.59 -1.32
C ARG B 104 71.54 43.84 -1.63
N VAL B 105 71.21 44.12 -2.88
CA VAL B 105 69.81 44.35 -3.23
C VAL B 105 69.00 43.09 -3.03
N THR B 106 69.52 41.96 -3.50
CA THR B 106 68.81 40.69 -3.30
C THR B 106 68.62 40.39 -1.83
N ASP B 107 69.65 40.64 -1.01
CA ASP B 107 69.58 40.28 0.39
C ASP B 107 68.64 41.20 1.16
N TRP B 108 68.55 42.47 0.76
CA TRP B 108 67.56 43.33 1.38
C TRP B 108 66.15 42.90 0.98
N MET B 109 65.96 42.60 -0.30
CA MET B 109 64.64 42.16 -0.75
C MET B 109 64.23 40.85 -0.09
N CYS B 110 65.20 40.00 0.23
CA CYS B 110 64.90 38.71 0.86
C CYS B 110 64.81 38.80 2.38
N THR B 111 65.41 39.82 2.98
CA THR B 111 65.41 39.92 4.43
C THR B 111 64.13 40.55 4.94
N ASN B 112 63.37 41.19 4.06
CA ASN B 112 62.14 41.86 4.48
C ASN B 112 61.02 41.62 3.48
N PHE B 113 60.93 40.41 2.92
CA PHE B 113 59.79 40.03 2.11
C PHE B 113 59.64 38.52 2.23
N TYR B 114 58.65 38.08 3.01
CA TYR B 114 58.49 36.66 3.28
C TYR B 114 58.17 35.90 2.01
N ASP B 115 57.44 36.52 1.07
CA ASP B 115 57.12 35.81 -0.16
C ASP B 115 58.31 35.76 -1.11
N ILE B 116 59.14 36.80 -1.16
CA ILE B 116 60.38 36.69 -1.92
C ILE B 116 61.32 35.72 -1.25
N ARG B 117 61.41 35.78 0.08
CA ARG B 117 62.29 34.87 0.80
C ARG B 117 61.88 33.42 0.66
N THR B 118 60.59 33.14 0.52
CA THR B 118 60.07 31.79 0.50
C THR B 118 59.86 31.24 -0.90
N PHE B 119 59.15 31.97 -1.76
CA PHE B 119 58.86 31.52 -3.11
C PHE B 119 59.77 32.15 -4.15
N GLY B 120 60.50 33.20 -3.81
CA GLY B 120 61.34 33.87 -4.78
C GLY B 120 60.66 35.03 -5.46
N ALA B 121 61.43 35.89 -6.11
CA ALA B 121 60.86 36.98 -6.89
C ALA B 121 61.92 37.53 -7.82
N VAL B 122 61.49 37.87 -9.03
CA VAL B 122 62.37 38.21 -10.14
C VAL B 122 62.40 39.73 -10.26
N MET B 123 63.57 40.32 -10.06
CA MET B 123 63.73 41.76 -9.95
C MET B 123 64.57 42.23 -11.11
N THR B 124 64.17 41.84 -12.32
CA THR B 124 64.81 42.32 -13.53
C THR B 124 64.02 43.54 -14.00
N THR B 125 64.69 44.69 -14.03
CA THR B 125 64.04 45.95 -14.34
C THR B 125 64.94 46.80 -15.24
N GLU B 126 64.45 47.97 -15.67
CA GLU B 126 65.35 48.96 -16.26
C GLU B 126 66.53 49.22 -15.32
N VAL B 127 66.27 49.27 -14.03
CA VAL B 127 67.30 49.20 -12.99
C VAL B 127 67.24 47.82 -12.38
N ASN B 128 68.14 46.94 -12.80
CA ASN B 128 68.03 45.51 -12.51
C ASN B 128 68.51 45.21 -11.10
N CYS B 129 67.99 44.13 -10.53
CA CYS B 129 68.43 43.64 -9.24
C CYS B 129 68.68 42.14 -9.24
N GLY B 130 68.11 41.40 -10.20
CA GLY B 130 68.44 39.99 -10.36
C GLY B 130 67.29 38.99 -10.26
N GLN B 131 67.57 37.84 -9.65
CA GLN B 131 66.53 36.82 -9.48
C GLN B 131 66.67 36.18 -8.10
N VAL B 132 65.66 35.39 -7.74
CA VAL B 132 65.68 34.50 -6.59
C VAL B 132 64.84 33.29 -6.95
N ARG B 133 65.18 32.13 -6.40
CA ARG B 133 64.35 30.94 -6.57
C ARG B 133 63.55 30.61 -5.32
N GLY B 134 64.15 30.63 -4.15
CA GLY B 134 63.43 30.39 -2.94
C GLY B 134 63.10 28.92 -2.76
N PRO B 135 63.09 28.46 -1.53
CA PRO B 135 63.05 27.01 -1.29
C PRO B 135 61.76 26.34 -1.70
N VAL B 136 60.62 26.90 -1.32
CA VAL B 136 59.34 26.21 -1.41
C VAL B 136 58.86 26.23 -2.85
N GLN B 137 58.90 25.07 -3.51
CA GLN B 137 58.28 24.90 -4.81
C GLN B 137 57.09 23.96 -4.67
N MET B 138 55.90 24.47 -4.93
CA MET B 138 54.68 23.69 -4.80
C MET B 138 54.24 23.24 -6.18
N ALA B 139 53.24 22.37 -6.23
CA ALA B 139 52.79 21.83 -7.51
C ALA B 139 51.27 21.75 -7.54
N PHE B 140 50.74 21.37 -8.71
CA PHE B 140 49.29 21.30 -8.91
C PHE B 140 48.63 20.32 -7.97
N ALA B 141 47.68 20.78 -7.18
CA ALA B 141 46.89 19.90 -6.31
C ALA B 141 45.78 19.25 -7.12
N ARG B 142 45.61 17.95 -6.95
CA ARG B 142 44.63 17.17 -7.69
C ARG B 142 43.77 16.38 -6.71
N SER B 143 42.47 16.31 -6.99
CA SER B 143 41.57 15.60 -6.09
C SER B 143 41.86 14.11 -6.13
N VAL B 144 41.45 13.43 -5.07
CA VAL B 144 41.69 11.98 -5.01
C VAL B 144 40.71 11.24 -5.90
N GLU B 145 39.52 11.77 -6.11
CA GLU B 145 38.48 11.15 -6.92
C GLU B 145 37.97 12.17 -7.93
N PRO B 146 37.44 11.71 -9.06
CA PRO B 146 36.95 12.65 -10.07
C PRO B 146 35.82 13.48 -9.50
N VAL B 147 35.94 14.78 -9.59
CA VAL B 147 34.91 15.69 -9.12
C VAL B 147 33.98 15.99 -10.28
N VAL B 148 32.72 16.20 -9.96
CA VAL B 148 31.73 16.59 -10.95
C VAL B 148 31.09 17.89 -10.49
N PRO B 149 31.28 18.98 -11.21
CA PRO B 149 30.75 20.26 -10.75
C PRO B 149 29.29 20.45 -11.11
N GLN B 150 28.56 21.21 -10.30
CA GLN B 150 27.12 21.41 -10.47
C GLN B 150 26.84 22.86 -10.80
N GLU B 151 26.22 23.11 -11.95
CA GLU B 151 25.82 24.46 -12.31
C GLU B 151 24.57 24.84 -11.53
N VAL B 152 24.68 25.90 -10.73
CA VAL B 152 23.61 26.33 -9.83
C VAL B 152 23.08 27.65 -10.37
N SER B 153 21.98 27.60 -11.10
CA SER B 153 21.39 28.82 -11.64
C SER B 153 20.80 29.65 -10.51
N ILE B 154 21.18 30.92 -10.47
CA ILE B 154 20.70 31.84 -9.44
C ILE B 154 20.09 33.05 -10.11
N THR B 155 19.50 33.92 -9.30
CA THR B 155 18.76 35.07 -9.80
C THR B 155 19.20 36.30 -9.04
N ARG B 156 19.02 37.47 -9.66
CA ARG B 156 19.22 38.73 -8.98
C ARG B 156 18.01 39.62 -9.22
N MET B 157 17.57 40.30 -8.16
CA MET B 157 16.39 41.14 -8.27
C MET B 157 16.66 42.39 -9.09
N ALA B 158 17.76 43.08 -8.79
CA ALA B 158 18.06 44.35 -9.42
C ALA B 158 18.78 44.15 -10.74
N VAL B 159 18.86 45.24 -11.51
CA VAL B 159 19.50 45.24 -12.82
C VAL B 159 20.53 46.38 -12.84
N THR B 160 21.68 46.12 -13.47
CA THR B 160 22.74 47.13 -13.47
C THR B 160 22.41 48.28 -14.40
N THR B 161 22.32 48.02 -15.70
CA THR B 161 22.10 49.06 -16.69
C THR B 161 20.62 49.40 -16.81
N LYS B 162 20.33 50.45 -17.55
CA LYS B 162 18.95 50.90 -17.75
C LYS B 162 18.11 49.79 -18.36
N ALA B 163 16.88 49.66 -17.90
CA ALA B 163 15.99 48.60 -18.33
C ALA B 163 15.12 49.05 -19.49
N GLU B 164 14.85 48.12 -20.41
CA GLU B 164 14.06 48.42 -21.59
C GLU B 164 13.00 47.36 -21.83
N ALA B 165 13.13 46.21 -21.16
CA ALA B 165 12.19 45.11 -21.26
C ALA B 165 11.41 44.86 -19.98
N GLU B 166 11.40 45.83 -19.06
CA GLU B 166 10.66 45.69 -17.82
C GLU B 166 10.28 47.06 -17.25
N ASP B 171 12.27 38.00 -18.46
CA ASP B 171 12.12 39.43 -18.30
C ASP B 171 13.49 40.12 -18.37
N ASN B 172 13.57 41.35 -17.88
CA ASN B 172 14.85 42.07 -17.91
C ASN B 172 15.84 41.50 -16.90
N ARG B 173 15.34 40.85 -15.85
CA ARG B 173 16.22 40.31 -14.82
C ARG B 173 17.10 39.22 -15.40
N THR B 174 18.38 39.25 -15.04
CA THR B 174 19.36 38.34 -15.59
C THR B 174 19.53 37.14 -14.66
N MET B 175 19.84 35.99 -15.26
CA MET B 175 20.10 34.76 -14.52
C MET B 175 21.61 34.56 -14.46
N GLY B 176 22.15 34.46 -13.25
CA GLY B 176 23.54 34.12 -13.06
C GLY B 176 23.74 32.62 -12.95
N ARG B 177 24.99 32.25 -12.68
CA ARG B 177 25.35 30.84 -12.57
C ARG B 177 26.56 30.65 -11.67
N LYS B 178 26.41 29.82 -10.65
CA LYS B 178 27.47 29.50 -9.71
C LYS B 178 27.90 28.07 -9.98
N HIS B 179 29.15 27.89 -10.38
CA HIS B 179 29.72 26.57 -10.49
C HIS B 179 30.29 26.16 -9.15
N ILE B 180 29.81 25.04 -8.61
CA ILE B 180 30.23 24.56 -7.31
C ILE B 180 30.66 23.10 -7.45
N VAL B 181 31.49 22.66 -6.53
CA VAL B 181 31.87 21.26 -6.38
C VAL B 181 31.19 20.73 -5.14
N PRO B 182 30.34 19.71 -5.23
CA PRO B 182 29.67 19.22 -4.03
C PRO B 182 30.64 18.71 -2.99
N TYR B 183 31.67 17.99 -3.42
CA TYR B 183 32.78 17.69 -2.53
C TYR B 183 34.00 17.38 -3.38
N GLY B 184 35.17 17.64 -2.81
CA GLY B 184 36.42 17.23 -3.40
C GLY B 184 37.49 17.28 -2.34
N LEU B 185 38.38 16.29 -2.38
CA LEU B 185 39.50 16.24 -1.45
C LEU B 185 40.76 16.36 -2.29
N TYR B 186 41.42 17.50 -2.22
CA TYR B 186 42.56 17.80 -3.06
C TYR B 186 43.86 17.58 -2.29
N VAL B 187 44.86 17.02 -2.97
CA VAL B 187 46.15 16.71 -2.37
C VAL B 187 47.21 17.56 -3.06
N ALA B 188 47.97 18.32 -2.27
CA ALA B 188 49.03 19.17 -2.78
C ALA B 188 50.38 18.59 -2.40
N HIS B 189 51.35 18.68 -3.31
CA HIS B 189 52.68 18.13 -3.09
C HIS B 189 53.66 19.28 -3.01
N GLY B 190 54.48 19.29 -1.96
CA GLY B 190 55.40 20.38 -1.76
C GLY B 190 56.83 19.95 -1.50
N PHE B 191 57.77 20.82 -1.87
CA PHE B 191 59.18 20.55 -1.72
C PHE B 191 59.86 21.79 -1.18
N ILE B 192 60.69 21.60 -0.16
CA ILE B 192 61.46 22.70 0.43
C ILE B 192 62.93 22.31 0.45
N SER B 193 63.67 22.79 -0.54
CA SER B 193 65.08 22.48 -0.68
C SER B 193 65.87 23.36 0.27
N ALA B 194 66.66 22.73 1.13
CA ALA B 194 67.45 23.48 2.10
C ALA B 194 68.49 24.39 1.47
N PRO B 195 69.24 24.00 0.45
CA PRO B 195 70.29 24.92 -0.05
C PRO B 195 69.77 26.20 -0.68
N LEU B 196 68.64 26.15 -1.39
CA LEU B 196 68.02 27.39 -1.84
C LEU B 196 67.63 28.26 -0.65
N ALA B 197 67.18 27.62 0.43
CA ALA B 197 66.88 28.37 1.65
C ALA B 197 68.13 29.03 2.20
N GLU B 198 69.26 28.33 2.14
CA GLU B 198 70.50 28.93 2.59
C GLU B 198 70.89 30.11 1.72
N LYS B 199 70.56 30.06 0.43
CA LYS B 199 70.84 31.19 -0.45
C LYS B 199 69.90 32.36 -0.20
N THR B 200 68.69 32.11 0.30
CA THR B 200 67.77 33.20 0.62
C THR B 200 67.38 33.33 2.09
N GLY B 201 68.17 32.79 3.01
CA GLY B 201 67.95 33.06 4.43
C GLY B 201 66.64 32.59 4.99
N PHE B 202 65.90 31.75 4.26
CA PHE B 202 64.62 31.23 4.71
C PHE B 202 64.81 30.46 6.00
N SER B 203 64.32 31.02 7.11
CA SER B 203 64.70 30.59 8.44
C SER B 203 63.85 29.42 8.93
N ASP B 204 64.00 29.09 10.22
CA ASP B 204 63.13 28.12 10.86
C ASP B 204 61.81 28.74 11.29
N GLU B 205 61.86 29.92 11.91
CA GLU B 205 60.62 30.63 12.24
C GLU B 205 59.77 30.86 11.00
N ASP B 206 60.41 31.17 9.88
CA ASP B 206 59.68 31.27 8.62
C ASP B 206 59.01 29.95 8.26
N LEU B 207 59.66 28.83 8.61
CA LEU B 207 59.07 27.54 8.30
C LEU B 207 57.85 27.25 9.17
N THR B 208 57.90 27.61 10.45
CA THR B 208 56.73 27.42 11.30
C THR B 208 55.60 28.33 10.85
N LEU B 209 55.92 29.55 10.41
CA LEU B 209 54.91 30.41 9.82
C LEU B 209 54.31 29.77 8.58
N PHE B 210 55.14 29.12 7.77
CA PHE B 210 54.63 28.45 6.58
C PHE B 210 53.70 27.31 6.96
N TRP B 211 54.04 26.57 8.00
CA TRP B 211 53.18 25.47 8.43
C TRP B 211 51.84 26.01 8.93
N ASP B 212 51.86 27.04 9.78
CA ASP B 212 50.62 27.63 10.24
C ASP B 212 49.79 28.18 9.08
N ALA B 213 50.46 28.77 8.09
CA ALA B 213 49.76 29.30 6.93
C ALA B 213 49.14 28.18 6.10
N LEU B 214 49.78 27.01 6.07
CA LEU B 214 49.18 25.87 5.38
C LEU B 214 48.00 25.33 6.17
N VAL B 215 48.05 25.41 7.49
CA VAL B 215 46.96 24.91 8.31
C VAL B 215 45.76 25.84 8.24
N ASN B 216 45.97 27.15 8.44
CA ASN B 216 44.90 28.13 8.44
C ASN B 216 44.73 28.83 7.10
N MET B 217 45.17 28.19 6.01
CA MET B 217 45.19 28.81 4.70
C MET B 217 43.83 29.32 4.25
N PHE B 218 42.75 28.69 4.69
CA PHE B 218 41.42 29.05 4.24
C PHE B 218 40.57 29.71 5.30
N GLU B 219 41.01 29.73 6.57
CA GLU B 219 40.22 30.35 7.62
C GLU B 219 40.05 31.84 7.38
N HIS B 220 40.80 32.41 6.45
CA HIS B 220 40.75 33.84 6.16
C HIS B 220 40.32 34.13 4.73
N ASP B 221 40.09 33.11 3.92
CA ASP B 221 39.67 33.31 2.53
C ASP B 221 38.31 32.65 2.38
N ARG B 222 37.28 33.40 2.76
CA ARG B 222 35.90 32.96 2.60
C ARG B 222 35.23 33.92 1.63
N SER B 223 34.32 33.39 0.81
CA SER B 223 33.59 34.23 -0.11
C SER B 223 32.44 33.44 -0.71
N ALA B 224 31.71 34.09 -1.60
CA ALA B 224 30.51 33.52 -2.19
C ALA B 224 30.82 32.35 -3.12
N ALA B 225 32.04 32.27 -3.64
CA ALA B 225 32.37 31.22 -4.58
C ALA B 225 32.99 30.01 -3.91
N ARG B 226 33.75 30.21 -2.84
CA ARG B 226 34.52 29.11 -2.29
C ARG B 226 33.70 28.22 -1.37
N GLY B 227 32.72 28.78 -0.67
CA GLY B 227 32.05 27.94 0.28
C GLY B 227 32.97 27.62 1.45
N LEU B 228 32.86 26.39 1.94
CA LEU B 228 33.62 25.95 3.11
C LEU B 228 34.82 25.12 2.68
N MET B 229 35.98 25.76 2.58
CA MET B 229 37.25 25.08 2.36
C MET B 229 37.94 24.93 3.70
N SER B 230 38.74 23.89 3.83
CA SER B 230 39.40 23.62 5.11
C SER B 230 40.59 22.70 4.89
N SER B 231 41.66 22.96 5.63
CA SER B 231 42.84 22.12 5.62
C SER B 231 42.62 20.95 6.56
N ARG B 232 42.62 19.74 6.00
CA ARG B 232 42.25 18.59 6.80
C ARG B 232 43.46 17.96 7.48
N LYS B 233 44.40 17.46 6.70
CA LYS B 233 45.62 16.89 7.26
C LYS B 233 46.83 17.44 6.53
N LEU B 234 47.87 17.76 7.30
CA LEU B 234 49.13 18.21 6.75
C LEU B 234 50.22 17.27 7.25
N ILE B 235 50.89 16.61 6.33
CA ILE B 235 51.88 15.60 6.63
C ILE B 235 53.23 16.12 6.17
N VAL B 236 54.20 16.14 7.08
CA VAL B 236 55.52 16.71 6.82
C VAL B 236 56.53 15.57 6.78
N PHE B 237 57.37 15.56 5.75
CA PHE B 237 58.48 14.63 5.65
C PHE B 237 59.76 15.42 5.81
N LYS B 238 60.49 15.16 6.89
CA LYS B 238 61.72 15.89 7.20
C LYS B 238 62.91 14.95 7.03
N HIS B 239 63.85 15.36 6.18
CA HIS B 239 65.05 14.56 5.95
C HIS B 239 66.19 15.07 6.82
N GLN B 240 66.96 14.13 7.35
CA GLN B 240 68.02 14.42 8.31
C GLN B 240 69.21 15.15 7.68
N ASN B 241 69.44 14.95 6.39
CA ASN B 241 70.52 15.61 5.67
C ASN B 241 69.94 16.84 4.99
N ARG B 242 70.79 17.82 4.72
CA ARG B 242 70.29 19.03 4.07
C ARG B 242 69.98 18.80 2.60
N LEU B 243 70.59 17.82 1.98
CA LEU B 243 70.07 17.27 0.74
C LEU B 243 69.01 16.24 1.11
N GLY B 244 68.65 15.40 0.16
CA GLY B 244 67.64 14.39 0.41
C GLY B 244 68.14 13.25 1.27
N ASN B 245 67.18 12.50 1.80
CA ASN B 245 67.41 11.17 2.36
C ASN B 245 66.54 10.10 1.73
N ALA B 246 65.62 10.47 0.84
CA ALA B 246 64.72 9.53 0.21
C ALA B 246 64.01 10.26 -0.93
N PRO B 247 63.71 9.58 -2.02
CA PRO B 247 63.15 10.28 -3.18
C PRO B 247 61.85 10.99 -2.83
N ALA B 248 61.50 11.97 -3.65
CA ALA B 248 60.27 12.72 -3.41
C ALA B 248 59.05 11.86 -3.72
N HIS B 249 59.04 11.24 -4.90
CA HIS B 249 57.91 10.41 -5.27
C HIS B 249 57.80 9.20 -4.36
N LYS B 250 58.91 8.78 -3.76
CA LYS B 250 58.86 7.65 -2.84
C LYS B 250 58.08 8.02 -1.59
N LEU B 251 58.29 9.24 -1.08
CA LEU B 251 57.63 9.66 0.14
C LEU B 251 56.17 10.01 -0.13
N PHE B 252 55.90 10.62 -1.28
CA PHE B 252 54.53 11.07 -1.53
C PHE B 252 53.58 9.90 -1.69
N ASP B 253 54.08 8.72 -2.03
CA ASP B 253 53.22 7.55 -2.13
C ASP B 253 53.07 6.82 -0.81
N LEU B 254 53.72 7.30 0.26
CA LEU B 254 53.42 6.78 1.59
C LEU B 254 52.05 7.22 2.06
N VAL B 255 51.48 8.25 1.45
CA VAL B 255 50.19 8.78 1.86
C VAL B 255 49.11 8.12 1.00
N LYS B 256 48.38 7.19 1.58
CA LYS B 256 47.27 6.52 0.91
C LYS B 256 45.98 7.14 1.41
N VAL B 257 45.25 7.77 0.50
CA VAL B 257 43.99 8.44 0.82
C VAL B 257 42.88 7.70 0.09
N SER B 258 42.19 6.82 0.81
CA SER B 258 41.18 5.98 0.20
C SER B 258 39.84 6.29 0.84
N ARG B 259 38.80 5.58 0.40
CA ARG B 259 37.46 5.77 0.93
C ARG B 259 37.25 4.89 2.14
N ALA B 260 36.71 5.48 3.20
CA ALA B 260 36.40 4.73 4.41
C ALA B 260 35.42 3.62 4.09
N GLU B 261 35.66 2.44 4.68
CA GLU B 261 34.92 1.24 4.34
C GLU B 261 33.43 1.36 4.65
N GLY B 262 33.03 2.22 5.58
CA GLY B 262 31.64 2.29 5.95
C GLY B 262 30.75 2.99 4.94
N SER B 263 31.33 3.58 3.91
CA SER B 263 30.61 4.46 3.01
C SER B 263 30.44 3.83 1.64
N SER B 264 29.63 4.49 0.81
CA SER B 264 29.40 4.09 -0.57
C SER B 264 28.72 5.25 -1.29
N GLY B 265 28.99 5.39 -2.58
CA GLY B 265 28.43 6.47 -3.37
C GLY B 265 29.39 7.64 -3.45
N PRO B 266 28.94 8.76 -3.99
CA PRO B 266 29.80 9.94 -4.07
C PRO B 266 30.08 10.48 -2.69
N ALA B 267 31.34 10.84 -2.45
CA ALA B 267 31.73 11.37 -1.15
C ALA B 267 31.10 12.74 -0.95
N ARG B 268 30.75 13.06 0.28
CA ARG B 268 30.21 14.38 0.58
C ARG B 268 30.78 14.96 1.87
N SER B 269 31.64 14.23 2.55
CA SER B 269 32.29 14.76 3.75
C SER B 269 33.61 14.05 3.94
N PHE B 270 34.47 14.65 4.77
CA PHE B 270 35.75 14.05 5.07
C PHE B 270 35.61 12.78 5.89
N ALA B 271 34.41 12.51 6.42
CA ALA B 271 34.20 11.23 7.09
C ALA B 271 34.17 10.07 6.11
N ASP B 272 33.90 10.32 4.84
CA ASP B 272 33.91 9.30 3.81
C ASP B 272 35.31 9.04 3.26
N TYR B 273 36.34 9.50 3.94
CA TYR B 273 37.72 9.34 3.50
C TYR B 273 38.58 8.92 4.66
N ALA B 274 39.35 7.85 4.46
CA ALA B 274 40.33 7.39 5.44
C ALA B 274 41.73 7.65 4.88
N VAL B 275 42.56 8.28 5.69
CA VAL B 275 43.90 8.65 5.29
C VAL B 275 44.89 7.85 6.15
N THR B 276 45.86 7.23 5.50
CA THR B 276 46.90 6.48 6.20
C THR B 276 48.26 6.89 5.66
N VAL B 277 49.25 6.91 6.55
CA VAL B 277 50.61 7.20 6.20
C VAL B 277 51.49 6.04 6.68
N GLY B 278 52.27 5.48 5.76
CA GLY B 278 53.13 4.37 6.10
C GLY B 278 54.41 4.82 6.77
N GLN B 279 55.19 3.84 7.19
CA GLN B 279 56.48 4.13 7.79
C GLN B 279 57.47 4.58 6.72
N ALA B 280 58.30 5.52 7.07
CA ALA B 280 59.23 6.24 6.23
C ALA B 280 60.61 5.60 6.27
N PRO B 281 61.49 5.97 5.34
CA PRO B 281 62.88 5.51 5.38
C PRO B 281 63.57 5.78 6.71
N GLU B 282 64.74 5.18 6.90
CA GLU B 282 65.42 5.30 8.18
C GLU B 282 65.86 6.74 8.48
N GLY B 283 66.05 7.55 7.44
CA GLY B 283 66.44 8.94 7.63
C GLY B 283 65.36 9.96 7.35
N VAL B 284 64.10 9.60 7.49
CA VAL B 284 62.98 10.52 7.26
C VAL B 284 62.05 10.46 8.47
N GLU B 285 61.66 11.62 8.97
CA GLU B 285 60.76 11.73 10.11
C GLU B 285 59.46 12.34 9.62
N VAL B 286 58.40 11.54 9.58
CA VAL B 286 57.10 11.97 9.10
C VAL B 286 56.29 12.54 10.25
N LYS B 287 55.89 13.80 10.13
CA LYS B 287 55.20 14.53 11.19
C LYS B 287 53.77 14.79 10.76
N GLU B 288 52.82 14.18 11.47
CA GLU B 288 51.40 14.39 11.22
C GLU B 288 50.76 14.73 12.56
N MET B 289 50.83 16.00 12.94
CA MET B 289 50.14 16.51 14.12
C MET B 289 49.59 17.87 13.72
N LEU B 290 49.50 18.08 12.41
CA LEU B 290 49.21 19.37 11.84
C LEU B 290 47.91 19.36 11.05
N MET C 1 34.49 53.96 10.45
CA MET C 1 33.78 53.83 11.71
C MET C 1 34.33 52.66 12.52
N THR C 2 33.57 52.25 13.55
CA THR C 2 33.97 51.11 14.35
C THR C 2 33.70 49.81 13.61
N ALA C 3 34.25 48.72 14.14
CA ALA C 3 34.05 47.41 13.56
C ALA C 3 34.28 46.37 14.65
N ILE C 4 33.87 45.14 14.36
CA ILE C 4 33.97 44.05 15.33
C ILE C 4 35.42 43.55 15.38
N ALA C 5 35.85 43.12 16.56
CA ALA C 5 37.20 42.63 16.76
C ALA C 5 37.24 41.16 17.14
N ASN C 6 36.12 40.45 16.99
CA ASN C 6 36.05 39.04 17.31
C ASN C 6 35.72 38.27 16.06
N ARG C 7 36.37 37.13 15.86
CA ARG C 7 35.94 36.25 14.78
C ARG C 7 34.67 35.54 15.22
N TYR C 8 33.71 35.48 14.30
CA TYR C 8 32.41 34.89 14.61
C TYR C 8 32.10 33.80 13.60
N GLU C 9 31.72 32.64 14.11
CA GLU C 9 31.22 31.54 13.32
C GLU C 9 29.85 31.18 13.85
N PHE C 10 28.89 30.96 12.94
CA PHE C 10 27.54 30.64 13.38
C PHE C 10 27.00 29.45 12.61
N VAL C 11 26.13 28.70 13.28
CA VAL C 11 25.38 27.61 12.69
C VAL C 11 23.91 27.88 12.95
N LEU C 12 23.12 27.91 11.88
CA LEU C 12 21.70 28.22 11.97
C LEU C 12 20.90 27.04 11.45
N LEU C 13 19.97 26.57 12.28
CA LEU C 13 19.08 25.47 11.93
C LEU C 13 17.70 26.02 11.60
N PHE C 14 17.27 25.86 10.37
CA PHE C 14 15.92 26.22 10.00
C PHE C 14 15.28 25.05 9.27
N ASP C 15 13.96 24.95 9.36
CA ASP C 15 13.23 23.84 8.78
C ASP C 15 12.05 24.37 7.97
N VAL C 16 11.43 23.49 7.21
CA VAL C 16 10.27 23.82 6.39
C VAL C 16 9.19 22.77 6.68
N GLU C 17 7.94 23.14 6.41
CA GLU C 17 6.83 22.24 6.68
C GLU C 17 5.83 22.41 5.54
N ASN C 18 5.80 21.45 4.62
CA ASN C 18 4.91 21.50 3.46
C ASN C 18 5.13 22.77 2.65
N GLY C 19 6.41 23.12 2.46
CA GLY C 19 6.74 24.33 1.73
C GLY C 19 7.85 24.09 0.75
N ASN C 20 8.21 25.15 0.05
CA ASN C 20 9.29 25.13 -0.92
C ASN C 20 10.35 26.15 -0.52
N PRO C 21 11.40 25.76 0.17
CA PRO C 21 12.29 26.75 0.79
C PRO C 21 13.06 27.56 -0.24
N ASN C 22 13.30 26.96 -1.40
CA ASN C 22 14.10 27.58 -2.45
C ASN C 22 13.83 26.85 -3.76
N GLY C 23 13.53 27.57 -4.80
CA GLY C 23 13.24 26.95 -6.07
C GLY C 23 14.46 26.83 -6.95
N ASP C 24 14.36 25.93 -7.92
CA ASP C 24 15.40 25.73 -8.91
C ASP C 24 14.95 26.30 -10.25
N PRO C 25 15.64 27.30 -10.78
CA PRO C 25 15.26 27.84 -12.09
C PRO C 25 15.38 26.83 -13.22
N ASP C 26 16.21 25.80 -13.07
CA ASP C 26 16.43 24.88 -14.18
C ASP C 26 15.61 23.62 -14.05
N ALA C 27 15.12 23.32 -12.85
CA ALA C 27 14.28 22.16 -12.60
C ALA C 27 12.81 22.51 -12.53
N GLY C 28 12.35 23.43 -13.37
CA GLY C 28 10.99 23.92 -13.24
C GLY C 28 10.94 24.90 -12.10
N ASN C 29 10.36 24.49 -10.98
CA ASN C 29 10.56 25.25 -9.76
C ASN C 29 10.76 24.33 -8.56
N MET C 30 11.04 23.06 -8.80
CA MET C 30 11.33 22.03 -7.82
C MET C 30 12.36 22.52 -6.83
N PRO C 31 12.28 22.14 -5.57
CA PRO C 31 13.31 22.54 -4.61
C PRO C 31 14.69 22.16 -5.07
N ARG C 32 15.70 22.94 -4.69
CA ARG C 32 17.06 22.59 -5.06
C ARG C 32 17.51 21.36 -4.29
N ILE C 33 17.98 20.36 -5.02
CA ILE C 33 18.52 19.14 -4.44
C ILE C 33 19.89 18.88 -5.05
N ASP C 34 20.68 18.10 -4.32
CA ASP C 34 21.94 17.57 -4.83
C ASP C 34 21.61 16.29 -5.60
N PRO C 35 21.65 16.31 -6.93
CA PRO C 35 21.06 15.23 -7.72
C PRO C 35 21.68 13.86 -7.50
N GLU C 36 22.82 13.78 -6.81
CA GLU C 36 23.52 12.51 -6.60
C GLU C 36 23.25 11.92 -5.23
N THR C 37 22.68 12.70 -4.32
CA THR C 37 22.43 12.21 -2.97
C THR C 37 21.01 12.54 -2.52
N GLY C 38 20.37 13.50 -3.19
CA GLY C 38 19.00 13.84 -2.85
C GLY C 38 18.82 14.83 -1.73
N HIS C 39 19.87 15.24 -1.05
CA HIS C 39 19.73 16.26 -0.02
C HIS C 39 19.27 17.56 -0.65
N GLY C 40 18.53 18.37 0.12
CA GLY C 40 18.02 19.62 -0.40
C GLY C 40 18.99 20.76 -0.11
N LEU C 41 19.15 21.62 -1.11
CA LEU C 41 20.07 22.75 -1.02
C LEU C 41 19.29 24.06 -0.96
N VAL C 42 19.87 25.04 -0.29
CA VAL C 42 19.34 26.39 -0.23
C VAL C 42 20.49 27.34 -0.48
N THR C 43 20.44 28.08 -1.58
CA THR C 43 21.57 28.91 -1.96
C THR C 43 21.82 29.98 -0.91
N ASP C 44 23.09 30.39 -0.81
CA ASP C 44 23.45 31.41 0.17
C ASP C 44 22.84 32.75 -0.18
N VAL C 45 22.66 33.02 -1.47
CA VAL C 45 22.05 34.28 -1.89
C VAL C 45 20.60 34.33 -1.45
N CYS C 46 19.96 33.18 -1.29
CA CYS C 46 18.59 33.15 -0.77
C CYS C 46 18.52 33.66 0.66
N LEU C 47 19.35 33.10 1.54
CA LEU C 47 19.32 33.54 2.92
C LEU C 47 19.81 34.97 3.06
N LYS C 48 20.79 35.37 2.25
CA LYS C 48 21.21 36.76 2.23
C LYS C 48 20.05 37.67 1.85
N ARG C 49 19.24 37.26 0.87
CA ARG C 49 18.09 38.05 0.46
C ARG C 49 17.06 38.14 1.57
N LYS C 50 16.87 37.04 2.31
CA LYS C 50 15.92 37.09 3.41
C LYS C 50 16.41 38.02 4.52
N ILE C 51 17.72 38.05 4.76
CA ILE C 51 18.25 38.99 5.75
C ILE C 51 18.12 40.43 5.26
N ARG C 52 18.33 40.63 3.96
CA ARG C 52 18.15 41.96 3.39
C ARG C 52 16.71 42.42 3.52
N ASN C 53 15.76 41.52 3.26
CA ASN C 53 14.35 41.87 3.38
C ASN C 53 13.98 42.20 4.82
N HIS C 54 14.47 41.40 5.77
CA HIS C 54 14.20 41.70 7.17
C HIS C 54 14.79 43.05 7.58
N VAL C 55 15.95 43.41 7.04
CA VAL C 55 16.57 44.67 7.43
C VAL C 55 15.86 45.84 6.75
N ALA C 56 15.42 45.65 5.51
CA ALA C 56 14.65 46.70 4.85
C ALA C 56 13.29 46.88 5.50
N LEU C 57 12.79 45.84 6.18
CA LEU C 57 11.49 45.95 6.83
C LEU C 57 11.62 46.58 8.22
N THR C 58 12.52 46.07 9.04
CA THR C 58 12.64 46.58 10.40
C THR C 58 13.29 47.96 10.48
N LYS C 59 13.79 48.48 9.36
CA LYS C 59 14.40 49.79 9.31
C LYS C 59 13.74 50.72 8.30
N GLU C 60 12.74 50.25 7.56
CA GLU C 60 11.93 51.03 6.62
C GLU C 60 12.80 51.94 5.75
N GLY C 61 14.01 51.45 5.45
CA GLY C 61 14.92 52.20 4.62
C GLY C 61 15.41 53.48 5.27
N ALA C 62 15.87 53.38 6.51
CA ALA C 62 16.42 54.52 7.22
C ALA C 62 17.78 54.88 6.64
N GLU C 63 18.45 55.84 7.29
CA GLU C 63 19.77 56.27 6.85
C GLU C 63 20.78 55.25 7.34
N ARG C 64 21.79 54.99 6.50
CA ARG C 64 22.87 54.06 6.81
C ARG C 64 22.38 52.62 6.77
N PHE C 65 21.15 52.41 6.33
CA PHE C 65 20.59 51.06 6.30
C PHE C 65 19.79 50.84 5.01
N ASN C 66 20.19 51.49 3.93
CA ASN C 66 19.61 51.16 2.63
C ASN C 66 20.06 49.76 2.23
N ILE C 67 19.45 49.18 1.20
CA ILE C 67 19.61 47.74 1.10
C ILE C 67 19.95 47.19 -0.28
N TYR C 68 20.21 48.04 -1.28
CA TYR C 68 20.34 47.52 -2.64
C TYR C 68 19.07 46.76 -3.03
N ILE C 69 17.98 47.54 -3.09
CA ILE C 69 16.62 47.03 -2.99
C ILE C 69 16.24 46.09 -4.14
N GLN C 70 15.15 45.38 -3.93
CA GLN C 70 14.59 44.45 -4.89
C GLN C 70 13.48 45.08 -5.71
N GLU C 71 13.16 46.33 -5.42
CA GLU C 71 12.14 47.05 -6.18
C GLU C 71 12.69 47.58 -7.50
N LYS C 72 13.28 46.71 -8.31
CA LYS C 72 13.72 47.06 -9.66
C LYS C 72 14.60 48.29 -9.65
N ALA C 73 15.54 48.33 -8.70
CA ALA C 73 16.50 49.42 -8.63
C ALA C 73 17.53 49.20 -9.72
N ILE C 74 18.11 50.30 -10.18
CA ILE C 74 19.17 50.28 -11.16
C ILE C 74 20.48 50.46 -10.40
N LEU C 75 21.39 49.51 -10.54
CA LEU C 75 22.63 49.58 -9.77
C LEU C 75 23.57 50.62 -10.33
N ASN C 76 23.55 50.84 -11.64
CA ASN C 76 24.36 51.90 -12.22
C ASN C 76 23.93 53.27 -11.74
N GLU C 77 22.61 53.48 -11.59
CA GLU C 77 22.13 54.75 -11.07
C GLU C 77 22.56 54.94 -9.62
N THR C 78 22.66 53.86 -8.86
CA THR C 78 23.15 53.98 -7.49
C THR C 78 24.64 54.30 -7.47
N HIS C 79 25.41 53.67 -8.34
CA HIS C 79 26.82 54.03 -8.47
C HIS C 79 26.98 55.50 -8.83
N GLU C 80 26.20 55.98 -9.79
CA GLU C 80 26.28 57.39 -10.18
C GLU C 80 25.87 58.30 -9.02
N ARG C 81 24.91 57.86 -8.21
CA ARG C 81 24.57 58.59 -7.00
C ARG C 81 25.76 58.64 -6.05
N ALA C 82 26.53 57.55 -5.99
CA ALA C 82 27.73 57.56 -5.16
C ALA C 82 28.74 58.56 -5.68
N TYR C 83 28.94 58.57 -6.99
CA TYR C 83 29.92 59.47 -7.59
C TYR C 83 29.53 60.92 -7.36
N THR C 84 28.25 61.25 -7.51
CA THR C 84 27.84 62.62 -7.24
C THR C 84 27.87 62.93 -5.75
N ALA C 85 27.74 61.91 -4.90
CA ALA C 85 27.77 62.15 -3.47
C ALA C 85 29.18 62.39 -2.96
N CYS C 86 30.19 61.89 -3.67
CA CYS C 86 31.57 62.19 -3.32
C CYS C 86 32.12 63.36 -4.11
N ASP C 87 31.33 63.95 -5.00
CA ASP C 87 31.73 65.09 -5.82
C ASP C 87 32.86 64.71 -6.78
N LEU C 88 32.70 63.58 -7.45
CA LEU C 88 33.60 63.13 -8.49
C LEU C 88 32.80 62.91 -9.75
N LYS C 89 33.48 62.51 -10.81
CA LYS C 89 32.79 62.29 -12.07
C LYS C 89 32.65 60.79 -12.33
N PRO C 90 31.47 60.32 -12.75
CA PRO C 90 31.28 58.89 -12.97
C PRO C 90 31.58 58.44 -14.38
N GLU C 91 31.89 59.38 -15.28
CA GLU C 91 32.12 59.01 -16.67
C GLU C 91 33.28 58.03 -16.90
N PRO C 92 34.29 57.92 -16.03
CA PRO C 92 35.25 56.83 -16.22
C PRO C 92 34.57 55.48 -16.19
N LYS C 93 34.78 54.69 -17.25
CA LYS C 93 34.26 53.32 -17.26
C LYS C 93 35.04 52.43 -16.31
N LYS C 94 36.09 52.97 -15.68
CA LYS C 94 36.83 52.29 -14.64
C LYS C 94 36.85 53.14 -13.37
N LEU C 95 37.59 52.66 -12.38
CA LEU C 95 37.69 53.39 -11.13
C LEU C 95 38.34 54.75 -11.37
N PRO C 96 38.14 55.71 -10.47
CA PRO C 96 38.83 57.00 -10.62
C PRO C 96 40.35 56.84 -10.58
N LYS C 97 41.07 57.77 -11.18
CA LYS C 97 42.53 57.65 -11.24
C LYS C 97 43.16 57.78 -9.87
N LYS C 98 42.80 58.81 -9.11
CA LYS C 98 43.37 59.00 -7.79
C LYS C 98 42.80 57.98 -6.83
N VAL C 99 43.68 57.20 -6.19
CA VAL C 99 43.23 56.09 -5.34
C VAL C 99 42.37 56.59 -4.19
N GLU C 100 42.57 57.83 -3.75
CA GLU C 100 41.69 58.39 -2.72
C GLU C 100 40.26 58.51 -3.23
N ASP C 101 40.09 58.79 -4.52
CA ASP C 101 38.75 58.93 -5.07
C ASP C 101 38.02 57.59 -5.09
N ALA C 102 38.70 56.53 -5.52
CA ALA C 102 38.11 55.21 -5.46
C ALA C 102 37.82 54.81 -4.02
N LYS C 103 38.73 55.13 -3.11
CA LYS C 103 38.48 54.85 -1.71
C LYS C 103 37.22 55.55 -1.22
N ARG C 104 37.01 56.79 -1.65
CA ARG C 104 35.81 57.52 -1.22
C ARG C 104 34.54 56.91 -1.81
N VAL C 105 34.56 56.56 -3.09
CA VAL C 105 33.34 55.99 -3.68
C VAL C 105 33.01 54.65 -3.02
N THR C 106 34.02 53.86 -2.68
CA THR C 106 33.72 52.56 -2.09
C THR C 106 33.33 52.70 -0.63
N ASP C 107 33.96 53.62 0.10
CA ASP C 107 33.55 53.86 1.47
C ASP C 107 32.17 54.48 1.53
N TRP C 108 31.73 55.15 0.46
CA TRP C 108 30.36 55.65 0.40
C TRP C 108 29.39 54.52 0.11
N MET C 109 29.72 53.66 -0.86
CA MET C 109 28.84 52.53 -1.15
C MET C 109 28.70 51.63 0.06
N CYS C 110 29.73 51.54 0.90
CA CYS C 110 29.63 50.73 2.10
C CYS C 110 28.99 51.48 3.26
N THR C 111 29.26 52.78 3.39
CA THR C 111 28.85 53.53 4.57
C THR C 111 27.35 53.57 4.73
N ASN C 112 26.61 53.65 3.63
CA ASN C 112 25.17 53.84 3.67
C ASN C 112 24.44 52.71 2.95
N PHE C 113 24.91 51.49 3.11
CA PHE C 113 24.27 50.33 2.50
C PHE C 113 24.57 49.13 3.36
N TYR C 114 23.57 48.66 4.10
CA TYR C 114 23.80 47.57 5.05
C TYR C 114 24.24 46.31 4.35
N ASP C 115 23.61 45.99 3.23
CA ASP C 115 23.89 44.71 2.61
C ASP C 115 25.21 44.71 1.86
N ILE C 116 25.64 45.85 1.33
CA ILE C 116 26.99 45.91 0.81
C ILE C 116 27.99 45.84 1.95
N ARG C 117 27.79 46.63 3.00
CA ARG C 117 28.70 46.64 4.13
C ARG C 117 28.85 45.25 4.75
N THR C 118 27.84 44.39 4.60
CA THR C 118 27.80 43.11 5.28
C THR C 118 28.12 41.93 4.38
N PHE C 119 27.50 41.85 3.20
CA PHE C 119 27.71 40.76 2.27
C PHE C 119 28.59 41.12 1.08
N GLY C 120 29.13 42.34 1.04
CA GLY C 120 29.95 42.76 -0.08
C GLY C 120 29.15 42.93 -1.35
N ALA C 121 29.82 43.46 -2.37
CA ALA C 121 29.16 43.70 -3.64
C ALA C 121 30.20 43.89 -4.74
N VAL C 122 29.77 43.63 -5.97
CA VAL C 122 30.60 43.85 -7.15
C VAL C 122 29.99 45.00 -7.93
N MET C 123 30.62 46.16 -7.89
CA MET C 123 30.18 47.36 -8.57
C MET C 123 31.20 47.76 -9.63
N THR C 124 31.67 46.78 -10.40
CA THR C 124 32.53 47.01 -11.56
C THR C 124 31.68 46.86 -12.80
N THR C 125 31.01 47.93 -13.19
CA THR C 125 30.12 47.91 -14.35
C THR C 125 30.30 49.19 -15.14
N GLU C 126 29.35 49.52 -16.03
CA GLU C 126 29.44 50.72 -16.83
C GLU C 126 29.79 51.96 -16.03
N VAL C 127 29.40 52.01 -14.77
CA VAL C 127 29.84 53.04 -13.83
C VAL C 127 30.47 52.30 -12.66
N ASN C 128 31.79 52.27 -12.63
CA ASN C 128 32.51 51.39 -11.72
C ASN C 128 32.65 52.04 -10.35
N CYS C 129 32.19 51.34 -9.32
CA CYS C 129 32.41 51.75 -7.94
C CYS C 129 33.30 50.77 -7.19
N GLY C 130 33.69 49.67 -7.80
CA GLY C 130 34.73 48.83 -7.23
C GLY C 130 34.27 47.48 -6.75
N GLN C 131 34.91 46.99 -5.69
CA GLN C 131 34.63 45.66 -5.18
C GLN C 131 34.67 45.70 -3.67
N VAL C 132 33.80 44.92 -3.05
CA VAL C 132 33.82 44.71 -1.60
C VAL C 132 33.55 43.24 -1.37
N ARG C 133 34.30 42.61 -0.48
CA ARG C 133 34.05 41.24 -0.07
C ARG C 133 33.05 41.14 1.08
N GLY C 134 33.22 41.95 2.11
CA GLY C 134 32.22 41.98 3.15
C GLY C 134 32.38 40.85 4.13
N PRO C 135 32.29 41.17 5.39
CA PRO C 135 32.71 40.23 6.43
C PRO C 135 31.88 38.96 6.55
N VAL C 136 30.58 39.08 6.40
CA VAL C 136 29.68 37.96 6.66
C VAL C 136 29.53 37.16 5.37
N GLN C 137 29.81 35.86 5.44
CA GLN C 137 29.56 34.95 4.34
C GLN C 137 28.66 33.84 4.83
N MET C 138 27.95 33.21 3.89
CA MET C 138 27.18 32.03 4.17
C MET C 138 27.36 31.07 3.00
N ALA C 139 27.32 29.78 3.30
CA ALA C 139 27.40 28.75 2.29
C ALA C 139 26.02 28.12 2.12
N PHE C 140 25.87 27.35 1.05
CA PHE C 140 24.60 26.70 0.78
C PHE C 140 24.14 25.93 2.01
N ALA C 141 22.86 26.04 2.32
CA ALA C 141 22.28 25.28 3.42
C ALA C 141 21.92 23.89 2.91
N ARG C 142 22.35 22.87 3.65
CA ARG C 142 22.14 21.48 3.27
C ARG C 142 21.33 20.81 4.35
N SER C 143 20.27 20.11 3.94
CA SER C 143 19.40 19.47 4.91
C SER C 143 20.14 18.39 5.68
N VAL C 144 19.53 17.94 6.77
CA VAL C 144 20.16 16.92 7.59
C VAL C 144 20.01 15.53 6.98
N GLU C 145 18.90 15.25 6.33
CA GLU C 145 18.70 14.00 5.62
C GLU C 145 17.90 14.26 4.35
N PRO C 146 17.94 13.35 3.37
CA PRO C 146 17.38 13.67 2.05
C PRO C 146 15.93 14.09 2.12
N VAL C 147 15.60 15.13 1.36
CA VAL C 147 14.22 15.57 1.23
C VAL C 147 13.59 14.92 0.01
N VAL C 148 12.28 14.69 0.08
CA VAL C 148 11.54 14.11 -1.03
C VAL C 148 10.57 15.14 -1.55
N PRO C 149 10.92 15.89 -2.57
CA PRO C 149 9.98 16.89 -3.09
C PRO C 149 8.78 16.26 -3.76
N GLN C 150 7.58 16.53 -3.24
CA GLN C 150 6.35 16.03 -3.82
C GLN C 150 5.65 17.14 -4.58
N GLU C 151 5.08 16.78 -5.74
CA GLU C 151 4.43 17.72 -6.62
C GLU C 151 2.93 17.72 -6.37
N VAL C 152 2.41 18.87 -5.92
CA VAL C 152 1.01 19.04 -5.57
C VAL C 152 0.33 19.75 -6.72
N SER C 153 -0.30 19.00 -7.60
CA SER C 153 -1.02 19.56 -8.74
C SER C 153 -2.30 20.22 -8.24
N ILE C 154 -2.53 21.44 -8.69
CA ILE C 154 -3.70 22.23 -8.32
C ILE C 154 -4.32 22.79 -9.58
N THR C 155 -5.48 23.45 -9.43
CA THR C 155 -6.18 24.05 -10.55
C THR C 155 -6.55 25.49 -10.21
N ARG C 156 -7.13 26.18 -11.18
CA ARG C 156 -7.69 27.52 -10.99
C ARG C 156 -8.91 27.68 -11.86
N MET C 157 -9.99 28.19 -11.26
CA MET C 157 -11.27 28.28 -11.94
C MET C 157 -11.27 29.28 -13.08
N ALA C 158 -10.28 30.16 -13.16
CA ALA C 158 -10.30 31.26 -14.10
C ALA C 158 -9.17 31.12 -15.12
N VAL C 159 -9.37 31.77 -16.26
CA VAL C 159 -8.40 31.80 -17.34
C VAL C 159 -7.87 33.23 -17.46
N THR C 160 -6.57 33.36 -17.70
CA THR C 160 -5.98 34.70 -17.81
C THR C 160 -6.40 35.37 -19.10
N THR C 161 -6.02 34.79 -20.23
CA THR C 161 -6.28 35.36 -21.54
C THR C 161 -7.59 34.80 -22.10
N LYS C 162 -7.81 35.04 -23.40
CA LYS C 162 -8.98 34.49 -24.07
C LYS C 162 -8.71 33.03 -24.42
N ALA C 163 -9.28 32.12 -23.63
CA ALA C 163 -9.16 30.69 -23.86
C ALA C 163 -10.54 30.12 -24.15
N GLU C 164 -10.63 29.26 -25.16
CA GLU C 164 -11.91 28.75 -25.63
C GLU C 164 -11.99 27.24 -25.49
N ALA C 165 -11.52 26.71 -24.35
CA ALA C 165 -11.61 25.28 -24.09
C ALA C 165 -12.27 25.02 -22.75
N GLU C 166 -12.57 26.11 -22.03
CA GLU C 166 -13.18 26.03 -20.71
C GLU C 166 -14.61 26.56 -20.73
N ASP C 171 -16.70 22.51 -17.35
CA ASP C 171 -16.12 21.27 -16.86
C ASP C 171 -14.59 21.26 -16.99
N ASN C 172 -14.09 21.62 -18.17
CA ASN C 172 -12.65 21.71 -18.38
C ASN C 172 -12.06 22.82 -17.51
N ARG C 173 -10.74 22.78 -17.32
CA ARG C 173 -10.08 23.79 -16.50
C ARG C 173 -8.58 23.74 -16.72
N THR C 174 -7.90 24.81 -16.31
CA THR C 174 -6.46 24.92 -16.43
C THR C 174 -5.78 24.38 -15.18
N MET C 175 -4.67 23.70 -15.36
CA MET C 175 -3.97 23.06 -14.28
C MET C 175 -2.73 23.85 -13.86
N GLY C 176 -2.49 23.90 -12.56
CA GLY C 176 -1.32 24.55 -12.02
C GLY C 176 -0.42 23.55 -11.32
N ARG C 177 0.64 24.01 -10.66
CA ARG C 177 1.54 23.08 -10.02
C ARG C 177 2.12 23.73 -8.77
N LYS C 178 2.49 22.88 -7.82
CA LYS C 178 3.18 23.31 -6.63
C LYS C 178 4.16 22.24 -6.23
N HIS C 179 5.24 22.65 -5.57
CA HIS C 179 6.20 21.71 -5.03
C HIS C 179 6.41 22.03 -3.57
N ILE C 180 6.17 21.04 -2.72
CA ILE C 180 6.36 21.22 -1.30
C ILE C 180 7.34 20.19 -0.80
N VAL C 181 8.19 20.58 0.15
CA VAL C 181 8.98 19.65 0.94
C VAL C 181 8.14 19.30 2.17
N PRO C 182 7.64 18.07 2.27
CA PRO C 182 6.86 17.71 3.46
C PRO C 182 7.57 18.06 4.75
N TYR C 183 8.88 17.86 4.80
CA TYR C 183 9.69 18.41 5.88
C TYR C 183 11.15 18.37 5.47
N GLY C 184 11.88 19.41 5.84
CA GLY C 184 13.32 19.37 5.73
C GLY C 184 13.95 20.22 6.80
N LEU C 185 14.86 19.66 7.59
CA LEU C 185 15.66 20.41 8.53
C LEU C 185 16.96 20.76 7.85
N TYR C 186 17.23 22.06 7.68
CA TYR C 186 18.38 22.53 6.95
C TYR C 186 19.40 23.11 7.91
N VAL C 187 20.67 23.03 7.53
CA VAL C 187 21.78 23.54 8.34
C VAL C 187 22.59 24.49 7.48
N ALA C 188 22.90 25.66 8.02
CA ALA C 188 23.68 26.64 7.30
C ALA C 188 24.86 27.11 8.14
N HIS C 189 25.98 27.36 7.45
CA HIS C 189 27.23 27.73 8.11
C HIS C 189 27.58 29.15 7.71
N GLY C 190 28.17 29.88 8.64
CA GLY C 190 28.50 31.26 8.37
C GLY C 190 29.83 31.65 8.98
N PHE C 191 30.41 32.70 8.42
CA PHE C 191 31.74 33.17 8.81
C PHE C 191 31.69 34.69 8.87
N ILE C 192 32.13 35.26 9.98
CA ILE C 192 32.17 36.71 10.16
C ILE C 192 33.61 37.06 10.51
N SER C 193 34.36 37.57 9.54
CA SER C 193 35.78 37.81 9.67
C SER C 193 36.04 39.27 10.00
N ALA C 194 36.82 39.51 11.05
CA ALA C 194 37.06 40.88 11.51
C ALA C 194 37.97 41.69 10.60
N PRO C 195 38.96 41.13 9.89
CA PRO C 195 39.70 41.95 8.94
C PRO C 195 38.83 42.59 7.86
N LEU C 196 38.04 41.80 7.16
CA LEU C 196 37.12 42.35 6.18
C LEU C 196 36.15 43.34 6.84
N ALA C 197 35.73 43.05 8.06
CA ALA C 197 34.84 43.97 8.74
C ALA C 197 35.50 45.32 8.93
N GLU C 198 36.67 45.36 9.55
CA GLU C 198 37.39 46.62 9.73
C GLU C 198 37.68 47.28 8.39
N LYS C 199 37.67 46.50 7.31
CA LYS C 199 37.72 47.12 5.99
C LYS C 199 36.39 47.77 5.63
N THR C 200 35.28 47.27 6.16
CA THR C 200 33.96 47.81 5.81
C THR C 200 33.25 48.55 6.93
N GLY C 201 33.84 48.64 8.12
CA GLY C 201 33.15 49.32 9.20
C GLY C 201 31.93 48.60 9.70
N PHE C 202 31.79 47.33 9.37
CA PHE C 202 30.70 46.48 9.87
C PHE C 202 30.79 46.43 11.38
N SER C 203 29.82 47.06 12.05
CA SER C 203 29.94 47.41 13.45
C SER C 203 29.35 46.32 14.34
N ASP C 204 29.21 46.63 15.63
CA ASP C 204 28.53 45.74 16.56
C ASP C 204 27.03 45.81 16.40
N GLU C 205 26.48 47.01 16.23
CA GLU C 205 25.04 47.13 15.99
C GLU C 205 24.65 46.43 14.72
N ASP C 206 25.52 46.46 13.71
CA ASP C 206 25.28 45.68 12.51
C ASP C 206 25.23 44.20 12.83
N LEU C 207 26.05 43.75 13.78
CA LEU C 207 26.08 42.34 14.13
C LEU C 207 24.84 41.92 14.88
N THR C 208 24.37 42.75 15.82
CA THR C 208 23.15 42.39 16.55
C THR C 208 21.93 42.46 15.64
N LEU C 209 21.88 43.45 14.76
CA LEU C 209 20.86 43.47 13.72
C LEU C 209 20.91 42.18 12.91
N PHE C 210 22.11 41.69 12.60
CA PHE C 210 22.23 40.47 11.81
C PHE C 210 21.75 39.27 12.60
N TRP C 211 22.05 39.20 13.90
CA TRP C 211 21.58 38.07 14.69
C TRP C 211 20.07 38.04 14.75
N ASP C 212 19.44 39.19 15.04
CA ASP C 212 17.99 39.23 15.06
C ASP C 212 17.41 38.87 13.70
N ALA C 213 18.00 39.38 12.62
CA ALA C 213 17.54 39.03 11.29
C ALA C 213 17.66 37.54 11.04
N LEU C 214 18.67 36.90 11.62
CA LEU C 214 18.80 35.45 11.47
C LEU C 214 17.71 34.72 12.24
N VAL C 215 17.35 35.23 13.42
CA VAL C 215 16.30 34.58 14.20
C VAL C 215 14.95 34.77 13.54
N ASN C 216 14.55 36.02 13.31
CA ASN C 216 13.23 36.36 12.79
C ASN C 216 13.23 36.44 11.26
N MET C 217 14.11 35.68 10.61
CA MET C 217 14.26 35.76 9.17
C MET C 217 13.00 35.37 8.44
N PHE C 218 12.33 34.32 8.92
CA PHE C 218 11.19 33.76 8.21
C PHE C 218 9.85 34.21 8.77
N GLU C 219 9.83 34.98 9.87
CA GLU C 219 8.56 35.40 10.45
C GLU C 219 7.78 36.32 9.53
N HIS C 220 8.42 36.92 8.55
CA HIS C 220 7.74 37.86 7.69
C HIS C 220 7.84 37.51 6.22
N ASP C 221 8.56 36.46 5.87
CA ASP C 221 8.68 36.02 4.50
C ASP C 221 7.76 34.84 4.23
N ARG C 222 6.47 35.12 4.18
CA ARG C 222 5.44 34.10 3.97
C ARG C 222 4.87 34.25 2.57
N SER C 223 4.42 33.14 1.99
CA SER C 223 3.81 33.19 0.68
C SER C 223 2.99 31.93 0.46
N ALA C 224 2.40 31.83 -0.72
CA ALA C 224 1.67 30.64 -1.11
C ALA C 224 2.59 29.50 -1.51
N ALA C 225 3.90 29.73 -1.46
CA ALA C 225 4.83 28.69 -1.90
C ALA C 225 5.83 28.30 -0.81
N ARG C 226 5.71 28.83 0.40
CA ARG C 226 6.70 28.52 1.42
C ARG C 226 6.19 27.71 2.60
N GLY C 227 4.89 27.68 2.88
CA GLY C 227 4.54 26.92 4.06
C GLY C 227 5.04 27.61 5.32
N LEU C 228 5.46 26.82 6.28
CA LEU C 228 5.93 27.33 7.57
C LEU C 228 7.41 27.03 7.71
N MET C 229 8.25 27.98 7.32
CA MET C 229 9.69 27.94 7.56
C MET C 229 9.99 28.67 8.85
N SER C 230 10.93 28.13 9.61
CA SER C 230 11.18 28.67 10.94
C SER C 230 12.61 28.39 11.34
N SER C 231 13.23 29.38 11.97
CA SER C 231 14.60 29.29 12.45
C SER C 231 14.59 28.69 13.84
N ARG C 232 15.07 27.45 13.96
CA ARG C 232 14.90 26.68 15.18
C ARG C 232 16.02 26.93 16.17
N LYS C 233 17.26 26.68 15.75
CA LYS C 233 18.41 26.92 16.60
C LYS C 233 19.39 27.86 15.92
N LEU C 234 20.10 28.64 16.72
CA LEU C 234 21.16 29.49 16.20
C LEU C 234 22.33 29.43 17.16
N ILE C 235 23.41 28.78 16.73
CA ILE C 235 24.61 28.57 17.54
C ILE C 235 25.68 29.52 17.03
N VAL C 236 26.28 30.29 17.92
CA VAL C 236 27.28 31.28 17.54
C VAL C 236 28.57 31.02 18.30
N PHE C 237 29.69 31.06 17.59
CA PHE C 237 31.00 30.83 18.16
C PHE C 237 31.80 32.12 18.09
N LYS C 238 32.06 32.72 19.24
CA LYS C 238 32.91 33.91 19.33
C LYS C 238 34.31 33.49 19.71
N HIS C 239 35.23 33.55 18.75
CA HIS C 239 36.64 33.44 19.04
C HIS C 239 37.11 34.69 19.77
N GLN C 240 38.15 34.55 20.58
CA GLN C 240 38.56 35.64 21.45
C GLN C 240 39.45 36.67 20.77
N ASN C 241 39.79 36.51 19.49
CA ASN C 241 40.72 37.41 18.84
C ASN C 241 40.29 37.71 17.41
N ARG C 242 40.99 38.65 16.81
CA ARG C 242 40.62 39.17 15.49
C ARG C 242 40.85 38.14 14.40
N LEU C 243 41.90 37.33 14.52
CA LEU C 243 42.05 36.15 13.70
C LEU C 243 41.38 34.99 14.43
N GLY C 244 41.63 33.76 14.01
CA GLY C 244 40.92 32.65 14.64
C GLY C 244 41.54 32.09 15.90
N ASN C 245 40.74 31.36 16.67
CA ASN C 245 41.23 30.56 17.80
C ASN C 245 41.11 29.05 17.53
N ALA C 246 40.37 28.66 16.50
CA ALA C 246 40.13 27.26 16.20
C ALA C 246 39.60 27.17 14.79
N PRO C 247 39.83 26.07 14.09
CA PRO C 247 39.34 25.95 12.71
C PRO C 247 37.82 26.00 12.67
N ALA C 248 37.30 26.33 11.49
CA ALA C 248 35.85 26.39 11.33
C ALA C 248 35.24 24.99 11.38
N HIS C 249 35.92 24.01 10.80
CA HIS C 249 35.37 22.65 10.78
C HIS C 249 35.33 22.06 12.17
N LYS C 250 36.22 22.49 13.07
CA LYS C 250 36.16 22.01 14.45
C LYS C 250 34.90 22.50 15.13
N LEU C 251 34.39 23.66 14.71
CA LEU C 251 33.18 24.20 15.32
C LEU C 251 31.93 23.64 14.66
N PHE C 252 31.91 23.61 13.33
CA PHE C 252 30.72 23.14 12.63
C PHE C 252 30.49 21.66 12.84
N ASP C 253 31.43 20.98 13.51
CA ASP C 253 31.26 19.60 13.91
C ASP C 253 30.84 19.46 15.36
N LEU C 254 30.92 20.52 16.15
CA LEU C 254 30.35 20.48 17.49
C LEU C 254 28.84 20.40 17.46
N VAL C 255 28.23 20.90 16.38
CA VAL C 255 26.77 20.89 16.25
C VAL C 255 26.39 19.55 15.62
N LYS C 256 26.06 18.57 16.47
CA LYS C 256 25.64 17.26 16.04
C LYS C 256 24.12 17.27 15.91
N VAL C 257 23.62 16.96 14.72
CA VAL C 257 22.20 16.90 14.46
C VAL C 257 21.90 15.45 14.07
N SER C 258 21.23 14.73 14.96
CA SER C 258 20.83 13.36 14.69
C SER C 258 19.33 13.27 14.84
N ARG C 259 18.78 12.07 14.63
CA ARG C 259 17.36 11.86 14.86
C ARG C 259 17.14 11.30 16.25
N ALA C 260 16.08 11.78 16.90
CA ALA C 260 15.77 11.30 18.24
C ALA C 260 15.48 9.81 18.22
N GLU C 261 15.65 9.18 19.37
CA GLU C 261 15.59 7.72 19.44
C GLU C 261 14.18 7.18 19.19
N GLY C 262 13.14 7.89 19.64
CA GLY C 262 11.80 7.33 19.55
C GLY C 262 11.29 7.28 18.13
N SER C 263 11.45 8.36 17.40
CA SER C 263 10.84 8.51 16.08
C SER C 263 11.46 7.53 15.09
N SER C 264 10.64 6.99 14.20
CA SER C 264 11.08 6.03 13.21
C SER C 264 10.75 6.40 11.78
N GLY C 265 9.57 6.98 11.53
CA GLY C 265 9.17 7.30 10.19
C GLY C 265 9.98 8.42 9.60
N PRO C 266 9.52 8.93 8.46
CA PRO C 266 10.16 10.13 7.89
C PRO C 266 10.03 11.28 8.87
N ALA C 267 11.02 12.17 8.84
CA ALA C 267 11.00 13.32 9.74
C ALA C 267 9.82 14.21 9.39
N ARG C 268 9.05 14.61 10.39
CA ARG C 268 7.90 15.46 10.13
C ARG C 268 7.74 16.56 11.17
N SER C 269 8.71 16.75 12.04
CA SER C 269 8.65 17.79 13.04
C SER C 269 10.05 17.98 13.60
N PHE C 270 10.30 19.14 14.20
CA PHE C 270 11.58 19.36 14.83
C PHE C 270 11.78 18.44 16.03
N ALA C 271 10.70 17.91 16.60
CA ALA C 271 10.83 16.93 17.68
C ALA C 271 11.23 15.56 17.18
N ASP C 272 11.25 15.34 15.87
CA ASP C 272 11.84 14.13 15.30
C ASP C 272 13.35 14.18 15.24
N TYR C 273 13.96 15.30 15.64
CA TYR C 273 15.39 15.50 15.59
C TYR C 273 15.91 15.83 16.98
N ALA C 274 17.13 15.39 17.27
CA ALA C 274 17.87 15.81 18.45
C ALA C 274 19.09 16.58 17.98
N VAL C 275 19.37 17.69 18.66
CA VAL C 275 20.50 18.55 18.33
C VAL C 275 21.32 18.75 19.60
N THR C 276 22.58 18.40 19.54
CA THR C 276 23.50 18.57 20.66
C THR C 276 24.66 19.45 20.21
N VAL C 277 25.22 20.20 21.15
CA VAL C 277 26.36 21.07 20.86
C VAL C 277 27.42 20.84 21.93
N GLY C 278 28.62 20.48 21.49
CA GLY C 278 29.69 20.19 22.42
C GLY C 278 30.28 21.45 23.03
N GLN C 279 31.28 21.23 23.88
CA GLN C 279 31.97 22.33 24.55
C GLN C 279 33.14 22.79 23.67
N ALA C 280 33.16 24.07 23.34
CA ALA C 280 34.14 24.62 22.43
C ALA C 280 35.54 24.59 23.04
N PRO C 281 36.57 24.80 22.23
CA PRO C 281 37.94 24.85 22.77
C PRO C 281 38.13 25.98 23.77
N GLU C 282 39.33 26.08 24.35
CA GLU C 282 39.59 27.11 25.34
C GLU C 282 39.60 28.50 24.72
N GLY C 283 39.78 28.60 23.41
CA GLY C 283 39.81 29.90 22.78
C GLY C 283 38.50 30.42 22.24
N VAL C 284 37.43 29.63 22.31
CA VAL C 284 36.16 29.97 21.69
C VAL C 284 35.06 29.89 22.74
N GLU C 285 34.10 30.81 22.66
CA GLU C 285 32.92 30.80 23.50
C GLU C 285 31.69 30.52 22.64
N VAL C 286 30.89 29.54 23.03
CA VAL C 286 29.72 29.16 22.26
C VAL C 286 28.48 29.68 22.97
N LYS C 287 27.63 30.39 22.22
CA LYS C 287 26.37 30.94 22.74
C LYS C 287 25.24 30.39 21.88
N GLU C 288 24.39 29.59 22.51
CA GLU C 288 23.15 29.12 21.90
C GLU C 288 22.01 29.67 22.74
N MET C 289 21.63 30.91 22.46
CA MET C 289 20.56 31.57 23.18
C MET C 289 19.65 32.25 22.17
N LEU C 290 19.88 31.93 20.90
CA LEU C 290 19.16 32.55 19.80
C LEU C 290 18.24 31.52 19.15
N MET D 1 -6.06 54.60 3.00
CA MET D 1 -6.77 53.43 3.47
C MET D 1 -6.31 53.03 4.87
N THR D 2 -7.18 52.33 5.60
CA THR D 2 -6.89 51.85 6.94
C THR D 2 -6.49 50.38 6.86
N ALA D 3 -5.51 49.99 7.68
CA ALA D 3 -5.03 48.63 7.71
C ALA D 3 -5.08 48.12 9.15
N ILE D 4 -4.65 46.88 9.33
CA ILE D 4 -4.53 46.32 10.68
C ILE D 4 -3.19 46.70 11.29
N ALA D 5 -3.23 47.06 12.56
CA ALA D 5 -2.03 47.47 13.28
C ALA D 5 -1.42 46.32 14.08
N ASN D 6 -1.82 45.09 13.79
CA ASN D 6 -1.39 43.95 14.57
C ASN D 6 -1.00 42.81 13.65
N ARG D 7 -0.19 41.90 14.19
CA ARG D 7 0.13 40.63 13.55
C ARG D 7 -0.77 39.55 14.13
N TYR D 8 -1.21 38.65 13.27
CA TYR D 8 -2.14 37.62 13.69
C TYR D 8 -1.63 36.26 13.23
N GLU D 9 -1.98 35.24 14.01
CA GLU D 9 -1.64 33.85 13.73
C GLU D 9 -2.83 33.03 14.16
N PHE D 10 -3.30 32.15 13.29
CA PHE D 10 -4.50 31.40 13.62
C PHE D 10 -4.33 29.92 13.30
N VAL D 11 -4.85 29.09 14.19
CA VAL D 11 -4.91 27.64 14.00
C VAL D 11 -6.36 27.25 13.81
N LEU D 12 -6.67 26.67 12.65
CA LEU D 12 -8.02 26.27 12.29
C LEU D 12 -8.10 24.76 12.27
N LEU D 13 -8.95 24.20 13.13
CA LEU D 13 -9.21 22.77 13.12
C LEU D 13 -10.56 22.50 12.48
N PHE D 14 -10.55 21.70 11.42
CA PHE D 14 -11.77 21.26 10.78
C PHE D 14 -11.66 19.77 10.50
N ASP D 15 -12.80 19.13 10.31
CA ASP D 15 -12.82 17.69 10.09
C ASP D 15 -13.88 17.36 9.06
N VAL D 16 -13.70 16.20 8.42
CA VAL D 16 -14.61 15.72 7.40
C VAL D 16 -15.14 14.39 7.87
N GLU D 17 -16.28 13.97 7.34
CA GLU D 17 -16.94 12.72 7.73
C GLU D 17 -17.58 12.11 6.51
N ASN D 18 -17.00 11.03 6.02
CA ASN D 18 -17.47 10.31 4.83
C ASN D 18 -17.50 11.23 3.61
N GLY D 19 -16.44 12.02 3.47
CA GLY D 19 -16.40 12.95 2.36
C GLY D 19 -15.00 13.16 1.86
N ASN D 20 -14.92 13.82 0.72
CA ASN D 20 -13.65 14.16 0.10
C ASN D 20 -13.34 15.62 0.39
N PRO D 21 -12.51 15.91 1.38
CA PRO D 21 -12.26 17.31 1.75
C PRO D 21 -11.58 18.08 0.63
N ASN D 22 -10.76 17.37 -0.13
CA ASN D 22 -10.04 17.96 -1.26
C ASN D 22 -9.47 16.84 -2.11
N GLY D 23 -9.75 16.87 -3.41
CA GLY D 23 -9.32 15.79 -4.27
C GLY D 23 -8.05 16.12 -5.02
N ASP D 24 -7.39 15.07 -5.49
CA ASP D 24 -6.11 15.20 -6.14
C ASP D 24 -6.28 15.06 -7.64
N PRO D 25 -5.92 16.06 -8.44
CA PRO D 25 -6.15 15.96 -9.88
C PRO D 25 -5.36 14.84 -10.54
N ASP D 26 -4.05 14.76 -10.33
CA ASP D 26 -3.24 13.71 -10.89
C ASP D 26 -3.08 12.57 -9.89
N ALA D 27 -4.20 12.15 -9.32
CA ALA D 27 -4.23 10.91 -8.54
C ALA D 27 -5.57 10.22 -8.72
N GLY D 28 -6.29 10.58 -9.77
CA GLY D 28 -7.66 10.13 -9.92
C GLY D 28 -8.57 11.21 -9.41
N ASN D 29 -9.19 10.97 -8.25
CA ASN D 29 -9.79 12.06 -7.50
C ASN D 29 -9.58 11.82 -6.01
N MET D 30 -8.63 10.96 -5.69
CA MET D 30 -8.45 10.52 -4.31
C MET D 30 -8.09 11.71 -3.43
N PRO D 31 -8.44 11.67 -2.15
CA PRO D 31 -8.02 12.75 -1.26
C PRO D 31 -6.51 12.86 -1.18
N ARG D 32 -5.99 14.07 -1.23
CA ARG D 32 -4.56 14.27 -1.13
C ARG D 32 -4.05 13.69 0.18
N ILE D 33 -3.02 12.87 0.10
CA ILE D 33 -2.37 12.30 1.28
C ILE D 33 -0.88 12.60 1.22
N ASP D 34 -0.24 12.49 2.37
CA ASP D 34 1.21 12.56 2.45
C ASP D 34 1.78 11.25 1.94
N PRO D 35 2.46 11.24 0.79
CA PRO D 35 2.82 9.97 0.14
C PRO D 35 3.85 9.16 0.89
N GLU D 36 4.22 9.53 2.11
CA GLU D 36 5.17 8.73 2.87
C GLU D 36 4.76 8.55 4.32
N THR D 37 3.73 9.22 4.79
CA THR D 37 3.25 8.94 6.14
C THR D 37 1.73 8.81 6.22
N GLY D 38 1.01 9.00 5.13
CA GLY D 38 -0.41 8.69 5.11
C GLY D 38 -1.33 9.83 5.48
N HIS D 39 -0.87 10.76 6.32
CA HIS D 39 -1.71 11.86 6.74
C HIS D 39 -2.25 12.62 5.54
N GLY D 40 -3.46 13.14 5.67
CA GLY D 40 -4.15 13.77 4.55
C GLY D 40 -3.82 15.25 4.46
N LEU D 41 -3.82 15.75 3.22
CA LEU D 41 -3.49 17.13 2.94
C LEU D 41 -4.66 17.82 2.26
N VAL D 42 -4.95 19.03 2.69
CA VAL D 42 -5.90 19.91 2.01
C VAL D 42 -5.14 21.20 1.69
N THR D 43 -4.96 21.48 0.40
CA THR D 43 -4.18 22.63 0.01
C THR D 43 -4.74 23.91 0.63
N ASP D 44 -3.86 24.89 0.83
CA ASP D 44 -4.31 26.19 1.31
C ASP D 44 -5.20 26.86 0.29
N VAL D 45 -5.09 26.44 -0.96
CA VAL D 45 -5.88 26.99 -2.05
C VAL D 45 -7.34 26.61 -1.89
N CYS D 46 -7.61 25.41 -1.36
CA CYS D 46 -8.99 24.99 -1.13
C CYS D 46 -9.66 25.84 -0.05
N LEU D 47 -8.97 26.05 1.06
CA LEU D 47 -9.53 26.88 2.11
C LEU D 47 -9.71 28.33 1.64
N LYS D 48 -8.77 28.82 0.85
CA LYS D 48 -8.92 30.16 0.29
C LYS D 48 -10.14 30.25 -0.63
N ARG D 49 -10.38 29.19 -1.41
CA ARG D 49 -11.54 29.19 -2.29
C ARG D 49 -12.84 29.18 -1.49
N LYS D 50 -12.88 28.42 -0.39
CA LYS D 50 -14.08 28.41 0.42
C LYS D 50 -14.30 29.76 1.11
N ILE D 51 -13.21 30.45 1.45
CA ILE D 51 -13.35 31.79 2.01
C ILE D 51 -13.86 32.77 0.98
N ARG D 52 -13.34 32.69 -0.25
CA ARG D 52 -13.83 33.55 -1.31
C ARG D 52 -15.29 33.28 -1.62
N ASN D 53 -15.71 32.01 -1.52
CA ASN D 53 -17.11 31.68 -1.76
C ASN D 53 -18.01 32.24 -0.66
N HIS D 54 -17.58 32.14 0.60
CA HIS D 54 -18.36 32.73 1.68
C HIS D 54 -18.47 34.24 1.52
N VAL D 55 -17.42 34.88 1.02
CA VAL D 55 -17.49 36.32 0.82
C VAL D 55 -18.40 36.66 -0.35
N ALA D 56 -18.27 35.93 -1.45
CA ALA D 56 -19.13 36.18 -2.60
C ALA D 56 -20.59 35.91 -2.29
N LEU D 57 -20.86 35.08 -1.28
CA LEU D 57 -22.22 34.80 -0.89
C LEU D 57 -22.75 35.85 0.09
N THR D 58 -22.00 36.14 1.15
CA THR D 58 -22.49 37.01 2.20
C THR D 58 -22.38 38.48 1.86
N LYS D 59 -21.72 38.84 0.76
CA LYS D 59 -21.57 40.24 0.38
C LYS D 59 -22.35 40.60 -0.87
N GLU D 60 -22.81 39.61 -1.63
CA GLU D 60 -23.63 39.84 -2.83
C GLU D 60 -22.92 40.74 -3.83
N GLY D 61 -21.62 40.58 -3.96
CA GLY D 61 -20.85 41.35 -4.93
C GLY D 61 -20.89 42.85 -4.68
N ALA D 62 -21.11 43.26 -3.44
CA ALA D 62 -21.11 44.67 -3.06
C ALA D 62 -19.80 45.31 -3.46
N GLU D 63 -19.88 46.57 -3.91
CA GLU D 63 -18.69 47.32 -4.31
C GLU D 63 -17.66 47.32 -3.20
N ARG D 64 -16.39 47.20 -3.58
CA ARG D 64 -15.23 47.09 -2.69
C ARG D 64 -15.10 45.67 -2.16
N PHE D 65 -15.95 44.76 -2.63
CA PHE D 65 -15.89 43.38 -2.17
C PHE D 65 -16.09 42.39 -3.31
N ASN D 66 -15.58 42.72 -4.49
CA ASN D 66 -15.57 41.76 -5.60
C ASN D 66 -14.56 40.66 -5.29
N ILE D 67 -14.65 39.57 -6.05
CA ILE D 67 -14.07 38.32 -5.59
C ILE D 67 -13.27 37.57 -6.64
N TYR D 68 -12.92 38.19 -7.78
CA TYR D 68 -12.22 37.45 -8.83
C TYR D 68 -12.95 36.15 -9.17
N ILE D 69 -14.16 36.28 -9.71
CA ILE D 69 -15.25 35.31 -9.62
C ILE D 69 -14.91 33.91 -10.11
N GLN D 70 -15.63 32.94 -9.56
CA GLN D 70 -15.63 31.55 -9.99
C GLN D 70 -16.40 31.33 -11.26
N GLU D 71 -17.00 32.38 -11.80
CA GLU D 71 -17.97 32.27 -12.88
C GLU D 71 -17.34 32.22 -14.24
N LYS D 72 -16.12 31.68 -14.33
CA LYS D 72 -15.38 31.65 -15.58
C LYS D 72 -15.18 33.09 -16.04
N ALA D 73 -14.39 33.83 -15.27
CA ALA D 73 -14.04 35.19 -15.62
C ALA D 73 -12.72 35.17 -16.37
N ILE D 74 -12.58 36.11 -17.29
CA ILE D 74 -11.34 36.31 -18.02
C ILE D 74 -10.59 37.40 -17.30
N LEU D 75 -9.49 37.03 -16.65
CA LEU D 75 -8.81 37.95 -15.74
C LEU D 75 -8.27 39.17 -16.46
N ASN D 76 -7.81 39.00 -17.70
CA ASN D 76 -7.29 40.15 -18.44
C ASN D 76 -8.36 41.20 -18.66
N GLU D 77 -9.62 40.80 -18.68
CA GLU D 77 -10.70 41.78 -18.74
C GLU D 77 -10.79 42.59 -17.45
N THR D 78 -10.56 41.94 -16.31
CA THR D 78 -10.55 42.70 -15.06
C THR D 78 -9.32 43.60 -14.99
N HIS D 79 -8.22 43.18 -15.59
CA HIS D 79 -7.04 44.04 -15.68
C HIS D 79 -7.33 45.26 -16.54
N GLU D 80 -7.97 45.05 -17.69
CA GLU D 80 -8.36 46.16 -18.53
C GLU D 80 -9.33 47.09 -17.80
N ARG D 81 -10.20 46.53 -16.95
CA ARG D 81 -11.04 47.39 -16.13
C ARG D 81 -10.19 48.25 -15.21
N ALA D 82 -9.19 47.63 -14.55
CA ALA D 82 -8.32 48.39 -13.66
C ALA D 82 -7.60 49.50 -14.41
N TYR D 83 -7.26 49.26 -15.67
CA TYR D 83 -6.53 50.26 -16.43
C TYR D 83 -7.45 51.40 -16.86
N THR D 84 -8.55 51.08 -17.54
CA THR D 84 -9.46 52.13 -17.99
C THR D 84 -10.05 52.91 -16.82
N ALA D 85 -10.10 52.31 -15.63
CA ALA D 85 -10.52 53.06 -14.46
C ALA D 85 -9.51 54.15 -14.12
N CYS D 86 -8.28 54.01 -14.64
CA CYS D 86 -7.21 54.95 -14.34
C CYS D 86 -6.78 55.76 -15.56
N ASP D 87 -7.30 55.42 -16.73
CA ASP D 87 -7.02 56.13 -17.98
C ASP D 87 -5.57 55.96 -18.41
N LEU D 88 -5.03 54.77 -18.22
CA LEU D 88 -3.72 54.41 -18.73
C LEU D 88 -3.90 53.50 -19.93
N LYS D 89 -2.82 53.32 -20.69
CA LYS D 89 -2.88 52.51 -21.89
C LYS D 89 -2.18 51.18 -21.66
N PRO D 90 -2.91 50.08 -21.58
CA PRO D 90 -2.29 48.78 -21.33
C PRO D 90 -1.75 48.10 -22.59
N GLU D 91 -1.56 48.86 -23.66
CA GLU D 91 -1.06 48.28 -24.91
C GLU D 91 0.19 47.41 -24.74
N PRO D 92 1.18 47.76 -23.92
CA PRO D 92 2.32 46.86 -23.73
C PRO D 92 1.98 45.70 -22.80
N LYS D 93 2.97 44.82 -22.61
CA LYS D 93 2.87 43.71 -21.69
C LYS D 93 3.43 44.06 -20.31
N LYS D 94 3.97 45.25 -20.15
CA LYS D 94 4.69 45.64 -18.95
C LYS D 94 3.84 46.61 -18.13
N LEU D 95 4.33 46.92 -16.94
CA LEU D 95 3.67 47.87 -16.05
C LEU D 95 3.68 49.26 -16.66
N PRO D 96 2.89 50.19 -16.11
CA PRO D 96 3.02 51.58 -16.53
C PRO D 96 4.43 52.11 -16.31
N LYS D 97 4.91 52.98 -17.20
CA LYS D 97 6.30 53.41 -17.14
C LYS D 97 6.57 54.26 -15.91
N LYS D 98 5.53 54.80 -15.30
CA LYS D 98 5.68 55.62 -14.11
C LYS D 98 5.36 54.80 -12.87
N VAL D 99 6.11 55.05 -11.79
CA VAL D 99 5.91 54.27 -10.57
C VAL D 99 4.60 54.68 -9.88
N GLU D 100 4.20 55.94 -10.02
CA GLU D 100 2.93 56.36 -9.45
C GLU D 100 1.76 55.70 -10.17
N ASP D 101 1.88 55.49 -11.49
CA ASP D 101 0.78 54.89 -12.23
C ASP D 101 0.72 53.38 -12.00
N ALA D 102 1.86 52.72 -11.86
CA ALA D 102 1.85 51.33 -11.46
C ALA D 102 1.23 51.16 -10.09
N LYS D 103 1.61 52.02 -9.14
CA LYS D 103 0.96 52.00 -7.84
C LYS D 103 -0.52 52.26 -7.98
N ARG D 104 -0.92 53.11 -8.92
CA ARG D 104 -2.34 53.39 -9.11
C ARG D 104 -3.10 52.14 -9.52
N VAL D 105 -2.62 51.44 -10.55
CA VAL D 105 -3.37 50.28 -11.03
C VAL D 105 -3.36 49.17 -10.00
N THR D 106 -2.24 48.98 -9.28
CA THR D 106 -2.20 47.93 -8.27
C THR D 106 -3.08 48.26 -7.07
N ASP D 107 -2.96 49.49 -6.55
CA ASP D 107 -3.85 49.92 -5.48
C ASP D 107 -5.30 49.86 -5.89
N TRP D 108 -5.60 50.05 -7.17
CA TRP D 108 -6.99 49.93 -7.61
C TRP D 108 -7.45 48.49 -7.56
N MET D 109 -6.66 47.58 -8.09
CA MET D 109 -7.05 46.16 -8.01
C MET D 109 -7.23 45.72 -6.57
N CYS D 110 -6.37 46.19 -5.66
CA CYS D 110 -6.54 45.85 -4.25
C CYS D 110 -7.63 46.66 -3.57
N THR D 111 -8.08 47.75 -4.19
CA THR D 111 -9.06 48.61 -3.54
C THR D 111 -10.40 47.93 -3.42
N ASN D 112 -10.82 47.24 -4.47
CA ASN D 112 -12.16 46.73 -4.62
C ASN D 112 -12.15 45.30 -5.10
N PHE D 113 -11.28 44.49 -4.51
CA PHE D 113 -11.29 43.04 -4.70
C PHE D 113 -10.87 42.45 -3.35
N TYR D 114 -11.80 41.76 -2.67
CA TYR D 114 -11.50 41.28 -1.33
C TYR D 114 -10.35 40.30 -1.33
N ASP D 115 -10.39 39.33 -2.23
CA ASP D 115 -9.37 38.28 -2.20
C ASP D 115 -8.00 38.81 -2.57
N ILE D 116 -7.92 39.82 -3.43
CA ILE D 116 -6.62 40.44 -3.72
C ILE D 116 -6.14 41.23 -2.52
N ARG D 117 -7.01 42.03 -1.92
CA ARG D 117 -6.63 42.78 -0.73
C ARG D 117 -6.22 41.84 0.40
N THR D 118 -6.64 40.57 0.33
CA THR D 118 -6.43 39.60 1.39
C THR D 118 -5.42 38.53 1.03
N PHE D 119 -5.56 37.87 -0.11
CA PHE D 119 -4.67 36.77 -0.49
C PHE D 119 -3.62 37.13 -1.53
N GLY D 120 -3.64 38.36 -2.04
CA GLY D 120 -2.65 38.74 -3.03
C GLY D 120 -2.96 38.17 -4.40
N ALA D 121 -2.15 38.58 -5.39
CA ALA D 121 -2.46 38.16 -6.75
C ALA D 121 -1.25 38.30 -7.65
N VAL D 122 -1.20 37.47 -8.69
CA VAL D 122 -0.19 37.53 -9.74
C VAL D 122 -0.88 38.08 -10.98
N MET D 123 -0.78 39.39 -11.19
CA MET D 123 -1.53 40.05 -12.25
C MET D 123 -0.55 40.56 -13.30
N THR D 124 0.41 39.71 -13.67
CA THR D 124 1.35 39.99 -14.75
C THR D 124 0.97 39.12 -15.94
N THR D 125 0.27 39.70 -16.90
CA THR D 125 -0.19 38.96 -18.07
C THR D 125 -0.08 39.92 -19.26
N GLU D 126 -0.70 39.56 -20.39
CA GLU D 126 -0.67 40.42 -21.57
C GLU D 126 -1.01 41.86 -21.24
N VAL D 127 -1.91 42.07 -20.28
CA VAL D 127 -2.12 43.37 -19.65
C VAL D 127 -1.70 43.26 -18.20
N ASN D 128 -0.65 43.98 -17.83
CA ASN D 128 0.05 43.78 -16.57
C ASN D 128 -0.49 44.70 -15.48
N CYS D 129 -0.97 44.13 -14.39
CA CYS D 129 -1.42 44.91 -13.25
C CYS D 129 -0.49 44.82 -12.05
N GLY D 130 0.43 43.87 -12.03
CA GLY D 130 1.43 43.86 -10.99
C GLY D 130 1.46 42.60 -10.15
N GLN D 131 1.85 42.74 -8.89
CA GLN D 131 1.95 41.61 -8.00
C GLN D 131 1.65 42.07 -6.60
N VAL D 132 0.94 41.23 -5.85
CA VAL D 132 0.56 41.51 -4.48
C VAL D 132 0.79 40.24 -3.68
N ARG D 133 1.32 40.37 -2.46
CA ARG D 133 1.50 39.21 -1.59
C ARG D 133 0.26 38.94 -0.74
N GLY D 134 -0.35 39.98 -0.22
CA GLY D 134 -1.54 39.80 0.57
C GLY D 134 -1.17 39.40 1.97
N PRO D 135 -1.75 40.08 2.95
CA PRO D 135 -1.32 39.83 4.33
C PRO D 135 -1.66 38.43 4.82
N VAL D 136 -2.74 37.86 4.33
CA VAL D 136 -3.24 36.60 4.88
C VAL D 136 -2.69 35.45 4.06
N GLN D 137 -1.79 34.69 4.66
CA GLN D 137 -1.25 33.49 4.05
C GLN D 137 -1.77 32.28 4.79
N MET D 138 -1.84 31.17 4.08
CA MET D 138 -2.32 29.93 4.65
C MET D 138 -1.47 28.79 4.13
N ALA D 139 -1.24 27.81 4.99
CA ALA D 139 -0.42 26.65 4.65
C ALA D 139 -1.29 25.42 4.51
N PHE D 140 -0.72 24.38 3.90
CA PHE D 140 -1.43 23.12 3.72
C PHE D 140 -2.01 22.66 5.03
N ALA D 141 -3.21 22.10 4.97
CA ALA D 141 -3.84 21.53 6.16
C ALA D 141 -3.50 20.05 6.22
N ARG D 142 -3.03 19.61 7.38
CA ARG D 142 -2.57 18.25 7.55
C ARG D 142 -3.31 17.61 8.72
N SER D 143 -3.81 16.40 8.50
CA SER D 143 -4.62 15.75 9.51
C SER D 143 -3.77 15.34 10.71
N VAL D 144 -4.43 15.00 11.80
CA VAL D 144 -3.71 14.65 13.01
C VAL D 144 -3.28 13.19 13.02
N GLU D 145 -4.07 12.29 12.41
CA GLU D 145 -3.64 10.92 12.24
C GLU D 145 -3.86 10.51 10.79
N PRO D 146 -3.15 9.48 10.30
CA PRO D 146 -3.23 9.15 8.88
C PRO D 146 -4.63 8.70 8.48
N VAL D 147 -5.15 9.33 7.47
CA VAL D 147 -6.45 8.98 6.94
C VAL D 147 -6.27 7.79 6.02
N VAL D 148 -7.29 6.95 5.95
CA VAL D 148 -7.33 5.81 5.04
C VAL D 148 -8.45 6.05 4.03
N PRO D 149 -8.19 6.76 2.95
CA PRO D 149 -9.22 6.99 1.94
C PRO D 149 -9.66 5.69 1.28
N GLN D 150 -10.98 5.53 1.19
CA GLN D 150 -11.56 4.33 0.60
C GLN D 150 -12.53 4.71 -0.51
N GLU D 151 -12.47 3.94 -1.59
CA GLU D 151 -13.32 4.13 -2.74
C GLU D 151 -14.64 3.40 -2.54
N VAL D 152 -15.75 4.05 -2.89
CA VAL D 152 -17.08 3.49 -2.77
C VAL D 152 -17.66 3.39 -4.16
N SER D 153 -17.79 2.17 -4.66
CA SER D 153 -18.22 1.92 -6.03
C SER D 153 -19.74 2.02 -6.09
N ILE D 154 -20.25 2.90 -6.95
CA ILE D 154 -21.67 3.17 -7.04
C ILE D 154 -22.10 2.97 -8.49
N THR D 155 -23.42 2.91 -8.69
CA THR D 155 -23.98 2.65 -10.01
C THR D 155 -24.85 3.82 -10.44
N ARG D 156 -25.29 3.77 -11.69
CA ARG D 156 -26.19 4.76 -12.25
C ARG D 156 -27.22 4.06 -13.12
N MET D 157 -28.50 4.29 -12.81
CA MET D 157 -29.57 3.63 -13.55
C MET D 157 -29.75 4.24 -14.93
N ALA D 158 -29.04 5.32 -15.24
CA ALA D 158 -29.13 5.94 -16.54
C ALA D 158 -27.80 5.85 -17.28
N VAL D 159 -27.87 6.01 -18.60
CA VAL D 159 -26.68 5.97 -19.45
C VAL D 159 -26.73 7.15 -20.41
N THR D 160 -25.56 7.75 -20.67
CA THR D 160 -25.50 8.90 -21.57
C THR D 160 -25.47 8.44 -23.02
N THR D 161 -24.42 7.73 -23.41
CA THR D 161 -24.33 7.14 -24.74
C THR D 161 -25.24 5.93 -24.81
N LYS D 162 -25.51 5.48 -26.04
CA LYS D 162 -26.47 4.41 -26.22
C LYS D 162 -26.00 3.11 -25.59
N ALA D 163 -26.93 2.42 -24.93
CA ALA D 163 -26.69 1.14 -24.29
C ALA D 163 -28.04 0.56 -23.89
N GLU D 164 -28.14 -0.76 -23.96
CA GLU D 164 -29.45 -1.39 -23.76
C GLU D 164 -29.43 -2.53 -22.75
N ALA D 165 -28.43 -2.63 -21.88
CA ALA D 165 -28.41 -3.63 -20.83
C ALA D 165 -28.34 -3.05 -19.43
N GLU D 166 -27.86 -1.81 -19.28
CA GLU D 166 -27.76 -1.17 -17.98
C GLU D 166 -29.13 -0.67 -17.52
N ASP D 171 -24.47 -8.87 -20.55
CA ASP D 171 -24.83 -7.71 -19.73
C ASP D 171 -23.60 -6.89 -19.38
N ASN D 172 -23.58 -5.64 -19.82
CA ASN D 172 -22.51 -4.70 -19.50
C ASN D 172 -23.01 -3.71 -18.47
N ARG D 173 -22.14 -3.35 -17.53
CA ARG D 173 -22.48 -2.41 -16.47
C ARG D 173 -21.25 -1.64 -16.06
N THR D 174 -21.41 -0.34 -15.82
CA THR D 174 -20.33 0.54 -15.42
C THR D 174 -20.58 1.09 -14.03
N MET D 175 -19.52 1.17 -13.24
CA MET D 175 -19.58 1.63 -11.86
C MET D 175 -18.96 3.01 -11.79
N GLY D 176 -19.61 3.92 -11.05
CA GLY D 176 -18.98 5.16 -10.67
C GLY D 176 -18.06 4.95 -9.49
N ARG D 177 -17.63 6.06 -8.91
CA ARG D 177 -16.79 5.95 -7.73
C ARG D 177 -16.81 7.26 -6.97
N LYS D 178 -16.97 7.16 -5.66
CA LYS D 178 -16.84 8.29 -4.75
C LYS D 178 -15.74 7.96 -3.76
N HIS D 179 -14.69 8.76 -3.76
CA HIS D 179 -13.63 8.64 -2.78
C HIS D 179 -14.03 9.41 -1.54
N ILE D 180 -14.03 8.71 -0.40
CA ILE D 180 -14.47 9.30 0.86
C ILE D 180 -13.36 9.17 1.88
N VAL D 181 -13.38 10.05 2.87
CA VAL D 181 -12.52 9.90 4.03
C VAL D 181 -13.44 9.58 5.20
N PRO D 182 -13.42 8.36 5.73
CA PRO D 182 -14.29 8.06 6.87
C PRO D 182 -14.16 9.05 7.99
N TYR D 183 -12.96 9.51 8.28
CA TYR D 183 -12.80 10.64 9.18
C TYR D 183 -11.40 11.18 9.06
N GLY D 184 -11.27 12.48 9.30
CA GLY D 184 -9.97 13.09 9.48
C GLY D 184 -10.11 14.46 10.09
N LEU D 185 -9.42 14.71 11.19
CA LEU D 185 -9.39 16.03 11.80
C LEU D 185 -8.16 16.75 11.26
N TYR D 186 -8.39 17.79 10.47
CA TYR D 186 -7.33 18.52 9.79
C TYR D 186 -7.01 19.77 10.58
N VAL D 187 -5.75 20.16 10.58
CA VAL D 187 -5.29 21.40 11.21
C VAL D 187 -4.61 22.23 10.16
N ALA D 188 -4.96 23.50 10.08
CA ALA D 188 -4.32 24.44 9.19
C ALA D 188 -3.75 25.61 9.99
N HIS D 189 -2.64 26.14 9.50
CA HIS D 189 -1.99 27.27 10.14
C HIS D 189 -2.07 28.48 9.22
N GLY D 190 -2.12 29.65 9.81
CA GLY D 190 -2.31 30.84 9.02
C GLY D 190 -1.62 32.05 9.58
N PHE D 191 -1.21 32.95 8.70
CA PHE D 191 -0.42 34.11 9.07
C PHE D 191 -1.07 35.35 8.49
N ILE D 192 -1.05 36.43 9.26
CA ILE D 192 -1.59 37.72 8.85
C ILE D 192 -0.58 38.78 9.22
N SER D 193 -0.05 39.48 8.22
CA SER D 193 1.07 40.39 8.42
C SER D 193 0.64 41.81 8.15
N ALA D 194 0.82 42.68 9.15
CA ALA D 194 0.48 44.09 9.06
C ALA D 194 1.25 44.86 7.99
N PRO D 195 2.53 44.56 7.72
CA PRO D 195 3.20 45.25 6.60
C PRO D 195 2.51 45.08 5.25
N LEU D 196 2.20 43.85 4.86
CA LEU D 196 1.49 43.65 3.62
C LEU D 196 0.09 44.25 3.69
N ALA D 197 -0.47 44.36 4.88
CA ALA D 197 -1.74 45.05 5.03
C ALA D 197 -1.61 46.51 4.66
N GLU D 198 -0.68 47.23 5.29
CA GLU D 198 -0.39 48.60 4.89
C GLU D 198 -0.21 48.70 3.39
N LYS D 199 0.37 47.67 2.77
CA LYS D 199 0.50 47.70 1.32
C LYS D 199 -0.84 47.58 0.62
N THR D 200 -1.76 46.74 1.13
CA THR D 200 -3.05 46.53 0.47
C THR D 200 -4.23 47.17 1.17
N GLY D 201 -4.10 47.56 2.42
CA GLY D 201 -5.21 48.19 3.11
C GLY D 201 -6.17 47.22 3.75
N PHE D 202 -5.71 46.04 4.14
CA PHE D 202 -6.53 45.02 4.77
C PHE D 202 -6.97 45.54 6.12
N SER D 203 -8.21 45.98 6.21
CA SER D 203 -8.69 46.71 7.37
C SER D 203 -9.18 45.76 8.45
N ASP D 204 -9.84 46.33 9.47
CA ASP D 204 -10.45 45.51 10.51
C ASP D 204 -11.75 44.90 10.07
N GLU D 205 -12.52 45.59 9.23
CA GLU D 205 -13.73 44.97 8.70
C GLU D 205 -13.39 43.78 7.80
N ASP D 206 -12.31 43.91 7.03
CA ASP D 206 -11.80 42.77 6.27
C ASP D 206 -11.48 41.61 7.21
N LEU D 207 -10.91 41.90 8.37
CA LEU D 207 -10.49 40.85 9.27
C LEU D 207 -11.67 40.19 9.97
N THR D 208 -12.68 40.98 10.35
CA THR D 208 -13.88 40.39 10.94
C THR D 208 -14.62 39.54 9.93
N LEU D 209 -14.76 40.02 8.70
CA LEU D 209 -15.29 39.17 7.66
C LEU D 209 -14.46 37.91 7.52
N PHE D 210 -13.14 38.02 7.72
CA PHE D 210 -12.29 36.84 7.58
C PHE D 210 -12.57 35.82 8.67
N TRP D 211 -12.66 36.26 9.93
CA TRP D 211 -12.92 35.30 10.99
C TRP D 211 -14.29 34.67 10.79
N ASP D 212 -15.29 35.47 10.43
CA ASP D 212 -16.61 34.91 10.16
C ASP D 212 -16.57 33.88 9.05
N ALA D 213 -15.88 34.19 7.95
CA ALA D 213 -15.76 33.22 6.87
C ALA D 213 -15.13 31.94 7.36
N LEU D 214 -14.00 32.05 8.08
CA LEU D 214 -13.31 30.86 8.58
C LEU D 214 -14.25 30.00 9.42
N VAL D 215 -15.06 30.62 10.26
CA VAL D 215 -16.03 29.86 11.04
C VAL D 215 -17.03 29.16 10.13
N ASN D 216 -17.51 29.83 9.10
CA ASN D 216 -18.62 29.36 8.29
C ASN D 216 -18.22 29.04 6.85
N MET D 217 -16.99 28.58 6.63
CA MET D 217 -16.59 28.18 5.29
C MET D 217 -17.41 27.00 4.81
N PHE D 218 -17.69 26.08 5.71
CA PHE D 218 -18.29 24.80 5.34
C PHE D 218 -19.80 24.81 5.50
N GLU D 219 -20.38 25.80 6.16
CA GLU D 219 -21.82 25.82 6.40
C GLU D 219 -22.61 25.98 5.12
N HIS D 220 -21.98 26.38 4.02
CA HIS D 220 -22.70 26.64 2.78
C HIS D 220 -22.00 25.96 1.61
N ASP D 221 -20.85 25.36 1.86
CA ASP D 221 -20.11 24.66 0.84
C ASP D 221 -20.40 23.17 0.96
N ARG D 222 -21.68 22.82 0.79
CA ARG D 222 -22.12 21.44 0.82
C ARG D 222 -22.20 20.92 -0.61
N SER D 223 -21.99 19.63 -0.77
CA SER D 223 -22.12 19.01 -2.09
C SER D 223 -22.22 17.51 -1.92
N ALA D 224 -22.39 16.82 -3.03
CA ALA D 224 -22.52 15.37 -3.04
C ALA D 224 -21.18 14.68 -2.90
N ALA D 225 -20.14 15.41 -2.54
CA ALA D 225 -18.81 14.82 -2.47
C ALA D 225 -18.17 15.01 -1.12
N ARG D 226 -18.53 16.06 -0.39
CA ARG D 226 -17.81 16.44 0.81
C ARG D 226 -18.37 15.84 2.08
N GLY D 227 -19.59 15.32 2.06
CA GLY D 227 -20.14 14.85 3.32
C GLY D 227 -20.35 16.00 4.27
N LEU D 228 -19.88 15.83 5.49
CA LEU D 228 -20.07 16.83 6.54
C LEU D 228 -18.73 17.36 7.00
N MET D 229 -18.33 18.50 6.44
CA MET D 229 -17.16 19.23 6.91
C MET D 229 -17.63 20.31 7.85
N SER D 230 -16.84 20.55 8.90
CA SER D 230 -17.27 21.51 9.90
C SER D 230 -16.06 22.00 10.67
N SER D 231 -16.03 23.31 10.91
CA SER D 231 -14.93 23.93 11.62
C SER D 231 -15.15 23.78 13.12
N ARG D 232 -14.20 23.17 13.76
CA ARG D 232 -14.37 22.79 15.15
C ARG D 232 -13.68 23.73 16.11
N LYS D 233 -12.44 24.10 15.84
CA LYS D 233 -11.73 25.06 16.67
C LYS D 233 -11.21 26.17 15.79
N LEU D 234 -11.11 27.36 16.34
CA LEU D 234 -10.41 28.46 15.69
C LEU D 234 -9.67 29.22 16.78
N ILE D 235 -8.36 29.04 16.83
CA ILE D 235 -7.51 29.67 17.83
C ILE D 235 -6.71 30.75 17.14
N VAL D 236 -6.86 31.99 17.61
CA VAL D 236 -6.26 33.15 16.98
C VAL D 236 -5.32 33.81 17.97
N PHE D 237 -4.12 34.12 17.54
CA PHE D 237 -3.11 34.75 18.37
C PHE D 237 -2.90 36.17 17.87
N LYS D 238 -3.00 37.14 18.77
CA LYS D 238 -2.94 38.55 18.43
C LYS D 238 -1.75 39.18 19.15
N HIS D 239 -0.63 39.28 18.44
CA HIS D 239 0.52 40.00 18.96
C HIS D 239 0.14 41.46 19.18
N GLN D 240 0.92 42.15 20.03
CA GLN D 240 0.66 43.54 20.34
C GLN D 240 1.42 44.51 19.45
N ASN D 241 2.04 44.03 18.36
CA ASN D 241 2.90 44.87 17.55
C ASN D 241 2.63 44.58 16.08
N ARG D 242 2.95 45.56 15.22
CA ARG D 242 2.78 45.35 13.79
C ARG D 242 3.69 44.24 13.29
N LEU D 243 4.96 44.24 13.71
CA LEU D 243 5.83 43.09 13.49
C LEU D 243 5.55 42.10 14.62
N GLY D 244 6.14 40.92 14.54
CA GLY D 244 5.78 39.89 15.48
C GLY D 244 6.03 40.21 16.94
N ASN D 245 5.68 39.27 17.83
CA ASN D 245 5.95 39.42 19.24
C ASN D 245 6.44 38.09 19.82
N ALA D 246 6.51 37.08 18.97
CA ALA D 246 6.94 35.72 19.31
C ALA D 246 7.02 34.90 18.02
N PRO D 247 7.83 33.86 17.97
CA PRO D 247 7.87 33.02 16.77
C PRO D 247 6.53 32.36 16.53
N ALA D 248 6.27 31.99 15.28
CA ALA D 248 4.98 31.39 14.95
C ALA D 248 4.92 29.93 15.34
N HIS D 249 6.03 29.21 15.21
CA HIS D 249 6.03 27.78 15.55
C HIS D 249 5.72 27.56 17.02
N LYS D 250 6.16 28.49 17.87
CA LYS D 250 5.86 28.39 19.30
C LYS D 250 4.37 28.51 19.56
N LEU D 251 3.73 29.49 18.93
CA LEU D 251 2.29 29.65 19.04
C LEU D 251 1.56 28.42 18.54
N PHE D 252 1.94 27.91 17.37
CA PHE D 252 1.30 26.73 16.84
C PHE D 252 1.52 25.50 17.69
N ASP D 253 2.62 25.46 18.43
CA ASP D 253 2.89 24.35 19.34
C ASP D 253 2.15 24.49 20.66
N LEU D 254 1.64 25.68 20.98
CA LEU D 254 0.73 25.78 22.12
C LEU D 254 -0.53 24.93 21.93
N VAL D 255 -0.93 24.68 20.69
CA VAL D 255 -2.15 23.97 20.37
C VAL D 255 -1.84 22.48 20.27
N LYS D 256 -2.21 21.72 21.29
CA LYS D 256 -1.95 20.29 21.33
C LYS D 256 -3.25 19.54 21.01
N VAL D 257 -3.22 18.73 19.96
CA VAL D 257 -4.40 18.02 19.48
C VAL D 257 -4.08 16.54 19.56
N SER D 258 -4.56 15.87 20.61
CA SER D 258 -4.33 14.45 20.80
C SER D 258 -5.66 13.72 20.80
N ARG D 259 -5.63 12.45 21.14
CA ARG D 259 -6.85 11.65 21.22
C ARG D 259 -7.29 11.54 22.67
N ALA D 260 -8.61 11.56 22.87
CA ALA D 260 -9.15 11.53 24.22
C ALA D 260 -8.77 10.22 24.90
N GLU D 261 -8.87 10.20 26.23
CA GLU D 261 -8.52 9.01 26.96
C GLU D 261 -9.48 7.86 26.68
N GLY D 262 -10.76 8.14 26.52
CA GLY D 262 -11.75 7.12 26.35
C GLY D 262 -11.88 6.55 24.96
N SER D 263 -11.12 7.05 23.99
CA SER D 263 -11.19 6.60 22.61
C SER D 263 -10.07 5.60 22.35
N SER D 264 -10.41 4.50 21.69
CA SER D 264 -9.44 3.44 21.44
C SER D 264 -9.30 3.02 19.99
N GLY D 265 -10.38 2.93 19.23
CA GLY D 265 -10.31 2.43 17.87
C GLY D 265 -9.86 3.50 16.92
N PRO D 266 -10.30 3.42 15.66
CA PRO D 266 -10.10 4.54 14.74
C PRO D 266 -10.94 5.73 15.16
N ALA D 267 -10.44 6.93 14.85
CA ALA D 267 -11.19 8.14 15.13
C ALA D 267 -12.32 8.28 14.14
N ARG D 268 -13.52 8.53 14.65
CA ARG D 268 -14.68 8.68 13.80
C ARG D 268 -15.58 9.84 14.17
N SER D 269 -15.20 10.64 15.16
CA SER D 269 -15.94 11.85 15.49
C SER D 269 -15.02 12.76 16.30
N PHE D 270 -15.33 14.05 16.29
CA PHE D 270 -14.52 15.01 17.02
C PHE D 270 -14.49 14.72 18.51
N ALA D 271 -15.41 13.88 19.01
CA ALA D 271 -15.37 13.48 20.40
C ALA D 271 -14.23 12.53 20.70
N ASP D 272 -13.65 11.90 19.67
CA ASP D 272 -12.48 11.04 19.84
C ASP D 272 -11.23 11.83 20.15
N TYR D 273 -11.21 13.12 19.89
CA TYR D 273 -10.02 13.95 20.00
C TYR D 273 -10.17 14.94 21.13
N ALA D 274 -9.07 15.18 21.83
CA ALA D 274 -8.99 16.22 22.85
C ALA D 274 -8.04 17.30 22.36
N VAL D 275 -8.50 18.54 22.37
CA VAL D 275 -7.76 19.67 21.83
C VAL D 275 -7.58 20.69 22.94
N THR D 276 -6.34 20.91 23.35
CA THR D 276 -6.04 21.87 24.40
C THR D 276 -5.13 22.97 23.87
N VAL D 277 -5.15 24.12 24.53
CA VAL D 277 -4.40 25.28 24.09
C VAL D 277 -3.60 25.81 25.27
N GLY D 278 -2.28 25.80 25.13
CA GLY D 278 -1.44 26.29 26.19
C GLY D 278 -1.50 27.80 26.34
N GLN D 279 -0.86 28.29 27.39
CA GLN D 279 -0.88 29.71 27.69
C GLN D 279 0.09 30.46 26.79
N ALA D 280 -0.39 31.56 26.22
CA ALA D 280 0.37 32.32 25.24
C ALA D 280 1.60 32.98 25.87
N PRO D 281 2.55 33.41 25.05
CA PRO D 281 3.70 34.13 25.58
C PRO D 281 3.34 35.49 26.19
N GLU D 282 4.35 36.22 26.62
CA GLU D 282 4.10 37.45 27.37
C GLU D 282 3.44 38.52 26.50
N GLY D 283 3.75 38.58 25.22
CA GLY D 283 3.25 39.65 24.40
C GLY D 283 2.15 39.29 23.43
N VAL D 284 1.50 38.16 23.64
CA VAL D 284 0.47 37.66 22.74
C VAL D 284 -0.80 37.41 23.54
N GLU D 285 -1.95 37.64 22.92
CA GLU D 285 -3.25 37.36 23.51
C GLU D 285 -3.99 36.36 22.64
N VAL D 286 -4.39 35.24 23.23
CA VAL D 286 -5.03 34.15 22.51
C VAL D 286 -6.54 34.30 22.64
N LYS D 287 -7.25 34.16 21.52
CA LYS D 287 -8.70 34.32 21.48
C LYS D 287 -9.32 33.08 20.87
N GLU D 288 -9.63 32.10 21.71
CA GLU D 288 -10.46 30.97 21.34
C GLU D 288 -11.90 31.32 21.69
N MET D 289 -12.54 32.11 20.84
CA MET D 289 -13.93 32.46 21.03
C MET D 289 -14.67 32.21 19.73
N LEU D 290 -13.97 31.60 18.78
CA LEU D 290 -14.49 31.45 17.44
C LEU D 290 -14.68 29.97 17.11
N MET E 1 -38.97 32.38 -10.25
CA MET E 1 -39.66 31.24 -9.65
C MET E 1 -39.60 31.32 -8.13
N THR E 2 -40.64 30.81 -7.48
CA THR E 2 -40.69 30.82 -6.01
C THR E 2 -39.69 29.81 -5.46
N ALA E 3 -39.10 30.14 -4.31
CA ALA E 3 -38.13 29.26 -3.68
C ALA E 3 -38.25 29.40 -2.17
N ILE E 4 -37.67 28.44 -1.45
CA ILE E 4 -37.64 28.54 -0.01
C ILE E 4 -36.74 29.69 0.38
N ALA E 5 -37.07 30.33 1.49
CA ALA E 5 -36.33 31.49 1.95
C ALA E 5 -35.60 31.19 3.23
N ASN E 6 -35.56 29.91 3.63
CA ASN E 6 -34.98 29.52 4.89
C ASN E 6 -34.01 28.36 4.68
N ARG E 7 -33.23 28.08 5.70
CA ARG E 7 -32.25 27.01 5.67
C ARG E 7 -32.74 25.85 6.52
N TYR E 8 -32.55 24.64 6.00
CA TYR E 8 -33.06 23.45 6.67
C TYR E 8 -31.93 22.47 6.94
N GLU E 9 -32.00 21.83 8.09
CA GLU E 9 -31.10 20.76 8.49
C GLU E 9 -31.96 19.63 9.03
N PHE E 10 -31.65 18.40 8.63
CA PHE E 10 -32.50 17.32 9.12
C PHE E 10 -31.68 16.07 9.42
N VAL E 11 -32.15 15.33 10.41
CA VAL E 11 -31.65 14.01 10.75
C VAL E 11 -32.74 13.01 10.45
N LEU E 12 -32.40 11.95 9.71
CA LEU E 12 -33.34 10.89 9.39
C LEU E 12 -32.82 9.58 9.96
N LEU E 13 -33.60 8.97 10.82
CA LEU E 13 -33.31 7.63 11.33
C LEU E 13 -34.16 6.61 10.60
N PHE E 14 -33.52 5.58 10.08
CA PHE E 14 -34.20 4.47 9.45
C PHE E 14 -33.44 3.21 9.77
N ASP E 15 -34.16 2.07 9.80
CA ASP E 15 -33.54 0.82 10.19
C ASP E 15 -33.97 -0.29 9.25
N VAL E 16 -33.26 -1.41 9.36
CA VAL E 16 -33.52 -2.59 8.56
C VAL E 16 -33.68 -3.77 9.52
N GLU E 17 -34.32 -4.83 9.04
CA GLU E 17 -34.61 -5.98 9.89
C GLU E 17 -34.52 -7.21 8.99
N ASN E 18 -33.42 -7.94 9.12
CA ASN E 18 -33.10 -9.08 8.24
C ASN E 18 -33.14 -8.65 6.78
N GLY E 19 -32.42 -7.60 6.45
CA GLY E 19 -32.42 -7.09 5.10
C GLY E 19 -31.06 -6.57 4.69
N ASN E 20 -30.90 -6.40 3.38
CA ASN E 20 -29.70 -5.82 2.83
C ASN E 20 -29.98 -4.37 2.45
N PRO E 21 -29.77 -3.41 3.35
CA PRO E 21 -30.15 -2.01 3.07
C PRO E 21 -29.44 -1.37 1.90
N ASN E 22 -28.23 -1.82 1.57
CA ASN E 22 -27.44 -1.24 0.50
C ASN E 22 -26.36 -2.23 0.09
N GLY E 23 -26.38 -2.68 -1.14
CA GLY E 23 -25.38 -3.62 -1.59
C GLY E 23 -24.12 -2.95 -2.09
N ASP E 24 -23.03 -3.68 -2.00
CA ASP E 24 -21.70 -3.20 -2.36
C ASP E 24 -21.27 -3.81 -3.68
N PRO E 25 -21.13 -3.03 -4.75
CA PRO E 25 -20.76 -3.62 -6.04
C PRO E 25 -19.35 -4.17 -6.05
N ASP E 26 -18.44 -3.58 -5.28
CA ASP E 26 -17.06 -4.04 -5.32
C ASP E 26 -16.84 -5.28 -4.48
N ALA E 27 -17.43 -5.34 -3.29
CA ALA E 27 -17.18 -6.43 -2.35
C ALA E 27 -18.35 -7.41 -2.42
N GLY E 28 -18.31 -8.30 -3.41
CA GLY E 28 -19.41 -9.21 -3.59
C GLY E 28 -20.70 -8.46 -3.78
N ASN E 29 -21.64 -8.70 -2.86
CA ASN E 29 -22.82 -7.86 -2.73
C ASN E 29 -23.19 -7.64 -1.27
N MET E 30 -22.26 -7.90 -0.36
CA MET E 30 -22.57 -7.80 1.05
C MET E 30 -22.78 -6.33 1.41
N PRO E 31 -23.46 -6.05 2.53
CA PRO E 31 -23.76 -4.67 2.86
C PRO E 31 -22.50 -3.86 3.07
N ARG E 32 -22.54 -2.60 2.63
CA ARG E 32 -21.44 -1.69 2.92
C ARG E 32 -21.23 -1.58 4.41
N ILE E 33 -20.02 -1.82 4.86
CA ILE E 33 -19.64 -1.56 6.24
C ILE E 33 -18.37 -0.75 6.24
N ASP E 34 -18.10 -0.09 7.35
CA ASP E 34 -16.84 0.58 7.56
C ASP E 34 -15.76 -0.47 7.83
N PRO E 35 -14.77 -0.61 6.94
CA PRO E 35 -13.83 -1.72 7.06
C PRO E 35 -12.89 -1.65 8.26
N GLU E 36 -13.10 -0.71 9.18
CA GLU E 36 -12.27 -0.59 10.36
C GLU E 36 -13.08 -0.56 11.64
N THR E 37 -14.37 -0.22 11.57
CA THR E 37 -15.19 -0.14 12.76
C THR E 37 -16.39 -1.06 12.64
N GLY E 38 -16.66 -1.52 11.42
CA GLY E 38 -17.75 -2.43 11.17
C GLY E 38 -19.10 -1.78 10.99
N HIS E 39 -19.23 -0.50 11.32
CA HIS E 39 -20.51 0.18 11.14
C HIS E 39 -20.93 0.12 9.68
N GLY E 40 -22.17 -0.32 9.46
CA GLY E 40 -22.68 -0.39 8.11
C GLY E 40 -23.05 0.99 7.60
N LEU E 41 -22.64 1.28 6.38
CA LEU E 41 -22.88 2.56 5.74
C LEU E 41 -23.92 2.38 4.65
N VAL E 42 -24.72 3.41 4.43
CA VAL E 42 -25.64 3.47 3.31
C VAL E 42 -25.29 4.74 2.56
N THR E 43 -25.00 4.63 1.27
CA THR E 43 -24.66 5.80 0.49
C THR E 43 -25.82 6.78 0.49
N ASP E 44 -25.49 8.06 0.37
CA ASP E 44 -26.52 9.08 0.20
C ASP E 44 -27.21 8.95 -1.14
N VAL E 45 -26.49 8.40 -2.12
CA VAL E 45 -27.07 8.08 -3.42
C VAL E 45 -28.22 7.10 -3.30
N CYS E 46 -28.12 6.15 -2.37
CA CYS E 46 -29.22 5.21 -2.16
C CYS E 46 -30.49 5.95 -1.76
N LEU E 47 -30.39 6.80 -0.74
CA LEU E 47 -31.57 7.52 -0.28
C LEU E 47 -32.08 8.48 -1.33
N LYS E 48 -31.17 9.08 -2.11
CA LYS E 48 -31.62 9.92 -3.22
C LYS E 48 -32.42 9.13 -4.23
N ARG E 49 -32.01 7.90 -4.53
CA ARG E 49 -32.79 7.10 -5.47
C ARG E 49 -34.13 6.68 -4.86
N LYS E 50 -34.16 6.38 -3.58
CA LYS E 50 -35.44 6.06 -2.96
C LYS E 50 -36.39 7.25 -3.05
N ILE E 51 -35.89 8.46 -2.83
CA ILE E 51 -36.72 9.65 -2.94
C ILE E 51 -37.16 9.88 -4.37
N ARG E 52 -36.27 9.63 -5.33
CA ARG E 52 -36.63 9.79 -6.73
C ARG E 52 -37.74 8.83 -7.12
N ASN E 53 -37.65 7.58 -6.68
CA ASN E 53 -38.69 6.60 -7.02
C ASN E 53 -40.00 6.94 -6.34
N HIS E 54 -39.95 7.44 -5.10
CA HIS E 54 -41.18 7.87 -4.44
C HIS E 54 -41.84 9.01 -5.19
N VAL E 55 -41.05 9.97 -5.65
CA VAL E 55 -41.63 11.09 -6.38
C VAL E 55 -42.19 10.63 -7.71
N ALA E 56 -41.51 9.71 -8.38
CA ALA E 56 -42.00 9.23 -9.66
C ALA E 56 -43.27 8.39 -9.50
N LEU E 57 -43.42 7.72 -8.36
CA LEU E 57 -44.65 6.98 -8.10
C LEU E 57 -45.80 7.91 -7.80
N THR E 58 -45.61 8.85 -6.87
CA THR E 58 -46.71 9.66 -6.40
C THR E 58 -47.03 10.83 -7.32
N LYS E 59 -46.23 11.07 -8.35
CA LYS E 59 -46.51 12.09 -9.33
C LYS E 59 -46.77 11.53 -10.72
N GLU E 60 -46.58 10.22 -10.91
CA GLU E 60 -46.82 9.53 -12.17
C GLU E 60 -46.19 10.25 -13.36
N GLY E 61 -45.10 10.96 -13.13
CA GLY E 61 -44.53 11.76 -14.19
C GLY E 61 -45.36 12.96 -14.58
N ALA E 62 -45.94 13.65 -13.61
CA ALA E 62 -46.73 14.83 -13.91
C ALA E 62 -45.86 15.91 -14.50
N GLU E 63 -46.48 17.00 -14.91
CA GLU E 63 -45.74 18.07 -15.56
C GLU E 63 -45.08 18.96 -14.52
N ARG E 64 -43.80 19.26 -14.74
CA ARG E 64 -42.91 19.96 -13.83
C ARG E 64 -42.37 19.01 -12.76
N PHE E 65 -42.70 17.73 -12.85
CA PHE E 65 -42.21 16.76 -11.88
C PHE E 65 -41.62 15.51 -12.52
N ASN E 66 -41.07 15.60 -13.71
CA ASN E 66 -40.27 14.50 -14.23
C ASN E 66 -39.06 14.28 -13.33
N ILE E 67 -38.46 13.10 -13.41
CA ILE E 67 -37.59 12.68 -12.32
C ILE E 67 -36.27 12.07 -12.79
N TYR E 68 -35.88 12.29 -14.05
CA TYR E 68 -34.72 11.57 -14.59
C TYR E 68 -34.89 10.07 -14.44
N ILE E 69 -35.81 9.52 -15.24
CA ILE E 69 -36.35 8.17 -15.13
C ILE E 69 -35.27 7.14 -14.88
N GLN E 70 -35.59 6.17 -14.02
CA GLN E 70 -34.68 5.09 -13.62
C GLN E 70 -34.84 3.82 -14.45
N GLU E 71 -36.06 3.35 -14.67
CA GLU E 71 -36.32 2.15 -15.46
C GLU E 71 -35.48 2.11 -16.73
N LYS E 72 -35.40 3.24 -17.44
CA LYS E 72 -34.45 3.44 -18.54
C LYS E 72 -34.53 4.91 -18.95
N ALA E 73 -33.38 5.51 -19.24
CA ALA E 73 -33.33 6.88 -19.70
C ALA E 73 -31.98 7.15 -20.32
N ILE E 74 -32.00 7.95 -21.38
CA ILE E 74 -30.79 8.42 -22.04
C ILE E 74 -30.68 9.90 -21.71
N LEU E 75 -29.67 10.27 -20.95
CA LEU E 75 -29.53 11.66 -20.54
C LEU E 75 -29.27 12.57 -21.73
N ASN E 76 -28.61 12.05 -22.77
CA ASN E 76 -28.34 12.88 -23.94
C ASN E 76 -29.62 13.24 -24.67
N GLU E 77 -30.60 12.34 -24.71
CA GLU E 77 -31.85 12.69 -25.36
C GLU E 77 -32.58 13.77 -24.58
N THR E 78 -32.49 13.74 -23.25
CA THR E 78 -33.11 14.79 -22.46
C THR E 78 -32.40 16.12 -22.67
N HIS E 79 -31.07 16.09 -22.78
CA HIS E 79 -30.34 17.32 -23.04
C HIS E 79 -30.72 17.89 -24.41
N GLU E 80 -30.80 17.04 -25.43
CA GLU E 80 -31.23 17.50 -26.73
C GLU E 80 -32.66 18.04 -26.69
N ARG E 81 -33.51 17.45 -25.84
CA ARG E 81 -34.82 18.04 -25.60
C ARG E 81 -34.67 19.46 -25.10
N ALA E 82 -33.78 19.67 -24.14
CA ALA E 82 -33.58 21.02 -23.60
C ALA E 82 -33.14 21.98 -24.69
N TYR E 83 -32.30 21.51 -25.60
CA TYR E 83 -31.79 22.39 -26.64
C TYR E 83 -32.87 22.74 -27.66
N THR E 84 -33.69 21.76 -28.04
CA THR E 84 -34.76 22.07 -28.99
C THR E 84 -35.84 22.94 -28.37
N ALA E 85 -36.15 22.73 -27.09
CA ALA E 85 -37.26 23.46 -26.48
C ALA E 85 -36.89 24.91 -26.20
N CYS E 86 -35.60 25.26 -26.28
CA CYS E 86 -35.15 26.63 -26.13
C CYS E 86 -34.66 27.24 -27.43
N ASP E 87 -34.78 26.51 -28.55
CA ASP E 87 -34.39 27.00 -29.87
C ASP E 87 -32.89 27.31 -29.91
N LEU E 88 -32.09 26.27 -29.70
CA LEU E 88 -30.65 26.36 -29.82
C LEU E 88 -30.13 25.27 -30.76
N LYS E 89 -28.82 25.27 -30.98
CA LYS E 89 -28.18 24.24 -31.76
C LYS E 89 -27.21 23.45 -30.89
N PRO E 90 -27.57 22.24 -30.49
CA PRO E 90 -26.75 21.52 -29.49
C PRO E 90 -25.48 20.93 -30.08
N GLU E 91 -25.16 21.28 -31.32
CA GLU E 91 -24.02 20.68 -32.00
C GLU E 91 -22.71 20.79 -31.21
N PRO E 92 -22.36 21.90 -30.59
CA PRO E 92 -21.10 21.94 -29.83
C PRO E 92 -21.11 20.94 -28.69
N LYS E 93 -19.91 20.61 -28.22
CA LYS E 93 -19.75 19.76 -27.04
C LYS E 93 -19.65 20.59 -25.77
N LYS E 94 -20.00 21.86 -25.83
CA LYS E 94 -19.92 22.76 -24.70
C LYS E 94 -21.21 23.57 -24.62
N LEU E 95 -21.28 24.42 -23.61
CA LEU E 95 -22.42 25.30 -23.44
C LEU E 95 -22.54 26.23 -24.64
N PRO E 96 -23.66 26.93 -24.81
CA PRO E 96 -23.75 27.93 -25.87
C PRO E 96 -22.68 29.00 -25.72
N LYS E 97 -22.36 29.71 -26.80
CA LYS E 97 -21.35 30.76 -26.74
C LYS E 97 -21.90 32.04 -26.12
N LYS E 98 -23.17 32.04 -25.70
CA LYS E 98 -23.79 33.20 -25.08
C LYS E 98 -24.24 32.82 -23.68
N VAL E 99 -24.13 33.76 -22.74
CA VAL E 99 -24.41 33.44 -21.35
C VAL E 99 -25.90 33.22 -21.11
N GLU E 100 -26.75 34.07 -21.71
CA GLU E 100 -28.18 33.95 -21.46
C GLU E 100 -28.75 32.66 -22.03
N ASP E 101 -28.20 32.20 -23.16
CA ASP E 101 -28.67 30.96 -23.74
C ASP E 101 -28.35 29.77 -22.85
N ALA E 102 -27.10 29.68 -22.37
CA ALA E 102 -26.75 28.61 -21.45
C ALA E 102 -27.60 28.67 -20.19
N LYS E 103 -27.80 29.87 -19.65
CA LYS E 103 -28.62 30.00 -18.45
C LYS E 103 -30.03 29.52 -18.70
N ARG E 104 -30.60 29.84 -19.86
CA ARG E 104 -31.97 29.44 -20.14
C ARG E 104 -32.07 27.93 -20.31
N VAL E 105 -31.07 27.32 -20.96
CA VAL E 105 -31.08 25.86 -21.11
C VAL E 105 -31.03 25.18 -19.75
N THR E 106 -30.13 25.63 -18.87
CA THR E 106 -30.04 25.03 -17.55
C THR E 106 -31.31 25.28 -16.73
N ASP E 107 -31.89 26.47 -16.84
CA ASP E 107 -33.14 26.74 -16.12
C ASP E 107 -34.28 25.90 -16.65
N TRP E 108 -34.26 25.56 -17.93
CA TRP E 108 -35.31 24.70 -18.46
C TRP E 108 -35.11 23.26 -18.02
N MET E 109 -33.85 22.87 -17.81
CA MET E 109 -33.58 21.58 -17.19
C MET E 109 -34.12 21.54 -15.77
N CYS E 110 -33.82 22.57 -14.97
CA CYS E 110 -34.24 22.58 -13.57
C CYS E 110 -35.74 22.78 -13.44
N THR E 111 -36.38 23.43 -14.40
CA THR E 111 -37.76 23.84 -14.23
C THR E 111 -38.70 22.64 -14.30
N ASN E 112 -38.33 21.62 -15.05
CA ASN E 112 -39.22 20.49 -15.27
C ASN E 112 -38.53 19.17 -14.93
N PHE E 113 -37.83 19.13 -13.81
CA PHE E 113 -37.22 17.91 -13.30
C PHE E 113 -37.07 18.09 -11.80
N TYR E 114 -37.83 17.32 -11.03
CA TYR E 114 -37.82 17.51 -9.57
C TYR E 114 -36.46 17.18 -8.99
N ASP E 115 -35.81 16.16 -9.52
CA ASP E 115 -34.57 15.69 -8.91
C ASP E 115 -33.37 16.52 -9.33
N ILE E 116 -33.43 17.18 -10.48
CA ILE E 116 -32.43 18.19 -10.81
C ILE E 116 -32.68 19.44 -9.99
N ARG E 117 -33.94 19.84 -9.88
CA ARG E 117 -34.31 20.99 -9.07
C ARG E 117 -33.95 20.80 -7.62
N THR E 118 -33.74 19.55 -7.19
CA THR E 118 -33.54 19.21 -5.79
C THR E 118 -32.12 18.77 -5.47
N PHE E 119 -31.58 17.77 -6.17
CA PHE E 119 -30.26 17.25 -5.89
C PHE E 119 -29.21 17.74 -6.87
N GLY E 120 -29.56 18.57 -7.84
CA GLY E 120 -28.59 19.04 -8.81
C GLY E 120 -28.20 17.96 -9.80
N ALA E 121 -27.35 18.29 -10.77
CA ALA E 121 -26.97 17.30 -11.77
C ALA E 121 -25.75 17.79 -12.52
N VAL E 122 -25.11 16.85 -13.23
CA VAL E 122 -23.94 17.13 -14.06
C VAL E 122 -24.32 16.74 -15.47
N MET E 123 -24.67 17.74 -16.27
CA MET E 123 -25.11 17.55 -17.65
C MET E 123 -24.10 18.17 -18.59
N THR E 124 -22.83 17.87 -18.35
CA THR E 124 -21.74 18.25 -19.25
C THR E 124 -21.32 17.00 -20.00
N THR E 125 -21.81 16.88 -21.23
CA THR E 125 -21.54 15.70 -22.06
C THR E 125 -21.56 16.10 -23.53
N GLU E 126 -21.70 15.13 -24.43
CA GLU E 126 -21.78 15.43 -25.85
C GLU E 126 -22.78 16.53 -26.16
N VAL E 127 -23.81 16.68 -25.34
CA VAL E 127 -24.75 17.79 -25.42
C VAL E 127 -24.83 18.43 -24.03
N ASN E 128 -23.99 19.42 -23.79
CA ASN E 128 -23.81 19.99 -22.47
C ASN E 128 -24.99 20.88 -22.10
N CYS E 129 -25.62 20.57 -20.97
CA CYS E 129 -26.59 21.47 -20.36
C CYS E 129 -26.09 22.12 -19.09
N GLY E 130 -24.92 21.74 -18.59
CA GLY E 130 -24.33 22.47 -17.49
C GLY E 130 -24.21 21.74 -16.18
N GLN E 131 -24.31 22.48 -15.08
CA GLN E 131 -24.11 21.93 -13.76
C GLN E 131 -25.06 22.61 -12.80
N VAL E 132 -25.63 21.81 -11.90
CA VAL E 132 -26.49 22.33 -10.84
C VAL E 132 -26.06 21.68 -9.55
N ARG E 133 -25.92 22.47 -8.49
CA ARG E 133 -25.53 21.87 -7.23
C ARG E 133 -26.71 21.26 -6.49
N GLY E 134 -27.88 21.85 -6.63
CA GLY E 134 -29.04 21.36 -5.93
C GLY E 134 -29.02 21.81 -4.51
N PRO E 135 -30.11 22.32 -4.03
CA PRO E 135 -30.18 22.75 -2.65
C PRO E 135 -30.02 21.61 -1.67
N VAL E 136 -30.73 20.51 -1.91
CA VAL E 136 -30.85 19.44 -0.93
C VAL E 136 -29.64 18.52 -1.07
N GLN E 137 -28.91 18.34 0.02
CA GLN E 137 -27.77 17.45 0.09
C GLN E 137 -27.96 16.46 1.22
N MET E 138 -27.61 15.21 0.96
CA MET E 138 -27.62 14.18 1.98
C MET E 138 -26.22 13.58 2.07
N ALA E 139 -25.81 13.24 3.28
CA ALA E 139 -24.53 12.60 3.52
C ALA E 139 -24.77 11.13 3.80
N PHE E 140 -23.68 10.35 3.79
CA PHE E 140 -23.78 8.92 4.00
C PHE E 140 -24.54 8.62 5.28
N ALA E 141 -25.29 7.52 5.27
CA ALA E 141 -25.98 7.06 6.45
C ALA E 141 -25.12 6.01 7.15
N ARG E 142 -24.86 6.23 8.43
CA ARG E 142 -23.97 5.35 9.18
C ARG E 142 -24.70 4.80 10.39
N SER E 143 -24.69 3.47 10.52
CA SER E 143 -25.44 2.81 11.57
C SER E 143 -24.97 3.25 12.95
N VAL E 144 -25.86 3.10 13.93
CA VAL E 144 -25.52 3.52 15.29
C VAL E 144 -24.51 2.57 15.92
N GLU E 145 -24.59 1.28 15.63
CA GLU E 145 -23.72 0.27 16.21
C GLU E 145 -23.23 -0.67 15.11
N PRO E 146 -22.07 -1.28 15.29
CA PRO E 146 -21.49 -2.09 14.22
C PRO E 146 -22.42 -3.22 13.79
N VAL E 147 -22.76 -3.24 12.54
CA VAL E 147 -23.57 -4.32 11.99
C VAL E 147 -22.67 -5.53 11.75
N VAL E 148 -23.20 -6.70 12.04
CA VAL E 148 -22.50 -7.96 11.84
C VAL E 148 -23.22 -8.70 10.72
N PRO E 149 -22.95 -8.39 9.46
CA PRO E 149 -23.68 -9.01 8.37
C PRO E 149 -23.49 -10.51 8.39
N GLN E 150 -24.57 -11.25 8.15
CA GLN E 150 -24.49 -12.70 8.13
C GLN E 150 -24.99 -13.20 6.79
N GLU E 151 -24.15 -13.91 6.07
CA GLU E 151 -24.56 -14.53 4.83
C GLU E 151 -25.58 -15.63 5.10
N VAL E 152 -26.46 -15.85 4.13
CA VAL E 152 -27.49 -16.87 4.21
C VAL E 152 -27.41 -17.66 2.92
N SER E 153 -26.83 -18.84 2.99
CA SER E 153 -26.72 -19.71 1.82
C SER E 153 -28.07 -20.32 1.53
N ILE E 154 -28.56 -20.14 0.31
CA ILE E 154 -29.87 -20.63 -0.09
C ILE E 154 -29.72 -21.42 -1.37
N THR E 155 -30.72 -22.23 -1.69
CA THR E 155 -30.67 -23.08 -2.86
C THR E 155 -31.74 -22.69 -3.88
N ARG E 156 -31.84 -23.49 -4.94
CA ARG E 156 -32.83 -23.27 -5.99
C ARG E 156 -33.16 -24.60 -6.65
N MET E 157 -34.45 -24.84 -6.88
CA MET E 157 -34.86 -26.08 -7.52
C MET E 157 -34.96 -25.92 -9.03
N ALA E 158 -33.92 -25.40 -9.67
CA ALA E 158 -33.97 -25.22 -11.12
C ALA E 158 -32.56 -24.91 -11.61
N VAL E 159 -32.33 -25.22 -12.88
CA VAL E 159 -31.05 -25.00 -13.53
C VAL E 159 -31.27 -24.02 -14.66
N THR E 160 -30.39 -23.03 -14.78
CA THR E 160 -30.55 -21.95 -15.75
C THR E 160 -29.74 -22.18 -17.02
N THR E 161 -29.09 -23.33 -17.15
CA THR E 161 -28.26 -23.61 -18.33
C THR E 161 -28.64 -24.97 -18.89
N LYS E 162 -28.32 -25.16 -20.17
CA LYS E 162 -28.50 -26.45 -20.84
C LYS E 162 -27.32 -27.36 -20.49
N ALA E 163 -27.12 -27.55 -19.19
CA ALA E 163 -26.02 -28.37 -18.70
C ALA E 163 -26.51 -29.20 -17.52
N GLU E 164 -25.97 -30.40 -17.40
CA GLU E 164 -26.37 -31.34 -16.37
C GLU E 164 -25.48 -31.13 -15.14
N ALA E 165 -26.04 -30.44 -14.14
CA ALA E 165 -25.35 -30.25 -12.87
C ALA E 165 -26.33 -30.37 -11.71
N GLU E 166 -27.46 -31.03 -11.94
CA GLU E 166 -28.50 -31.18 -10.93
C GLU E 166 -29.59 -32.15 -11.39
N ASP E 171 -27.39 -34.99 -5.35
CA ASP E 171 -25.94 -35.02 -5.53
C ASP E 171 -25.40 -33.61 -5.63
N ASN E 172 -25.24 -33.12 -6.85
CA ASN E 172 -24.73 -31.78 -7.12
C ASN E 172 -25.91 -30.81 -7.26
N ARG E 173 -25.81 -29.67 -6.59
CA ARG E 173 -26.90 -28.72 -6.51
C ARG E 173 -26.36 -27.30 -6.66
N THR E 174 -27.25 -26.40 -7.08
CA THR E 174 -26.91 -24.98 -7.19
C THR E 174 -27.09 -24.28 -5.84
N MET E 175 -26.30 -23.24 -5.63
CA MET E 175 -26.28 -22.55 -4.35
C MET E 175 -26.23 -21.05 -4.59
N GLY E 176 -27.17 -20.32 -4.00
CA GLY E 176 -27.15 -18.87 -3.99
C GLY E 176 -26.64 -18.34 -2.67
N ARG E 177 -26.88 -17.06 -2.45
CA ARG E 177 -26.53 -16.44 -1.17
C ARG E 177 -27.36 -15.19 -0.99
N LYS E 178 -27.56 -14.83 0.27
CA LYS E 178 -28.24 -13.59 0.63
C LYS E 178 -27.50 -13.00 1.81
N HIS E 179 -27.21 -11.71 1.71
CA HIS E 179 -26.55 -10.99 2.78
C HIS E 179 -27.58 -10.15 3.50
N ILE E 180 -27.88 -10.53 4.74
CA ILE E 180 -28.88 -9.83 5.51
C ILE E 180 -28.22 -9.21 6.72
N VAL E 181 -28.59 -7.97 7.01
CA VAL E 181 -28.26 -7.31 8.26
C VAL E 181 -29.35 -7.68 9.26
N PRO E 182 -29.06 -8.47 10.29
CA PRO E 182 -30.11 -8.85 11.22
C PRO E 182 -30.85 -7.69 11.82
N TYR E 183 -30.15 -6.58 12.08
CA TYR E 183 -30.78 -5.33 12.46
C TYR E 183 -29.74 -4.23 12.42
N GLY E 184 -30.08 -3.10 11.85
CA GLY E 184 -29.21 -1.94 11.89
C GLY E 184 -30.02 -0.67 11.82
N LEU E 185 -29.82 0.18 12.81
CA LEU E 185 -30.45 1.48 12.86
C LEU E 185 -29.47 2.51 12.31
N TYR E 186 -29.88 3.21 11.26
CA TYR E 186 -29.01 4.12 10.54
C TYR E 186 -29.42 5.55 10.82
N VAL E 187 -28.48 6.48 10.62
CA VAL E 187 -28.71 7.91 10.85
C VAL E 187 -28.11 8.68 9.69
N ALA E 188 -28.95 9.35 8.91
CA ALA E 188 -28.53 10.09 7.73
C ALA E 188 -28.76 11.57 7.94
N HIS E 189 -27.79 12.38 7.52
CA HIS E 189 -27.84 13.83 7.68
C HIS E 189 -28.17 14.50 6.35
N GLY E 190 -28.74 15.70 6.45
CA GLY E 190 -29.21 16.38 5.26
C GLY E 190 -29.16 17.88 5.40
N PHE E 191 -29.02 18.56 4.26
CA PHE E 191 -28.81 20.00 4.22
C PHE E 191 -29.66 20.56 3.08
N ILE E 192 -30.30 21.71 3.30
CA ILE E 192 -30.97 22.44 2.22
C ILE E 192 -30.55 23.89 2.30
N SER E 193 -29.92 24.40 1.24
CA SER E 193 -29.35 25.74 1.24
C SER E 193 -30.21 26.66 0.40
N ALA E 194 -30.65 27.76 1.00
CA ALA E 194 -31.51 28.70 0.30
C ALA E 194 -30.87 29.35 -0.92
N PRO E 195 -29.57 29.67 -0.95
CA PRO E 195 -28.99 30.21 -2.19
C PRO E 195 -29.13 29.30 -3.41
N LEU E 196 -28.72 28.04 -3.31
CA LEU E 196 -28.89 27.16 -4.46
C LEU E 196 -30.36 26.94 -4.77
N ALA E 197 -31.21 26.93 -3.74
CA ALA E 197 -32.64 26.78 -3.97
C ALA E 197 -33.19 27.96 -4.76
N GLU E 198 -32.62 29.14 -4.58
CA GLU E 198 -32.94 30.27 -5.44
C GLU E 198 -32.41 30.04 -6.84
N LYS E 199 -31.19 29.53 -6.95
CA LYS E 199 -30.61 29.27 -8.27
C LYS E 199 -31.44 28.26 -9.04
N THR E 200 -32.26 27.46 -8.36
CA THR E 200 -33.05 26.43 -9.01
C THR E 200 -34.56 26.59 -8.88
N GLY E 201 -35.04 27.42 -7.98
CA GLY E 201 -36.47 27.51 -7.76
C GLY E 201 -37.04 26.35 -6.99
N PHE E 202 -36.32 25.84 -6.00
CA PHE E 202 -36.81 24.77 -5.16
C PHE E 202 -37.94 25.31 -4.29
N SER E 203 -39.18 25.04 -4.71
CA SER E 203 -40.35 25.71 -4.15
C SER E 203 -40.67 25.17 -2.77
N ASP E 204 -41.81 25.61 -2.23
CA ASP E 204 -42.34 25.02 -1.01
C ASP E 204 -43.05 23.71 -1.28
N GLU E 205 -43.76 23.60 -2.40
CA GLU E 205 -44.33 22.32 -2.80
C GLU E 205 -43.24 21.28 -2.98
N ASP E 206 -42.08 21.69 -3.49
CA ASP E 206 -40.95 20.77 -3.58
C ASP E 206 -40.50 20.31 -2.22
N LEU E 207 -40.54 21.19 -1.22
CA LEU E 207 -40.08 20.82 0.12
C LEU E 207 -41.08 19.90 0.82
N THR E 208 -42.38 20.14 0.63
CA THR E 208 -43.36 19.23 1.21
C THR E 208 -43.30 17.87 0.53
N LEU E 209 -43.11 17.84 -0.79
CA LEU E 209 -42.89 16.58 -1.47
C LEU E 209 -41.66 15.87 -0.95
N PHE E 210 -40.61 16.63 -0.62
CA PHE E 210 -39.39 16.01 -0.08
C PHE E 210 -39.63 15.43 1.32
N TRP E 211 -40.26 16.18 2.21
CA TRP E 211 -40.55 15.63 3.53
C TRP E 211 -41.43 14.39 3.42
N ASP E 212 -42.42 14.42 2.52
CA ASP E 212 -43.25 13.24 2.31
C ASP E 212 -42.41 12.07 1.84
N ALA E 213 -41.52 12.30 0.89
CA ALA E 213 -40.64 11.23 0.43
C ALA E 213 -39.84 10.64 1.57
N LEU E 214 -39.14 11.49 2.32
CA LEU E 214 -38.36 10.99 3.45
C LEU E 214 -39.19 10.15 4.39
N VAL E 215 -40.43 10.57 4.68
CA VAL E 215 -41.25 9.80 5.60
C VAL E 215 -41.64 8.47 5.00
N ASN E 216 -41.88 8.43 3.69
CA ASN E 216 -42.38 7.24 3.02
C ASN E 216 -41.42 6.71 1.96
N MET E 217 -40.11 6.82 2.22
CA MET E 217 -39.15 6.29 1.26
C MET E 217 -39.32 4.81 1.06
N PHE E 218 -39.38 4.05 2.14
CA PHE E 218 -39.29 2.60 2.11
C PHE E 218 -40.62 1.90 2.00
N GLU E 219 -41.73 2.63 1.95
CA GLU E 219 -43.03 1.96 1.94
C GLU E 219 -43.27 1.26 0.62
N HIS E 220 -42.53 1.63 -0.42
CA HIS E 220 -42.71 1.04 -1.74
C HIS E 220 -41.42 0.48 -2.30
N ASP E 221 -40.33 0.55 -1.54
CA ASP E 221 -39.07 -0.06 -1.94
C ASP E 221 -38.94 -1.37 -1.18
N ARG E 222 -39.63 -2.39 -1.65
CA ARG E 222 -39.61 -3.71 -1.04
C ARG E 222 -39.13 -4.72 -2.07
N SER E 223 -38.38 -5.71 -1.60
CA SER E 223 -37.95 -6.78 -2.48
C SER E 223 -37.57 -7.99 -1.63
N ALA E 224 -37.11 -9.03 -2.31
CA ALA E 224 -36.64 -10.22 -1.61
C ALA E 224 -35.33 -9.96 -0.89
N ALA E 225 -34.68 -8.83 -1.14
CA ALA E 225 -33.36 -8.57 -0.63
C ALA E 225 -33.33 -7.46 0.40
N ARG E 226 -34.44 -6.80 0.66
CA ARG E 226 -34.42 -5.64 1.54
C ARG E 226 -35.11 -5.85 2.88
N GLY E 227 -35.89 -6.91 3.04
CA GLY E 227 -36.54 -7.13 4.31
C GLY E 227 -37.47 -6.01 4.70
N LEU E 228 -37.37 -5.56 5.95
CA LEU E 228 -38.27 -4.54 6.46
C LEU E 228 -37.48 -3.27 6.76
N MET E 229 -37.51 -2.31 5.84
CA MET E 229 -36.89 -1.01 6.04
C MET E 229 -37.97 -0.03 6.44
N SER E 230 -37.69 0.77 7.48
CA SER E 230 -38.71 1.64 8.04
C SER E 230 -38.06 2.95 8.47
N SER E 231 -38.78 4.03 8.24
CA SER E 231 -38.37 5.36 8.66
C SER E 231 -38.90 5.64 10.07
N ARG E 232 -37.98 5.78 11.00
CA ARG E 232 -38.33 5.70 12.40
C ARG E 232 -38.41 7.06 13.08
N LYS E 233 -37.55 7.98 12.69
CA LYS E 233 -37.55 9.34 13.22
C LYS E 233 -37.14 10.27 12.11
N LEU E 234 -37.67 11.48 12.10
CA LEU E 234 -37.26 12.53 11.19
C LEU E 234 -37.32 13.86 11.92
N ILE E 235 -36.14 14.39 12.26
CA ILE E 235 -36.01 15.66 12.96
C ILE E 235 -35.55 16.69 11.95
N VAL E 236 -36.26 17.81 11.87
CA VAL E 236 -36.01 18.84 10.87
C VAL E 236 -35.70 20.14 11.59
N PHE E 237 -34.63 20.81 11.17
CA PHE E 237 -34.23 22.09 11.75
C PHE E 237 -34.43 23.17 10.70
N LYS E 238 -35.34 24.11 10.96
CA LYS E 238 -35.52 25.27 10.10
C LYS E 238 -34.90 26.47 10.79
N HIS E 239 -34.03 27.18 10.08
CA HIS E 239 -33.51 28.41 10.64
C HIS E 239 -34.42 29.57 10.26
N GLN E 240 -34.24 30.70 10.93
CA GLN E 240 -35.02 31.89 10.66
C GLN E 240 -34.36 32.79 9.64
N ASN E 241 -33.33 32.31 8.95
CA ASN E 241 -32.58 33.07 7.97
C ASN E 241 -32.28 32.21 6.76
N ARG E 242 -31.78 32.85 5.71
CA ARG E 242 -31.35 32.13 4.52
C ARG E 242 -29.95 31.56 4.67
N LEU E 243 -29.11 32.18 5.49
CA LEU E 243 -27.87 31.59 5.96
C LEU E 243 -28.05 31.30 7.43
N GLY E 244 -27.80 30.05 7.81
CA GLY E 244 -28.29 29.55 9.07
C GLY E 244 -27.80 30.31 10.27
N ASN E 245 -28.45 30.06 11.40
CA ASN E 245 -28.11 30.70 12.66
C ASN E 245 -27.37 29.80 13.63
N ALA E 246 -26.89 28.65 13.18
CA ALA E 246 -26.14 27.73 14.03
C ALA E 246 -25.37 26.77 13.14
N PRO E 247 -24.20 26.31 13.58
CA PRO E 247 -23.45 25.33 12.80
C PRO E 247 -24.15 23.99 12.76
N ALA E 248 -24.08 23.34 11.59
CA ALA E 248 -24.83 22.11 11.39
C ALA E 248 -24.49 21.05 12.42
N HIS E 249 -23.22 20.93 12.79
CA HIS E 249 -22.85 19.92 13.77
C HIS E 249 -23.47 20.20 15.13
N LYS E 250 -23.63 21.49 15.47
CA LYS E 250 -24.31 21.83 16.72
C LYS E 250 -25.71 21.25 16.77
N LEU E 251 -26.38 21.21 15.63
CA LEU E 251 -27.77 20.75 15.59
C LEU E 251 -27.83 19.24 15.47
N PHE E 252 -26.90 18.65 14.72
CA PHE E 252 -26.86 17.19 14.61
C PHE E 252 -26.51 16.55 15.94
N ASP E 253 -25.70 17.22 16.76
CA ASP E 253 -25.40 16.72 18.08
C ASP E 253 -26.55 16.88 19.06
N LEU E 254 -27.73 17.28 18.59
CA LEU E 254 -28.89 17.32 19.46
C LEU E 254 -29.65 16.01 19.43
N VAL E 255 -29.63 15.31 18.30
CA VAL E 255 -30.31 14.03 18.17
C VAL E 255 -29.36 12.97 18.71
N LYS E 256 -29.53 12.62 19.98
CA LYS E 256 -28.68 11.64 20.63
C LYS E 256 -29.39 10.30 20.61
N VAL E 257 -28.68 9.27 20.14
CA VAL E 257 -29.23 7.93 19.98
C VAL E 257 -28.43 7.00 20.89
N SER E 258 -29.08 6.46 21.90
CA SER E 258 -28.48 5.52 22.84
C SER E 258 -29.30 4.24 22.85
N ARG E 259 -28.95 3.34 23.76
CA ARG E 259 -29.68 2.08 23.88
C ARG E 259 -30.36 1.99 25.23
N ALA E 260 -31.63 1.59 25.21
CA ALA E 260 -32.46 1.58 26.40
C ALA E 260 -31.90 0.61 27.44
N GLU E 261 -32.24 0.87 28.70
CA GLU E 261 -31.71 0.08 29.80
C GLU E 261 -32.16 -1.37 29.77
N GLY E 262 -33.33 -1.66 29.22
CA GLY E 262 -33.87 -3.01 29.31
C GLY E 262 -33.13 -3.99 28.42
N SER E 263 -32.50 -3.50 27.36
CA SER E 263 -31.84 -4.35 26.38
C SER E 263 -30.36 -4.45 26.69
N SER E 264 -29.81 -5.65 26.55
CA SER E 264 -28.40 -5.89 26.86
C SER E 264 -27.61 -6.52 25.73
N GLY E 265 -28.22 -7.41 24.95
CA GLY E 265 -27.50 -8.06 23.88
C GLY E 265 -27.36 -7.13 22.69
N PRO E 266 -27.06 -7.68 21.53
CA PRO E 266 -27.07 -6.86 20.31
C PRO E 266 -28.47 -6.34 20.04
N ALA E 267 -28.57 -5.16 19.44
CA ALA E 267 -29.87 -4.59 19.14
C ALA E 267 -30.56 -5.40 18.06
N ARG E 268 -31.87 -5.62 18.24
CA ARG E 268 -32.64 -6.38 17.27
C ARG E 268 -33.96 -5.70 16.93
N SER E 269 -34.35 -4.66 17.65
CA SER E 269 -35.57 -3.94 17.35
C SER E 269 -35.36 -2.49 17.71
N PHE E 270 -36.21 -1.61 17.16
CA PHE E 270 -36.12 -0.20 17.50
C PHE E 270 -36.47 0.07 18.96
N ALA E 271 -37.06 -0.90 19.64
CA ALA E 271 -37.33 -0.74 21.07
C ALA E 271 -36.07 -0.82 21.91
N ASP E 272 -34.96 -1.30 21.36
CA ASP E 272 -33.69 -1.31 22.06
C ASP E 272 -33.04 0.06 22.09
N TYR E 273 -33.52 0.99 21.28
CA TYR E 273 -32.88 2.29 21.10
C TYR E 273 -33.74 3.40 21.68
N ALA E 274 -33.09 4.42 22.22
CA ALA E 274 -33.75 5.60 22.75
C ALA E 274 -33.17 6.83 22.06
N VAL E 275 -34.05 7.67 21.53
CA VAL E 275 -33.66 8.84 20.77
C VAL E 275 -34.17 10.07 21.51
N THR E 276 -33.29 11.02 21.77
CA THR E 276 -33.68 12.28 22.39
C THR E 276 -33.20 13.45 21.55
N VAL E 277 -34.02 14.49 21.45
CA VAL E 277 -33.71 15.67 20.67
C VAL E 277 -33.67 16.87 21.60
N GLY E 278 -32.52 17.55 21.63
CA GLY E 278 -32.33 18.65 22.54
C GLY E 278 -33.04 19.91 22.11
N GLN E 279 -32.83 20.96 22.89
CA GLN E 279 -33.43 22.26 22.62
C GLN E 279 -32.62 22.99 21.56
N ALA E 280 -33.30 23.48 20.54
CA ALA E 280 -32.62 24.19 19.47
C ALA E 280 -32.13 25.54 19.98
N PRO E 281 -31.10 26.08 19.35
CA PRO E 281 -30.59 27.40 19.77
C PRO E 281 -31.60 28.53 19.57
N GLU E 282 -31.20 29.74 19.92
CA GLU E 282 -32.13 30.86 19.94
C GLU E 282 -32.67 31.21 18.57
N GLY E 283 -31.96 30.84 17.50
CA GLY E 283 -32.38 31.20 16.16
C GLY E 283 -32.92 30.08 15.30
N VAL E 284 -33.00 28.86 15.80
CA VAL E 284 -33.42 27.71 15.00
C VAL E 284 -34.66 27.10 15.64
N GLU E 285 -35.54 26.55 14.80
CA GLU E 285 -36.75 25.88 15.23
C GLU E 285 -36.69 24.43 14.84
N VAL E 286 -36.82 23.53 15.82
CA VAL E 286 -36.75 22.10 15.61
C VAL E 286 -38.17 21.55 15.58
N LYS E 287 -38.47 20.75 14.56
CA LYS E 287 -39.76 20.08 14.45
C LYS E 287 -39.50 18.59 14.24
N GLU E 288 -40.03 17.77 15.13
CA GLU E 288 -40.01 16.32 14.99
C GLU E 288 -41.43 15.81 14.98
N MET E 289 -42.07 15.85 13.83
CA MET E 289 -43.47 15.47 13.74
C MET E 289 -43.67 14.61 12.50
N LEU E 290 -42.57 14.14 11.94
CA LEU E 290 -42.62 13.43 10.68
C LEU E 290 -42.16 11.98 10.87
N MET F 1 -56.12 -7.86 -17.51
CA MET F 1 -55.74 -8.26 -16.17
C MET F 1 -56.01 -7.15 -15.17
N THR F 2 -57.17 -7.21 -14.51
CA THR F 2 -57.49 -6.25 -13.47
C THR F 2 -56.76 -6.61 -12.18
N ALA F 3 -55.96 -5.67 -11.69
CA ALA F 3 -55.13 -5.93 -10.53
C ALA F 3 -55.76 -5.30 -9.30
N ILE F 4 -55.29 -5.72 -8.13
CA ILE F 4 -55.82 -5.16 -6.90
C ILE F 4 -55.49 -3.69 -6.82
N ALA F 5 -56.41 -2.92 -6.24
CA ALA F 5 -56.21 -1.50 -6.03
C ALA F 5 -56.13 -1.16 -4.55
N ASN F 6 -55.45 -1.98 -3.78
CA ASN F 6 -55.31 -1.78 -2.34
C ASN F 6 -53.91 -2.16 -1.90
N ARG F 7 -53.48 -1.61 -0.78
CA ARG F 7 -52.23 -2.02 -0.18
C ARG F 7 -52.52 -3.04 0.92
N TYR F 8 -51.69 -4.08 0.98
CA TYR F 8 -51.93 -5.18 1.89
C TYR F 8 -50.70 -5.45 2.73
N GLU F 9 -50.94 -5.92 3.95
CA GLU F 9 -49.91 -6.22 4.91
C GLU F 9 -50.35 -7.44 5.70
N PHE F 10 -49.66 -8.56 5.53
CA PHE F 10 -50.09 -9.75 6.24
C PHE F 10 -49.01 -10.16 7.21
N VAL F 11 -49.44 -10.53 8.41
CA VAL F 11 -48.56 -11.08 9.44
C VAL F 11 -48.96 -12.53 9.62
N LEU F 12 -48.10 -13.43 9.17
CA LEU F 12 -48.36 -14.86 9.26
C LEU F 12 -47.63 -15.44 10.46
N LEU F 13 -48.34 -16.24 11.24
CA LEU F 13 -47.76 -17.02 12.31
C LEU F 13 -47.74 -18.48 11.90
N PHE F 14 -46.66 -19.17 12.21
CA PHE F 14 -46.64 -20.62 12.12
C PHE F 14 -45.68 -21.14 13.17
N ASP F 15 -45.79 -22.45 13.44
CA ASP F 15 -44.98 -23.05 14.48
C ASP F 15 -44.50 -24.42 14.00
N VAL F 16 -43.65 -25.05 14.80
CA VAL F 16 -43.11 -26.36 14.47
C VAL F 16 -42.93 -27.13 15.75
N GLU F 17 -43.14 -28.45 15.68
CA GLU F 17 -42.96 -29.32 16.84
C GLU F 17 -42.11 -30.50 16.41
N ASN F 18 -40.96 -30.67 17.04
CA ASN F 18 -40.03 -31.76 16.74
C ASN F 18 -39.74 -31.85 15.24
N GLY F 19 -39.33 -30.73 14.67
CA GLY F 19 -39.03 -30.73 13.25
C GLY F 19 -37.93 -29.75 12.93
N ASN F 20 -37.60 -29.68 11.65
CA ASN F 20 -36.62 -28.74 11.15
C ASN F 20 -37.30 -27.88 10.09
N PRO F 21 -37.82 -26.70 10.41
CA PRO F 21 -38.55 -25.92 9.42
C PRO F 21 -37.70 -25.48 8.25
N ASN F 22 -36.45 -25.12 8.50
CA ASN F 22 -35.56 -24.69 7.43
C ASN F 22 -34.15 -25.15 7.76
N GLY F 23 -33.46 -25.73 6.79
CA GLY F 23 -32.12 -26.21 7.04
C GLY F 23 -31.07 -25.28 6.48
N ASP F 24 -29.96 -25.20 7.20
CA ASP F 24 -28.88 -24.29 6.88
C ASP F 24 -27.81 -25.06 6.13
N PRO F 25 -27.60 -24.80 4.83
CA PRO F 25 -26.51 -25.46 4.12
C PRO F 25 -25.13 -25.16 4.68
N ASP F 26 -24.99 -24.10 5.47
CA ASP F 26 -23.69 -23.75 6.03
C ASP F 26 -23.41 -24.60 7.26
N ALA F 27 -24.24 -24.47 8.29
CA ALA F 27 -24.04 -25.19 9.54
C ALA F 27 -24.68 -26.56 9.45
N GLY F 28 -23.97 -27.51 8.83
CA GLY F 28 -24.49 -28.84 8.64
C GLY F 28 -25.80 -28.79 7.88
N ASN F 29 -26.83 -29.41 8.44
CA ASN F 29 -28.21 -29.14 8.06
C ASN F 29 -29.01 -28.62 9.23
N MET F 30 -28.34 -28.09 10.24
CA MET F 30 -28.99 -27.67 11.46
C MET F 30 -30.03 -26.60 11.15
N PRO F 31 -31.03 -26.42 12.01
CA PRO F 31 -31.99 -25.33 11.83
C PRO F 31 -31.32 -23.96 11.77
N ARG F 32 -31.71 -23.15 10.78
CA ARG F 32 -31.18 -21.80 10.67
C ARG F 32 -31.44 -21.03 11.96
N ILE F 33 -30.44 -20.28 12.39
CA ILE F 33 -30.57 -19.44 13.57
C ILE F 33 -29.89 -18.11 13.29
N ASP F 34 -30.13 -17.15 14.18
CA ASP F 34 -29.31 -15.96 14.20
C ASP F 34 -28.15 -16.24 15.14
N PRO F 35 -26.94 -16.36 14.65
CA PRO F 35 -25.82 -16.78 15.51
C PRO F 35 -25.52 -15.85 16.67
N GLU F 36 -26.20 -14.72 16.77
CA GLU F 36 -25.97 -13.79 17.85
C GLU F 36 -27.02 -13.86 18.94
N THR F 37 -28.26 -14.20 18.61
CA THR F 37 -29.33 -14.17 19.58
C THR F 37 -30.08 -15.48 19.75
N GLY F 38 -29.82 -16.49 18.92
CA GLY F 38 -30.47 -17.77 19.11
C GLY F 38 -31.89 -17.86 18.62
N HIS F 39 -32.39 -16.82 17.95
CA HIS F 39 -33.71 -16.91 17.33
C HIS F 39 -33.59 -17.60 15.98
N GLY F 40 -34.49 -18.52 15.72
CA GLY F 40 -34.42 -19.29 14.49
C GLY F 40 -35.02 -18.54 13.32
N LEU F 41 -34.39 -18.70 12.16
CA LEU F 41 -34.83 -18.05 10.95
C LEU F 41 -35.39 -19.08 9.97
N VAL F 42 -36.42 -18.67 9.24
CA VAL F 42 -36.90 -19.41 8.09
C VAL F 42 -36.87 -18.41 6.94
N THR F 43 -36.03 -18.68 5.95
CA THR F 43 -35.87 -17.74 4.86
C THR F 43 -37.21 -17.51 4.16
N ASP F 44 -37.31 -16.36 3.50
CA ASP F 44 -38.52 -16.05 2.75
C ASP F 44 -38.68 -16.96 1.56
N VAL F 45 -37.58 -17.39 0.97
CA VAL F 45 -37.64 -18.25 -0.21
C VAL F 45 -38.21 -19.61 0.16
N CYS F 46 -38.04 -20.05 1.40
CA CYS F 46 -38.67 -21.29 1.82
C CYS F 46 -40.19 -21.17 1.82
N LEU F 47 -40.72 -20.10 2.39
CA LEU F 47 -42.16 -19.93 2.41
C LEU F 47 -42.71 -19.69 1.01
N LYS F 48 -41.97 -18.97 0.17
CA LYS F 48 -42.40 -18.78 -1.20
C LYS F 48 -42.42 -20.10 -1.95
N ARG F 49 -41.46 -20.98 -1.69
CA ARG F 49 -41.48 -22.30 -2.31
C ARG F 49 -42.66 -23.11 -1.80
N LYS F 50 -43.00 -22.97 -0.53
CA LYS F 50 -44.14 -23.72 0.00
C LYS F 50 -45.45 -23.23 -0.61
N ILE F 51 -45.55 -21.92 -0.86
CA ILE F 51 -46.75 -21.38 -1.50
C ILE F 51 -46.81 -21.80 -2.97
N ARG F 52 -45.66 -21.81 -3.65
CA ARG F 52 -45.62 -22.34 -5.00
C ARG F 52 -46.05 -23.80 -5.03
N ASN F 53 -45.61 -24.58 -4.05
CA ASN F 53 -46.03 -25.98 -3.97
C ASN F 53 -47.53 -26.09 -3.79
N HIS F 54 -48.12 -25.27 -2.91
CA HIS F 54 -49.55 -25.35 -2.69
C HIS F 54 -50.33 -24.94 -3.95
N VAL F 55 -49.80 -23.98 -4.71
CA VAL F 55 -50.48 -23.56 -5.92
C VAL F 55 -50.36 -24.62 -7.00
N ALA F 56 -49.20 -25.26 -7.10
CA ALA F 56 -49.06 -26.36 -8.05
C ALA F 56 -49.93 -27.55 -7.67
N LEU F 57 -50.17 -27.73 -6.37
CA LEU F 57 -50.99 -28.84 -5.92
C LEU F 57 -52.47 -28.57 -6.17
N THR F 58 -52.96 -27.40 -5.76
CA THR F 58 -54.38 -27.11 -5.80
C THR F 58 -54.87 -26.69 -7.18
N LYS F 59 -53.97 -26.38 -8.12
CA LYS F 59 -54.38 -26.00 -9.46
C LYS F 59 -54.11 -27.08 -10.50
N GLU F 60 -53.42 -28.16 -10.12
CA GLU F 60 -53.04 -29.22 -11.05
C GLU F 60 -52.34 -28.63 -12.28
N GLY F 61 -51.59 -27.56 -12.05
CA GLY F 61 -50.87 -26.89 -13.12
C GLY F 61 -51.78 -26.35 -14.20
N ALA F 62 -52.90 -25.77 -13.81
CA ALA F 62 -53.82 -25.19 -14.77
C ALA F 62 -53.18 -24.03 -15.52
N GLU F 63 -53.76 -23.68 -16.65
CA GLU F 63 -53.24 -22.61 -17.49
C GLU F 63 -53.40 -21.29 -16.75
N ARG F 64 -52.50 -20.34 -17.03
CA ARG F 64 -52.43 -19.04 -16.38
C ARG F 64 -51.93 -19.16 -14.94
N PHE F 65 -51.73 -20.38 -14.48
CA PHE F 65 -51.34 -20.64 -13.09
C PHE F 65 -50.18 -21.61 -13.03
N ASN F 66 -49.33 -21.62 -14.06
CA ASN F 66 -48.14 -22.44 -14.02
C ASN F 66 -47.15 -21.87 -13.00
N ILE F 67 -46.15 -22.65 -12.65
CA ILE F 67 -45.49 -22.38 -11.37
C ILE F 67 -43.96 -22.40 -11.41
N TYR F 68 -43.33 -22.34 -12.59
CA TYR F 68 -41.90 -22.63 -12.65
C TYR F 68 -41.61 -23.93 -11.90
N ILE F 69 -42.02 -25.06 -12.48
CA ILE F 69 -42.14 -26.31 -11.73
C ILE F 69 -40.86 -26.60 -10.95
N GLN F 70 -41.04 -27.21 -9.79
CA GLN F 70 -39.94 -27.39 -8.86
C GLN F 70 -39.11 -28.62 -9.15
N GLU F 71 -39.75 -29.73 -9.54
CA GLU F 71 -39.01 -30.99 -9.68
C GLU F 71 -37.83 -30.83 -10.64
N LYS F 72 -38.12 -30.55 -11.91
CA LYS F 72 -37.08 -30.41 -12.93
C LYS F 72 -37.49 -29.36 -13.95
N ALA F 73 -36.63 -28.39 -14.21
CA ALA F 73 -36.93 -27.37 -15.21
C ALA F 73 -35.65 -26.66 -15.61
N ILE F 74 -35.61 -26.25 -16.88
CA ILE F 74 -34.56 -25.38 -17.39
C ILE F 74 -35.21 -24.06 -17.74
N LEU F 75 -34.85 -23.00 -17.01
CA LEU F 75 -35.54 -21.72 -17.17
C LEU F 75 -35.30 -21.13 -18.55
N ASN F 76 -34.12 -21.37 -19.12
CA ASN F 76 -33.85 -20.89 -20.47
C ASN F 76 -34.87 -21.41 -21.47
N GLU F 77 -35.27 -22.68 -21.33
CA GLU F 77 -36.30 -23.24 -22.21
C GLU F 77 -37.62 -22.51 -22.05
N THR F 78 -37.97 -22.13 -20.83
CA THR F 78 -39.22 -21.40 -20.63
C THR F 78 -39.14 -20.01 -21.26
N HIS F 79 -38.01 -19.32 -21.12
CA HIS F 79 -37.88 -18.04 -21.80
C HIS F 79 -37.93 -18.21 -23.32
N GLU F 80 -37.37 -19.31 -23.82
CA GLU F 80 -37.44 -19.57 -25.26
C GLU F 80 -38.88 -19.76 -25.70
N ARG F 81 -39.66 -20.52 -24.93
CA ARG F 81 -41.08 -20.68 -25.25
C ARG F 81 -41.81 -19.35 -25.17
N ALA F 82 -41.42 -18.49 -24.22
CA ALA F 82 -42.03 -17.17 -24.12
C ALA F 82 -41.76 -16.34 -25.37
N TYR F 83 -40.53 -16.39 -25.87
CA TYR F 83 -40.22 -15.73 -27.14
C TYR F 83 -41.03 -16.31 -28.29
N THR F 84 -41.14 -17.64 -28.35
CA THR F 84 -41.93 -18.26 -29.41
C THR F 84 -43.39 -17.82 -29.36
N ALA F 85 -43.93 -17.61 -28.17
CA ALA F 85 -45.31 -17.16 -28.07
C ALA F 85 -45.46 -15.72 -28.52
N CYS F 86 -44.42 -14.91 -28.36
CA CYS F 86 -44.45 -13.51 -28.75
C CYS F 86 -43.89 -13.30 -30.15
N ASP F 87 -43.35 -14.34 -30.77
CA ASP F 87 -42.81 -14.30 -32.12
C ASP F 87 -41.61 -13.35 -32.19
N LEU F 88 -40.66 -13.50 -31.27
CA LEU F 88 -39.41 -12.76 -31.32
C LEU F 88 -38.26 -13.76 -31.35
N LYS F 89 -37.06 -13.22 -31.51
CA LYS F 89 -35.90 -14.08 -31.68
C LYS F 89 -35.13 -14.21 -30.37
N PRO F 90 -34.91 -15.42 -29.85
CA PRO F 90 -34.12 -15.60 -28.64
C PRO F 90 -32.61 -15.56 -28.86
N GLU F 91 -32.15 -15.32 -30.08
CA GLU F 91 -30.73 -15.46 -30.41
C GLU F 91 -29.79 -14.65 -29.54
N PRO F 92 -30.10 -13.41 -29.15
CA PRO F 92 -29.14 -12.66 -28.33
C PRO F 92 -29.14 -13.13 -26.89
N LYS F 93 -28.33 -12.43 -26.10
CA LYS F 93 -28.35 -12.52 -24.64
C LYS F 93 -28.95 -11.25 -24.04
N LYS F 94 -29.70 -10.51 -24.84
CA LYS F 94 -30.14 -9.16 -24.51
C LYS F 94 -31.63 -9.06 -24.73
N LEU F 95 -32.26 -8.12 -24.05
CA LEU F 95 -33.67 -7.88 -24.26
C LEU F 95 -33.89 -7.34 -25.67
N PRO F 96 -35.10 -7.53 -26.24
CA PRO F 96 -35.38 -7.00 -27.58
C PRO F 96 -35.07 -5.51 -27.72
N LYS F 97 -34.60 -5.11 -28.90
CA LYS F 97 -34.16 -3.73 -29.08
C LYS F 97 -35.32 -2.75 -29.01
N LYS F 98 -36.51 -3.19 -29.42
CA LYS F 98 -37.71 -2.37 -29.33
C LYS F 98 -38.41 -2.66 -28.00
N VAL F 99 -38.87 -1.60 -27.33
CA VAL F 99 -39.37 -1.74 -25.98
C VAL F 99 -40.74 -2.40 -25.96
N GLU F 100 -41.50 -2.29 -27.05
CA GLU F 100 -42.85 -2.84 -27.05
C GLU F 100 -42.84 -4.36 -27.01
N ASP F 101 -41.99 -4.99 -27.82
CA ASP F 101 -41.94 -6.45 -27.84
C ASP F 101 -41.26 -6.98 -26.57
N ALA F 102 -40.36 -6.21 -25.97
CA ALA F 102 -39.81 -6.58 -24.68
C ALA F 102 -40.90 -6.57 -23.61
N LYS F 103 -41.73 -5.53 -23.60
CA LYS F 103 -42.89 -5.53 -22.72
C LYS F 103 -43.78 -6.72 -22.99
N ARG F 104 -43.94 -7.08 -24.27
CA ARG F 104 -44.81 -8.21 -24.61
C ARG F 104 -44.27 -9.51 -24.04
N VAL F 105 -42.96 -9.77 -24.19
CA VAL F 105 -42.41 -11.03 -23.71
C VAL F 105 -42.38 -11.08 -22.19
N THR F 106 -42.04 -9.96 -21.55
CA THR F 106 -42.06 -9.94 -20.09
C THR F 106 -43.48 -10.11 -19.56
N ASP F 107 -44.47 -9.48 -20.21
CA ASP F 107 -45.84 -9.67 -19.79
C ASP F 107 -46.32 -11.08 -20.06
N TRP F 108 -45.78 -11.74 -21.09
CA TRP F 108 -46.12 -13.14 -21.30
C TRP F 108 -45.57 -14.01 -20.18
N MET F 109 -44.35 -13.72 -19.73
CA MET F 109 -43.83 -14.47 -18.58
C MET F 109 -44.66 -14.18 -17.34
N CYS F 110 -45.12 -12.94 -17.18
CA CYS F 110 -45.95 -12.59 -16.03
C CYS F 110 -47.36 -13.16 -16.14
N THR F 111 -47.79 -13.51 -17.35
CA THR F 111 -49.22 -13.74 -17.59
C THR F 111 -49.63 -15.14 -17.16
N ASN F 112 -48.74 -16.11 -17.30
CA ASN F 112 -49.10 -17.51 -17.11
C ASN F 112 -48.10 -18.23 -16.22
N PHE F 113 -47.42 -17.49 -15.35
CA PHE F 113 -46.58 -18.08 -14.31
C PHE F 113 -46.94 -17.40 -13.01
N TYR F 114 -47.73 -18.09 -12.18
CA TYR F 114 -48.24 -17.48 -10.96
C TYR F 114 -47.12 -17.01 -10.06
N ASP F 115 -45.96 -17.66 -10.15
CA ASP F 115 -44.85 -17.27 -9.29
C ASP F 115 -44.17 -16.00 -9.78
N ILE F 116 -44.14 -15.78 -11.10
CA ILE F 116 -43.61 -14.52 -11.63
C ILE F 116 -44.62 -13.40 -11.43
N ARG F 117 -45.90 -13.73 -11.52
CA ARG F 117 -46.94 -12.75 -11.31
C ARG F 117 -47.04 -12.34 -9.84
N THR F 118 -46.60 -13.20 -8.93
CA THR F 118 -46.77 -12.98 -7.50
C THR F 118 -45.49 -12.54 -6.80
N PHE F 119 -44.39 -13.26 -6.99
CA PHE F 119 -43.15 -12.99 -6.29
C PHE F 119 -42.07 -12.42 -7.19
N GLY F 120 -42.38 -12.11 -8.45
CA GLY F 120 -41.36 -11.60 -9.35
C GLY F 120 -40.44 -12.69 -9.85
N ALA F 121 -39.50 -12.33 -10.73
CA ALA F 121 -38.54 -13.30 -11.26
C ALA F 121 -37.46 -12.55 -12.03
N VAL F 122 -36.23 -13.05 -11.91
CA VAL F 122 -35.09 -12.49 -12.62
C VAL F 122 -34.80 -13.41 -13.80
N MET F 123 -35.18 -12.98 -14.99
CA MET F 123 -35.06 -13.81 -16.18
C MET F 123 -34.10 -13.14 -17.14
N THR F 124 -32.96 -12.69 -16.61
CA THR F 124 -31.85 -12.19 -17.41
C THR F 124 -30.83 -13.32 -17.50
N THR F 125 -30.82 -14.00 -18.65
CA THR F 125 -29.99 -15.19 -18.83
C THR F 125 -29.41 -15.20 -20.23
N GLU F 126 -28.87 -16.33 -20.66
CA GLU F 126 -28.46 -16.49 -22.05
C GLU F 126 -29.58 -16.16 -23.02
N VAL F 127 -30.82 -16.46 -22.65
CA VAL F 127 -32.00 -15.91 -23.31
C VAL F 127 -32.62 -14.90 -22.35
N ASN F 128 -32.30 -13.62 -22.55
CA ASN F 128 -32.70 -12.59 -21.61
C ASN F 128 -34.20 -12.32 -21.76
N CYS F 129 -34.90 -12.32 -20.63
CA CYS F 129 -36.32 -12.05 -20.63
C CYS F 129 -36.71 -10.91 -19.71
N GLY F 130 -35.80 -10.45 -18.85
CA GLY F 130 -36.05 -9.24 -18.09
C GLY F 130 -36.12 -9.43 -16.59
N GLN F 131 -36.90 -8.60 -15.92
CA GLN F 131 -37.03 -8.68 -14.48
C GLN F 131 -38.44 -8.31 -14.09
N VAL F 132 -38.94 -8.92 -13.02
CA VAL F 132 -40.23 -8.59 -12.46
C VAL F 132 -40.08 -8.49 -10.96
N ARG F 133 -40.37 -7.31 -10.39
CA ARG F 133 -40.19 -7.14 -8.95
C ARG F 133 -41.25 -7.89 -8.16
N GLY F 134 -42.45 -8.01 -8.71
CA GLY F 134 -43.46 -8.81 -8.08
C GLY F 134 -44.13 -8.10 -6.94
N PRO F 135 -45.44 -8.17 -6.89
CA PRO F 135 -46.19 -7.48 -5.83
C PRO F 135 -45.89 -7.99 -4.44
N VAL F 136 -46.08 -9.29 -4.22
CA VAL F 136 -46.05 -9.86 -2.88
C VAL F 136 -44.60 -10.11 -2.48
N GLN F 137 -44.25 -9.74 -1.25
CA GLN F 137 -42.92 -9.98 -0.71
C GLN F 137 -43.05 -10.47 0.72
N MET F 138 -42.03 -11.17 1.19
CA MET F 138 -41.99 -11.62 2.56
C MET F 138 -40.59 -11.41 3.12
N ALA F 139 -40.53 -10.88 4.32
CA ALA F 139 -39.28 -10.83 5.05
C ALA F 139 -39.01 -12.19 5.67
N PHE F 140 -37.80 -12.36 6.20
CA PHE F 140 -37.46 -13.59 6.88
C PHE F 140 -38.47 -13.86 7.98
N ALA F 141 -38.76 -15.14 8.20
CA ALA F 141 -39.58 -15.53 9.33
C ALA F 141 -38.66 -15.78 10.50
N ARG F 142 -38.90 -15.05 11.59
CA ARG F 142 -38.04 -15.11 12.76
C ARG F 142 -38.89 -15.47 13.97
N SER F 143 -38.49 -16.53 14.67
CA SER F 143 -39.26 -17.02 15.79
C SER F 143 -39.31 -16.00 16.91
N VAL F 144 -40.24 -16.20 17.84
CA VAL F 144 -40.44 -15.21 18.89
C VAL F 144 -39.47 -15.42 20.05
N GLU F 145 -39.14 -16.67 20.37
CA GLU F 145 -38.24 -16.98 21.45
C GLU F 145 -37.06 -17.79 20.92
N PRO F 146 -35.93 -17.80 21.64
CA PRO F 146 -34.76 -18.49 21.10
C PRO F 146 -35.00 -19.98 20.96
N VAL F 147 -34.93 -20.47 19.74
CA VAL F 147 -35.03 -21.90 19.50
C VAL F 147 -33.75 -22.58 19.99
N VAL F 148 -33.90 -23.80 20.48
CA VAL F 148 -32.79 -24.61 20.95
C VAL F 148 -32.74 -25.88 20.13
N PRO F 149 -32.12 -25.86 18.98
CA PRO F 149 -32.20 -26.98 18.06
C PRO F 149 -31.35 -28.18 18.48
N GLN F 150 -31.90 -29.04 19.32
CA GLN F 150 -31.21 -30.27 19.71
C GLN F 150 -31.07 -31.21 18.53
N GLU F 151 -29.93 -31.87 18.44
CA GLU F 151 -29.63 -32.79 17.36
C GLU F 151 -29.69 -34.23 17.86
N VAL F 152 -30.21 -35.12 17.02
CA VAL F 152 -30.58 -36.46 17.43
C VAL F 152 -29.90 -37.45 16.50
N SER F 153 -29.12 -38.36 17.08
CA SER F 153 -28.40 -39.37 16.31
C SER F 153 -29.28 -40.60 16.12
N ILE F 154 -29.22 -41.19 14.93
CA ILE F 154 -30.10 -42.26 14.53
C ILE F 154 -29.28 -43.24 13.70
N THR F 155 -29.51 -44.53 13.91
CA THR F 155 -28.76 -45.57 13.22
C THR F 155 -29.51 -46.08 12.01
N ARG F 156 -28.91 -47.07 11.36
CA ARG F 156 -29.47 -47.69 10.16
C ARG F 156 -29.10 -49.17 10.12
N MET F 157 -29.93 -49.96 9.44
CA MET F 157 -29.77 -51.40 9.40
C MET F 157 -29.42 -51.90 8.01
N ALA F 158 -28.72 -51.10 7.22
CA ALA F 158 -28.30 -51.50 5.89
C ALA F 158 -27.17 -50.62 5.43
N VAL F 159 -26.16 -51.21 4.81
CA VAL F 159 -24.99 -50.47 4.39
C VAL F 159 -25.26 -49.82 3.04
N THR F 160 -24.72 -48.63 2.85
CA THR F 160 -24.97 -47.82 1.65
C THR F 160 -24.00 -48.18 0.52
N THR F 161 -23.10 -49.12 0.75
CA THR F 161 -22.12 -49.51 -0.26
C THR F 161 -21.67 -50.94 0.04
N LYS F 162 -20.77 -51.43 -0.81
CA LYS F 162 -20.19 -52.76 -0.63
C LYS F 162 -18.99 -52.64 0.31
N ALA F 163 -19.28 -52.61 1.61
CA ALA F 163 -18.22 -52.51 2.62
C ALA F 163 -18.72 -53.10 3.94
N GLU F 164 -18.04 -54.12 4.44
CA GLU F 164 -18.45 -54.75 5.67
C GLU F 164 -17.96 -53.97 6.88
N ALA F 165 -18.91 -53.37 7.60
CA ALA F 165 -18.59 -52.60 8.80
C ALA F 165 -19.55 -53.00 9.92
N GLU F 166 -20.57 -53.77 9.59
CA GLU F 166 -21.57 -54.19 10.56
C GLU F 166 -21.96 -55.66 10.36
N ASP F 171 -22.67 -55.46 13.51
CA ASP F 171 -21.82 -54.87 14.53
C ASP F 171 -22.12 -53.39 14.72
N ASN F 172 -21.30 -52.53 14.10
CA ASN F 172 -21.47 -51.09 14.24
C ASN F 172 -22.36 -50.56 13.13
N ARG F 173 -23.52 -50.03 13.51
CA ARG F 173 -24.45 -49.45 12.56
C ARG F 173 -23.94 -48.10 12.07
N THR F 174 -24.37 -47.71 10.89
CA THR F 174 -23.91 -46.45 10.30
C THR F 174 -24.72 -45.29 10.86
N MET F 175 -24.05 -44.38 11.57
CA MET F 175 -24.72 -43.30 12.26
C MET F 175 -25.28 -42.28 11.28
N GLY F 176 -26.21 -41.47 11.80
CA GLY F 176 -26.78 -40.37 11.05
C GLY F 176 -27.30 -39.36 12.04
N ARG F 177 -27.96 -38.34 11.51
CA ARG F 177 -28.54 -37.34 12.40
C ARG F 177 -29.71 -36.66 11.72
N LYS F 178 -30.74 -36.41 12.51
CA LYS F 178 -31.88 -35.62 12.09
C LYS F 178 -32.01 -34.45 13.05
N HIS F 179 -31.70 -33.26 12.57
CA HIS F 179 -31.78 -32.06 13.38
C HIS F 179 -33.23 -31.64 13.52
N ILE F 180 -33.64 -31.36 14.75
CA ILE F 180 -35.01 -31.00 15.05
C ILE F 180 -35.02 -29.71 15.87
N VAL F 181 -36.18 -29.08 15.92
CA VAL F 181 -36.45 -28.00 16.86
C VAL F 181 -37.58 -28.50 17.74
N PRO F 182 -37.42 -28.54 19.05
CA PRO F 182 -38.53 -28.99 19.90
C PRO F 182 -39.79 -28.20 19.64
N TYR F 183 -39.73 -26.88 19.81
CA TYR F 183 -40.85 -26.02 19.47
C TYR F 183 -40.35 -24.61 19.18
N GLY F 184 -40.90 -24.00 18.13
CA GLY F 184 -40.70 -22.60 17.85
C GLY F 184 -41.91 -22.01 17.16
N LEU F 185 -42.12 -20.71 17.39
CA LEU F 185 -43.24 -20.01 16.80
C LEU F 185 -42.69 -18.88 15.94
N TYR F 186 -42.99 -18.91 14.64
CA TYR F 186 -42.33 -18.05 13.67
C TYR F 186 -43.29 -16.99 13.15
N VAL F 187 -42.82 -15.74 13.16
CA VAL F 187 -43.61 -14.59 12.75
C VAL F 187 -43.10 -14.12 11.41
N ALA F 188 -43.85 -14.43 10.35
CA ALA F 188 -43.48 -13.99 9.02
C ALA F 188 -44.22 -12.70 8.68
N HIS F 189 -43.50 -11.80 8.01
CA HIS F 189 -44.01 -10.49 7.65
C HIS F 189 -44.16 -10.43 6.14
N GLY F 190 -45.11 -9.64 5.68
CA GLY F 190 -45.41 -9.65 4.27
C GLY F 190 -46.05 -8.36 3.80
N PHE F 191 -45.83 -8.06 2.54
CA PHE F 191 -46.26 -6.80 1.94
C PHE F 191 -46.88 -7.13 0.61
N ILE F 192 -47.95 -6.43 0.26
CA ILE F 192 -48.47 -6.43 -1.10
C ILE F 192 -48.65 -4.97 -1.50
N SER F 193 -48.15 -4.62 -2.69
CA SER F 193 -48.22 -3.26 -3.17
C SER F 193 -49.05 -3.24 -4.44
N ALA F 194 -50.02 -2.35 -4.49
CA ALA F 194 -50.84 -2.23 -5.69
C ALA F 194 -50.07 -1.81 -6.93
N PRO F 195 -49.14 -0.85 -6.88
CA PRO F 195 -48.44 -0.47 -8.12
C PRO F 195 -47.80 -1.64 -8.84
N LEU F 196 -47.11 -2.51 -8.12
CA LEU F 196 -46.50 -3.66 -8.77
C LEU F 196 -47.55 -4.62 -9.31
N ALA F 197 -48.64 -4.81 -8.59
CA ALA F 197 -49.72 -5.66 -9.09
C ALA F 197 -50.25 -5.11 -10.41
N GLU F 198 -50.36 -3.78 -10.52
CA GLU F 198 -50.77 -3.19 -11.78
C GLU F 198 -49.72 -3.40 -12.85
N LYS F 199 -48.45 -3.44 -12.47
CA LYS F 199 -47.41 -3.70 -13.46
C LYS F 199 -47.43 -5.14 -13.96
N THR F 200 -47.87 -6.08 -13.13
CA THR F 200 -47.84 -7.49 -13.48
C THR F 200 -49.21 -8.11 -13.73
N GLY F 201 -50.28 -7.52 -13.21
CA GLY F 201 -51.61 -8.09 -13.35
C GLY F 201 -52.00 -9.01 -12.22
N PHE F 202 -51.43 -8.81 -11.04
CA PHE F 202 -51.67 -9.68 -9.90
C PHE F 202 -53.08 -9.42 -9.41
N SER F 203 -54.02 -10.23 -9.87
CA SER F 203 -55.44 -9.91 -9.77
C SER F 203 -55.96 -10.15 -8.36
N ASP F 204 -57.29 -10.09 -8.21
CA ASP F 204 -57.92 -10.43 -6.94
C ASP F 204 -58.08 -11.94 -6.79
N GLU F 205 -58.28 -12.65 -7.89
CA GLU F 205 -58.30 -14.11 -7.82
C GLU F 205 -56.95 -14.65 -7.40
N ASP F 206 -55.86 -14.12 -7.97
CA ASP F 206 -54.53 -14.51 -7.52
C ASP F 206 -54.33 -14.19 -6.06
N LEU F 207 -54.94 -13.12 -5.59
CA LEU F 207 -54.79 -12.73 -4.20
C LEU F 207 -55.50 -13.71 -3.27
N THR F 208 -56.72 -14.12 -3.60
CA THR F 208 -57.41 -15.04 -2.71
C THR F 208 -56.78 -16.42 -2.77
N LEU F 209 -56.26 -16.82 -3.94
CA LEU F 209 -55.47 -18.04 -4.00
C LEU F 209 -54.24 -17.94 -3.11
N PHE F 210 -53.58 -16.79 -3.09
CA PHE F 210 -52.42 -16.60 -2.23
C PHE F 210 -52.81 -16.70 -0.76
N TRP F 211 -53.98 -16.17 -0.40
CA TRP F 211 -54.40 -16.25 1.00
C TRP F 211 -54.67 -17.70 1.41
N ASP F 212 -55.43 -18.43 0.58
CA ASP F 212 -55.60 -19.86 0.82
C ASP F 212 -54.26 -20.55 0.98
N ALA F 213 -53.31 -20.27 0.08
CA ALA F 213 -51.97 -20.84 0.21
C ALA F 213 -51.39 -20.56 1.58
N LEU F 214 -51.39 -19.30 2.00
CA LEU F 214 -50.80 -18.95 3.29
C LEU F 214 -51.41 -19.75 4.43
N VAL F 215 -52.72 -20.03 4.37
CA VAL F 215 -53.32 -20.80 5.45
C VAL F 215 -53.05 -22.30 5.27
N ASN F 216 -53.15 -22.80 4.05
CA ASN F 216 -53.00 -24.22 3.75
C ASN F 216 -51.60 -24.55 3.23
N MET F 217 -50.59 -23.90 3.80
CA MET F 217 -49.25 -23.96 3.21
C MET F 217 -48.50 -25.20 3.67
N PHE F 218 -48.52 -25.48 4.96
CA PHE F 218 -47.78 -26.61 5.52
C PHE F 218 -48.56 -27.90 5.52
N GLU F 219 -49.89 -27.84 5.47
CA GLU F 219 -50.71 -29.01 5.71
C GLU F 219 -50.65 -30.02 4.56
N HIS F 220 -49.75 -29.83 3.61
CA HIS F 220 -49.54 -30.84 2.59
C HIS F 220 -48.05 -31.02 2.34
N ASP F 221 -47.22 -30.33 3.11
CA ASP F 221 -45.77 -30.48 3.05
C ASP F 221 -45.33 -31.22 4.30
N ARG F 222 -45.37 -32.54 4.25
CA ARG F 222 -44.95 -33.38 5.35
C ARG F 222 -43.75 -34.19 4.91
N SER F 223 -42.83 -34.44 5.84
CA SER F 223 -41.63 -35.22 5.56
C SER F 223 -41.03 -35.62 6.90
N ALA F 224 -39.92 -36.35 6.84
CA ALA F 224 -39.30 -36.87 8.04
C ALA F 224 -38.54 -35.81 8.81
N ALA F 225 -38.17 -34.71 8.18
CA ALA F 225 -37.37 -33.67 8.83
C ALA F 225 -38.16 -32.40 9.07
N ARG F 226 -39.48 -32.48 9.08
CA ARG F 226 -40.29 -31.29 9.29
C ARG F 226 -41.25 -31.50 10.44
N GLY F 227 -41.78 -32.72 10.56
CA GLY F 227 -42.75 -32.98 11.60
C GLY F 227 -44.03 -32.20 11.44
N LEU F 228 -44.41 -31.47 12.48
CA LEU F 228 -45.73 -30.87 12.57
C LEU F 228 -45.60 -29.36 12.51
N MET F 229 -45.68 -28.79 11.31
CA MET F 229 -45.78 -27.36 11.12
C MET F 229 -47.24 -27.02 10.84
N SER F 230 -47.74 -25.98 11.48
CA SER F 230 -49.14 -25.63 11.35
C SER F 230 -49.32 -24.14 11.55
N SER F 231 -49.78 -23.45 10.51
CA SER F 231 -50.09 -22.04 10.58
C SER F 231 -51.15 -21.80 11.65
N ARG F 232 -50.96 -20.75 12.43
CA ARG F 232 -51.77 -20.51 13.61
C ARG F 232 -52.58 -19.23 13.52
N LYS F 233 -52.01 -18.18 12.95
CA LYS F 233 -52.73 -16.94 12.70
C LYS F 233 -52.47 -16.48 11.28
N LEU F 234 -53.32 -15.59 10.79
CA LEU F 234 -53.06 -14.84 9.55
C LEU F 234 -53.86 -13.55 9.62
N ILE F 235 -53.18 -12.46 9.95
CA ILE F 235 -53.80 -11.15 10.08
C ILE F 235 -53.49 -10.36 8.81
N VAL F 236 -54.52 -9.77 8.21
CA VAL F 236 -54.39 -9.07 6.94
C VAL F 236 -54.84 -7.63 7.11
N PHE F 237 -53.95 -6.69 6.78
CA PHE F 237 -54.26 -5.26 6.80
C PHE F 237 -54.47 -4.79 5.37
N LYS F 238 -55.68 -4.36 5.05
CA LYS F 238 -56.02 -3.82 3.73
C LYS F 238 -56.15 -2.31 3.83
N HIS F 239 -55.41 -1.59 3.01
CA HIS F 239 -55.51 -0.13 2.97
C HIS F 239 -56.54 0.30 1.94
N GLN F 240 -57.07 1.51 2.13
CA GLN F 240 -58.09 2.05 1.26
C GLN F 240 -57.53 2.82 0.08
N ASN F 241 -56.22 2.74 -0.15
CA ASN F 241 -55.57 3.42 -1.26
C ASN F 241 -54.76 2.41 -2.05
N ARG F 242 -54.36 2.83 -3.25
CA ARG F 242 -53.37 2.04 -3.98
C ARG F 242 -51.98 2.27 -3.40
N LEU F 243 -51.75 3.42 -2.79
CA LEU F 243 -50.57 3.68 -1.98
C LEU F 243 -50.90 3.45 -0.51
N GLY F 244 -49.99 3.80 0.38
CA GLY F 244 -50.16 3.52 1.78
C GLY F 244 -51.23 4.35 2.45
N ASN F 245 -51.57 3.95 3.68
CA ASN F 245 -52.41 4.76 4.54
C ASN F 245 -51.90 4.74 5.98
N ALA F 246 -50.84 3.97 6.24
CA ALA F 246 -50.25 3.85 7.56
C ALA F 246 -48.94 3.09 7.43
N PRO F 247 -47.95 3.40 8.26
CA PRO F 247 -46.66 2.72 8.14
C PRO F 247 -46.78 1.22 8.40
N ALA F 248 -46.08 0.44 7.59
CA ALA F 248 -46.11 -1.01 7.76
C ALA F 248 -45.57 -1.42 9.11
N HIS F 249 -44.64 -0.66 9.67
CA HIS F 249 -44.13 -0.98 11.00
C HIS F 249 -45.13 -0.63 12.09
N LYS F 250 -46.08 0.27 11.81
CA LYS F 250 -47.19 0.47 12.72
C LYS F 250 -48.11 -0.73 12.71
N LEU F 251 -48.44 -1.24 11.52
CA LEU F 251 -49.38 -2.34 11.42
C LEU F 251 -48.79 -3.62 12.00
N PHE F 252 -47.54 -3.93 11.63
CA PHE F 252 -46.89 -5.13 12.15
C PHE F 252 -46.74 -5.09 13.66
N ASP F 253 -46.65 -3.90 14.24
CA ASP F 253 -46.46 -3.77 15.67
C ASP F 253 -47.75 -3.99 16.47
N LEU F 254 -48.89 -4.08 15.79
CA LEU F 254 -50.13 -4.38 16.50
C LEU F 254 -50.21 -5.85 16.89
N VAL F 255 -49.63 -6.73 16.08
CA VAL F 255 -49.68 -8.17 16.33
C VAL F 255 -48.64 -8.48 17.40
N LYS F 256 -49.08 -8.50 18.66
CA LYS F 256 -48.20 -8.75 19.79
C LYS F 256 -48.31 -10.20 20.21
N VAL F 257 -47.20 -10.93 20.13
CA VAL F 257 -47.14 -12.34 20.48
C VAL F 257 -46.32 -12.46 21.76
N SER F 258 -46.99 -12.69 22.87
CA SER F 258 -46.33 -12.84 24.16
C SER F 258 -46.68 -14.21 24.73
N ARG F 259 -46.23 -14.44 25.97
CA ARG F 259 -46.49 -15.69 26.66
C ARG F 259 -47.78 -15.60 27.46
N ALA F 260 -48.38 -16.75 27.72
CA ALA F 260 -49.55 -16.81 28.57
C ALA F 260 -49.15 -17.14 29.99
N GLU F 261 -50.11 -17.05 30.90
CA GLU F 261 -49.87 -17.32 32.32
C GLU F 261 -50.32 -18.73 32.73
N GLY F 262 -50.66 -19.58 31.75
CA GLY F 262 -51.10 -20.92 32.08
C GLY F 262 -49.99 -21.84 32.52
N SER F 263 -48.75 -21.50 32.18
CA SER F 263 -47.59 -22.33 32.54
C SER F 263 -46.35 -21.45 32.50
N SER F 264 -45.19 -22.10 32.52
CA SER F 264 -43.92 -21.40 32.44
C SER F 264 -42.85 -22.39 31.96
N GLY F 265 -41.69 -21.85 31.62
CA GLY F 265 -40.62 -22.64 31.07
C GLY F 265 -40.50 -22.45 29.58
N PRO F 266 -39.73 -23.30 28.92
CA PRO F 266 -39.62 -23.20 27.46
C PRO F 266 -40.93 -23.59 26.79
N ALA F 267 -41.26 -22.86 25.74
CA ALA F 267 -42.52 -23.07 25.04
C ALA F 267 -42.53 -24.40 24.32
N ARG F 268 -43.65 -25.12 24.43
CA ARG F 268 -43.75 -26.42 23.80
C ARG F 268 -45.06 -26.64 23.08
N SER F 269 -45.97 -25.66 23.06
CA SER F 269 -47.20 -25.76 22.30
C SER F 269 -47.73 -24.37 22.06
N PHE F 270 -48.62 -24.24 21.08
CA PHE F 270 -49.17 -22.93 20.78
C PHE F 270 -50.11 -22.45 21.89
N ALA F 271 -50.59 -23.35 22.74
CA ALA F 271 -51.37 -22.92 23.88
C ALA F 271 -50.54 -22.16 24.90
N ASP F 272 -49.22 -22.14 24.75
CA ASP F 272 -48.34 -21.40 25.63
C ASP F 272 -48.16 -19.96 25.19
N TYR F 273 -48.67 -19.59 24.02
CA TYR F 273 -48.50 -18.25 23.48
C TYR F 273 -49.85 -17.58 23.33
N ALA F 274 -49.87 -16.28 23.59
CA ALA F 274 -51.04 -15.45 23.39
C ALA F 274 -50.70 -14.37 22.39
N VAL F 275 -51.45 -14.33 21.29
CA VAL F 275 -51.33 -13.31 20.27
C VAL F 275 -52.53 -12.38 20.36
N THR F 276 -52.27 -11.09 20.32
CA THR F 276 -53.32 -10.07 20.36
C THR F 276 -53.11 -9.09 19.22
N VAL F 277 -54.19 -8.78 18.52
CA VAL F 277 -54.18 -7.84 17.41
C VAL F 277 -54.92 -6.59 17.86
N GLY F 278 -54.21 -5.47 17.91
CA GLY F 278 -54.85 -4.22 18.25
C GLY F 278 -55.68 -3.67 17.11
N GLN F 279 -56.32 -2.53 17.39
CA GLN F 279 -57.17 -1.89 16.39
C GLN F 279 -56.31 -1.18 15.36
N ALA F 280 -56.79 -1.21 14.13
CA ALA F 280 -56.08 -0.61 13.01
C ALA F 280 -56.30 0.90 12.98
N PRO F 281 -55.46 1.64 12.26
CA PRO F 281 -55.71 3.08 12.10
C PRO F 281 -56.98 3.37 11.33
N GLU F 282 -57.28 4.66 11.14
CA GLU F 282 -58.55 5.07 10.56
C GLU F 282 -58.65 4.77 9.07
N GLY F 283 -57.55 4.46 8.39
CA GLY F 283 -57.61 4.19 6.97
C GLY F 283 -57.27 2.76 6.59
N VAL F 284 -57.12 1.89 7.60
CA VAL F 284 -56.73 0.51 7.39
C VAL F 284 -57.79 -0.39 7.99
N GLU F 285 -58.17 -1.42 7.25
CA GLU F 285 -59.12 -2.43 7.71
C GLU F 285 -58.36 -3.72 7.97
N VAL F 286 -58.39 -4.18 9.21
CA VAL F 286 -57.65 -5.38 9.59
C VAL F 286 -58.64 -6.53 9.78
N LYS F 287 -58.32 -7.66 9.18
CA LYS F 287 -59.15 -8.85 9.27
C LYS F 287 -58.29 -10.02 9.72
N GLU F 288 -58.62 -10.55 10.89
CA GLU F 288 -58.07 -11.80 11.39
C GLU F 288 -59.21 -12.79 11.40
N MET F 289 -59.42 -13.45 10.27
CA MET F 289 -60.44 -14.48 10.16
C MET F 289 -59.77 -15.67 9.50
N LEU F 290 -58.60 -15.44 8.97
CA LEU F 290 -57.86 -16.45 8.24
C LEU F 290 -57.03 -17.28 9.21
N MET G 1 -52.54 -48.57 -11.88
CA MET G 1 -52.56 -49.38 -10.67
C MET G 1 -53.72 -48.97 -9.78
N THR G 2 -53.44 -48.75 -8.50
CA THR G 2 -54.45 -48.32 -7.54
C THR G 2 -53.79 -47.50 -6.44
N ALA G 3 -54.57 -46.60 -5.85
CA ALA G 3 -54.07 -45.72 -4.80
C ALA G 3 -55.23 -45.39 -3.88
N ILE G 4 -54.92 -44.68 -2.80
CA ILE G 4 -55.93 -44.20 -1.86
C ILE G 4 -56.39 -42.83 -2.34
N ALA G 5 -57.65 -42.51 -2.12
CA ALA G 5 -58.25 -41.29 -2.64
C ALA G 5 -58.63 -40.30 -1.56
N ASN G 6 -58.04 -40.40 -0.37
CA ASN G 6 -58.29 -39.46 0.70
C ASN G 6 -56.99 -39.13 1.41
N ARG G 7 -57.08 -38.24 2.40
CA ARG G 7 -55.98 -37.98 3.31
C ARG G 7 -56.39 -38.42 4.70
N TYR G 8 -55.50 -39.13 5.38
CA TYR G 8 -55.77 -39.62 6.72
C TYR G 8 -54.87 -38.91 7.71
N GLU G 9 -55.33 -38.81 8.95
CA GLU G 9 -54.52 -38.33 10.05
C GLU G 9 -54.78 -39.24 11.24
N PHE G 10 -53.72 -39.81 11.78
CA PHE G 10 -53.92 -40.75 12.89
C PHE G 10 -53.13 -40.30 14.09
N VAL G 11 -53.50 -40.85 15.24
CA VAL G 11 -52.87 -40.58 16.53
C VAL G 11 -52.72 -41.90 17.24
N LEU G 12 -51.48 -42.30 17.50
CA LEU G 12 -51.19 -43.58 18.14
C LEU G 12 -50.70 -43.35 19.56
N LEU G 13 -51.37 -43.97 20.52
CA LEU G 13 -51.03 -43.84 21.93
C LEU G 13 -50.41 -45.14 22.42
N PHE G 14 -49.11 -45.12 22.69
CA PHE G 14 -48.44 -46.33 23.13
C PHE G 14 -47.62 -46.02 24.38
N ASP G 15 -47.27 -47.07 25.11
CA ASP G 15 -46.64 -46.92 26.40
C ASP G 15 -45.62 -48.03 26.62
N VAL G 16 -44.75 -47.81 27.60
CA VAL G 16 -43.80 -48.83 28.03
C VAL G 16 -43.88 -48.96 29.54
N GLU G 17 -43.67 -50.17 30.03
CA GLU G 17 -43.55 -50.43 31.46
C GLU G 17 -42.25 -51.16 31.70
N ASN G 18 -41.43 -50.64 32.60
CA ASN G 18 -40.20 -51.30 33.01
C ASN G 18 -39.29 -51.57 31.82
N GLY G 19 -39.32 -50.68 30.84
CA GLY G 19 -38.49 -50.88 29.67
C GLY G 19 -38.00 -49.55 29.15
N ASN G 20 -37.17 -49.64 28.12
CA ASN G 20 -36.68 -48.47 27.42
C ASN G 20 -37.16 -48.52 25.98
N PRO G 21 -38.04 -47.60 25.55
CA PRO G 21 -38.56 -47.69 24.17
C PRO G 21 -37.55 -47.34 23.11
N ASN G 22 -36.67 -46.38 23.36
CA ASN G 22 -35.72 -45.91 22.37
C ASN G 22 -34.49 -45.36 23.09
N GLY G 23 -33.30 -45.73 22.62
CA GLY G 23 -32.07 -45.23 23.20
C GLY G 23 -31.38 -44.23 22.29
N ASP G 24 -30.59 -43.36 22.91
CA ASP G 24 -29.94 -42.27 22.22
C ASP G 24 -28.46 -42.56 22.05
N PRO G 25 -28.00 -42.94 20.87
CA PRO G 25 -26.56 -43.20 20.68
C PRO G 25 -25.68 -42.04 21.10
N ASP G 26 -26.00 -40.82 20.67
CA ASP G 26 -25.18 -39.67 21.02
C ASP G 26 -25.00 -39.52 22.51
N ALA G 27 -26.05 -39.80 23.29
CA ALA G 27 -26.02 -39.61 24.74
C ALA G 27 -26.17 -40.96 25.43
N GLY G 28 -25.04 -41.57 25.77
CA GLY G 28 -25.01 -42.87 26.41
C GLY G 28 -25.91 -43.84 25.69
N ASN G 29 -26.81 -44.46 26.46
CA ASN G 29 -27.92 -45.18 25.87
C ASN G 29 -29.20 -44.97 26.69
N MET G 30 -29.25 -43.93 27.52
CA MET G 30 -30.44 -43.65 28.29
C MET G 30 -31.62 -43.43 27.35
N PRO G 31 -32.85 -43.60 27.84
CA PRO G 31 -34.02 -43.34 26.99
C PRO G 31 -33.94 -41.94 26.39
N ARG G 32 -34.36 -41.83 25.12
CA ARG G 32 -34.35 -40.53 24.48
C ARG G 32 -35.23 -39.57 25.23
N ILE G 33 -34.69 -38.42 25.62
CA ILE G 33 -35.48 -37.41 26.30
C ILE G 33 -35.26 -36.08 25.60
N ASP G 34 -36.20 -35.17 25.82
CA ASP G 34 -36.00 -33.77 25.45
C ASP G 34 -35.21 -33.10 26.56
N PRO G 35 -34.00 -32.62 26.28
CA PRO G 35 -33.13 -32.14 27.38
C PRO G 35 -33.69 -30.98 28.16
N GLU G 36 -34.71 -30.28 27.66
CA GLU G 36 -35.21 -29.10 28.34
C GLU G 36 -36.45 -29.36 29.17
N THR G 37 -37.23 -30.40 28.85
CA THR G 37 -38.44 -30.69 29.59
C THR G 37 -38.54 -32.13 30.06
N GLY G 38 -37.71 -33.03 29.54
CA GLY G 38 -37.67 -34.39 30.04
C GLY G 38 -38.74 -35.28 29.46
N HIS G 39 -39.60 -34.72 28.61
CA HIS G 39 -40.59 -35.53 27.93
C HIS G 39 -39.89 -36.54 27.03
N GLY G 40 -40.27 -37.80 27.17
CA GLY G 40 -39.61 -38.84 26.40
C GLY G 40 -39.99 -38.79 24.94
N LEU G 41 -38.98 -38.85 24.09
CA LEU G 41 -39.17 -38.85 22.66
C LEU G 41 -38.82 -40.22 22.11
N VAL G 42 -39.61 -40.71 21.18
CA VAL G 42 -39.30 -41.91 20.43
C VAL G 42 -39.18 -41.51 18.98
N THR G 43 -37.97 -41.59 18.45
CA THR G 43 -37.73 -41.24 17.06
C THR G 43 -38.76 -41.92 16.17
N ASP G 44 -39.33 -41.14 15.26
CA ASP G 44 -40.30 -41.68 14.32
C ASP G 44 -39.72 -42.83 13.52
N VAL G 45 -38.41 -42.79 13.29
CA VAL G 45 -37.72 -43.89 12.64
C VAL G 45 -37.86 -45.17 13.43
N CYS G 46 -37.94 -45.09 14.76
CA CYS G 46 -38.15 -46.29 15.57
C CYS G 46 -39.48 -46.95 15.22
N LEU G 47 -40.55 -46.15 15.14
CA LEU G 47 -41.86 -46.72 14.82
C LEU G 47 -41.91 -47.19 13.39
N LYS G 48 -41.25 -46.48 12.48
CA LYS G 48 -41.18 -46.97 11.11
C LYS G 48 -40.47 -48.30 11.05
N ARG G 49 -39.46 -48.50 11.91
CA ARG G 49 -38.78 -49.79 11.95
C ARG G 49 -39.69 -50.86 12.53
N LYS G 50 -40.45 -50.53 13.56
CA LYS G 50 -41.43 -51.49 14.07
C LYS G 50 -42.37 -51.92 12.96
N ILE G 51 -42.85 -50.97 12.15
CA ILE G 51 -43.82 -51.32 11.11
C ILE G 51 -43.16 -52.13 10.01
N ARG G 52 -41.93 -51.78 9.65
CA ARG G 52 -41.21 -52.56 8.65
C ARG G 52 -41.01 -54.00 9.10
N ASN G 53 -40.62 -54.18 10.37
CA ASN G 53 -40.44 -55.52 10.90
C ASN G 53 -41.76 -56.28 10.91
N HIS G 54 -42.85 -55.62 11.29
CA HIS G 54 -44.13 -56.32 11.31
C HIS G 54 -44.58 -56.69 9.91
N VAL G 55 -44.32 -55.84 8.92
CA VAL G 55 -44.68 -56.18 7.56
C VAL G 55 -43.86 -57.34 7.05
N ALA G 56 -42.54 -57.29 7.25
CA ALA G 56 -41.69 -58.40 6.82
C ALA G 56 -42.02 -59.68 7.55
N LEU G 57 -42.57 -59.59 8.75
CA LEU G 57 -42.95 -60.78 9.49
C LEU G 57 -44.27 -61.36 9.00
N THR G 58 -45.35 -60.59 9.11
CA THR G 58 -46.68 -61.12 8.83
C THR G 58 -46.93 -61.39 7.36
N LYS G 59 -46.18 -60.76 6.46
CA LYS G 59 -46.28 -61.06 5.04
C LYS G 59 -45.26 -62.09 4.58
N GLU G 60 -44.41 -62.56 5.48
CA GLU G 60 -43.41 -63.59 5.21
C GLU G 60 -42.49 -63.21 4.06
N GLY G 61 -42.24 -61.91 3.89
CA GLY G 61 -41.36 -61.48 2.81
C GLY G 61 -41.91 -61.79 1.44
N ALA G 62 -43.23 -61.89 1.32
CA ALA G 62 -43.86 -62.15 0.03
C ALA G 62 -43.49 -61.06 -0.96
N GLU G 63 -43.51 -61.42 -2.25
CA GLU G 63 -43.18 -60.46 -3.29
C GLU G 63 -44.18 -59.31 -3.26
N ARG G 64 -43.69 -58.12 -3.61
CA ARG G 64 -44.41 -56.85 -3.51
C ARG G 64 -44.49 -56.37 -2.06
N PHE G 65 -43.75 -57.03 -1.16
CA PHE G 65 -43.64 -56.59 0.22
C PHE G 65 -42.23 -56.77 0.79
N ASN G 66 -41.21 -56.51 -0.02
CA ASN G 66 -39.85 -56.48 0.50
C ASN G 66 -39.63 -55.22 1.33
N ILE G 67 -38.67 -55.25 2.23
CA ILE G 67 -38.70 -54.28 3.32
C ILE G 67 -37.36 -53.59 3.61
N TYR G 68 -36.38 -53.71 2.70
CA TYR G 68 -35.02 -53.27 3.04
C TYR G 68 -34.55 -53.98 4.30
N ILE G 69 -34.31 -55.29 4.18
CA ILE G 69 -34.44 -56.24 5.28
C ILE G 69 -33.62 -55.81 6.49
N GLN G 70 -34.07 -56.23 7.68
CA GLN G 70 -33.51 -55.73 8.93
C GLN G 70 -32.05 -56.12 9.11
N GLU G 71 -31.74 -57.41 8.99
CA GLU G 71 -30.42 -57.89 9.38
C GLU G 71 -29.31 -57.22 8.57
N LYS G 72 -29.33 -57.40 7.25
CA LYS G 72 -28.34 -56.77 6.39
C LYS G 72 -28.80 -56.81 4.94
N ALA G 73 -28.75 -55.67 4.27
CA ALA G 73 -29.01 -55.57 2.85
C ALA G 73 -28.00 -54.62 2.21
N ILE G 74 -27.62 -54.92 0.98
CA ILE G 74 -26.71 -54.07 0.22
C ILE G 74 -27.57 -53.17 -0.65
N LEU G 75 -27.71 -51.91 -0.23
CA LEU G 75 -28.61 -51.00 -0.94
C LEU G 75 -28.19 -50.80 -2.39
N ASN G 76 -26.88 -50.72 -2.64
CA ASN G 76 -26.40 -50.57 -4.01
C ASN G 76 -26.68 -51.82 -4.82
N GLU G 77 -26.62 -52.99 -4.19
CA GLU G 77 -27.04 -54.21 -4.88
C GLU G 77 -28.51 -54.15 -5.24
N THR G 78 -29.34 -53.62 -4.35
CA THR G 78 -30.76 -53.49 -4.66
C THR G 78 -31.00 -52.49 -5.78
N HIS G 79 -30.19 -51.44 -5.86
CA HIS G 79 -30.34 -50.49 -6.96
C HIS G 79 -29.90 -51.11 -8.28
N GLU G 80 -28.82 -51.89 -8.25
CA GLU G 80 -28.44 -52.64 -9.45
C GLU G 80 -29.54 -53.61 -9.84
N ARG G 81 -30.21 -54.21 -8.85
CA ARG G 81 -31.35 -55.08 -9.13
C ARG G 81 -32.50 -54.30 -9.75
N ALA G 82 -32.71 -53.06 -9.29
CA ALA G 82 -33.75 -52.22 -9.87
C ALA G 82 -33.46 -51.89 -11.33
N TYR G 83 -32.21 -51.52 -11.63
CA TYR G 83 -31.84 -51.26 -13.02
C TYR G 83 -31.99 -52.50 -13.88
N THR G 84 -31.42 -53.63 -13.44
CA THR G 84 -31.52 -54.85 -14.24
C THR G 84 -32.96 -55.31 -14.37
N ALA G 85 -33.84 -54.82 -13.48
CA ALA G 85 -35.27 -55.06 -13.67
C ALA G 85 -35.81 -54.26 -14.84
N CYS G 86 -35.30 -53.05 -15.04
CA CYS G 86 -35.73 -52.21 -16.14
C CYS G 86 -34.78 -52.27 -17.33
N ASP G 87 -33.74 -53.11 -17.26
CA ASP G 87 -32.82 -53.35 -18.36
C ASP G 87 -32.08 -52.08 -18.77
N LEU G 88 -31.36 -51.47 -17.84
CA LEU G 88 -30.46 -50.36 -18.12
C LEU G 88 -29.11 -50.62 -17.45
N LYS G 89 -28.24 -49.61 -17.50
CA LYS G 89 -26.88 -49.74 -16.99
C LYS G 89 -26.72 -48.99 -15.68
N PRO G 90 -26.01 -49.56 -14.69
CA PRO G 90 -25.78 -48.84 -13.43
C PRO G 90 -24.51 -48.00 -13.43
N GLU G 91 -23.92 -47.82 -14.61
CA GLU G 91 -22.64 -47.12 -14.73
C GLU G 91 -22.70 -45.68 -14.21
N PRO G 92 -23.67 -44.86 -14.62
CA PRO G 92 -23.64 -43.45 -14.22
C PRO G 92 -23.77 -43.26 -12.72
N LYS G 93 -23.40 -42.06 -12.28
CA LYS G 93 -23.58 -41.64 -10.90
C LYS G 93 -24.96 -41.07 -10.65
N LYS G 94 -25.68 -40.68 -11.71
CA LYS G 94 -26.99 -40.05 -11.60
C LYS G 94 -28.01 -40.85 -12.40
N LEU G 95 -29.27 -40.44 -12.34
CA LEU G 95 -30.44 -40.99 -13.00
C LEU G 95 -30.28 -40.90 -14.53
N PRO G 96 -31.01 -41.72 -15.28
CA PRO G 96 -30.90 -41.67 -16.74
C PRO G 96 -31.31 -40.30 -17.28
N LYS G 97 -30.73 -39.95 -18.43
CA LYS G 97 -30.99 -38.64 -19.02
C LYS G 97 -32.46 -38.46 -19.36
N LYS G 98 -33.10 -39.52 -19.84
CA LYS G 98 -34.53 -39.47 -20.16
C LYS G 98 -35.32 -39.65 -18.88
N VAL G 99 -36.22 -38.69 -18.58
CA VAL G 99 -36.94 -38.72 -17.32
C VAL G 99 -37.88 -39.91 -17.25
N GLU G 100 -38.27 -40.46 -18.41
CA GLU G 100 -39.13 -41.63 -18.40
C GLU G 100 -38.43 -42.83 -17.75
N ASP G 101 -37.14 -43.02 -18.03
CA ASP G 101 -36.41 -44.12 -17.42
C ASP G 101 -36.32 -43.97 -15.92
N ALA G 102 -36.06 -42.74 -15.45
CA ALA G 102 -36.08 -42.49 -14.01
C ALA G 102 -37.44 -42.82 -13.42
N LYS G 103 -38.52 -42.42 -14.11
CA LYS G 103 -39.85 -42.76 -13.65
C LYS G 103 -40.01 -44.27 -13.52
N ARG G 104 -39.55 -45.02 -14.54
CA ARG G 104 -39.73 -46.47 -14.51
C ARG G 104 -38.95 -47.09 -13.36
N VAL G 105 -37.70 -46.68 -13.17
CA VAL G 105 -36.89 -47.32 -12.14
C VAL G 105 -37.43 -46.99 -10.75
N THR G 106 -37.85 -45.73 -10.54
CA THR G 106 -38.40 -45.37 -9.25
C THR G 106 -39.74 -46.05 -9.00
N ASP G 107 -40.53 -46.24 -10.05
CA ASP G 107 -41.80 -46.94 -9.88
C ASP G 107 -41.58 -48.41 -9.56
N TRP G 108 -40.58 -49.03 -10.19
CA TRP G 108 -40.20 -50.38 -9.79
C TRP G 108 -39.85 -50.43 -8.30
N MET G 109 -38.98 -49.51 -7.86
CA MET G 109 -38.57 -49.53 -6.47
C MET G 109 -39.75 -49.27 -5.53
N CYS G 110 -40.72 -48.49 -5.98
CA CYS G 110 -41.89 -48.20 -5.14
C CYS G 110 -42.87 -49.36 -5.08
N THR G 111 -43.06 -50.11 -6.17
CA THR G 111 -44.11 -51.11 -6.15
C THR G 111 -43.78 -52.27 -5.23
N ASN G 112 -42.63 -52.90 -5.39
CA ASN G 112 -42.30 -54.14 -4.68
C ASN G 112 -41.41 -53.87 -3.48
N PHE G 113 -41.61 -52.73 -2.83
CA PHE G 113 -40.94 -52.45 -1.56
C PHE G 113 -41.90 -51.62 -0.73
N TYR G 114 -42.67 -52.30 0.12
CA TYR G 114 -43.73 -51.63 0.88
C TYR G 114 -43.18 -50.47 1.70
N ASP G 115 -41.90 -50.53 2.06
CA ASP G 115 -41.29 -49.47 2.86
C ASP G 115 -41.01 -48.24 2.02
N ILE G 116 -40.51 -48.39 0.79
CA ILE G 116 -40.38 -47.24 -0.09
C ILE G 116 -41.74 -46.71 -0.48
N ARG G 117 -42.71 -47.60 -0.66
CA ARG G 117 -44.03 -47.19 -1.10
C ARG G 117 -44.78 -46.47 0.02
N THR G 118 -44.49 -46.80 1.27
CA THR G 118 -45.21 -46.27 2.42
C THR G 118 -44.51 -45.09 3.06
N PHE G 119 -43.20 -45.17 3.24
CA PHE G 119 -42.43 -44.13 3.91
C PHE G 119 -41.48 -43.40 2.98
N GLY G 120 -41.35 -43.83 1.74
CA GLY G 120 -40.42 -43.20 0.85
C GLY G 120 -38.98 -43.45 1.26
N ALA G 121 -38.08 -43.16 0.33
CA ALA G 121 -36.67 -43.44 0.56
C ALA G 121 -35.84 -42.60 -0.39
N VAL G 122 -34.61 -42.32 0.05
CA VAL G 122 -33.64 -41.62 -0.78
C VAL G 122 -32.68 -42.68 -1.31
N MET G 123 -32.67 -42.87 -2.62
CA MET G 123 -31.86 -43.89 -3.26
C MET G 123 -30.92 -43.24 -4.25
N THR G 124 -30.22 -42.20 -3.81
CA THR G 124 -29.19 -41.54 -4.59
C THR G 124 -27.85 -41.96 -4.00
N THR G 125 -27.20 -42.92 -4.65
CA THR G 125 -25.94 -43.50 -4.16
C THR G 125 -24.94 -43.44 -5.31
N GLU G 126 -23.82 -44.16 -5.15
CA GLU G 126 -22.93 -44.37 -6.28
C GLU G 126 -23.70 -44.88 -7.49
N VAL G 127 -24.71 -45.72 -7.27
CA VAL G 127 -25.74 -46.00 -8.25
C VAL G 127 -26.98 -45.25 -7.80
N ASN G 128 -27.42 -44.29 -8.61
CA ASN G 128 -28.53 -43.43 -8.24
C ASN G 128 -29.85 -44.03 -8.70
N CYS G 129 -30.81 -44.11 -7.78
CA CYS G 129 -32.12 -44.67 -8.08
C CYS G 129 -33.25 -43.69 -7.79
N GLY G 130 -32.99 -42.57 -7.13
CA GLY G 130 -33.98 -41.51 -7.09
C GLY G 130 -34.46 -41.06 -5.72
N GLN G 131 -35.68 -40.53 -5.68
CA GLN G 131 -36.23 -39.96 -4.46
C GLN G 131 -37.69 -40.37 -4.36
N VAL G 132 -38.13 -40.72 -3.15
CA VAL G 132 -39.53 -41.00 -2.88
C VAL G 132 -39.88 -40.38 -1.54
N ARG G 133 -40.97 -39.63 -1.49
CA ARG G 133 -41.44 -39.05 -0.24
C ARG G 133 -42.41 -39.97 0.50
N GLY G 134 -43.25 -40.66 -0.24
CA GLY G 134 -44.18 -41.58 0.37
C GLY G 134 -45.30 -40.85 1.08
N PRO G 135 -46.47 -41.41 1.05
CA PRO G 135 -47.61 -40.74 1.67
C PRO G 135 -47.51 -40.71 3.17
N VAL G 136 -47.14 -41.83 3.76
CA VAL G 136 -47.20 -41.98 5.21
C VAL G 136 -45.96 -41.37 5.82
N GLN G 137 -46.17 -40.50 6.81
CA GLN G 137 -45.10 -39.92 7.60
C GLN G 137 -45.54 -39.95 9.04
N MET G 138 -44.57 -39.98 9.95
CA MET G 138 -44.87 -39.93 11.37
C MET G 138 -43.94 -38.92 12.02
N ALA G 139 -44.48 -38.15 12.93
CA ALA G 139 -43.70 -37.21 13.71
C ALA G 139 -43.30 -37.87 15.01
N PHE G 140 -42.14 -37.46 15.54
CA PHE G 140 -41.59 -38.05 16.74
C PHE G 140 -42.66 -38.22 17.80
N ALA G 141 -42.66 -39.37 18.48
CA ALA G 141 -43.56 -39.57 19.59
C ALA G 141 -43.15 -38.64 20.72
N ARG G 142 -44.02 -38.49 21.70
CA ARG G 142 -43.72 -37.70 22.88
C ARG G 142 -44.56 -38.19 24.05
N SER G 143 -43.93 -38.34 25.20
CA SER G 143 -44.64 -38.78 26.39
C SER G 143 -45.58 -37.69 26.89
N VAL G 144 -46.76 -38.11 27.33
CA VAL G 144 -47.73 -37.15 27.84
C VAL G 144 -47.23 -36.53 29.13
N GLU G 145 -46.45 -37.26 29.91
CA GLU G 145 -45.90 -36.81 31.18
C GLU G 145 -44.40 -36.97 31.14
N PRO G 146 -43.65 -36.06 31.75
CA PRO G 146 -42.19 -36.15 31.69
C PRO G 146 -41.68 -37.44 32.28
N VAL G 147 -40.96 -38.21 31.47
CA VAL G 147 -40.47 -39.51 31.90
C VAL G 147 -39.28 -39.33 32.81
N VAL G 148 -39.10 -40.27 33.72
CA VAL G 148 -37.98 -40.30 34.66
C VAL G 148 -37.16 -41.55 34.36
N PRO G 149 -36.19 -41.47 33.46
CA PRO G 149 -35.43 -42.65 33.02
C PRO G 149 -34.43 -43.19 34.05
N GLN G 150 -34.93 -44.01 34.96
CA GLN G 150 -34.09 -44.59 36.00
C GLN G 150 -33.09 -45.57 35.37
N GLU G 151 -31.90 -45.63 35.97
CA GLU G 151 -30.82 -46.48 35.49
C GLU G 151 -30.66 -47.66 36.43
N VAL G 152 -30.63 -48.87 35.87
CA VAL G 152 -30.47 -50.09 36.64
C VAL G 152 -29.12 -50.70 36.28
N SER G 153 -28.18 -50.64 37.22
CA SER G 153 -26.87 -51.25 37.08
C SER G 153 -27.05 -52.76 37.21
N ILE G 154 -26.57 -53.50 36.23
CA ILE G 154 -26.80 -54.92 36.19
C ILE G 154 -25.51 -55.67 36.44
N THR G 155 -25.65 -56.92 36.89
CA THR G 155 -24.53 -57.76 37.25
C THR G 155 -24.11 -58.65 36.08
N ARG G 156 -23.10 -59.49 36.32
CA ARG G 156 -22.57 -60.41 35.31
C ARG G 156 -21.85 -61.54 36.04
N MET G 157 -21.77 -62.71 35.40
CA MET G 157 -21.16 -63.88 36.05
C MET G 157 -20.29 -64.73 35.14
N ALA G 158 -20.00 -64.29 33.92
CA ALA G 158 -19.10 -65.03 33.02
C ALA G 158 -18.35 -64.02 32.15
N VAL G 159 -17.14 -63.66 32.58
CA VAL G 159 -16.37 -62.66 31.87
C VAL G 159 -15.74 -63.30 30.62
N THR G 160 -15.45 -62.47 29.63
CA THR G 160 -14.70 -62.89 28.45
C THR G 160 -13.24 -62.44 28.51
N THR G 161 -12.79 -61.92 29.64
CA THR G 161 -11.41 -61.49 29.83
C THR G 161 -10.87 -62.15 31.10
N LYS G 162 -9.57 -62.42 31.11
CA LYS G 162 -8.95 -63.17 32.18
C LYS G 162 -9.19 -62.49 33.53
N ALA G 163 -9.74 -63.25 34.47
CA ALA G 163 -10.04 -62.77 35.81
C ALA G 163 -9.56 -63.79 36.83
N GLU G 164 -9.21 -63.30 38.03
CA GLU G 164 -8.62 -64.15 39.06
C GLU G 164 -9.33 -64.07 40.39
N ALA G 165 -10.36 -63.24 40.54
CA ALA G 165 -11.05 -63.10 41.82
C ALA G 165 -12.56 -63.14 41.66
N GLU G 166 -13.05 -62.99 40.43
CA GLU G 166 -14.49 -62.95 40.18
C GLU G 166 -15.05 -64.33 39.86
N ASP G 171 -9.11 -56.97 42.74
CA ASP G 171 -10.55 -57.25 42.67
C ASP G 171 -11.04 -57.16 41.23
N ASN G 172 -11.38 -58.30 40.64
CA ASN G 172 -11.91 -58.37 39.29
C ASN G 172 -13.43 -58.38 39.35
N ARG G 173 -14.06 -57.55 38.51
CA ARG G 173 -15.51 -57.46 38.48
C ARG G 173 -15.93 -56.75 37.19
N THR G 174 -16.75 -57.42 36.39
CA THR G 174 -17.34 -56.79 35.21
C THR G 174 -18.82 -56.58 35.44
N MET G 175 -19.32 -55.45 34.95
CA MET G 175 -20.72 -55.09 35.13
C MET G 175 -21.24 -54.45 33.86
N GLY G 176 -22.55 -54.57 33.67
CA GLY G 176 -23.20 -54.04 32.50
C GLY G 176 -24.07 -52.83 32.80
N ARG G 177 -24.84 -52.44 31.79
CA ARG G 177 -25.64 -51.23 31.84
C ARG G 177 -27.01 -51.51 31.26
N LYS G 178 -28.05 -51.06 31.97
CA LYS G 178 -29.41 -51.15 31.50
C LYS G 178 -30.18 -49.93 31.98
N HIS G 179 -31.00 -49.38 31.09
CA HIS G 179 -31.85 -48.26 31.43
C HIS G 179 -33.29 -48.65 31.12
N ILE G 180 -34.19 -48.35 32.04
CA ILE G 180 -35.61 -48.62 31.86
C ILE G 180 -36.38 -47.34 32.14
N VAL G 181 -37.57 -47.24 31.55
CA VAL G 181 -38.55 -46.21 31.88
C VAL G 181 -39.61 -46.86 32.77
N PRO G 182 -39.76 -46.41 34.03
CA PRO G 182 -40.76 -47.02 34.91
C PRO G 182 -42.14 -47.09 34.28
N TYR G 183 -42.56 -45.97 33.71
CA TYR G 183 -43.75 -45.95 32.87
C TYR G 183 -43.70 -44.73 31.98
N GLY G 184 -44.39 -44.82 30.85
CA GLY G 184 -44.59 -43.69 29.98
C GLY G 184 -45.91 -43.83 29.28
N LEU G 185 -46.19 -42.89 28.37
CA LEU G 185 -47.28 -43.00 27.42
C LEU G 185 -46.98 -42.04 26.30
N TYR G 186 -46.66 -42.57 25.12
CA TYR G 186 -46.18 -41.76 24.02
C TYR G 186 -47.28 -41.59 22.99
N VAL G 187 -47.31 -40.43 22.35
CA VAL G 187 -48.36 -40.05 21.41
C VAL G 187 -47.71 -39.71 20.07
N ALA G 188 -48.01 -40.50 19.06
CA ALA G 188 -47.47 -40.27 17.73
C ALA G 188 -48.50 -39.62 16.83
N HIS G 189 -48.02 -38.85 15.86
CA HIS G 189 -48.85 -38.17 14.89
C HIS G 189 -48.43 -38.58 13.49
N GLY G 190 -49.40 -38.93 12.65
CA GLY G 190 -49.13 -39.40 11.32
C GLY G 190 -49.95 -38.66 10.27
N PHE G 191 -49.44 -38.70 9.05
CA PHE G 191 -50.08 -38.04 7.93
C PHE G 191 -49.97 -38.93 6.70
N ILE G 192 -51.10 -39.35 6.17
CA ILE G 192 -51.14 -40.02 4.89
C ILE G 192 -51.70 -39.03 3.88
N SER G 193 -51.02 -38.90 2.75
CA SER G 193 -51.35 -37.84 1.81
C SER G 193 -51.65 -38.45 0.45
N ALA G 194 -52.84 -38.17 -0.04
CA ALA G 194 -53.31 -38.71 -1.31
C ALA G 194 -52.48 -38.29 -2.50
N PRO G 195 -51.94 -37.05 -2.56
CA PRO G 195 -51.02 -36.74 -3.65
C PRO G 195 -49.80 -37.66 -3.71
N LEU G 196 -49.04 -37.73 -2.61
CA LEU G 196 -47.87 -38.59 -2.61
C LEU G 196 -48.25 -40.05 -2.78
N ALA G 197 -49.44 -40.42 -2.32
CA ALA G 197 -49.93 -41.77 -2.56
C ALA G 197 -50.11 -42.03 -4.05
N GLU G 198 -50.78 -41.12 -4.75
CA GLU G 198 -50.92 -41.25 -6.19
C GLU G 198 -49.56 -41.35 -6.86
N LYS G 199 -48.57 -40.66 -6.31
CA LYS G 199 -47.21 -40.79 -6.85
C LYS G 199 -46.62 -42.17 -6.58
N THR G 200 -46.93 -42.77 -5.43
CA THR G 200 -46.28 -44.01 -5.02
C THR G 200 -47.20 -45.22 -4.95
N GLY G 201 -48.49 -45.05 -5.13
CA GLY G 201 -49.38 -46.19 -5.17
C GLY G 201 -49.73 -46.78 -3.82
N PHE G 202 -49.98 -45.95 -2.82
CA PHE G 202 -50.35 -46.44 -1.50
C PHE G 202 -51.79 -46.92 -1.53
N SER G 203 -51.97 -48.21 -1.80
CA SER G 203 -53.27 -48.78 -2.08
C SER G 203 -54.14 -48.85 -0.83
N ASP G 204 -55.32 -49.42 -0.99
CA ASP G 204 -56.17 -49.69 0.17
C ASP G 204 -55.71 -50.95 0.89
N GLU G 205 -55.17 -51.93 0.15
CA GLU G 205 -54.57 -53.08 0.79
C GLU G 205 -53.35 -52.68 1.59
N ASP G 206 -52.50 -51.83 1.03
CA ASP G 206 -51.38 -51.29 1.78
C ASP G 206 -51.85 -50.55 3.01
N LEU G 207 -52.97 -49.81 2.90
CA LEU G 207 -53.42 -49.02 4.02
C LEU G 207 -53.97 -49.90 5.14
N THR G 208 -54.68 -50.98 4.78
CA THR G 208 -55.19 -51.86 5.82
C THR G 208 -54.06 -52.66 6.46
N LEU G 209 -53.04 -53.02 5.68
CA LEU G 209 -51.85 -53.62 6.26
C LEU G 209 -51.17 -52.66 7.22
N PHE G 210 -51.16 -51.38 6.87
CA PHE G 210 -50.53 -50.38 7.73
C PHE G 210 -51.29 -50.21 9.05
N TRP G 211 -52.62 -50.18 8.99
CA TRP G 211 -53.38 -50.10 10.24
C TRP G 211 -53.17 -51.35 11.08
N ASP G 212 -53.20 -52.52 10.45
CA ASP G 212 -52.90 -53.76 11.17
C ASP G 212 -51.57 -53.66 11.89
N ALA G 213 -50.52 -53.26 11.16
CA ALA G 213 -49.20 -53.09 11.75
C ALA G 213 -49.24 -52.13 12.93
N LEU G 214 -49.80 -50.93 12.72
CA LEU G 214 -49.85 -49.94 13.79
C LEU G 214 -50.56 -50.49 15.02
N VAL G 215 -51.46 -51.45 14.84
CA VAL G 215 -52.07 -52.08 16.00
C VAL G 215 -51.12 -53.12 16.60
N ASN G 216 -50.46 -53.91 15.76
CA ASN G 216 -49.68 -55.06 16.20
C ASN G 216 -48.17 -54.86 16.06
N MET G 217 -47.71 -53.61 16.07
CA MET G 217 -46.27 -53.37 15.96
C MET G 217 -45.50 -54.01 17.11
N PHE G 218 -45.90 -53.73 18.34
CA PHE G 218 -45.05 -53.90 19.50
C PHE G 218 -45.17 -55.25 20.18
N GLU G 219 -46.01 -56.14 19.68
CA GLU G 219 -46.14 -57.44 20.31
C GLU G 219 -44.99 -58.37 19.94
N HIS G 220 -44.21 -58.02 18.92
CA HIS G 220 -43.24 -58.95 18.36
C HIS G 220 -41.81 -58.45 18.44
N ASP G 221 -41.59 -57.14 18.56
CA ASP G 221 -40.22 -56.65 18.70
C ASP G 221 -39.86 -56.59 20.17
N ARG G 222 -39.98 -57.72 20.86
CA ARG G 222 -39.68 -57.78 22.29
C ARG G 222 -38.19 -57.98 22.51
N SER G 223 -37.70 -57.57 23.66
CA SER G 223 -36.28 -57.62 23.95
C SER G 223 -36.08 -57.60 25.45
N ALA G 224 -34.82 -57.79 25.86
CA ALA G 224 -34.47 -57.65 27.26
C ALA G 224 -34.68 -56.24 27.76
N ALA G 225 -34.15 -55.24 27.05
CA ALA G 225 -34.24 -53.85 27.44
C ALA G 225 -35.34 -53.09 26.72
N ARG G 226 -36.47 -53.73 26.46
CA ARG G 226 -37.67 -53.01 26.06
C ARG G 226 -38.86 -53.24 26.97
N GLY G 227 -38.76 -54.15 27.93
CA GLY G 227 -39.85 -54.33 28.88
C GLY G 227 -41.12 -54.72 28.16
N LEU G 228 -42.18 -53.95 28.40
CA LEU G 228 -43.51 -54.30 27.95
C LEU G 228 -44.10 -53.09 27.23
N MET G 229 -43.97 -53.06 25.91
CA MET G 229 -44.59 -52.03 25.08
C MET G 229 -45.96 -52.53 24.69
N SER G 230 -46.85 -51.60 24.37
CA SER G 230 -48.17 -51.95 23.85
C SER G 230 -48.83 -50.70 23.28
N SER G 231 -49.52 -50.88 22.18
CA SER G 231 -50.35 -49.81 21.66
C SER G 231 -51.69 -49.81 22.38
N ARG G 232 -52.20 -48.61 22.64
CA ARG G 232 -53.42 -48.48 23.43
C ARG G 232 -54.58 -47.90 22.62
N LYS G 233 -54.38 -46.73 22.03
CA LYS G 233 -55.42 -46.05 21.28
C LYS G 233 -54.93 -45.77 19.87
N LEU G 234 -55.81 -45.95 18.89
CA LEU G 234 -55.52 -45.63 17.50
C LEU G 234 -56.73 -44.94 16.92
N ILE G 235 -56.63 -43.62 16.73
CA ILE G 235 -57.72 -42.79 16.24
C ILE G 235 -57.35 -42.33 14.84
N VAL G 236 -58.21 -42.64 13.87
CA VAL G 236 -57.93 -42.30 12.48
C VAL G 236 -58.92 -41.23 12.03
N PHE G 237 -58.41 -40.10 11.56
CA PHE G 237 -59.23 -39.04 11.00
C PHE G 237 -59.16 -39.14 9.48
N LYS G 238 -60.20 -39.71 8.87
CA LYS G 238 -60.31 -39.81 7.42
C LYS G 238 -61.18 -38.66 6.94
N HIS G 239 -60.58 -37.72 6.22
CA HIS G 239 -61.38 -36.65 5.67
C HIS G 239 -62.13 -37.13 4.44
N GLN G 240 -63.02 -36.28 3.93
CA GLN G 240 -63.78 -36.63 2.75
C GLN G 240 -63.14 -36.16 1.46
N ASN G 241 -62.17 -35.26 1.52
CA ASN G 241 -61.56 -34.70 0.33
C ASN G 241 -60.18 -35.29 0.10
N ARG G 242 -59.75 -35.29 -1.16
CA ARG G 242 -58.39 -35.69 -1.47
C ARG G 242 -57.37 -34.78 -0.81
N LEU G 243 -57.73 -33.52 -0.57
CA LEU G 243 -56.85 -32.60 0.13
C LEU G 243 -57.48 -32.22 1.45
N GLY G 244 -56.92 -31.23 2.12
CA GLY G 244 -57.42 -30.85 3.43
C GLY G 244 -58.91 -30.58 3.42
N ASN G 245 -59.61 -31.15 4.39
CA ASN G 245 -60.96 -30.75 4.73
C ASN G 245 -61.01 -29.93 6.01
N ALA G 246 -60.03 -30.12 6.90
CA ALA G 246 -59.87 -29.40 8.14
C ALA G 246 -58.39 -29.50 8.44
N PRO G 247 -57.80 -28.51 9.09
CA PRO G 247 -56.36 -28.58 9.37
C PRO G 247 -56.03 -29.73 10.29
N ALA G 248 -54.82 -30.30 10.14
CA ALA G 248 -54.46 -31.49 10.92
C ALA G 248 -54.36 -31.17 12.40
N HIS G 249 -53.84 -29.98 12.74
CA HIS G 249 -53.60 -29.66 14.14
C HIS G 249 -54.89 -29.59 14.92
N LYS G 250 -55.99 -29.22 14.27
CA LYS G 250 -57.29 -29.22 14.96
C LYS G 250 -57.67 -30.63 15.39
N LEU G 251 -57.55 -31.58 14.47
CA LEU G 251 -57.81 -32.98 14.81
C LEU G 251 -56.93 -33.43 15.95
N PHE G 252 -55.62 -33.18 15.85
CA PHE G 252 -54.73 -33.58 16.94
C PHE G 252 -55.08 -32.88 18.25
N ASP G 253 -55.72 -31.73 18.19
CA ASP G 253 -56.24 -31.09 19.40
C ASP G 253 -57.50 -31.74 19.92
N LEU G 254 -58.25 -32.44 19.06
CA LEU G 254 -59.42 -33.17 19.55
C LEU G 254 -59.03 -34.30 20.51
N VAL G 255 -57.94 -35.02 20.22
CA VAL G 255 -57.49 -36.13 21.05
C VAL G 255 -56.85 -35.52 22.30
N LYS G 256 -57.51 -35.67 23.44
CA LYS G 256 -57.04 -35.11 24.69
C LYS G 256 -56.66 -36.23 25.63
N VAL G 257 -55.40 -36.23 26.07
CA VAL G 257 -54.86 -37.30 26.90
C VAL G 257 -54.48 -36.69 28.25
N SER G 258 -55.33 -36.89 29.26
CA SER G 258 -55.10 -36.32 30.58
C SER G 258 -54.94 -37.45 31.59
N ARG G 259 -54.72 -37.07 32.85
CA ARG G 259 -54.57 -38.05 33.91
C ARG G 259 -55.90 -38.29 34.62
N ALA G 260 -56.04 -39.48 35.19
CA ALA G 260 -57.27 -39.84 35.88
C ALA G 260 -57.44 -39.03 37.16
N GLU G 261 -58.70 -38.91 37.59
CA GLU G 261 -58.99 -38.14 38.78
C GLU G 261 -58.52 -38.86 40.05
N GLY G 262 -58.70 -40.17 40.11
CA GLY G 262 -58.28 -40.91 41.28
C GLY G 262 -56.77 -41.05 41.40
N SER G 263 -56.07 -41.01 40.27
CA SER G 263 -54.61 -41.18 40.29
C SER G 263 -53.93 -39.92 40.81
N SER G 264 -52.95 -40.11 41.69
CA SER G 264 -52.21 -39.01 42.26
C SER G 264 -50.71 -39.09 41.97
N GLY G 265 -50.10 -40.24 42.18
CA GLY G 265 -48.67 -40.38 42.02
C GLY G 265 -48.22 -40.37 40.57
N PRO G 266 -46.92 -40.54 40.35
CA PRO G 266 -46.40 -40.60 38.98
C PRO G 266 -47.04 -41.75 38.23
N ALA G 267 -47.27 -41.53 36.94
CA ALA G 267 -47.96 -42.50 36.10
C ALA G 267 -47.30 -43.86 36.18
N ARG G 268 -48.13 -44.90 36.26
CA ARG G 268 -47.62 -46.26 36.28
C ARG G 268 -48.40 -47.24 35.41
N SER G 269 -49.53 -46.85 34.83
CA SER G 269 -50.34 -47.74 34.02
C SER G 269 -51.28 -46.91 33.16
N PHE G 270 -51.79 -47.53 32.09
CA PHE G 270 -52.73 -46.83 31.22
C PHE G 270 -54.06 -46.58 31.91
N ALA G 271 -54.34 -47.30 33.01
CA ALA G 271 -55.51 -46.97 33.81
C ALA G 271 -55.33 -45.68 34.59
N ASP G 272 -54.12 -45.17 34.67
CA ASP G 272 -53.84 -43.91 35.34
C ASP G 272 -53.91 -42.72 34.40
N TYR G 273 -54.61 -42.85 33.28
CA TYR G 273 -54.89 -41.75 32.38
C TYR G 273 -56.30 -41.91 31.83
N ALA G 274 -56.85 -40.81 31.33
CA ALA G 274 -58.14 -40.81 30.63
C ALA G 274 -57.95 -40.09 29.30
N VAL G 275 -58.45 -40.70 28.23
CA VAL G 275 -58.27 -40.18 26.88
C VAL G 275 -59.64 -39.91 26.28
N THR G 276 -59.91 -38.65 25.98
CA THR G 276 -61.18 -38.22 25.42
C THR G 276 -61.00 -37.81 23.98
N VAL G 277 -61.91 -38.24 23.11
CA VAL G 277 -61.85 -37.96 21.70
C VAL G 277 -63.07 -37.12 21.34
N GLY G 278 -62.84 -35.98 20.71
CA GLY G 278 -63.90 -35.05 20.41
C GLY G 278 -64.62 -35.34 19.12
N GLN G 279 -65.50 -34.43 18.75
CA GLN G 279 -66.26 -34.57 17.51
C GLN G 279 -65.50 -33.93 16.36
N ALA G 280 -65.59 -34.57 15.20
CA ALA G 280 -64.85 -34.14 14.03
C ALA G 280 -65.61 -33.06 13.27
N PRO G 281 -64.90 -32.12 12.65
CA PRO G 281 -65.56 -31.14 11.78
C PRO G 281 -66.31 -31.83 10.66
N GLU G 282 -67.24 -31.09 10.06
CA GLU G 282 -68.31 -31.68 9.27
C GLU G 282 -67.83 -32.56 8.13
N GLY G 283 -66.67 -32.27 7.55
CA GLY G 283 -66.14 -33.07 6.47
C GLY G 283 -65.11 -34.09 6.89
N VAL G 284 -65.18 -34.60 8.12
CA VAL G 284 -64.19 -35.53 8.65
C VAL G 284 -64.92 -36.68 9.33
N GLU G 285 -64.48 -37.91 9.05
CA GLU G 285 -64.98 -39.09 9.73
C GLU G 285 -63.88 -39.61 10.63
N VAL G 286 -64.12 -39.62 11.93
CA VAL G 286 -63.15 -40.05 12.92
C VAL G 286 -63.53 -41.42 13.42
N LYS G 287 -62.59 -42.36 13.36
CA LYS G 287 -62.81 -43.74 13.79
C LYS G 287 -61.78 -44.07 14.86
N GLU G 288 -62.25 -44.10 16.11
CA GLU G 288 -61.45 -44.57 17.25
C GLU G 288 -61.79 -46.04 17.45
N MET G 289 -61.75 -46.80 16.35
CA MET G 289 -62.12 -48.20 16.42
C MET G 289 -60.98 -49.11 15.98
N LEU G 290 -59.93 -48.56 15.39
CA LEU G 290 -58.76 -49.35 15.08
C LEU G 290 -57.99 -49.53 16.37
N MET H 1 -33.60 -78.71 13.40
CA MET H 1 -34.42 -79.16 14.52
C MET H 1 -35.83 -78.56 14.45
N THR H 2 -36.78 -79.21 15.12
CA THR H 2 -38.13 -78.71 15.17
C THR H 2 -38.20 -77.39 15.93
N ALA H 3 -39.35 -76.72 15.84
CA ALA H 3 -39.55 -75.46 16.51
C ALA H 3 -40.98 -75.38 17.04
N ILE H 4 -41.12 -74.72 18.18
CA ILE H 4 -42.45 -74.46 18.71
C ILE H 4 -43.19 -73.52 17.77
N ALA H 5 -44.39 -73.92 17.36
CA ALA H 5 -45.16 -73.16 16.38
C ALA H 5 -46.26 -72.34 17.02
N ASN H 6 -46.29 -72.25 18.35
CA ASN H 6 -47.27 -71.45 19.06
C ASN H 6 -46.59 -70.34 19.85
N ARG H 7 -47.27 -69.21 19.99
CA ARG H 7 -46.78 -68.14 20.82
C ARG H 7 -47.27 -68.32 22.25
N TYR H 8 -46.36 -68.14 23.20
CA TYR H 8 -46.64 -68.39 24.61
C TYR H 8 -46.42 -67.12 25.40
N GLU H 9 -47.26 -66.91 26.41
CA GLU H 9 -47.03 -65.91 27.42
C GLU H 9 -47.09 -66.60 28.77
N PHE H 10 -46.54 -65.96 29.79
CA PHE H 10 -46.68 -66.50 31.14
C PHE H 10 -46.53 -65.38 32.15
N VAL H 11 -47.14 -65.59 33.31
CA VAL H 11 -47.07 -64.65 34.42
C VAL H 11 -46.83 -65.44 35.71
N LEU H 12 -45.74 -65.09 36.41
CA LEU H 12 -45.33 -65.81 37.62
C LEU H 12 -45.46 -64.84 38.79
N LEU H 13 -45.97 -65.34 39.92
CA LEU H 13 -46.22 -64.51 41.08
C LEU H 13 -45.40 -65.04 42.26
N PHE H 14 -44.12 -64.63 42.34
CA PHE H 14 -43.23 -65.18 43.36
C PHE H 14 -42.89 -64.10 44.38
N ASP H 15 -42.66 -64.54 45.61
CA ASP H 15 -42.67 -63.64 46.75
C ASP H 15 -41.41 -63.81 47.60
N VAL H 16 -41.19 -62.81 48.47
CA VAL H 16 -40.07 -62.79 49.39
C VAL H 16 -40.62 -62.57 50.79
N GLU H 17 -39.98 -63.20 51.78
CA GLU H 17 -40.40 -63.04 53.16
C GLU H 17 -39.22 -62.60 54.01
N ASN H 18 -38.01 -63.01 53.62
CA ASN H 18 -36.81 -62.64 54.35
C ASN H 18 -35.73 -62.22 53.36
N GLY H 19 -34.89 -61.27 53.76
CA GLY H 19 -33.80 -60.85 52.92
C GLY H 19 -34.27 -60.04 51.73
N ASN H 20 -33.38 -59.95 50.74
CA ASN H 20 -33.63 -59.26 49.49
C ASN H 20 -33.75 -60.24 48.34
N PRO H 21 -34.52 -59.91 47.31
CA PRO H 21 -34.59 -60.79 46.13
C PRO H 21 -33.52 -60.48 45.11
N ASN H 22 -33.01 -59.25 45.13
CA ASN H 22 -32.02 -58.80 44.16
C ASN H 22 -31.22 -57.61 44.66
N GLY H 23 -29.91 -57.67 44.49
CA GLY H 23 -29.06 -56.57 44.87
C GLY H 23 -28.74 -55.66 43.71
N ASP H 24 -28.82 -54.37 43.97
CA ASP H 24 -28.57 -53.39 42.93
C ASP H 24 -27.22 -52.74 43.17
N PRO H 25 -26.20 -53.06 42.36
CA PRO H 25 -24.86 -52.50 42.63
C PRO H 25 -24.80 -50.99 42.59
N ASP H 26 -25.91 -50.30 42.29
CA ASP H 26 -25.89 -48.84 42.30
C ASP H 26 -25.84 -48.30 43.72
N ALA H 27 -26.74 -48.78 44.59
CA ALA H 27 -26.81 -48.31 45.97
C ALA H 27 -26.57 -49.51 46.88
N GLY H 28 -25.29 -49.80 47.15
CA GLY H 28 -24.91 -50.89 48.02
C GLY H 28 -25.50 -52.23 47.63
N ASN H 29 -26.22 -52.85 48.56
CA ASN H 29 -26.90 -54.10 48.33
C ASN H 29 -28.41 -54.00 48.56
N MET H 30 -28.95 -52.80 48.62
CA MET H 30 -30.38 -52.57 48.86
C MET H 30 -31.19 -53.30 47.80
N PRO H 31 -32.35 -53.85 48.15
CA PRO H 31 -33.21 -54.48 47.14
C PRO H 31 -33.56 -53.52 46.01
N ARG H 32 -33.67 -54.06 44.80
CA ARG H 32 -34.00 -53.26 43.62
C ARG H 32 -35.40 -52.72 43.78
N ILE H 33 -35.51 -51.42 44.06
CA ILE H 33 -36.78 -50.80 44.38
C ILE H 33 -37.08 -49.75 43.31
N ASP H 34 -38.37 -49.45 43.14
CA ASP H 34 -38.77 -48.31 42.33
C ASP H 34 -38.67 -47.06 43.20
N PRO H 35 -37.88 -46.07 42.82
CA PRO H 35 -37.63 -44.95 43.74
C PRO H 35 -38.87 -44.10 44.00
N GLU H 36 -39.65 -43.80 42.96
CA GLU H 36 -40.74 -42.85 43.12
C GLU H 36 -41.92 -43.45 43.87
N THR H 37 -42.09 -44.77 43.82
CA THR H 37 -43.27 -45.40 44.37
C THR H 37 -43.01 -46.38 45.50
N GLY H 38 -41.83 -46.98 45.57
CA GLY H 38 -41.53 -47.95 46.62
C GLY H 38 -41.72 -49.39 46.23
N HIS H 39 -42.18 -49.67 45.01
CA HIS H 39 -42.33 -51.05 44.57
C HIS H 39 -40.97 -51.66 44.28
N GLY H 40 -40.90 -52.98 44.26
CA GLY H 40 -39.65 -53.68 44.09
C GLY H 40 -39.46 -54.19 42.66
N LEU H 41 -38.22 -54.18 42.21
CA LEU H 41 -37.86 -54.64 40.88
C LEU H 41 -37.06 -55.94 41.00
N VAL H 42 -37.20 -56.80 39.99
CA VAL H 42 -36.38 -57.99 39.84
C VAL H 42 -36.02 -58.09 38.36
N THR H 43 -34.76 -57.88 38.05
CA THR H 43 -34.33 -57.79 36.67
C THR H 43 -34.57 -59.08 35.90
N ASP H 44 -34.61 -58.95 34.58
CA ASP H 44 -34.79 -60.09 33.70
C ASP H 44 -33.61 -61.06 33.79
N VAL H 45 -32.39 -60.51 33.87
CA VAL H 45 -31.21 -61.34 33.88
C VAL H 45 -31.19 -62.25 35.10
N CYS H 46 -31.75 -61.78 36.22
CA CYS H 46 -31.78 -62.59 37.44
C CYS H 46 -32.59 -63.86 37.23
N LEU H 47 -33.83 -63.72 36.77
CA LEU H 47 -34.67 -64.90 36.56
C LEU H 47 -34.14 -65.75 35.42
N LYS H 48 -33.50 -65.13 34.43
CA LYS H 48 -32.92 -65.92 33.34
C LYS H 48 -31.75 -66.77 33.83
N ARG H 49 -30.94 -66.23 34.75
CA ARG H 49 -29.86 -67.03 35.32
C ARG H 49 -30.41 -68.09 36.26
N LYS H 50 -31.51 -67.82 36.95
CA LYS H 50 -32.12 -68.87 37.73
C LYS H 50 -32.60 -70.01 36.83
N ILE H 51 -33.15 -69.67 35.67
CA ILE H 51 -33.44 -70.67 34.64
C ILE H 51 -32.20 -71.47 34.31
N ARG H 52 -31.10 -70.79 33.95
CA ARG H 52 -29.87 -71.48 33.59
C ARG H 52 -29.38 -72.38 34.71
N ASN H 53 -29.51 -71.94 35.95
CA ASN H 53 -29.04 -72.73 37.09
C ASN H 53 -29.89 -73.98 37.27
N HIS H 54 -31.22 -73.86 37.13
CA HIS H 54 -32.05 -75.06 37.21
C HIS H 54 -31.74 -76.00 36.06
N VAL H 55 -31.34 -75.46 34.91
CA VAL H 55 -30.85 -76.32 33.83
C VAL H 55 -29.62 -77.07 34.27
N ALA H 56 -28.59 -76.35 34.72
CA ALA H 56 -27.32 -76.98 35.06
C ALA H 56 -27.47 -77.95 36.22
N LEU H 57 -28.51 -77.79 37.05
CA LEU H 57 -28.68 -78.71 38.17
C LEU H 57 -29.52 -79.92 37.78
N THR H 58 -30.70 -79.70 37.20
CA THR H 58 -31.57 -80.82 36.86
C THR H 58 -31.16 -81.53 35.58
N LYS H 59 -30.38 -80.87 34.71
CA LYS H 59 -29.86 -81.52 33.53
C LYS H 59 -28.36 -81.78 33.58
N GLU H 60 -27.69 -81.33 34.65
CA GLU H 60 -26.30 -81.60 34.97
C GLU H 60 -25.32 -80.88 34.05
N GLY H 61 -25.82 -80.24 32.99
CA GLY H 61 -24.94 -79.78 31.94
C GLY H 61 -24.67 -80.81 30.88
N ALA H 62 -25.62 -81.70 30.61
CA ALA H 62 -25.41 -82.78 29.65
C ALA H 62 -25.22 -82.23 28.24
N GLU H 63 -24.98 -83.14 27.30
CA GLU H 63 -24.74 -82.76 25.91
C GLU H 63 -25.90 -81.97 25.37
N ARG H 64 -25.59 -80.89 24.62
CA ARG H 64 -26.56 -80.01 23.95
C ARG H 64 -27.22 -79.06 24.94
N PHE H 65 -26.70 -78.97 26.17
CA PHE H 65 -27.27 -78.05 27.15
C PHE H 65 -26.19 -77.36 27.97
N ASN H 66 -25.14 -76.87 27.29
CA ASN H 66 -24.15 -76.04 27.95
C ASN H 66 -24.67 -74.62 28.06
N ILE H 67 -24.50 -74.01 29.25
CA ILE H 67 -25.33 -72.86 29.61
C ILE H 67 -24.53 -71.60 29.91
N TYR H 68 -23.25 -71.55 29.55
CA TYR H 68 -22.38 -70.43 29.94
C TYR H 68 -22.38 -70.27 31.46
N ILE H 69 -21.83 -71.28 32.14
CA ILE H 69 -22.00 -71.40 33.59
C ILE H 69 -21.49 -70.17 34.32
N GLN H 70 -22.03 -69.94 35.52
CA GLN H 70 -21.75 -68.72 36.27
C GLN H 70 -20.44 -68.77 37.05
N GLU H 71 -19.82 -69.94 37.16
CA GLU H 71 -18.52 -69.99 37.82
C GLU H 71 -17.49 -69.19 37.04
N LYS H 72 -17.14 -69.65 35.84
CA LYS H 72 -16.32 -68.89 34.91
C LYS H 72 -16.27 -69.60 33.57
N ALA H 73 -16.40 -68.86 32.47
CA ALA H 73 -16.25 -69.44 31.15
C ALA H 73 -15.87 -68.35 30.14
N ILE H 74 -14.60 -68.31 29.75
CA ILE H 74 -14.14 -67.31 28.81
C ILE H 74 -14.95 -67.44 27.52
N LEU H 75 -15.58 -66.33 27.10
CA LEU H 75 -16.38 -66.39 25.90
C LEU H 75 -15.50 -66.55 24.67
N ASN H 76 -14.26 -66.08 24.74
CA ASN H 76 -13.35 -66.21 23.60
C ASN H 76 -13.05 -67.66 23.31
N GLU H 77 -12.87 -68.49 24.34
CA GLU H 77 -12.56 -69.90 24.08
C GLU H 77 -13.77 -70.64 23.54
N THR H 78 -14.97 -70.26 23.98
CA THR H 78 -16.16 -70.87 23.39
C THR H 78 -16.32 -70.47 21.94
N HIS H 79 -16.02 -69.22 21.61
CA HIS H 79 -16.07 -68.80 20.21
C HIS H 79 -15.01 -69.52 19.38
N GLU H 80 -13.82 -69.75 19.96
CA GLU H 80 -12.82 -70.52 19.26
C GLU H 80 -13.28 -71.95 19.05
N ARG H 81 -13.94 -72.54 20.04
CA ARG H 81 -14.50 -73.88 19.87
C ARG H 81 -15.52 -73.89 18.75
N ALA H 82 -16.32 -72.84 18.66
CA ALA H 82 -17.28 -72.73 17.55
C ALA H 82 -16.57 -72.72 16.20
N TYR H 83 -15.59 -71.83 16.04
CA TYR H 83 -14.92 -71.70 14.75
C TYR H 83 -14.13 -72.97 14.38
N THR H 84 -13.65 -73.71 15.39
CA THR H 84 -13.08 -75.01 15.09
C THR H 84 -14.14 -75.99 14.63
N ALA H 85 -15.32 -76.00 15.28
CA ALA H 85 -16.43 -76.79 14.78
C ALA H 85 -16.88 -76.30 13.41
N CYS H 86 -16.45 -75.12 13.00
CA CYS H 86 -16.76 -74.57 11.70
C CYS H 86 -15.61 -74.72 10.70
N ASP H 87 -14.42 -75.08 11.18
CA ASP H 87 -13.22 -75.23 10.36
C ASP H 87 -12.87 -73.93 9.66
N LEU H 88 -13.03 -72.79 10.35
CA LEU H 88 -12.58 -71.51 9.84
C LEU H 88 -11.70 -70.84 10.89
N LYS H 89 -11.08 -69.73 10.49
CA LYS H 89 -10.10 -69.12 11.39
C LYS H 89 -10.76 -68.15 12.35
N PRO H 90 -10.45 -68.27 13.64
CA PRO H 90 -10.98 -67.30 14.61
C PRO H 90 -10.14 -66.04 14.68
N GLU H 91 -9.25 -65.86 13.70
CA GLU H 91 -8.35 -64.72 13.70
C GLU H 91 -9.08 -63.37 13.57
N PRO H 92 -10.02 -63.18 12.65
CA PRO H 92 -10.58 -61.83 12.46
C PRO H 92 -11.32 -61.35 13.69
N LYS H 93 -11.47 -60.02 13.78
CA LYS H 93 -12.28 -59.39 14.81
C LYS H 93 -13.75 -59.29 14.42
N LYS H 94 -14.13 -59.84 13.27
CA LYS H 94 -15.50 -59.74 12.78
C LYS H 94 -16.02 -61.11 12.38
N LEU H 95 -17.16 -61.14 11.69
CA LEU H 95 -17.76 -62.35 11.15
C LEU H 95 -17.28 -62.60 9.74
N PRO H 96 -17.41 -63.83 9.23
CA PRO H 96 -17.04 -64.11 7.84
C PRO H 96 -17.92 -63.33 6.86
N LYS H 97 -17.32 -62.92 5.74
CA LYS H 97 -18.07 -62.16 4.75
C LYS H 97 -19.16 -63.00 4.10
N LYS H 98 -18.96 -64.31 4.03
CA LYS H 98 -20.00 -65.20 3.52
C LYS H 98 -21.07 -65.40 4.57
N VAL H 99 -22.31 -65.00 4.26
CA VAL H 99 -23.38 -65.07 5.24
C VAL H 99 -23.67 -66.52 5.64
N GLU H 100 -23.35 -67.48 4.75
CA GLU H 100 -23.57 -68.88 5.08
C GLU H 100 -22.70 -69.32 6.25
N ASP H 101 -21.46 -68.84 6.31
CA ASP H 101 -20.58 -69.19 7.41
C ASP H 101 -21.07 -68.58 8.72
N ALA H 102 -21.55 -67.34 8.66
CA ALA H 102 -22.12 -66.71 9.85
C ALA H 102 -23.32 -67.51 10.36
N LYS H 103 -24.21 -67.89 9.44
CA LYS H 103 -25.32 -68.76 9.80
C LYS H 103 -24.81 -70.04 10.44
N ARG H 104 -23.73 -70.61 9.88
CA ARG H 104 -23.23 -71.89 10.39
C ARG H 104 -22.72 -71.75 11.83
N VAL H 105 -21.90 -70.74 12.09
CA VAL H 105 -21.33 -70.60 13.43
C VAL H 105 -22.40 -70.24 14.45
N THR H 106 -23.30 -69.31 14.10
CA THR H 106 -24.37 -68.95 15.03
C THR H 106 -25.29 -70.13 15.30
N ASP H 107 -25.57 -70.93 14.27
CA ASP H 107 -26.46 -72.07 14.44
C ASP H 107 -25.79 -73.17 15.25
N TRP H 108 -24.49 -73.38 15.06
CA TRP H 108 -23.77 -74.31 15.92
C TRP H 108 -23.81 -73.85 17.37
N MET H 109 -23.65 -72.55 17.61
CA MET H 109 -23.78 -72.02 18.96
C MET H 109 -25.16 -72.34 19.52
N CYS H 110 -26.21 -72.04 18.76
CA CYS H 110 -27.56 -72.20 19.27
C CYS H 110 -27.93 -73.67 19.48
N THR H 111 -27.38 -74.58 18.68
CA THR H 111 -27.80 -75.98 18.79
C THR H 111 -27.38 -76.61 20.11
N ASN H 112 -26.17 -76.33 20.59
CA ASN H 112 -25.70 -76.96 21.82
C ASN H 112 -25.29 -75.91 22.84
N PHE H 113 -26.11 -74.87 23.00
CA PHE H 113 -26.03 -73.97 24.15
C PHE H 113 -27.46 -73.56 24.49
N TYR H 114 -28.00 -74.13 25.56
CA TYR H 114 -29.41 -73.93 25.89
C TYR H 114 -29.73 -72.46 26.08
N ASP H 115 -28.94 -71.75 26.87
CA ASP H 115 -29.19 -70.33 27.07
C ASP H 115 -29.11 -69.54 25.77
N ILE H 116 -28.31 -70.01 24.81
CA ILE H 116 -28.23 -69.32 23.53
C ILE H 116 -29.41 -69.71 22.64
N ARG H 117 -29.87 -70.95 22.74
CA ARG H 117 -31.06 -71.35 22.01
C ARG H 117 -32.30 -70.65 22.53
N THR H 118 -32.30 -70.23 23.79
CA THR H 118 -33.52 -69.82 24.48
C THR H 118 -33.58 -68.33 24.80
N PHE H 119 -32.51 -67.73 25.29
CA PHE H 119 -32.55 -66.34 25.73
C PHE H 119 -31.62 -65.43 24.95
N GLY H 120 -30.98 -65.95 23.91
CA GLY H 120 -30.15 -65.14 23.05
C GLY H 120 -28.89 -64.65 23.73
N ALA H 121 -27.89 -64.36 22.89
CA ALA H 121 -26.61 -63.94 23.40
C ALA H 121 -25.96 -63.02 22.38
N VAL H 122 -25.13 -62.11 22.88
CA VAL H 122 -24.33 -61.24 22.03
C VAL H 122 -22.92 -61.83 22.00
N MET H 123 -22.59 -62.48 20.88
CA MET H 123 -21.31 -63.12 20.69
C MET H 123 -20.49 -62.32 19.70
N THR H 124 -20.51 -60.99 19.90
CA THR H 124 -19.69 -60.05 19.15
C THR H 124 -18.59 -59.56 20.07
N THR H 125 -17.36 -60.02 19.81
CA THR H 125 -16.20 -59.60 20.58
C THR H 125 -14.95 -59.65 19.70
N GLU H 126 -13.77 -59.67 20.34
CA GLU H 126 -12.54 -59.83 19.57
C GLU H 126 -12.58 -61.06 18.67
N VAL H 127 -13.31 -62.09 19.08
CA VAL H 127 -13.60 -63.25 18.25
C VAL H 127 -15.12 -63.31 18.07
N ASN H 128 -15.60 -62.73 16.96
CA ASN H 128 -17.01 -62.50 16.74
C ASN H 128 -17.75 -63.78 16.38
N CYS H 129 -19.02 -63.86 16.79
CA CYS H 129 -19.89 -64.95 16.39
C CYS H 129 -21.29 -64.49 16.00
N GLY H 130 -21.75 -63.34 16.49
CA GLY H 130 -22.97 -62.73 15.98
C GLY H 130 -23.93 -62.31 17.09
N GLN H 131 -25.22 -62.36 16.78
CA GLN H 131 -26.26 -62.02 17.73
C GLN H 131 -27.32 -63.12 17.70
N VAL H 132 -27.95 -63.36 18.85
CA VAL H 132 -29.13 -64.20 18.93
C VAL H 132 -30.16 -63.52 19.82
N ARG H 133 -31.28 -63.12 19.25
CA ARG H 133 -32.31 -62.40 20.00
C ARG H 133 -33.04 -63.33 20.97
N GLY H 134 -33.10 -64.62 20.64
CA GLY H 134 -33.72 -65.59 21.51
C GLY H 134 -35.22 -65.50 21.45
N PRO H 135 -35.88 -66.64 21.49
CA PRO H 135 -37.34 -66.66 21.47
C PRO H 135 -37.95 -66.11 22.75
N VAL H 136 -37.44 -66.53 23.89
CA VAL H 136 -38.04 -66.16 25.17
C VAL H 136 -37.49 -64.80 25.57
N GLN H 137 -38.31 -64.02 26.26
CA GLN H 137 -37.92 -62.78 26.90
C GLN H 137 -38.62 -62.70 28.25
N MET H 138 -38.04 -61.93 29.16
CA MET H 138 -38.69 -61.64 30.43
C MET H 138 -38.55 -60.16 30.73
N ALA H 139 -39.56 -59.62 31.40
CA ALA H 139 -39.55 -58.25 31.87
C ALA H 139 -39.12 -58.21 33.33
N PHE H 140 -38.78 -57.02 33.79
CA PHE H 140 -38.49 -56.83 35.20
C PHE H 140 -39.70 -57.21 36.03
N ALA H 141 -39.52 -58.16 36.95
CA ALA H 141 -40.60 -58.53 37.85
C ALA H 141 -40.85 -57.37 38.80
N ARG H 142 -42.09 -56.89 38.82
CA ARG H 142 -42.44 -55.77 39.69
C ARG H 142 -43.31 -56.28 40.81
N SER H 143 -43.09 -55.75 42.01
CA SER H 143 -43.92 -56.14 43.15
C SER H 143 -45.30 -55.49 43.04
N VAL H 144 -46.32 -56.30 43.32
CA VAL H 144 -47.68 -55.79 43.28
C VAL H 144 -47.90 -54.77 44.39
N GLU H 145 -47.13 -54.84 45.47
CA GLU H 145 -47.22 -53.90 46.56
C GLU H 145 -45.87 -53.26 46.79
N PRO H 146 -45.84 -52.06 47.39
CA PRO H 146 -44.56 -51.39 47.61
C PRO H 146 -43.67 -52.16 48.58
N VAL H 147 -42.36 -51.95 48.45
CA VAL H 147 -41.40 -52.51 49.38
C VAL H 147 -40.89 -51.40 50.29
N VAL H 148 -40.46 -51.78 51.49
CA VAL H 148 -39.88 -50.85 52.45
C VAL H 148 -38.40 -51.16 52.58
N PRO H 149 -37.52 -50.15 52.65
CA PRO H 149 -36.08 -50.41 52.78
C PRO H 149 -35.63 -50.62 54.21
N GLN H 150 -35.80 -51.83 54.74
CA GLN H 150 -35.40 -52.10 56.12
C GLN H 150 -34.08 -52.87 56.17
N GLU H 151 -33.26 -52.52 57.15
CA GLU H 151 -31.95 -53.14 57.36
C GLU H 151 -31.92 -53.86 58.70
N VAL H 152 -31.26 -55.02 58.73
CA VAL H 152 -31.11 -55.83 59.93
C VAL H 152 -29.64 -55.98 60.23
N SER H 153 -29.24 -55.66 61.45
CA SER H 153 -27.84 -55.77 61.86
C SER H 153 -27.53 -57.19 62.31
N ILE H 154 -26.30 -57.64 62.04
CA ILE H 154 -25.89 -59.00 62.35
C ILE H 154 -24.38 -59.03 62.60
N THR H 155 -23.96 -59.87 63.55
CA THR H 155 -22.54 -60.01 63.85
C THR H 155 -21.88 -61.04 62.93
N ARG H 156 -20.56 -60.97 62.87
CA ARG H 156 -19.76 -61.90 62.08
C ARG H 156 -18.78 -62.64 62.99
N MET H 157 -18.62 -63.94 62.76
CA MET H 157 -17.72 -64.77 63.56
C MET H 157 -16.40 -65.06 62.84
N ALA H 158 -16.38 -64.98 61.51
CA ALA H 158 -15.17 -65.29 60.76
C ALA H 158 -14.12 -64.21 60.97
N VAL H 159 -12.85 -64.62 60.87
CA VAL H 159 -11.71 -63.73 61.05
C VAL H 159 -10.90 -63.74 59.76
N THR H 160 -10.89 -62.60 59.07
CA THR H 160 -10.14 -62.50 57.81
C THR H 160 -9.35 -61.22 57.68
N THR H 161 -9.36 -60.33 58.67
CA THR H 161 -8.63 -59.06 58.61
C THR H 161 -7.69 -58.96 59.80
N LYS H 162 -7.00 -57.83 59.88
CA LYS H 162 -6.09 -57.58 61.00
C LYS H 162 -6.87 -57.56 62.32
N ALA H 163 -6.31 -58.23 63.32
CA ALA H 163 -6.99 -58.42 64.61
C ALA H 163 -6.15 -57.79 65.71
N GLU H 164 -6.51 -56.58 66.11
CA GLU H 164 -5.94 -55.94 67.29
C GLU H 164 -7.08 -55.39 68.15
N ALA H 165 -8.27 -55.33 67.56
CA ALA H 165 -9.47 -54.91 68.27
C ALA H 165 -10.63 -55.84 67.92
N GLU H 166 -10.33 -56.87 67.13
CA GLU H 166 -11.34 -57.85 66.72
C GLU H 166 -11.40 -58.99 67.72
N ASP H 171 -20.57 -50.67 67.34
CA ASP H 171 -20.03 -51.95 67.78
C ASP H 171 -18.51 -51.85 67.90
N ASN H 172 -17.88 -52.91 68.42
CA ASN H 172 -16.44 -52.93 68.62
C ASN H 172 -15.81 -54.08 67.85
N ARG H 173 -16.57 -54.68 66.95
CA ARG H 173 -16.08 -55.77 66.12
C ARG H 173 -16.75 -55.69 64.76
N THR H 174 -16.31 -56.54 63.85
CA THR H 174 -16.86 -56.56 62.50
C THR H 174 -18.34 -56.90 62.53
N MET H 175 -19.11 -56.27 61.64
CA MET H 175 -20.54 -56.49 61.54
C MET H 175 -20.93 -56.67 60.08
N GLY H 176 -21.88 -57.56 59.83
CA GLY H 176 -22.35 -57.83 58.49
C GLY H 176 -23.38 -56.82 58.02
N ARG H 177 -24.20 -57.24 57.07
CA ARG H 177 -25.24 -56.38 56.52
C ARG H 177 -26.33 -57.24 55.91
N LYS H 178 -27.57 -56.93 56.29
CA LYS H 178 -28.75 -57.60 55.77
C LYS H 178 -29.80 -56.55 55.45
N HIS H 179 -30.64 -56.85 54.46
CA HIS H 179 -31.76 -55.99 54.11
C HIS H 179 -32.95 -56.88 53.77
N ILE H 180 -34.01 -56.77 54.56
CA ILE H 180 -35.13 -57.71 54.50
C ILE H 180 -36.30 -57.05 53.78
N VAL H 181 -37.11 -57.87 53.15
CA VAL H 181 -38.42 -57.48 52.62
C VAL H 181 -39.49 -58.20 53.41
N PRO H 182 -40.44 -57.51 54.02
CA PRO H 182 -41.49 -58.22 54.76
C PRO H 182 -42.30 -59.16 53.89
N TYR H 183 -42.80 -58.66 52.77
CA TYR H 183 -43.46 -59.50 51.76
C TYR H 183 -43.51 -58.78 50.43
N GLY H 184 -42.85 -59.32 49.42
CA GLY H 184 -42.98 -58.76 48.09
C GLY H 184 -43.24 -59.82 47.06
N LEU H 185 -44.43 -59.79 46.47
CA LEU H 185 -44.88 -60.79 45.52
C LEU H 185 -44.78 -60.18 44.14
N TYR H 186 -43.79 -60.59 43.37
CA TYR H 186 -43.46 -59.98 42.10
C TYR H 186 -44.26 -60.64 40.99
N VAL H 187 -44.51 -59.91 39.90
CA VAL H 187 -45.11 -60.47 38.70
C VAL H 187 -44.08 -60.43 37.59
N ALA H 188 -43.73 -61.61 37.08
CA ALA H 188 -42.89 -61.70 35.90
C ALA H 188 -43.76 -61.88 34.66
N HIS H 189 -43.40 -61.18 33.59
CA HIS H 189 -44.27 -61.00 32.45
C HIS H 189 -43.56 -61.49 31.18
N GLY H 190 -42.98 -62.68 31.25
CA GLY H 190 -42.23 -63.20 30.12
C GLY H 190 -43.06 -63.36 28.87
N PHE H 191 -42.35 -63.60 27.77
CA PHE H 191 -42.94 -63.81 26.46
C PHE H 191 -42.21 -64.95 25.76
N ILE H 192 -42.77 -65.38 24.63
CA ILE H 192 -42.17 -66.41 23.78
C ILE H 192 -42.61 -66.14 22.34
N SER H 193 -41.66 -66.02 21.43
CA SER H 193 -41.95 -65.76 20.02
C SER H 193 -41.60 -66.97 19.18
N ALA H 194 -42.57 -67.48 18.43
CA ALA H 194 -42.29 -68.60 17.55
C ALA H 194 -41.39 -68.26 16.35
N PRO H 195 -41.41 -67.05 15.78
CA PRO H 195 -40.43 -66.75 14.71
C PRO H 195 -38.99 -66.87 15.15
N LEU H 196 -38.62 -66.22 16.26
CA LEU H 196 -37.24 -66.31 16.72
C LEU H 196 -36.91 -67.72 17.20
N ALA H 197 -37.90 -68.44 17.72
CA ALA H 197 -37.68 -69.84 18.08
C ALA H 197 -37.33 -70.67 16.85
N GLU H 198 -38.10 -70.51 15.76
CA GLU H 198 -37.75 -71.18 14.52
C GLU H 198 -36.37 -70.73 14.03
N LYS H 199 -36.04 -69.47 14.25
CA LYS H 199 -34.72 -68.99 13.87
C LYS H 199 -33.62 -69.73 14.62
N THR H 200 -33.85 -70.06 15.89
CA THR H 200 -32.82 -70.67 16.73
C THR H 200 -33.05 -72.14 17.03
N GLY H 201 -34.29 -72.56 17.24
CA GLY H 201 -34.57 -73.98 17.41
C GLY H 201 -35.16 -74.34 18.75
N PHE H 202 -35.81 -73.40 19.42
CA PHE H 202 -36.38 -73.63 20.74
C PHE H 202 -37.55 -74.61 20.59
N SER H 203 -37.30 -75.88 20.90
CA SER H 203 -38.25 -76.96 20.64
C SER H 203 -39.31 -77.02 21.73
N ASP H 204 -40.14 -78.06 21.66
CA ASP H 204 -41.16 -78.25 22.68
C ASP H 204 -40.62 -78.98 23.90
N GLU H 205 -39.61 -79.83 23.71
CA GLU H 205 -38.91 -80.36 24.88
C GLU H 205 -38.15 -79.25 25.58
N ASP H 206 -37.69 -78.26 24.81
CA ASP H 206 -37.11 -77.07 25.41
C ASP H 206 -38.13 -76.35 26.29
N LEU H 207 -39.38 -76.26 25.83
CA LEU H 207 -40.38 -75.56 26.64
C LEU H 207 -40.85 -76.42 27.82
N THR H 208 -40.77 -77.75 27.69
CA THR H 208 -41.07 -78.57 28.85
C THR H 208 -40.02 -78.37 29.93
N LEU H 209 -38.74 -78.38 29.56
CA LEU H 209 -37.70 -78.03 30.51
C LEU H 209 -37.92 -76.63 31.05
N PHE H 210 -38.39 -75.72 30.20
CA PHE H 210 -38.56 -74.32 30.60
C PHE H 210 -39.67 -74.18 31.65
N TRP H 211 -40.81 -74.84 31.43
CA TRP H 211 -41.87 -74.82 32.45
C TRP H 211 -41.41 -75.51 33.72
N ASP H 212 -40.71 -76.64 33.59
CA ASP H 212 -40.16 -77.30 34.76
C ASP H 212 -39.28 -76.33 35.56
N ALA H 213 -38.46 -75.56 34.87
CA ALA H 213 -37.56 -74.63 35.54
C ALA H 213 -38.33 -73.48 36.19
N LEU H 214 -39.34 -72.97 35.49
CA LEU H 214 -40.13 -71.88 36.03
C LEU H 214 -40.92 -72.31 37.25
N VAL H 215 -41.29 -73.59 37.34
CA VAL H 215 -41.99 -74.08 38.52
C VAL H 215 -41.02 -74.24 39.68
N ASN H 216 -39.81 -74.73 39.41
CA ASN H 216 -38.79 -74.96 40.42
C ASN H 216 -37.69 -73.92 40.38
N MET H 217 -38.07 -72.64 40.18
CA MET H 217 -37.11 -71.56 40.14
C MET H 217 -36.14 -71.62 41.32
N PHE H 218 -36.67 -71.74 42.54
CA PHE H 218 -35.89 -71.64 43.77
C PHE H 218 -35.78 -73.00 44.46
N GLU H 219 -35.59 -74.07 43.67
CA GLU H 219 -35.46 -75.40 44.26
C GLU H 219 -34.15 -75.54 45.01
N HIS H 220 -33.07 -74.95 44.48
CA HIS H 220 -31.77 -75.06 45.10
C HIS H 220 -31.09 -73.71 45.29
N ASP H 221 -31.52 -72.67 44.59
CA ASP H 221 -30.91 -71.36 44.68
C ASP H 221 -31.37 -70.69 45.97
N ARG H 222 -30.55 -70.76 47.00
CA ARG H 222 -30.87 -70.18 48.29
C ARG H 222 -29.59 -69.72 48.96
N SER H 223 -29.64 -68.52 49.54
CA SER H 223 -28.52 -67.96 50.27
C SER H 223 -29.03 -67.32 51.55
N ALA H 224 -28.13 -67.16 52.52
CA ALA H 224 -28.46 -66.59 53.83
C ALA H 224 -28.84 -65.12 53.75
N ALA H 225 -28.55 -64.44 52.63
CA ALA H 225 -28.93 -63.05 52.44
C ALA H 225 -30.18 -62.89 51.59
N ARG H 226 -30.57 -63.92 50.84
CA ARG H 226 -31.77 -63.87 50.01
C ARG H 226 -33.01 -64.36 50.72
N GLY H 227 -32.87 -64.97 51.90
CA GLY H 227 -34.01 -65.42 52.69
C GLY H 227 -34.89 -66.42 51.97
N LEU H 228 -36.18 -66.38 52.26
CA LEU H 228 -37.12 -67.30 51.63
C LEU H 228 -37.71 -66.68 50.37
N MET H 229 -37.79 -67.49 49.31
CA MET H 229 -38.38 -67.06 48.04
C MET H 229 -38.94 -68.30 47.36
N SER H 230 -40.20 -68.24 46.98
CA SER H 230 -40.92 -69.42 46.52
C SER H 230 -41.57 -69.13 45.17
N SER H 231 -41.50 -70.09 44.27
CA SER H 231 -42.18 -70.03 42.99
C SER H 231 -43.62 -70.47 43.15
N ARG H 232 -44.54 -69.63 42.68
CA ARG H 232 -45.96 -69.87 42.87
C ARG H 232 -46.62 -70.10 41.51
N LYS H 233 -47.95 -70.09 41.47
CA LYS H 233 -48.70 -70.44 40.27
C LYS H 233 -48.11 -69.79 39.02
N LEU H 234 -48.13 -70.54 37.94
CA LEU H 234 -47.62 -70.12 36.65
C LEU H 234 -48.76 -70.26 35.65
N ILE H 235 -49.18 -69.15 35.07
CA ILE H 235 -50.30 -69.11 34.14
C ILE H 235 -49.73 -68.98 32.74
N VAL H 236 -50.22 -69.80 31.80
CA VAL H 236 -49.74 -69.79 30.43
C VAL H 236 -50.90 -69.46 29.50
N PHE H 237 -50.77 -68.36 28.77
CA PHE H 237 -51.75 -67.96 27.77
C PHE H 237 -51.27 -68.44 26.41
N LYS H 238 -51.50 -69.71 26.12
CA LYS H 238 -51.03 -70.35 24.90
C LYS H 238 -51.92 -69.93 23.75
N HIS H 239 -51.35 -69.28 22.76
CA HIS H 239 -52.07 -68.90 21.55
C HIS H 239 -52.16 -70.09 20.60
N GLN H 240 -53.13 -70.03 19.70
CA GLN H 240 -53.33 -71.12 18.75
C GLN H 240 -52.54 -70.96 17.46
N ASN H 241 -51.67 -69.96 17.37
CA ASN H 241 -50.89 -69.73 16.16
C ASN H 241 -49.66 -68.92 16.52
N ARG H 242 -48.71 -68.86 15.59
CA ARG H 242 -47.42 -68.25 15.90
C ARG H 242 -47.56 -66.76 16.14
N LEU H 243 -48.27 -66.06 15.26
CA LEU H 243 -48.56 -64.66 15.53
C LEU H 243 -49.65 -64.57 16.59
N GLY H 244 -49.80 -63.39 17.17
CA GLY H 244 -50.68 -63.25 18.31
C GLY H 244 -52.14 -63.42 17.95
N ASN H 245 -52.97 -63.44 19.00
CA ASN H 245 -54.41 -63.30 18.87
C ASN H 245 -54.99 -62.30 19.84
N ALA H 246 -54.16 -61.61 20.60
CA ALA H 246 -54.64 -60.62 21.55
C ALA H 246 -53.47 -59.77 22.00
N PRO H 247 -53.68 -58.50 22.31
CA PRO H 247 -52.59 -57.71 22.84
C PRO H 247 -52.10 -58.34 24.13
N ALA H 248 -50.78 -58.44 24.30
CA ALA H 248 -50.26 -59.08 25.50
C ALA H 248 -50.78 -58.39 26.76
N HIS H 249 -50.89 -57.07 26.71
CA HIS H 249 -51.32 -56.32 27.89
C HIS H 249 -52.73 -56.70 28.31
N LYS H 250 -53.53 -57.19 27.36
CA LYS H 250 -54.90 -57.56 27.70
C LYS H 250 -54.92 -58.83 28.54
N LEU H 251 -54.20 -59.87 28.10
CA LEU H 251 -54.06 -61.07 28.91
C LEU H 251 -53.42 -60.75 30.25
N PHE H 252 -52.35 -59.95 30.24
CA PHE H 252 -51.67 -59.63 31.49
C PHE H 252 -52.58 -58.90 32.46
N ASP H 253 -53.72 -58.40 31.98
CA ASP H 253 -54.74 -57.84 32.85
C ASP H 253 -55.88 -58.81 33.10
N LEU H 254 -55.85 -59.98 32.46
CA LEU H 254 -56.81 -61.03 32.83
C LEU H 254 -56.36 -61.78 34.07
N VAL H 255 -55.09 -61.65 34.43
CA VAL H 255 -54.57 -62.17 35.70
C VAL H 255 -54.74 -61.05 36.72
N LYS H 256 -55.93 -60.96 37.30
CA LYS H 256 -56.29 -59.83 38.16
C LYS H 256 -55.95 -60.19 39.60
N VAL H 257 -55.59 -59.18 40.38
CA VAL H 257 -55.07 -59.34 41.73
C VAL H 257 -55.89 -58.45 42.66
N SER H 258 -56.31 -59.01 43.78
CA SER H 258 -57.07 -58.27 44.79
C SER H 258 -56.67 -58.75 46.19
N ARG H 259 -57.36 -58.21 47.20
CA ARG H 259 -57.16 -58.61 48.58
C ARG H 259 -58.03 -59.81 48.91
N ALA H 260 -57.57 -60.61 49.87
CA ALA H 260 -58.34 -61.76 50.30
C ALA H 260 -59.47 -61.32 51.24
N GLU H 261 -60.40 -62.24 51.49
CA GLU H 261 -61.50 -61.94 52.38
C GLU H 261 -61.05 -61.78 53.83
N GLY H 262 -60.17 -62.66 54.29
CA GLY H 262 -59.63 -62.50 55.63
C GLY H 262 -58.64 -61.35 55.73
N SER H 263 -58.11 -60.90 54.60
CA SER H 263 -57.18 -59.79 54.56
C SER H 263 -57.93 -58.47 54.63
N SER H 264 -57.52 -57.62 55.59
CA SER H 264 -58.16 -56.33 55.78
C SER H 264 -57.11 -55.24 55.96
N GLY H 265 -55.83 -55.63 55.90
CA GLY H 265 -54.74 -54.69 56.04
C GLY H 265 -53.58 -55.05 55.14
N PRO H 266 -52.36 -54.73 55.57
CA PRO H 266 -51.18 -55.11 54.79
C PRO H 266 -51.05 -56.63 54.65
N ALA H 267 -50.45 -57.08 53.56
CA ALA H 267 -50.37 -58.50 53.25
C ALA H 267 -48.95 -59.00 53.43
N ARG H 268 -48.79 -60.04 54.26
CA ARG H 268 -47.49 -60.61 54.56
C ARG H 268 -47.44 -62.08 54.15
N SER H 269 -48.49 -62.57 53.50
CA SER H 269 -48.58 -63.98 53.14
C SER H 269 -49.40 -64.15 51.88
N PHE H 270 -49.10 -65.20 51.12
CA PHE H 270 -49.87 -65.57 49.95
C PHE H 270 -51.34 -65.78 50.25
N ALA H 271 -51.70 -66.02 51.52
CA ALA H 271 -53.10 -66.21 51.89
C ALA H 271 -53.86 -64.90 51.95
N ASP H 272 -53.18 -63.79 52.19
CA ASP H 272 -53.78 -62.46 52.15
C ASP H 272 -53.88 -61.90 50.74
N TYR H 273 -53.85 -62.76 49.73
CA TYR H 273 -53.64 -62.39 48.34
C TYR H 273 -54.64 -63.15 47.48
N ALA H 274 -55.36 -62.44 46.62
CA ALA H 274 -56.41 -63.04 45.81
C ALA H 274 -56.03 -62.96 44.34
N VAL H 275 -55.90 -64.12 43.71
CA VAL H 275 -55.56 -64.23 42.30
C VAL H 275 -56.77 -64.76 41.55
N THR H 276 -57.33 -63.93 40.66
CA THR H 276 -58.34 -64.42 39.74
C THR H 276 -57.79 -64.38 38.33
N VAL H 277 -58.27 -65.28 37.48
CA VAL H 277 -57.87 -65.35 36.09
C VAL H 277 -59.13 -65.47 35.26
N GLY H 278 -59.49 -64.40 34.56
CA GLY H 278 -60.73 -64.34 33.82
C GLY H 278 -60.74 -65.25 32.61
N GLN H 279 -61.78 -65.08 31.80
CA GLN H 279 -61.96 -65.87 30.59
C GLN H 279 -61.17 -65.27 29.45
N ALA H 280 -60.40 -66.11 28.78
CA ALA H 280 -59.52 -65.68 27.70
C ALA H 280 -60.30 -65.53 26.40
N PRO H 281 -59.75 -64.80 25.43
CA PRO H 281 -60.35 -64.80 24.09
C PRO H 281 -60.40 -66.19 23.50
N GLU H 282 -61.42 -66.47 22.69
CA GLU H 282 -61.60 -67.81 22.15
C GLU H 282 -60.40 -68.27 21.32
N GLY H 283 -59.49 -67.37 21.00
CA GLY H 283 -58.29 -67.71 20.27
C GLY H 283 -57.10 -68.10 21.12
N VAL H 284 -57.20 -68.01 22.44
CA VAL H 284 -56.10 -68.32 23.34
C VAL H 284 -56.59 -69.20 24.48
N GLU H 285 -55.90 -70.31 24.70
CA GLU H 285 -56.20 -71.19 25.82
C GLU H 285 -55.32 -70.81 26.99
N VAL H 286 -55.93 -70.51 28.13
CA VAL H 286 -55.21 -70.20 29.35
C VAL H 286 -55.17 -71.45 30.22
N LYS H 287 -53.97 -71.83 30.64
CA LYS H 287 -53.78 -72.99 31.51
C LYS H 287 -53.08 -72.54 32.78
N GLU H 288 -53.70 -72.80 33.93
CA GLU H 288 -53.14 -72.49 35.23
C GLU H 288 -53.18 -73.74 36.09
N MET H 289 -52.12 -74.54 36.03
CA MET H 289 -51.97 -75.69 36.91
C MET H 289 -50.51 -75.83 37.32
N LEU H 290 -49.69 -74.88 36.90
CA LEU H 290 -48.25 -74.96 37.12
C LEU H 290 -47.82 -74.13 38.32
N TRP I 1 57.61 41.43 -35.27
CA TRP I 1 57.46 41.46 -36.71
C TRP I 1 56.16 42.12 -37.14
N GLU I 2 55.74 41.84 -38.37
CA GLU I 2 54.50 42.37 -38.89
C GLU I 2 53.32 41.57 -38.36
N ASN I 3 52.13 42.12 -38.55
CA ASN I 3 50.97 41.69 -37.80
C ASN I 3 50.12 40.68 -38.56
N THR I 4 49.80 39.59 -37.89
CA THR I 4 48.79 38.65 -38.36
C THR I 4 47.42 39.20 -37.99
N SER I 5 46.43 38.97 -38.85
CA SER I 5 45.12 39.53 -38.61
C SER I 5 44.08 38.57 -39.13
N TYR I 6 42.81 39.01 -39.10
CA TYR I 6 41.71 38.39 -39.83
C TYR I 6 41.35 37.00 -39.27
N ILE I 7 41.64 36.76 -37.99
CA ILE I 7 41.13 35.59 -37.29
C ILE I 7 39.99 36.07 -36.39
N LEU I 8 39.06 35.16 -36.09
CA LEU I 8 37.95 35.53 -35.23
C LEU I 8 38.44 35.71 -33.80
N GLY I 9 38.72 36.95 -33.42
CA GLY I 9 39.34 37.21 -32.14
C GLY I 9 38.94 38.58 -31.63
N VAL I 10 39.89 39.24 -30.97
CA VAL I 10 39.59 40.52 -30.34
C VAL I 10 40.14 41.69 -31.16
N ASP I 11 41.44 41.71 -31.42
CA ASP I 11 42.05 42.82 -32.14
C ASP I 11 42.59 42.43 -33.52
N ALA I 12 42.66 41.14 -33.82
CA ALA I 12 43.29 40.65 -35.05
C ALA I 12 44.69 41.24 -35.21
N LYS I 13 45.55 41.01 -34.21
CA LYS I 13 46.93 41.50 -34.22
C LYS I 13 47.90 40.33 -34.13
N GLY I 14 49.19 40.66 -34.22
CA GLY I 14 50.25 39.68 -34.35
C GLY I 14 50.49 38.77 -33.17
N LYS I 15 51.15 37.64 -33.44
CA LYS I 15 51.49 36.64 -32.45
C LYS I 15 53.00 36.50 -32.40
N GLN I 16 53.47 35.75 -31.39
CA GLN I 16 54.90 35.53 -31.14
C GLN I 16 55.65 36.85 -30.94
N GLU I 17 55.01 37.79 -30.26
CA GLU I 17 55.67 39.07 -29.99
C GLU I 17 55.55 39.40 -28.51
N ARG I 18 56.53 40.14 -28.02
CA ARG I 18 56.63 40.52 -26.62
C ARG I 18 56.36 42.01 -26.48
N THR I 19 55.45 42.34 -25.58
CA THR I 19 55.07 43.72 -25.36
C THR I 19 55.15 44.04 -23.88
N ASP I 20 55.52 43.06 -23.07
CA ASP I 20 55.53 43.17 -21.63
C ASP I 20 56.92 42.86 -21.10
N LYS I 21 57.07 42.93 -19.79
CA LYS I 21 58.36 42.72 -19.14
C LYS I 21 58.54 41.30 -18.67
N CYS I 22 57.47 40.63 -18.23
CA CYS I 22 57.59 39.29 -17.67
C CYS I 22 57.78 38.23 -18.73
N HIS I 23 57.83 38.60 -20.00
CA HIS I 23 58.21 37.69 -21.07
C HIS I 23 59.66 37.91 -21.47
N ALA I 24 60.46 38.42 -20.53
CA ALA I 24 61.87 38.69 -20.77
C ALA I 24 62.67 37.51 -20.26
N ALA I 25 63.45 36.91 -21.16
CA ALA I 25 64.29 35.77 -20.81
C ALA I 25 65.67 36.04 -21.39
N PHE I 26 66.68 36.03 -20.52
CA PHE I 26 68.07 36.21 -20.95
C PHE I 26 68.20 37.52 -21.70
N ILE I 27 68.04 38.63 -20.98
CA ILE I 27 67.32 39.80 -21.51
C ILE I 27 67.68 40.07 -22.96
N ALA I 28 66.63 40.15 -23.78
CA ALA I 28 66.74 40.52 -25.18
C ALA I 28 65.88 41.75 -25.41
N HIS I 29 65.84 42.28 -26.63
CA HIS I 29 65.29 43.62 -26.76
C HIS I 29 63.77 43.62 -26.64
N ILE I 30 63.06 43.23 -27.69
CA ILE I 30 61.62 43.00 -27.59
C ILE I 30 61.17 41.82 -28.44
N LYS I 31 61.96 41.49 -29.46
CA LYS I 31 61.54 40.42 -30.36
C LYS I 31 62.74 39.60 -30.79
N ALA I 32 63.85 39.74 -30.07
CA ALA I 32 65.04 38.94 -30.30
C ALA I 32 64.99 37.64 -29.53
N TYR I 33 64.13 37.53 -28.53
CA TYR I 33 63.89 36.27 -27.84
C TYR I 33 63.41 35.18 -28.78
N CYS I 34 62.59 35.55 -29.76
CA CYS I 34 62.05 34.64 -30.74
C CYS I 34 62.66 34.85 -32.11
N ASP I 35 63.98 35.05 -32.17
CA ASP I 35 64.62 35.54 -33.37
C ASP I 35 64.44 34.60 -34.56
N THR I 36 63.60 35.03 -35.51
CA THR I 36 63.37 34.33 -36.78
C THR I 36 63.70 35.32 -37.91
N ALA I 37 64.95 35.31 -38.34
CA ALA I 37 65.48 36.14 -39.41
C ALA I 37 65.39 37.63 -39.12
N ASP I 38 64.92 38.02 -37.93
CA ASP I 38 64.95 39.43 -37.57
C ASP I 38 66.36 39.89 -37.26
N GLN I 39 66.98 39.31 -36.24
CA GLN I 39 68.42 39.44 -36.03
C GLN I 39 69.06 38.22 -36.68
N ASP I 40 69.90 38.45 -37.69
CA ASP I 40 70.35 37.38 -38.58
C ASP I 40 71.54 36.60 -38.05
N LEU I 41 71.73 36.57 -36.73
CA LEU I 41 72.72 35.70 -36.11
C LEU I 41 72.25 34.26 -35.99
N ALA I 42 70.94 34.03 -35.96
CA ALA I 42 70.36 32.68 -35.94
C ALA I 42 68.86 32.81 -36.18
N ALA I 43 68.33 31.89 -36.98
CA ALA I 43 66.91 31.91 -37.30
C ALA I 43 66.31 30.58 -36.92
N VAL I 44 65.19 30.63 -36.18
CA VAL I 44 64.54 29.38 -35.80
C VAL I 44 63.90 28.74 -37.01
N LEU I 45 63.49 29.55 -37.98
CA LEU I 45 62.68 29.07 -39.09
C LEU I 45 63.60 28.63 -40.22
N GLN I 46 64.07 27.39 -40.13
CA GLN I 46 64.86 26.75 -41.18
C GLN I 46 66.09 27.59 -41.54
N PHE I 47 66.93 27.76 -40.53
CA PHE I 47 68.29 28.23 -40.74
C PHE I 47 69.14 27.94 -39.51
N HIS I 81 58.35 19.17 -37.32
CA HIS I 81 57.14 19.29 -36.51
C HIS I 81 57.16 20.58 -35.69
N GLU I 82 57.10 21.70 -36.39
CA GLU I 82 56.98 23.02 -35.78
C GLU I 82 56.22 23.90 -36.76
N ARG I 83 55.39 24.78 -36.23
CA ARG I 83 54.41 25.43 -37.09
C ARG I 83 55.00 26.50 -38.02
N PRO I 84 55.70 27.54 -37.53
CA PRO I 84 56.06 28.62 -38.45
C PRO I 84 57.10 28.21 -39.49
N ALA I 85 57.90 27.18 -39.23
CA ALA I 85 58.71 26.62 -40.30
C ALA I 85 57.84 26.03 -41.39
N ALA I 86 56.74 25.37 -41.01
CA ALA I 86 55.82 24.83 -42.01
C ALA I 86 55.09 25.94 -42.75
N ARG I 87 54.74 27.01 -42.04
CA ARG I 87 54.19 28.19 -42.69
C ARG I 87 55.15 28.71 -43.75
N GLN I 88 56.41 28.93 -43.38
CA GLN I 88 57.40 29.36 -44.36
C GLN I 88 57.50 28.37 -45.51
N ALA I 89 57.34 27.08 -45.22
CA ALA I 89 57.28 26.10 -46.29
C ALA I 89 56.08 26.34 -47.19
N TRP I 90 55.03 26.96 -46.66
CA TRP I 90 53.88 27.30 -47.50
C TRP I 90 54.14 28.57 -48.31
N ALA I 91 54.70 29.60 -47.70
CA ALA I 91 54.95 30.88 -48.36
C ALA I 91 56.05 30.81 -49.40
N ASN I 92 56.69 29.66 -49.59
CA ASN I 92 57.51 29.41 -50.75
C ASN I 92 56.94 28.31 -51.62
N CYS I 93 55.73 27.84 -51.33
CA CYS I 93 54.93 27.05 -52.24
C CYS I 93 54.04 27.92 -53.10
N LEU I 94 53.86 29.19 -52.75
CA LEU I 94 53.08 30.14 -53.52
C LEU I 94 53.94 30.94 -54.49
N ASN I 95 55.26 30.78 -54.44
CA ASN I 95 56.16 31.56 -55.27
C ASN I 95 56.91 30.70 -56.28
N ARG I 96 56.41 29.52 -56.58
CA ARG I 96 57.01 28.61 -57.57
C ARG I 96 58.44 28.21 -57.20
N GLN I 161 64.81 39.01 -42.06
CA GLN I 161 63.38 39.15 -41.82
C GLN I 161 62.59 38.33 -42.82
N GLU I 162 63.30 37.73 -43.78
CA GLU I 162 62.63 36.98 -44.84
C GLU I 162 61.77 35.85 -44.27
N ALA I 163 62.22 35.23 -43.18
CA ALA I 163 61.42 34.17 -42.58
C ALA I 163 60.17 34.74 -41.92
N ALA I 164 60.31 35.85 -41.21
CA ALA I 164 59.14 36.51 -40.63
C ALA I 164 58.16 36.93 -41.72
N PHE I 165 58.66 37.61 -42.75
CA PHE I 165 57.82 37.98 -43.88
C PHE I 165 57.10 36.75 -44.42
N SER I 166 57.83 35.68 -44.68
CA SER I 166 57.24 34.49 -45.28
C SER I 166 56.10 33.93 -44.42
N TYR I 167 56.37 33.64 -43.15
CA TYR I 167 55.35 32.92 -42.42
C TYR I 167 54.20 33.82 -41.98
N VAL I 168 54.44 35.12 -41.84
CA VAL I 168 53.32 36.00 -41.50
C VAL I 168 52.48 36.37 -42.72
N THR I 169 53.05 36.32 -43.92
CA THR I 169 52.18 36.36 -45.08
C THR I 169 51.53 35.02 -45.35
N ALA I 170 52.06 33.94 -44.75
CA ALA I 170 51.35 32.66 -44.84
C ALA I 170 50.15 32.63 -43.91
N LEU I 171 50.34 32.98 -42.63
CA LEU I 171 49.18 33.11 -41.75
C LEU I 171 48.15 34.07 -42.32
N ASN I 172 48.59 35.09 -43.05
CA ASN I 172 47.67 35.90 -43.84
C ASN I 172 47.32 35.06 -45.06
N TYR I 173 46.29 34.23 -44.89
CA TYR I 173 46.07 33.03 -45.70
C TYR I 173 46.30 33.28 -47.18
N LEU I 174 46.89 32.28 -47.83
CA LEU I 174 47.21 32.33 -49.26
C LEU I 174 48.19 33.45 -49.58
N ARG I 180 41.92 30.22 -50.97
CA ARG I 180 41.20 31.17 -50.14
C ARG I 180 40.43 30.44 -49.04
N GLN I 181 39.87 29.27 -49.37
CA GLN I 181 39.04 28.53 -48.42
C GLN I 181 39.89 27.50 -47.69
N LYS I 182 40.53 27.91 -46.60
CA LYS I 182 41.22 26.95 -45.74
C LYS I 182 41.01 27.27 -44.26
N VAL I 183 39.92 27.91 -43.87
CA VAL I 183 39.73 28.42 -42.53
C VAL I 183 38.42 27.86 -41.97
N THR I 184 38.37 27.74 -40.65
CA THR I 184 37.11 27.43 -39.97
C THR I 184 37.20 27.94 -38.55
N ILE I 185 36.10 27.80 -37.81
CA ILE I 185 36.04 28.24 -36.41
C ILE I 185 35.22 27.23 -35.62
N ALA I 186 35.74 26.79 -34.48
CA ALA I 186 34.93 26.10 -33.49
C ALA I 186 34.54 27.01 -32.34
N ASP I 187 35.51 27.57 -31.64
CA ASP I 187 35.32 28.72 -30.77
C ASP I 187 36.57 29.58 -30.94
N ALA I 188 37.51 29.07 -31.72
CA ALA I 188 38.73 29.75 -32.09
C ALA I 188 39.13 29.31 -33.49
N THR I 189 39.90 30.15 -34.18
CA THR I 189 40.22 29.93 -35.58
C THR I 189 41.00 28.62 -35.76
N VAL I 190 40.82 27.99 -36.92
CA VAL I 190 41.49 26.74 -37.26
C VAL I 190 41.83 26.79 -38.74
N VAL I 191 43.12 26.69 -39.06
CA VAL I 191 43.59 26.79 -40.43
C VAL I 191 44.12 25.42 -40.85
N PHE I 192 44.37 25.25 -42.14
CA PHE I 192 45.05 24.07 -42.66
C PHE I 192 45.60 24.38 -44.04
N TRP I 193 46.55 23.56 -44.49
CA TRP I 193 47.12 23.79 -45.81
C TRP I 193 47.90 22.56 -46.26
N ALA I 194 47.65 22.17 -47.51
CA ALA I 194 48.47 21.24 -48.28
C ALA I 194 48.00 21.24 -49.73
N GLU I 195 48.89 21.44 -50.69
CA GLU I 195 48.47 21.42 -52.09
C GLU I 195 49.50 20.70 -52.94
N ARG I 196 50.44 20.03 -52.29
CA ARG I 196 51.57 19.42 -52.97
C ARG I 196 51.15 18.41 -54.03
N SER I 197 49.89 17.98 -54.01
CA SER I 197 49.35 17.08 -55.03
C SER I 197 47.92 17.47 -55.38
N SER I 198 47.50 18.67 -54.96
CA SER I 198 46.14 19.16 -55.16
C SER I 198 45.15 18.18 -54.53
N PRO I 199 45.11 18.10 -53.20
CA PRO I 199 44.38 17.01 -52.56
C PRO I 199 42.87 17.21 -52.51
N ALA I 200 42.33 18.21 -53.19
CA ALA I 200 40.90 18.50 -53.15
C ALA I 200 40.45 18.70 -51.71
N GLU I 201 40.93 19.78 -51.08
CA GLU I 201 40.69 20.04 -49.67
C GLU I 201 39.24 19.80 -49.28
N ASP I 202 39.05 18.90 -48.32
CA ASP I 202 37.72 18.60 -47.81
C ASP I 202 37.76 18.43 -46.31
N ILE I 203 38.87 18.79 -45.69
CA ILE I 203 39.01 18.72 -44.24
C ILE I 203 38.07 19.75 -43.63
N PHE I 204 37.14 19.29 -42.80
CA PHE I 204 36.15 20.16 -42.19
C PHE I 204 35.75 19.59 -40.84
N ALA I 205 35.49 20.49 -39.89
CA ALA I 205 34.89 20.08 -38.62
C ALA I 205 33.43 19.72 -38.83
N GLY I 206 32.87 20.08 -39.98
CA GLY I 206 31.52 19.72 -40.35
C GLY I 206 30.72 20.88 -40.91
N MET I 207 31.09 22.10 -40.51
CA MET I 207 30.38 23.30 -40.93
C MET I 207 31.24 24.16 -41.84
N LEU I 250 17.36 13.82 -45.07
CA LEU I 250 17.79 12.59 -44.44
C LEU I 250 18.80 11.84 -45.32
N LEU I 251 19.79 11.23 -44.67
CA LEU I 251 20.85 10.49 -45.34
C LEU I 251 21.57 11.38 -46.34
N VAL I 252 22.22 12.42 -45.86
CA VAL I 252 23.02 13.33 -46.68
C VAL I 252 24.49 13.00 -46.44
N ALA I 253 25.14 12.41 -47.44
CA ALA I 253 26.54 12.03 -47.33
C ALA I 253 27.21 12.18 -48.67
N ILE I 254 28.53 12.27 -48.65
CA ILE I 254 29.33 12.34 -49.87
C ILE I 254 30.41 11.26 -49.80
N ARG I 255 30.61 10.69 -48.62
CA ARG I 255 31.61 9.66 -48.41
C ARG I 255 31.00 8.56 -47.55
N SER I 256 31.79 7.53 -47.30
CA SER I 256 31.39 6.51 -46.35
C SER I 256 31.38 7.09 -44.95
N GLY I 257 30.90 6.28 -43.99
CA GLY I 257 31.10 6.61 -42.60
C GLY I 257 32.42 6.07 -42.10
N LYS I 258 32.56 4.74 -42.13
CA LYS I 258 33.85 4.10 -41.94
C LYS I 258 33.74 2.71 -42.54
N ARG I 259 34.16 2.55 -43.79
CA ARG I 259 34.20 1.22 -44.41
C ARG I 259 35.54 1.01 -45.08
N ALA I 260 36.16 2.11 -45.52
CA ALA I 260 37.42 2.10 -46.22
C ALA I 260 37.82 3.54 -46.54
N THR I 261 39.03 3.72 -47.07
CA THR I 261 39.41 5.04 -47.55
C THR I 261 38.61 5.40 -48.79
N ASP I 262 38.20 6.67 -48.87
CA ASP I 262 37.25 7.15 -49.87
C ASP I 262 37.68 6.83 -51.30
N ILE I 263 36.69 6.67 -52.19
CA ILE I 263 36.93 6.18 -53.55
C ILE I 263 37.28 7.28 -54.54
N MET I 264 37.32 8.53 -54.11
CA MET I 264 37.77 9.59 -55.00
C MET I 264 39.29 9.51 -55.12
N PRO I 265 39.85 9.45 -56.32
CA PRO I 265 41.30 9.30 -56.46
C PRO I 265 42.04 10.58 -56.07
N ASP I 266 43.36 10.42 -55.96
CA ASP I 266 44.26 11.52 -55.58
C ASP I 266 43.94 12.01 -54.17
N MET I 267 43.46 11.10 -53.32
CA MET I 267 43.07 11.45 -51.96
C MET I 267 43.85 10.58 -50.98
N ASP I 268 44.49 9.53 -51.48
CA ASP I 268 45.27 8.60 -50.67
C ASP I 268 46.73 8.71 -51.09
N GLU I 269 47.48 9.56 -50.39
CA GLU I 269 48.90 9.74 -50.71
C GLU I 269 49.62 10.11 -49.43
N SER I 270 50.93 10.32 -49.56
CA SER I 270 51.82 10.50 -48.43
C SER I 270 52.16 11.96 -48.15
N VAL I 271 51.69 12.90 -48.96
CA VAL I 271 52.02 14.31 -48.74
C VAL I 271 51.44 14.78 -47.42
N ARG I 272 52.22 15.54 -46.68
CA ARG I 272 51.85 15.90 -45.32
C ARG I 272 50.68 16.85 -45.30
N PHE I 273 50.01 16.90 -44.15
CA PHE I 273 48.83 17.74 -43.95
C PHE I 273 48.95 18.42 -42.59
N HIS I 274 48.78 19.74 -42.60
CA HIS I 274 48.99 20.59 -41.45
C HIS I 274 47.68 21.24 -41.05
N VAL I 275 47.43 21.37 -39.75
CA VAL I 275 46.19 21.95 -39.22
C VAL I 275 46.55 22.75 -37.98
N LEU I 276 46.41 24.06 -38.05
CA LEU I 276 46.81 24.96 -36.96
C LEU I 276 45.58 25.68 -36.43
N GLY I 277 45.23 25.42 -35.17
CA GLY I 277 44.13 26.12 -34.55
C GLY I 277 44.61 27.08 -33.49
N LEU I 278 44.43 28.37 -33.74
CA LEU I 278 45.02 29.43 -32.92
C LEU I 278 43.92 30.33 -32.37
N SER I 279 43.99 30.63 -31.08
CA SER I 279 42.96 31.25 -30.28
C SER I 279 43.43 32.60 -29.74
N PRO I 280 42.52 33.55 -29.56
CA PRO I 280 42.91 34.90 -29.15
C PRO I 280 42.84 35.13 -27.65
N ASN I 281 43.73 35.97 -27.16
CA ASN I 281 43.55 36.54 -25.83
C ASN I 281 43.00 37.96 -25.90
N ALA I 282 43.79 38.91 -26.38
CA ALA I 282 43.24 40.18 -26.87
C ALA I 282 43.89 40.56 -28.19
N ALA I 283 45.21 40.39 -28.24
CA ALA I 283 46.01 40.69 -29.42
C ALA I 283 47.14 39.69 -29.59
N ARG I 284 47.21 38.68 -28.73
CA ARG I 284 48.23 37.65 -28.81
C ARG I 284 47.52 36.32 -28.96
N LEU I 285 48.00 35.48 -29.87
CA LEU I 285 47.26 34.31 -30.33
C LEU I 285 47.89 33.06 -29.77
N SER I 286 47.22 32.45 -28.80
CA SER I 286 47.68 31.17 -28.28
C SER I 286 47.48 30.09 -29.32
N VAL I 287 48.54 29.35 -29.62
CA VAL I 287 48.40 28.22 -30.54
C VAL I 287 47.68 27.13 -29.75
N ARG I 288 46.36 27.09 -29.89
CA ARG I 288 45.57 26.18 -29.09
C ARG I 288 45.82 24.74 -29.46
N PHE I 289 46.06 24.47 -30.74
CA PHE I 289 46.53 23.15 -31.14
C PHE I 289 47.23 23.26 -32.48
N TRP I 290 48.05 22.25 -32.75
CA TRP I 290 48.84 22.17 -33.97
C TRP I 290 48.92 20.71 -34.33
N GLU I 291 48.79 20.40 -35.61
CA GLU I 291 48.76 19.01 -36.01
C GLU I 291 49.45 18.87 -37.35
N VAL I 292 50.32 17.88 -37.46
CA VAL I 292 50.82 17.41 -38.74
C VAL I 292 50.63 15.92 -38.79
N ASP I 293 50.01 15.46 -39.86
CA ASP I 293 49.90 14.03 -40.11
C ASP I 293 49.90 13.89 -41.63
N THR I 294 49.39 12.78 -42.14
CA THR I 294 49.21 12.64 -43.57
C THR I 294 47.72 12.46 -43.88
N VAL I 295 47.24 13.18 -44.89
CA VAL I 295 45.87 12.98 -45.35
C VAL I 295 45.64 11.51 -45.68
N GLY I 296 46.70 10.78 -46.00
CA GLY I 296 46.57 9.33 -46.16
C GLY I 296 46.06 8.66 -44.91
N HIS I 297 46.43 9.18 -43.73
CA HIS I 297 45.85 8.68 -42.49
C HIS I 297 45.51 9.82 -41.55
N MET I 298 45.03 10.92 -42.12
CA MET I 298 44.33 11.95 -41.36
C MET I 298 42.82 11.81 -41.51
N LEU I 299 42.35 11.56 -42.73
CA LEU I 299 40.99 11.12 -42.93
C LEU I 299 40.72 9.84 -42.19
N ASP I 300 41.74 9.01 -41.99
CA ASP I 300 41.57 7.76 -41.28
C ASP I 300 41.34 7.96 -39.80
N LYS I 301 41.45 9.17 -39.31
CA LYS I 301 41.13 9.48 -37.91
C LYS I 301 40.00 10.47 -37.79
N VAL I 302 39.90 11.44 -38.70
CA VAL I 302 38.88 12.48 -38.55
C VAL I 302 37.50 11.88 -38.69
N GLY I 303 37.31 10.94 -39.60
CA GLY I 303 36.03 10.26 -39.64
C GLY I 303 36.15 8.77 -39.43
N ARG I 304 37.22 8.19 -39.96
CA ARG I 304 37.37 6.75 -39.96
C ARG I 304 37.81 6.22 -38.61
N HIS I 305 37.81 7.08 -37.59
CA HIS I 305 37.91 6.62 -36.21
C HIS I 305 37.04 7.49 -35.31
N TYR I 306 36.32 8.46 -35.88
CA TYR I 306 35.65 9.44 -35.03
C TYR I 306 34.15 9.51 -35.24
N ARG I 307 33.69 9.54 -36.49
CA ARG I 307 32.27 9.53 -36.77
C ARG I 307 31.72 8.12 -36.81
N GLU I 308 32.58 7.13 -36.66
CA GLU I 308 32.16 5.77 -36.34
C GLU I 308 31.69 5.66 -34.90
N LEU I 309 31.96 6.67 -34.08
CA LEU I 309 31.54 6.68 -32.69
C LEU I 309 30.25 7.42 -32.44
N GLU I 310 30.06 8.59 -33.05
CA GLU I 310 28.86 9.40 -32.85
C GLU I 310 27.72 8.96 -33.75
N ILE I 311 27.90 7.93 -34.57
CA ILE I 311 26.80 7.44 -35.39
C ILE I 311 25.74 6.84 -34.49
N ILE I 312 24.50 7.30 -34.64
CA ILE I 312 23.42 6.94 -33.75
C ILE I 312 22.14 7.24 -34.53
N PRO I 313 20.98 6.68 -34.18
CA PRO I 313 19.78 6.96 -34.96
C PRO I 313 19.44 8.44 -35.00
N GLN I 314 19.14 8.93 -36.19
CA GLN I 314 18.70 10.30 -36.36
C GLN I 314 17.33 10.46 -35.75
N PHE I 315 17.23 11.28 -34.70
CA PHE I 315 15.93 11.48 -34.05
C PHE I 315 14.96 12.19 -34.98
N ASN I 316 15.43 13.22 -35.69
CA ASN I 316 14.63 13.95 -36.66
C ASN I 316 15.36 14.03 -37.99
N ASN I 317 14.88 14.87 -38.89
CA ASN I 317 15.52 15.08 -40.18
C ASN I 317 16.65 16.10 -40.00
N GLU I 318 17.89 15.62 -40.07
CA GLU I 318 19.05 16.48 -40.00
C GLU I 318 20.22 15.78 -40.69
N GLN I 319 21.42 16.30 -40.46
CA GLN I 319 22.60 15.76 -41.13
C GLN I 319 23.08 14.50 -40.43
N GLU I 320 23.69 13.59 -41.20
CA GLU I 320 24.18 12.35 -40.64
C GLU I 320 25.47 12.59 -39.87
N PHE I 321 26.42 13.30 -40.47
CA PHE I 321 27.67 13.65 -39.81
C PHE I 321 27.45 14.88 -38.96
N PRO I 322 27.33 14.76 -37.64
CA PRO I 322 27.11 15.95 -36.82
C PRO I 322 28.34 16.84 -36.84
N SER I 323 28.15 18.10 -37.20
CA SER I 323 29.25 19.04 -37.29
C SER I 323 29.79 19.35 -35.90
N LEU I 324 31.09 19.58 -35.81
CA LEU I 324 31.71 19.83 -34.52
C LEU I 324 31.13 21.07 -33.85
N SER I 325 30.73 22.05 -34.64
CA SER I 325 30.12 23.25 -34.09
C SER I 325 28.80 22.93 -33.40
N THR I 326 27.94 22.17 -34.08
CA THR I 326 26.68 21.77 -33.47
C THR I 326 26.90 20.87 -32.26
N LEU I 327 27.88 19.98 -32.33
CA LEU I 327 28.19 19.11 -31.20
C LEU I 327 28.59 19.92 -29.99
N LEU I 328 29.49 20.88 -30.17
CA LEU I 328 29.93 21.71 -29.06
C LEU I 328 28.79 22.58 -28.56
N ARG I 329 27.91 23.03 -29.46
CA ARG I 329 26.85 23.94 -29.07
C ARG I 329 25.81 23.28 -28.18
N GLN I 330 25.67 21.96 -28.25
CA GLN I 330 24.77 21.25 -27.35
C GLN I 330 25.38 21.00 -25.98
N THR I 331 26.59 21.50 -25.74
CA THR I 331 27.23 21.43 -24.44
C THR I 331 27.30 22.77 -23.75
N ALA I 332 26.92 23.85 -24.44
CA ALA I 332 26.94 25.19 -23.89
C ALA I 332 25.60 25.49 -23.22
N VAL I 333 25.52 26.65 -22.57
CA VAL I 333 24.30 27.04 -21.89
C VAL I 333 23.16 27.09 -22.90
N LEU I 334 23.26 27.98 -23.89
CA LEU I 334 22.26 28.04 -24.95
C LEU I 334 22.80 28.06 -26.37
N ASN I 335 23.99 28.62 -26.61
CA ASN I 335 24.44 28.84 -27.98
C ASN I 335 25.95 28.84 -28.03
N LYS I 336 26.49 29.01 -29.24
CA LYS I 336 27.91 28.83 -29.50
C LYS I 336 28.67 30.12 -29.22
N THR I 337 28.41 30.73 -28.07
CA THR I 337 29.13 31.92 -27.63
C THR I 337 29.72 31.60 -26.27
N GLU I 338 29.21 30.53 -25.66
CA GLU I 338 29.66 30.07 -24.37
C GLU I 338 30.11 28.62 -24.40
N ASN I 339 30.59 28.15 -25.55
CA ASN I 339 31.27 26.87 -25.59
C ASN I 339 32.47 26.90 -24.66
N ILE I 340 32.56 25.88 -23.83
CA ILE I 340 33.70 25.72 -22.93
C ILE I 340 34.95 25.70 -23.78
N SER I 341 35.83 26.67 -23.56
CA SER I 341 36.94 26.86 -24.48
C SER I 341 37.96 25.72 -24.43
N PRO I 342 38.63 25.46 -23.31
CA PRO I 342 39.82 24.61 -23.39
C PRO I 342 39.51 23.14 -23.49
N VAL I 343 38.52 22.66 -22.75
CA VAL I 343 38.45 21.24 -22.45
C VAL I 343 37.33 20.63 -23.26
N LEU I 344 36.70 21.44 -24.12
CA LEU I 344 35.85 20.87 -25.14
C LEU I 344 36.28 21.29 -26.54
N ALA I 345 36.46 22.57 -26.79
CA ALA I 345 36.77 22.99 -28.16
C ALA I 345 38.13 22.47 -28.57
N GLY I 346 39.17 22.96 -27.90
CA GLY I 346 40.51 22.48 -28.19
C GLY I 346 40.67 21.01 -27.88
N GLY I 347 40.16 20.58 -26.73
CA GLY I 347 40.26 19.20 -26.31
C GLY I 347 39.76 18.20 -27.32
N LEU I 348 38.47 18.25 -27.67
CA LEU I 348 37.96 17.25 -28.58
C LEU I 348 38.17 17.59 -30.05
N PHE I 349 38.57 18.81 -30.39
CA PHE I 349 39.12 19.00 -31.73
C PHE I 349 40.42 18.22 -31.86
N ARG I 350 41.30 18.33 -30.86
CA ARG I 350 42.53 17.57 -30.85
C ARG I 350 42.24 16.08 -30.82
N ALA I 351 41.16 15.68 -30.15
CA ALA I 351 40.78 14.27 -30.16
C ALA I 351 40.33 13.80 -31.53
N MET I 352 39.48 14.59 -32.20
CA MET I 352 39.02 14.23 -33.54
C MET I 352 40.20 14.10 -34.50
N LEU I 353 41.14 15.05 -34.44
CA LEU I 353 42.25 15.02 -35.39
C LEU I 353 43.28 13.97 -35.02
N THR I 354 43.39 13.64 -33.74
CA THR I 354 44.49 12.85 -33.23
C THR I 354 44.12 11.40 -32.96
N GLY I 355 42.85 11.11 -32.72
CA GLY I 355 42.45 9.78 -32.34
C GLY I 355 42.71 9.42 -30.90
N GLY I 356 43.25 10.33 -30.11
CA GLY I 356 43.42 10.10 -28.69
C GLY I 356 42.09 10.11 -27.97
N PRO I 357 42.13 9.91 -26.66
CA PRO I 357 40.89 9.90 -25.89
C PRO I 357 40.24 11.28 -25.87
N TYR I 358 38.98 11.31 -25.48
CA TYR I 358 38.29 12.56 -25.26
C TYR I 358 38.64 13.12 -23.89
N PRO I 359 38.40 14.41 -23.64
CA PRO I 359 38.64 14.95 -22.31
C PRO I 359 37.74 14.28 -21.29
N GLN I 360 38.26 14.10 -20.09
CA GLN I 360 37.50 13.51 -19.00
C GLN I 360 36.45 14.45 -18.43
N SER I 361 36.27 15.62 -19.01
CA SER I 361 35.19 16.51 -18.67
C SER I 361 34.19 16.69 -19.79
N LEU I 362 34.29 15.88 -20.84
CA LEU I 362 33.29 15.91 -21.90
C LEU I 362 31.97 15.32 -21.40
N LEU I 363 32.02 14.13 -20.81
CA LEU I 363 30.81 13.49 -20.34
C LEU I 363 30.16 14.25 -19.19
N PRO I 364 30.90 14.71 -18.18
CA PRO I 364 30.24 15.53 -17.15
C PRO I 364 29.63 16.80 -17.70
N ALA I 365 30.20 17.37 -18.77
CA ALA I 365 29.60 18.55 -19.37
C ALA I 365 28.25 18.22 -19.99
N VAL I 366 28.16 17.14 -20.76
CA VAL I 366 26.89 16.77 -21.39
C VAL I 366 25.89 16.32 -20.34
N LEU I 367 26.36 15.67 -19.28
CA LEU I 367 25.47 15.31 -18.18
C LEU I 367 24.87 16.55 -17.53
N GLY I 368 25.73 17.45 -17.04
CA GLY I 368 25.27 18.67 -16.40
C GLY I 368 24.53 19.61 -17.32
N ARG I 369 24.64 19.42 -18.63
CA ARG I 369 23.79 20.17 -19.53
C ARG I 369 22.44 19.48 -19.72
N ILE I 370 22.40 18.16 -19.61
CA ILE I 370 21.13 17.47 -19.64
C ILE I 370 20.29 17.84 -18.42
N ARG I 371 20.94 18.02 -17.26
CA ARG I 371 20.23 18.41 -16.06
C ARG I 371 19.75 19.85 -16.14
N ALA I 372 20.58 20.74 -16.64
CA ALA I 372 20.31 22.17 -16.61
C ALA I 372 19.37 22.63 -17.71
N GLU I 373 18.87 21.74 -18.54
CA GLU I 373 17.93 22.12 -19.59
C GLU I 373 16.55 21.56 -19.27
N HIS I 374 15.56 22.04 -20.00
CA HIS I 374 14.19 21.59 -19.85
C HIS I 374 13.48 21.77 -21.17
N ALA I 375 12.44 20.98 -21.38
CA ALA I 375 11.67 21.05 -22.61
C ALA I 375 10.99 22.41 -22.72
N ARG I 376 11.28 23.13 -23.81
CA ARG I 376 10.62 24.38 -24.07
C ARG I 376 10.52 24.62 -25.58
N PRO I 377 9.48 24.08 -26.23
CA PRO I 377 9.38 24.25 -27.68
C PRO I 377 8.74 25.57 -28.05
N GLU I 378 8.21 26.29 -27.06
CA GLU I 378 7.60 27.58 -27.32
C GLU I 378 8.62 28.70 -27.47
N ASP I 379 9.90 28.43 -27.26
CA ASP I 379 10.94 29.42 -27.41
C ASP I 379 11.81 29.20 -28.65
N LYS I 380 11.85 28.00 -29.18
CA LYS I 380 12.66 27.67 -30.33
C LYS I 380 11.77 27.40 -31.54
N SER I 381 12.27 27.76 -32.72
CA SER I 381 11.57 27.55 -33.97
C SER I 381 11.84 26.18 -34.58
N ARG I 382 13.08 25.73 -34.54
CA ARG I 382 13.41 24.37 -34.98
C ARG I 382 12.76 23.37 -34.04
N TYR I 383 12.11 22.36 -34.61
CA TYR I 383 11.32 21.43 -33.81
C TYR I 383 12.24 20.49 -33.04
N ARG I 384 12.53 20.84 -31.79
CA ARG I 384 13.11 19.90 -30.85
C ARG I 384 12.91 20.40 -29.42
N LEU I 385 12.12 19.66 -28.65
CA LEU I 385 11.90 19.93 -27.24
C LEU I 385 12.57 18.91 -26.34
N GLU I 386 13.31 17.97 -26.91
CA GLU I 386 13.96 16.94 -26.11
C GLU I 386 15.11 17.54 -25.31
N VAL I 387 15.39 16.93 -24.16
CA VAL I 387 16.56 17.32 -23.39
C VAL I 387 17.77 16.46 -23.71
N VAL I 388 17.57 15.22 -24.14
CA VAL I 388 18.64 14.37 -24.64
C VAL I 388 18.47 14.37 -26.15
N THR I 389 19.13 15.27 -26.83
CA THR I 389 18.98 15.46 -28.25
C THR I 389 19.85 14.45 -29.00
N TYR I 390 19.79 14.51 -30.32
CA TYR I 390 20.60 13.62 -31.14
C TYR I 390 22.08 13.84 -30.90
N TYR I 391 22.49 15.08 -30.61
CA TYR I 391 23.89 15.42 -30.48
C TYR I 391 24.45 15.12 -29.09
N ARG I 392 23.71 15.48 -28.04
CA ARG I 392 24.13 15.11 -26.70
C ARG I 392 24.24 13.59 -26.55
N ALA I 393 23.28 12.86 -27.11
CA ALA I 393 23.32 11.41 -27.03
C ALA I 393 24.46 10.84 -27.87
N ALA I 394 24.62 11.32 -29.11
CA ALA I 394 25.75 10.88 -29.93
C ALA I 394 27.09 11.15 -29.26
N LEU I 395 27.22 12.28 -28.57
CA LEU I 395 28.47 12.65 -27.93
C LEU I 395 28.75 11.82 -26.69
N ILE I 396 27.72 11.52 -25.90
CA ILE I 396 27.89 10.62 -24.78
C ILE I 396 28.24 9.22 -25.28
N LYS I 397 27.66 8.82 -26.40
CA LYS I 397 27.98 7.52 -26.99
C LYS I 397 29.43 7.46 -27.41
N ALA I 398 29.92 8.50 -28.08
CA ALA I 398 31.32 8.54 -28.47
C ALA I 398 32.25 8.52 -27.26
N TYR I 399 31.89 9.23 -26.19
CA TYR I 399 32.70 9.19 -24.98
C TYR I 399 32.77 7.77 -24.43
N LEU I 400 31.61 7.13 -24.28
CA LEU I 400 31.59 5.79 -23.71
C LEU I 400 32.34 4.81 -24.58
N ILE I 401 32.35 5.02 -25.90
CA ILE I 401 33.08 4.10 -26.77
C ILE I 401 34.58 4.31 -26.63
N ARG I 402 35.05 5.53 -26.88
CA ARG I 402 36.51 5.72 -26.95
C ARG I 402 37.17 5.83 -25.59
N ASN I 403 36.40 5.83 -24.51
CA ASN I 403 37.01 5.85 -23.17
C ASN I 403 36.69 4.61 -22.35
N ARG I 404 35.50 4.04 -22.48
CA ARG I 404 35.07 2.98 -21.59
C ARG I 404 34.86 1.65 -22.28
N LYS I 405 33.98 1.56 -23.28
CA LYS I 405 33.39 0.28 -23.65
C LYS I 405 32.49 0.44 -24.86
N LEU I 406 32.27 -0.67 -25.56
CA LEU I 406 31.37 -0.68 -26.70
C LEU I 406 29.92 -0.79 -26.24
N GLU I 407 29.05 0.00 -26.87
CA GLU I 407 27.66 0.11 -26.45
C GLU I 407 26.78 0.06 -27.69
N VAL I 408 25.47 0.04 -27.47
CA VAL I 408 24.52 -0.11 -28.57
C VAL I 408 24.63 1.08 -29.52
N PRO I 409 24.83 0.85 -30.79
CA PRO I 409 24.88 1.97 -31.74
C PRO I 409 23.56 2.20 -32.46
N VAL I 410 22.57 1.36 -32.19
CA VAL I 410 21.40 1.28 -33.05
C VAL I 410 20.18 1.79 -32.30
N SER I 411 19.02 1.76 -32.98
CA SER I 411 17.80 2.32 -32.41
C SER I 411 17.53 1.80 -31.01
N LEU I 412 17.59 0.49 -30.83
CA LEU I 412 17.37 -0.09 -29.50
C LEU I 412 17.80 -1.54 -29.52
N ASP I 413 18.63 -1.93 -28.56
CA ASP I 413 18.94 -3.33 -28.34
C ASP I 413 18.20 -3.82 -27.12
N PRO I 414 17.03 -4.43 -27.29
CA PRO I 414 16.24 -4.83 -26.12
C PRO I 414 16.82 -6.05 -25.43
N ALA I 415 17.86 -6.64 -26.03
CA ALA I 415 18.57 -7.77 -25.44
C ALA I 415 19.79 -7.31 -24.65
N ARG I 416 19.86 -6.01 -24.33
CA ARG I 416 21.05 -5.48 -23.69
C ARG I 416 21.21 -5.98 -22.27
N THR I 417 20.24 -5.68 -21.41
CA THR I 417 20.25 -6.09 -20.00
C THR I 417 21.55 -5.69 -19.30
N ASP I 418 21.71 -4.38 -19.19
CA ASP I 418 22.70 -3.76 -18.31
C ASP I 418 21.97 -2.71 -17.50
N ARG I 419 22.04 -2.82 -16.18
CA ARG I 419 21.13 -2.07 -15.30
C ARG I 419 21.03 -0.59 -15.61
N PRO I 420 22.10 0.15 -15.92
CA PRO I 420 21.91 1.56 -16.33
C PRO I 420 21.09 1.70 -17.61
N TYR I 421 21.42 0.93 -18.64
CA TYR I 421 20.63 0.94 -19.86
C TYR I 421 19.17 0.64 -19.58
N LEU I 422 18.90 -0.38 -18.75
CA LEU I 422 17.52 -0.78 -18.48
C LEU I 422 16.78 0.29 -17.71
N LEU I 423 17.44 0.90 -16.73
CA LEU I 423 16.79 1.97 -15.97
C LEU I 423 16.50 3.17 -16.85
N GLY I 424 17.39 3.47 -17.80
CA GLY I 424 17.11 4.54 -18.75
C GLY I 424 15.89 4.24 -19.60
N ARG I 425 15.78 3.00 -20.08
CA ARG I 425 14.60 2.61 -20.84
C ARG I 425 13.34 2.70 -19.99
N LEU I 426 13.44 2.34 -18.71
CA LEU I 426 12.28 2.41 -17.83
C LEU I 426 11.83 3.85 -17.62
N PHE I 427 12.79 4.75 -17.38
CA PHE I 427 12.48 6.17 -17.29
C PHE I 427 11.82 6.66 -18.57
N ALA I 428 12.32 6.21 -19.72
CA ALA I 428 11.74 6.63 -21.00
C ALA I 428 10.29 6.20 -21.12
N VAL I 429 9.99 4.94 -20.79
CA VAL I 429 8.61 4.49 -20.92
C VAL I 429 7.72 5.15 -19.87
N LEU I 430 8.26 5.48 -18.70
CA LEU I 430 7.48 6.23 -17.72
C LEU I 430 7.08 7.59 -18.29
N GLU I 431 8.04 8.32 -18.84
CA GLU I 431 7.72 9.64 -19.38
C GLU I 431 6.79 9.53 -20.58
N LYS I 432 6.89 8.44 -21.34
CA LYS I 432 5.94 8.22 -22.43
C LYS I 432 4.52 8.03 -21.90
N ALA I 433 4.37 7.18 -20.89
CA ALA I 433 3.06 7.00 -20.26
C ALA I 433 2.51 8.33 -19.76
N GLN I 434 3.36 9.13 -19.12
CA GLN I 434 2.93 10.45 -18.64
C GLN I 434 2.43 11.32 -19.79
N GLU I 435 3.27 11.51 -20.81
CA GLU I 435 2.91 12.41 -21.90
C GLU I 435 1.74 11.88 -22.72
N ASP I 436 1.46 10.58 -22.65
CA ASP I 436 0.29 10.05 -23.35
C ASP I 436 -0.98 10.21 -22.52
N ALA I 437 -0.88 10.07 -21.20
CA ALA I 437 -2.07 10.21 -20.37
C ALA I 437 -2.53 11.65 -20.27
N VAL I 438 -1.58 12.58 -20.13
CA VAL I 438 -1.89 14.01 -20.11
C VAL I 438 -0.95 14.72 -21.08
N PRO I 439 -1.47 15.58 -21.95
CA PRO I 439 -0.56 16.36 -22.80
C PRO I 439 0.41 17.19 -21.98
N GLY I 440 1.68 16.82 -22.03
CA GLY I 440 2.68 17.42 -21.17
C GLY I 440 4.08 16.87 -21.40
N ALA I 443 2.38 24.84 -23.12
CA ALA I 443 2.05 23.51 -22.58
C ALA I 443 3.25 22.58 -22.65
N THR I 444 2.99 21.29 -22.52
CA THR I 444 4.03 20.25 -22.57
C THR I 444 5.12 20.52 -21.54
N ILE I 445 4.72 20.46 -20.28
CA ILE I 445 5.58 20.79 -19.15
C ILE I 445 5.56 19.62 -18.17
N LYS I 446 6.72 19.29 -17.61
CA LYS I 446 6.82 18.29 -16.57
C LYS I 446 8.04 18.60 -15.71
N ASP I 447 7.88 18.49 -14.40
CA ASP I 447 8.98 18.68 -13.45
C ASP I 447 10.07 17.66 -13.77
N ARG I 448 11.32 18.09 -13.69
CA ARG I 448 12.43 17.32 -14.25
C ARG I 448 13.07 16.44 -13.19
N TYR I 449 13.05 15.12 -13.42
CA TYR I 449 13.66 14.13 -12.55
C TYR I 449 14.76 13.35 -13.25
N LEU I 450 15.09 13.71 -14.49
CA LEU I 450 16.13 12.98 -15.22
C LEU I 450 17.47 13.06 -14.51
N ALA I 451 17.82 14.26 -14.04
CA ALA I 451 19.03 14.42 -13.23
C ALA I 451 18.95 13.59 -11.95
N SER I 452 17.78 13.60 -11.31
CA SER I 452 17.63 12.89 -10.05
C SER I 452 17.69 11.38 -10.27
N ALA I 453 17.01 10.88 -11.29
CA ALA I 453 16.96 9.44 -11.52
C ALA I 453 18.24 8.90 -12.14
N SER I 454 19.02 9.73 -12.82
CA SER I 454 20.24 9.24 -13.46
C SER I 454 21.31 8.93 -12.44
N ALA I 455 21.35 9.67 -11.33
CA ALA I 455 22.43 9.53 -10.35
C ALA I 455 22.00 8.90 -9.04
N ASN I 456 20.70 8.74 -8.81
CA ASN I 456 20.17 8.19 -7.56
C ASN I 456 18.86 7.46 -7.87
N PRO I 457 18.93 6.35 -8.60
CA PRO I 457 17.71 5.79 -9.18
C PRO I 457 16.66 5.36 -8.18
N GLY I 458 17.03 4.77 -7.06
CA GLY I 458 16.02 4.26 -6.14
C GLY I 458 15.12 5.32 -5.55
N GLN I 459 15.75 6.27 -4.86
CA GLN I 459 15.11 7.33 -4.11
C GLN I 459 14.31 8.27 -4.99
N VAL I 460 14.26 8.02 -6.29
CA VAL I 460 13.38 8.74 -7.20
C VAL I 460 12.46 7.78 -7.94
N PHE I 461 12.98 6.64 -8.40
CA PHE I 461 12.15 5.72 -9.14
C PHE I 461 10.99 5.18 -8.33
N HIS I 462 11.05 5.18 -7.00
CA HIS I 462 9.87 4.76 -6.25
C HIS I 462 8.66 5.65 -6.58
N MET I 463 8.82 6.97 -6.43
CA MET I 463 7.72 7.87 -6.73
C MET I 463 7.46 7.95 -8.23
N LEU I 464 8.50 7.78 -9.05
CA LEU I 464 8.29 7.80 -10.48
C LEU I 464 7.37 6.66 -10.91
N LEU I 465 7.57 5.46 -10.34
CA LEU I 465 6.72 4.33 -10.69
C LEU I 465 5.32 4.48 -10.12
N LYS I 466 5.20 5.10 -8.95
CA LYS I 466 3.85 5.34 -8.44
C LYS I 466 3.07 6.31 -9.33
N ASN I 467 3.71 7.41 -9.74
CA ASN I 467 3.04 8.35 -10.64
C ASN I 467 2.76 7.70 -11.99
N ALA I 468 3.63 6.80 -12.44
CA ALA I 468 3.37 6.10 -13.68
C ALA I 468 2.17 5.17 -13.56
N SER I 469 2.01 4.54 -12.39
CA SER I 469 0.79 3.77 -12.15
C SER I 469 -0.44 4.66 -12.26
N ASN I 470 -0.36 5.85 -11.66
CA ASN I 470 -1.49 6.78 -11.77
C ASN I 470 -1.76 7.19 -13.21
N HIS I 471 -0.71 7.37 -14.01
CA HIS I 471 -0.90 7.79 -15.38
C HIS I 471 -1.49 6.67 -16.23
N THR I 472 -1.04 5.44 -16.02
CA THR I 472 -1.67 4.32 -16.71
C THR I 472 -3.10 4.10 -16.25
N ALA I 473 -3.40 4.46 -14.99
CA ALA I 473 -4.78 4.40 -14.53
C ALA I 473 -5.65 5.40 -15.27
N LYS I 474 -5.21 6.67 -15.29
CA LYS I 474 -5.94 7.68 -16.07
C LYS I 474 -6.08 7.26 -17.52
N LEU I 475 -5.10 6.54 -18.06
CA LEU I 475 -5.21 6.04 -19.42
C LEU I 475 -6.32 5.00 -19.54
N ARG I 476 -6.25 3.95 -18.72
CA ARG I 476 -7.20 2.86 -18.81
C ARG I 476 -8.62 3.26 -18.45
N LYS I 477 -8.80 4.38 -17.76
CA LYS I 477 -10.16 4.86 -17.49
C LYS I 477 -10.90 5.18 -18.78
N ASP I 478 -10.18 5.67 -19.79
CA ASP I 478 -10.77 5.96 -21.08
C ASP I 478 -10.72 4.73 -21.98
N PRO I 479 -11.46 4.73 -23.08
CA PRO I 479 -11.29 3.65 -24.08
C PRO I 479 -9.98 3.76 -24.87
N GLU I 480 -8.88 3.83 -24.12
CA GLU I 480 -7.55 3.82 -24.72
C GLU I 480 -6.76 2.59 -24.25
N ARG I 481 -7.46 1.53 -23.86
CA ARG I 481 -6.84 0.29 -23.41
C ARG I 481 -7.60 -0.89 -24.02
N LYS I 482 -6.88 -1.72 -24.76
CA LYS I 482 -7.48 -2.90 -25.36
C LYS I 482 -7.62 -4.02 -24.33
N ALA I 485 -1.32 2.28 -24.30
CA ALA I 485 -2.49 1.58 -23.80
C ALA I 485 -2.18 0.80 -22.54
N ILE I 486 -2.29 -0.52 -22.63
CA ILE I 486 -1.97 -1.39 -21.50
C ILE I 486 -0.58 -2.02 -21.63
N HIS I 487 0.05 -1.90 -22.79
CA HIS I 487 1.39 -2.46 -22.91
C HIS I 487 2.47 -1.55 -22.34
N TYR I 488 2.10 -0.38 -21.82
CA TYR I 488 3.06 0.44 -21.08
C TYR I 488 3.41 -0.23 -19.75
N GLU I 489 2.41 -0.63 -18.98
CA GLU I 489 2.69 -1.34 -17.75
C GLU I 489 3.31 -2.70 -18.01
N ILE I 490 3.00 -3.29 -19.18
CA ILE I 490 3.64 -4.54 -19.55
C ILE I 490 5.13 -4.34 -19.77
N MET I 491 5.49 -3.30 -20.53
CA MET I 491 6.89 -2.95 -20.69
C MET I 491 7.56 -2.67 -19.36
N MET I 492 6.84 -2.04 -18.44
CA MET I 492 7.44 -1.75 -17.13
C MET I 492 7.72 -3.03 -16.35
N GLN I 493 6.78 -3.98 -16.35
CA GLN I 493 7.06 -5.28 -15.72
C GLN I 493 8.26 -5.95 -16.38
N GLU I 494 8.29 -5.91 -17.72
CA GLU I 494 9.38 -6.57 -18.44
C GLU I 494 10.73 -5.98 -18.04
N ILE I 495 10.81 -4.67 -17.93
CA ILE I 495 12.09 -4.04 -17.61
C ILE I 495 12.45 -4.24 -16.16
N ILE I 496 11.47 -4.16 -15.25
CA ILE I 496 11.75 -4.40 -13.84
C ILE I 496 12.17 -5.84 -13.59
N ASP I 497 11.74 -6.77 -14.44
CA ASP I 497 12.10 -8.18 -14.25
C ASP I 497 13.61 -8.37 -14.12
N ASN I 498 14.37 -7.81 -15.06
CA ASN I 498 15.83 -7.95 -15.09
C ASN I 498 16.52 -7.15 -14.02
N ILE I 499 15.81 -6.51 -13.10
CA ILE I 499 16.42 -5.62 -12.12
C ILE I 499 16.17 -6.16 -10.73
N SER I 500 17.25 -6.58 -10.07
CA SER I 500 17.17 -7.17 -8.75
C SER I 500 16.81 -6.13 -7.69
N ASP I 501 17.38 -4.93 -7.78
CA ASP I 501 17.08 -3.85 -6.86
C ASP I 501 17.43 -2.54 -7.53
N PHE I 502 16.83 -1.46 -7.04
CA PHE I 502 17.16 -0.14 -7.55
C PHE I 502 18.46 0.33 -6.92
N PRO I 503 19.49 0.61 -7.72
CA PRO I 503 20.81 0.89 -7.17
C PRO I 503 20.83 2.24 -6.45
N VAL I 504 21.67 2.30 -5.41
CA VAL I 504 21.73 3.51 -4.60
C VAL I 504 22.29 4.68 -5.43
N THR I 505 23.46 4.47 -6.04
CA THR I 505 24.08 5.50 -6.85
C THR I 505 24.54 4.91 -8.17
N MET I 506 24.90 5.81 -9.08
CA MET I 506 25.39 5.45 -10.40
C MET I 506 26.57 6.34 -10.77
N SER I 507 27.65 5.73 -11.25
CA SER I 507 28.81 6.51 -11.65
C SER I 507 28.51 7.29 -12.92
N SER I 508 29.37 8.26 -13.23
CA SER I 508 29.13 9.13 -14.37
C SER I 508 29.04 8.35 -15.67
N ASP I 509 29.83 7.29 -15.82
CA ASP I 509 29.73 6.47 -17.02
C ASP I 509 28.43 5.66 -17.02
N GLU I 510 28.01 5.20 -15.84
CA GLU I 510 26.70 4.58 -15.71
C GLU I 510 25.59 5.57 -16.05
N GLN I 511 25.77 6.84 -15.67
CA GLN I 511 24.82 7.86 -16.05
C GLN I 511 24.79 8.07 -17.56
N GLY I 512 25.95 8.00 -18.20
CA GLY I 512 25.98 8.12 -19.65
C GLY I 512 25.26 6.98 -20.33
N LEU I 513 25.44 5.77 -19.80
CA LEU I 513 24.67 4.63 -20.32
C LEU I 513 23.18 4.84 -20.10
N PHE I 514 22.82 5.41 -18.95
CA PHE I 514 21.43 5.75 -18.67
C PHE I 514 20.87 6.67 -19.74
N MET I 515 21.64 7.71 -20.10
CA MET I 515 21.17 8.65 -21.10
C MET I 515 21.04 8.00 -22.46
N ILE I 516 22.00 7.16 -22.82
CA ILE I 516 21.93 6.48 -24.11
C ILE I 516 20.71 5.56 -24.17
N GLY I 517 20.47 4.81 -23.10
CA GLY I 517 19.30 3.94 -23.07
C GLY I 517 18.00 4.71 -23.12
N TYR I 518 17.95 5.86 -22.42
CA TYR I 518 16.77 6.71 -22.49
C TYR I 518 16.53 7.18 -23.91
N TYR I 519 17.58 7.69 -24.56
CA TYR I 519 17.45 8.15 -25.94
C TYR I 519 16.95 7.05 -26.84
N HIS I 520 17.46 5.82 -26.64
CA HIS I 520 17.08 4.70 -27.50
C HIS I 520 15.61 4.34 -27.29
N GLN I 521 15.22 4.05 -26.05
CA GLN I 521 13.83 3.70 -25.76
C GLN I 521 12.89 4.87 -26.00
N ARG I 522 13.40 6.09 -26.15
CA ARG I 522 12.59 7.25 -26.50
C ARG I 522 12.31 7.31 -27.98
N LYS I 523 13.33 7.11 -28.80
CA LYS I 523 13.06 7.04 -30.24
C LYS I 523 12.33 5.75 -30.61
N ALA I 524 12.38 4.73 -29.76
CA ALA I 524 11.67 3.49 -30.06
C ALA I 524 10.16 3.70 -30.05
N LEU I 525 9.66 4.59 -29.20
CA LEU I 525 8.22 4.74 -29.04
C LEU I 525 7.62 5.81 -29.94
N PHE I 526 8.40 6.76 -30.42
CA PHE I 526 7.87 7.79 -31.29
C PHE I 526 7.41 7.20 -32.61
N THR I 527 6.67 8.00 -33.38
CA THR I 527 6.04 7.54 -34.61
C THR I 527 6.63 8.17 -35.87
N LYS I 528 7.76 8.87 -35.78
CA LYS I 528 8.40 9.50 -36.93
C LYS I 528 9.65 8.73 -37.30
N LYS I 529 9.64 8.13 -38.50
CA LYS I 529 10.78 7.35 -38.96
C LYS I 529 10.77 7.19 -40.47
N ASN I 530 11.90 7.50 -41.12
CA ASN I 530 12.08 7.32 -42.56
C ASN I 530 11.02 8.06 -43.37
N LYS I 531 11.01 9.39 -43.29
CA LYS I 531 10.07 10.18 -44.06
C LYS I 531 10.81 11.03 -45.09
N GLU I 532 11.07 10.47 -46.27
CA GLU I 532 11.76 11.16 -47.34
C GLU I 532 11.38 10.52 -48.67
N ASN I 533 10.83 11.31 -49.57
CA ASN I 533 10.39 10.81 -50.87
C ASN I 533 11.54 10.73 -51.86
N VAL J 1 18.05 -12.86 -14.53
CA VAL J 1 17.40 -12.39 -13.32
C VAL J 1 15.89 -12.50 -13.46
N SER J 2 15.22 -12.91 -12.38
CA SER J 2 13.78 -13.06 -12.36
C SER J 2 13.30 -12.91 -10.91
N LEU J 3 12.06 -13.30 -10.68
CA LEU J 3 11.53 -13.35 -9.33
C LEU J 3 12.40 -14.25 -8.44
N ASP J 4 12.62 -13.80 -7.21
CA ASP J 4 13.41 -14.59 -6.27
C ASP J 4 12.56 -14.91 -5.05
N PRO J 5 12.08 -16.15 -4.90
CA PRO J 5 11.22 -16.47 -3.77
C PRO J 5 11.95 -16.52 -2.44
N ALA J 6 13.27 -16.50 -2.43
CA ALA J 6 14.04 -16.52 -1.19
C ALA J 6 14.57 -15.15 -0.81
N ARG J 7 14.10 -14.08 -1.46
CA ARG J 7 14.64 -12.76 -1.17
C ARG J 7 14.35 -12.34 0.27
N THR J 8 13.19 -12.72 0.79
CA THR J 8 12.76 -12.51 2.17
C THR J 8 13.22 -11.17 2.74
N ASP J 9 13.00 -10.11 1.96
CA ASP J 9 13.15 -8.74 2.42
C ASP J 9 11.74 -8.14 2.48
N ARG J 10 11.42 -7.49 3.60
CA ARG J 10 10.03 -7.12 3.85
C ARG J 10 9.41 -6.27 2.75
N PRO J 11 10.05 -5.23 2.23
CA PRO J 11 9.43 -4.50 1.10
C PRO J 11 9.20 -5.38 -0.12
N TYR J 12 10.14 -6.27 -0.44
CA TYR J 12 9.93 -7.20 -1.54
C TYR J 12 8.73 -8.11 -1.26
N LEU J 13 8.63 -8.60 -0.03
CA LEU J 13 7.50 -9.45 0.35
C LEU J 13 6.18 -8.71 0.20
N LEU J 14 6.14 -7.47 0.67
CA LEU J 14 4.92 -6.70 0.59
C LEU J 14 4.56 -6.41 -0.86
N GLY J 15 5.54 -6.13 -1.69
CA GLY J 15 5.26 -5.93 -3.11
C GLY J 15 4.69 -7.17 -3.76
N ARG J 16 5.26 -8.33 -3.46
CA ARG J 16 4.74 -9.58 -3.99
C ARG J 16 3.31 -9.83 -3.50
N LEU J 17 3.08 -9.61 -2.21
CA LEU J 17 1.76 -9.83 -1.64
C LEU J 17 0.73 -8.91 -2.26
N PHE J 18 1.10 -7.65 -2.48
CA PHE J 18 0.21 -6.70 -3.13
C PHE J 18 -0.09 -7.14 -4.56
N ALA J 19 0.93 -7.61 -5.27
CA ALA J 19 0.73 -8.12 -6.62
C ALA J 19 -0.27 -9.27 -6.64
N VAL J 20 -0.12 -10.20 -5.71
CA VAL J 20 -1.00 -11.37 -5.75
C VAL J 20 -2.40 -11.02 -5.26
N LEU J 21 -2.53 -10.05 -4.34
CA LEU J 21 -3.85 -9.59 -3.94
C LEU J 21 -4.58 -8.95 -5.11
N GLU J 22 -3.91 -8.05 -5.83
CA GLU J 22 -4.57 -7.41 -6.96
C GLU J 22 -4.79 -8.42 -8.08
N LYS J 23 -3.97 -9.47 -8.15
CA LYS J 23 -4.22 -10.54 -9.10
C LYS J 23 -5.50 -11.31 -8.76
N ALA J 24 -5.70 -11.61 -7.47
CA ALA J 24 -6.95 -12.24 -7.05
C ALA J 24 -8.14 -11.35 -7.38
N GLN J 25 -8.03 -10.06 -7.07
CA GLN J 25 -9.14 -9.15 -7.35
C GLN J 25 -9.44 -9.05 -8.83
N GLU J 26 -8.41 -9.03 -9.69
CA GLU J 26 -8.65 -8.94 -11.12
C GLU J 26 -9.12 -10.27 -11.71
N ASP J 27 -8.78 -11.39 -11.07
CA ASP J 27 -9.34 -12.67 -11.48
C ASP J 27 -10.78 -12.82 -11.04
N ALA J 28 -11.20 -12.08 -10.03
CA ALA J 28 -12.62 -12.03 -9.69
C ALA J 28 -13.43 -11.36 -10.79
N VAL J 29 -13.12 -10.09 -11.07
CA VAL J 29 -13.85 -9.33 -12.09
C VAL J 29 -12.85 -8.73 -13.07
N PRO J 30 -13.11 -8.80 -14.38
CA PRO J 30 -12.23 -8.13 -15.35
C PRO J 30 -12.10 -6.64 -15.09
N GLY J 31 -11.04 -6.02 -15.60
CA GLY J 31 -10.84 -4.59 -15.44
C GLY J 31 -9.40 -4.15 -15.60
N ALA J 34 -14.77 -3.07 -10.06
CA ALA J 34 -15.55 -3.77 -11.08
C ALA J 34 -15.39 -3.11 -12.44
N THR J 35 -14.86 -3.88 -13.40
CA THR J 35 -14.65 -3.48 -14.79
C THR J 35 -13.49 -2.49 -14.87
N ILE J 36 -13.01 -2.04 -13.71
CA ILE J 36 -11.86 -1.17 -13.62
C ILE J 36 -11.02 -1.62 -12.44
N LYS J 37 -9.72 -1.75 -12.67
CA LYS J 37 -8.79 -2.16 -11.61
C LYS J 37 -8.80 -1.14 -10.47
N ASP J 38 -9.33 -1.56 -9.33
CA ASP J 38 -9.32 -0.69 -8.15
C ASP J 38 -7.89 -0.49 -7.69
N ARG J 39 -7.50 0.77 -7.54
CA ARG J 39 -6.11 1.12 -7.26
C ARG J 39 -6.04 2.03 -6.04
N TYR J 40 -5.44 1.52 -4.97
CA TYR J 40 -4.94 2.38 -3.90
C TYR J 40 -3.55 1.92 -3.48
N LEU J 41 -2.67 1.72 -4.46
CA LEU J 41 -1.25 1.52 -4.18
C LEU J 41 -0.65 2.70 -3.45
N ALA J 42 -1.14 3.91 -3.74
CA ALA J 42 -0.60 5.10 -3.12
C ALA J 42 -0.65 4.98 -1.60
N SER J 43 -1.85 4.85 -1.05
CA SER J 43 -1.99 4.70 0.40
C SER J 43 -1.39 3.41 0.91
N ALA J 44 -1.15 2.43 0.03
CA ALA J 44 -0.52 1.19 0.46
C ALA J 44 0.96 1.39 0.75
N SER J 45 1.67 2.10 -0.13
CA SER J 45 3.06 2.43 0.14
C SER J 45 3.16 3.54 1.19
N ALA J 46 2.12 4.37 1.31
CA ALA J 46 2.07 5.33 2.40
C ALA J 46 1.82 4.62 3.73
N ASN J 47 0.68 3.96 3.84
CA ASN J 47 0.36 3.11 4.99
C ASN J 47 0.49 1.66 4.56
N PRO J 48 1.54 0.97 4.94
CA PRO J 48 1.61 -0.46 4.62
C PRO J 48 0.56 -1.29 5.36
N GLY J 49 0.52 -1.22 6.68
CA GLY J 49 -0.35 -2.12 7.43
C GLY J 49 -1.81 -1.68 7.39
N GLN J 50 -2.05 -0.39 7.64
CA GLN J 50 -3.42 0.14 7.70
C GLN J 50 -4.16 -0.03 6.40
N VAL J 51 -3.45 -0.30 5.31
CA VAL J 51 -4.07 -0.58 4.02
C VAL J 51 -4.03 -2.07 3.70
N PHE J 52 -2.94 -2.75 4.07
CA PHE J 52 -2.83 -4.16 3.72
C PHE J 52 -3.85 -5.01 4.47
N HIS J 53 -4.31 -4.60 5.64
CA HIS J 53 -5.26 -5.47 6.34
C HIS J 53 -6.60 -5.49 5.61
N MET J 54 -7.08 -4.34 5.16
CA MET J 54 -8.33 -4.33 4.39
C MET J 54 -8.12 -4.90 3.00
N LEU J 55 -6.92 -4.72 2.42
CA LEU J 55 -6.61 -5.43 1.18
C LEU J 55 -6.74 -6.93 1.37
N LEU J 56 -6.31 -7.44 2.53
CA LEU J 56 -6.39 -8.87 2.79
C LEU J 56 -7.84 -9.31 3.00
N LYS J 57 -8.65 -8.47 3.65
CA LYS J 57 -10.07 -8.79 3.78
C LYS J 57 -10.72 -8.92 2.40
N ASN J 58 -10.54 -7.90 1.56
CA ASN J 58 -11.15 -7.93 0.23
C ASN J 58 -10.59 -9.08 -0.60
N ALA J 59 -9.32 -9.42 -0.40
CA ALA J 59 -8.74 -10.56 -1.11
C ALA J 59 -9.37 -11.86 -0.64
N SER J 60 -9.62 -11.98 0.66
CA SER J 60 -10.34 -13.16 1.16
C SER J 60 -11.72 -13.27 0.52
N ASN J 61 -12.41 -12.14 0.41
CA ASN J 61 -13.68 -12.11 -0.31
C ASN J 61 -13.52 -12.68 -1.72
N HIS J 62 -12.53 -12.16 -2.47
CA HIS J 62 -12.37 -12.55 -3.86
C HIS J 62 -12.03 -14.03 -3.98
N THR J 63 -11.11 -14.52 -3.16
CA THR J 63 -10.71 -15.93 -3.24
C THR J 63 -11.82 -16.86 -2.79
N ALA J 64 -12.56 -16.52 -1.73
CA ALA J 64 -13.68 -17.34 -1.32
C ALA J 64 -14.79 -17.33 -2.38
N LYS J 65 -14.91 -16.25 -3.13
CA LYS J 65 -15.90 -16.24 -4.21
C LYS J 65 -15.41 -17.08 -5.39
N LEU J 66 -14.12 -17.09 -5.65
CA LEU J 66 -13.56 -17.87 -6.75
C LEU J 66 -13.55 -19.36 -6.47
N ARG J 67 -14.05 -19.81 -5.32
CA ARG J 67 -14.03 -21.24 -5.00
C ARG J 67 -15.11 -21.98 -5.77
N LYS J 68 -16.27 -21.35 -5.99
CA LYS J 68 -17.37 -22.03 -6.67
C LYS J 68 -17.00 -22.37 -8.11
N ASP J 69 -16.37 -21.43 -8.81
CA ASP J 69 -16.07 -21.65 -10.22
C ASP J 69 -14.85 -22.57 -10.34
N PRO J 70 -14.87 -23.54 -11.27
CA PRO J 70 -13.70 -24.42 -11.44
C PRO J 70 -12.49 -23.74 -12.05
N GLU J 71 -12.59 -22.47 -12.46
CA GLU J 71 -11.46 -21.79 -13.07
C GLU J 71 -10.35 -21.58 -12.05
N ARG J 72 -9.14 -22.00 -12.40
CA ARG J 72 -8.00 -21.93 -11.50
C ARG J 72 -6.77 -21.48 -12.28
N LYS J 73 -5.86 -20.82 -11.57
CA LYS J 73 -4.60 -20.35 -12.17
C LYS J 73 -3.47 -20.37 -11.14
N ALA J 76 -6.85 -20.55 -8.01
CA ALA J 76 -7.49 -19.67 -7.04
C ALA J 76 -7.04 -19.99 -5.62
N ILE J 77 -7.11 -21.27 -5.26
CA ILE J 77 -6.55 -21.69 -3.97
C ILE J 77 -5.05 -21.50 -3.95
N HIS J 78 -4.41 -21.52 -5.13
CA HIS J 78 -3.00 -21.20 -5.21
C HIS J 78 -2.72 -19.79 -4.74
N TYR J 79 -3.64 -18.86 -5.00
CA TYR J 79 -3.48 -17.50 -4.50
C TYR J 79 -3.47 -17.49 -2.97
N GLU J 80 -4.34 -18.28 -2.35
CA GLU J 80 -4.36 -18.33 -0.90
C GLU J 80 -3.08 -18.96 -0.35
N ILE J 81 -2.61 -20.03 -0.99
CA ILE J 81 -1.36 -20.65 -0.54
C ILE J 81 -0.21 -19.66 -0.67
N MET J 82 -0.21 -18.85 -1.74
CA MET J 82 0.83 -17.84 -1.90
C MET J 82 0.72 -16.76 -0.83
N MET J 83 -0.51 -16.36 -0.50
CA MET J 83 -0.70 -15.42 0.60
C MET J 83 -0.09 -15.96 1.88
N GLN J 84 -0.34 -17.23 2.19
CA GLN J 84 0.26 -17.83 3.38
C GLN J 84 1.79 -17.81 3.29
N GLU J 85 2.32 -18.22 2.14
CA GLU J 85 3.78 -18.37 2.02
C GLU J 85 4.48 -17.02 2.07
N ILE J 86 3.77 -15.95 1.69
CA ILE J 86 4.37 -14.62 1.78
C ILE J 86 4.27 -14.09 3.20
N ILE J 87 3.06 -14.16 3.79
CA ILE J 87 2.87 -13.64 5.14
C ILE J 87 3.73 -14.40 6.15
N ASP J 88 4.07 -15.65 5.84
CA ASP J 88 4.84 -16.47 6.78
C ASP J 88 6.14 -15.81 7.17
N ASN J 89 6.82 -15.16 6.22
CA ASN J 89 8.09 -14.52 6.50
C ASN J 89 7.94 -13.13 7.10
N ILE J 90 6.73 -12.57 7.08
CA ILE J 90 6.47 -11.21 7.54
C ILE J 90 6.04 -11.29 9.00
N SER J 91 6.39 -10.26 9.77
CA SER J 91 5.88 -10.10 11.13
C SER J 91 5.77 -8.61 11.41
N ASP J 92 4.72 -8.22 12.13
CA ASP J 92 4.65 -6.85 12.65
C ASP J 92 4.74 -5.82 11.53
N PHE J 93 3.68 -5.71 10.70
CA PHE J 93 3.57 -4.87 9.50
C PHE J 93 4.24 -3.53 9.72
N PRO J 94 4.94 -2.99 8.72
CA PRO J 94 5.68 -1.75 8.91
C PRO J 94 4.79 -0.52 8.92
N VAL J 95 5.01 0.33 9.91
CA VAL J 95 4.23 1.56 10.00
C VAL J 95 4.51 2.45 8.80
N THR J 96 5.78 2.66 8.47
CA THR J 96 6.18 3.49 7.35
C THR J 96 7.31 2.79 6.61
N MET J 97 7.41 3.06 5.31
CA MET J 97 8.53 2.59 4.51
C MET J 97 9.41 3.78 4.13
N SER J 98 10.51 3.50 3.45
CA SER J 98 11.46 4.51 3.00
C SER J 98 11.43 4.62 1.48
N SER J 99 12.32 5.44 0.94
CA SER J 99 12.37 5.63 -0.50
C SER J 99 12.89 4.38 -1.21
N ASP J 100 14.05 3.88 -0.79
CA ASP J 100 14.57 2.65 -1.36
C ASP J 100 13.63 1.48 -1.06
N GLU J 101 12.98 1.50 0.10
CA GLU J 101 12.05 0.43 0.44
C GLU J 101 10.82 0.48 -0.45
N GLN J 102 10.34 1.67 -0.81
CA GLN J 102 9.22 1.76 -1.73
C GLN J 102 9.62 1.36 -3.14
N GLY J 103 10.84 1.70 -3.56
CA GLY J 103 11.32 1.20 -4.82
C GLY J 103 11.39 -0.31 -4.85
N LEU J 104 11.86 -0.91 -3.75
CA LEU J 104 11.90 -2.36 -3.64
C LEU J 104 10.49 -2.95 -3.65
N PHE J 105 9.55 -2.26 -3.01
CA PHE J 105 8.14 -2.66 -3.05
C PHE J 105 7.64 -2.74 -4.48
N MET J 106 7.90 -1.70 -5.27
CA MET J 106 7.47 -1.71 -6.65
C MET J 106 8.17 -2.80 -7.45
N ILE J 107 9.46 -3.02 -7.16
CA ILE J 107 10.21 -4.06 -7.86
C ILE J 107 9.60 -5.43 -7.58
N GLY J 108 9.31 -5.70 -6.32
CA GLY J 108 8.70 -6.98 -5.98
C GLY J 108 7.30 -7.13 -6.54
N TYR J 109 6.52 -6.05 -6.56
CA TYR J 109 5.22 -6.09 -7.21
C TYR J 109 5.36 -6.52 -8.66
N TYR J 110 6.20 -5.84 -9.42
CA TYR J 110 6.33 -6.15 -10.82
C TYR J 110 6.94 -7.53 -11.04
N HIS J 111 7.79 -8.01 -10.12
CA HIS J 111 8.30 -9.36 -10.22
C HIS J 111 7.18 -10.39 -10.06
N GLN J 112 6.45 -10.31 -8.95
CA GLN J 112 5.36 -11.26 -8.73
C GLN J 112 4.29 -11.15 -9.81
N ARG J 113 4.14 -9.96 -10.39
CA ARG J 113 3.19 -9.78 -11.48
C ARG J 113 3.68 -10.46 -12.76
N LYS J 114 4.98 -10.39 -13.03
CA LYS J 114 5.53 -11.13 -14.15
C LYS J 114 5.43 -12.63 -13.94
N ALA J 115 5.53 -13.08 -12.69
CA ALA J 115 5.44 -14.50 -12.40
C ALA J 115 4.05 -15.05 -12.70
N LEU J 116 3.00 -14.28 -12.43
CA LEU J 116 1.62 -14.70 -12.61
C LEU J 116 1.07 -14.30 -13.97
N PHE J 117 1.94 -14.14 -14.96
CA PHE J 117 1.55 -13.61 -16.26
C PHE J 117 0.79 -14.67 -17.06
N THR J 118 0.15 -14.24 -18.14
CA THR J 118 -0.60 -15.17 -18.98
C THR J 118 0.31 -16.15 -19.69
N LYS J 119 1.61 -15.86 -19.77
CA LYS J 119 2.59 -16.77 -20.34
C LYS J 119 3.41 -17.49 -19.28
N LYS J 120 3.13 -17.26 -18.00
CA LYS J 120 3.82 -17.91 -16.90
C LYS J 120 5.33 -17.65 -16.94
N ASN J 121 5.69 -16.43 -17.36
CA ASN J 121 7.07 -15.97 -17.36
C ASN J 121 8.00 -16.87 -18.15
N LYS J 122 7.68 -17.15 -19.42
CA LYS J 122 8.59 -17.83 -20.31
C LYS J 122 9.12 -16.94 -21.43
N GLU J 123 8.53 -15.77 -21.64
CA GLU J 123 8.98 -14.83 -22.67
C GLU J 123 9.45 -13.54 -22.00
N ASN J 124 10.42 -12.89 -22.64
CA ASN J 124 11.01 -11.68 -22.07
C ASN J 124 10.65 -10.45 -22.89
N VAL K 1 11.60 -16.63 9.38
CA VAL K 1 10.53 -16.12 10.23
C VAL K 1 9.24 -16.90 9.97
N SER K 2 8.49 -17.17 11.04
CA SER K 2 7.23 -17.88 10.96
C SER K 2 6.46 -17.71 12.26
N LEU K 3 5.38 -18.47 12.44
CA LEU K 3 4.57 -18.34 13.65
C LEU K 3 5.42 -18.54 14.89
N ASP K 4 5.30 -17.59 15.82
CA ASP K 4 6.01 -17.64 17.09
C ASP K 4 4.99 -17.78 18.21
N PRO K 5 4.83 -18.95 18.80
CA PRO K 5 3.82 -19.11 19.87
C PRO K 5 4.10 -18.27 21.10
N ALA K 6 5.23 -17.56 21.16
CA ALA K 6 5.55 -16.75 22.32
C ALA K 6 5.44 -15.27 21.99
N ARG K 7 4.45 -14.90 21.18
CA ARG K 7 4.24 -13.51 20.80
C ARG K 7 3.59 -12.73 21.93
N THR K 8 2.43 -13.18 22.40
CA THR K 8 1.69 -12.57 23.51
C THR K 8 1.40 -11.09 23.21
N ASP K 9 0.84 -10.85 22.03
CA ASP K 9 0.29 -9.55 21.65
C ASP K 9 -1.17 -9.77 21.33
N ARG K 10 -2.06 -9.01 22.00
CA ARG K 10 -3.50 -9.24 21.88
C ARG K 10 -3.99 -9.38 20.44
N PRO K 11 -3.59 -8.53 19.48
CA PRO K 11 -4.07 -8.75 18.11
C PRO K 11 -3.54 -10.03 17.48
N TYR K 12 -2.26 -10.32 17.67
CA TYR K 12 -1.70 -11.55 17.13
C TYR K 12 -2.39 -12.77 17.70
N LEU K 13 -2.67 -12.75 19.00
CA LEU K 13 -3.31 -13.90 19.63
C LEU K 13 -4.77 -14.01 19.22
N LEU K 14 -5.45 -12.88 19.05
CA LEU K 14 -6.84 -12.93 18.58
C LEU K 14 -6.90 -13.51 17.17
N GLY K 15 -5.93 -13.15 16.32
CA GLY K 15 -5.89 -13.73 14.98
C GLY K 15 -5.59 -15.22 15.02
N ARG K 16 -4.65 -15.63 15.86
CA ARG K 16 -4.39 -17.06 16.06
C ARG K 16 -5.67 -17.79 16.46
N LEU K 17 -6.38 -17.24 17.45
CA LEU K 17 -7.63 -17.83 17.91
C LEU K 17 -8.64 -17.96 16.77
N PHE K 18 -8.86 -16.87 16.03
CA PHE K 18 -9.82 -16.94 14.93
C PHE K 18 -9.43 -18.02 13.94
N ALA K 19 -8.13 -18.16 13.67
CA ALA K 19 -7.69 -19.18 12.73
C ALA K 19 -8.02 -20.57 13.26
N VAL K 20 -7.72 -20.83 14.54
CA VAL K 20 -7.98 -22.18 15.05
C VAL K 20 -9.47 -22.45 15.09
N LEU K 21 -10.27 -21.42 15.39
CA LEU K 21 -11.73 -21.61 15.44
C LEU K 21 -12.27 -21.97 14.06
N GLU K 22 -11.83 -21.24 13.04
CA GLU K 22 -12.37 -21.52 11.71
C GLU K 22 -11.83 -22.83 11.16
N LYS K 23 -10.64 -23.25 11.60
CA LYS K 23 -10.16 -24.58 11.21
C LYS K 23 -10.97 -25.68 11.89
N ALA K 24 -11.30 -25.47 13.17
CA ALA K 24 -12.10 -26.47 13.89
C ALA K 24 -13.49 -26.59 13.30
N GLN K 25 -14.18 -25.46 13.11
CA GLN K 25 -15.49 -25.50 12.47
C GLN K 25 -15.38 -25.88 10.99
N GLU K 26 -14.17 -25.85 10.43
CA GLU K 26 -13.95 -26.35 9.09
C GLU K 26 -13.82 -27.86 9.05
N ASP K 27 -13.33 -28.46 10.12
CA ASP K 27 -13.25 -29.92 10.20
C ASP K 27 -14.57 -30.55 10.61
N ALA K 28 -15.46 -29.78 11.24
CA ALA K 28 -16.75 -30.31 11.66
C ALA K 28 -17.64 -30.58 10.45
N VAL K 29 -17.92 -29.54 9.66
CA VAL K 29 -18.85 -29.64 8.55
C VAL K 29 -18.13 -29.25 7.27
N PRO K 30 -18.52 -29.79 6.12
CA PRO K 30 -17.83 -29.43 4.87
C PRO K 30 -18.06 -27.97 4.49
N GLY K 31 -17.08 -27.41 3.80
CA GLY K 31 -17.14 -26.03 3.37
C GLY K 31 -16.12 -25.68 2.31
N ALA K 34 -22.09 -27.59 2.71
CA ALA K 34 -20.86 -28.05 2.06
C ALA K 34 -20.45 -27.10 0.95
N THR K 35 -19.14 -26.82 0.90
CA THR K 35 -18.48 -26.05 -0.17
C THR K 35 -18.84 -24.56 -0.07
N ILE K 36 -19.76 -24.22 0.84
CA ILE K 36 -20.20 -22.84 1.03
C ILE K 36 -20.18 -22.53 2.51
N LYS K 37 -19.71 -21.33 2.85
CA LYS K 37 -19.50 -20.94 4.24
C LYS K 37 -19.96 -19.52 4.47
N ASP K 38 -20.51 -19.27 5.66
CA ASP K 38 -20.77 -17.91 6.13
C ASP K 38 -19.50 -17.37 6.77
N ARG K 39 -19.06 -16.20 6.32
CA ARG K 39 -17.74 -15.67 6.65
C ARG K 39 -17.90 -14.30 7.30
N TYR K 40 -17.30 -14.13 8.47
CA TYR K 40 -17.19 -12.81 9.11
C TYR K 40 -15.79 -12.61 9.65
N LEU K 41 -14.78 -12.88 8.81
CA LEU K 41 -13.41 -12.56 9.18
C LEU K 41 -13.25 -11.05 9.37
N ALA K 42 -13.88 -10.26 8.50
CA ALA K 42 -13.82 -8.81 8.62
C ALA K 42 -14.43 -8.35 9.94
N SER K 43 -15.59 -8.90 10.28
CA SER K 43 -16.24 -8.53 11.53
C SER K 43 -15.43 -8.94 12.75
N ALA K 44 -14.78 -10.10 12.70
CA ALA K 44 -13.97 -10.54 13.83
C ALA K 44 -12.74 -9.66 14.00
N SER K 45 -12.15 -9.23 12.89
CA SER K 45 -11.00 -8.33 12.99
C SER K 45 -11.43 -6.96 13.50
N ALA K 46 -12.56 -6.45 13.01
CA ALA K 46 -12.98 -5.10 13.36
C ALA K 46 -13.55 -5.04 14.77
N ASN K 47 -14.56 -5.86 15.05
CA ASN K 47 -15.21 -5.91 16.36
C ASN K 47 -14.86 -7.22 17.04
N PRO K 48 -13.79 -7.26 17.81
CA PRO K 48 -13.31 -8.56 18.32
C PRO K 48 -14.26 -9.24 19.29
N GLY K 49 -14.64 -8.56 20.37
CA GLY K 49 -15.42 -9.23 21.40
C GLY K 49 -16.81 -9.60 20.92
N GLN K 50 -17.48 -8.67 20.23
CA GLN K 50 -18.85 -8.87 19.78
C GLN K 50 -18.98 -10.07 18.85
N VAL K 51 -17.92 -10.48 18.19
CA VAL K 51 -17.93 -11.63 17.31
C VAL K 51 -17.31 -12.86 17.97
N PHE K 52 -16.22 -12.68 18.73
CA PHE K 52 -15.60 -13.81 19.39
C PHE K 52 -16.48 -14.41 20.47
N HIS K 53 -17.43 -13.66 21.01
CA HIS K 53 -18.42 -14.26 21.91
C HIS K 53 -19.13 -15.42 21.23
N MET K 54 -19.83 -15.13 20.13
CA MET K 54 -20.58 -16.16 19.44
C MET K 54 -19.65 -17.19 18.80
N LEU K 55 -18.45 -16.78 18.39
CA LEU K 55 -17.52 -17.73 17.80
C LEU K 55 -17.08 -18.76 18.82
N LEU K 56 -16.75 -18.32 20.04
CA LEU K 56 -16.40 -19.25 21.09
C LEU K 56 -17.59 -20.10 21.52
N LYS K 57 -18.79 -19.53 21.45
CA LYS K 57 -19.99 -20.33 21.70
C LYS K 57 -20.08 -21.50 20.74
N ASN K 58 -20.03 -21.22 19.44
CA ASN K 58 -20.13 -22.28 18.45
C ASN K 58 -18.95 -23.24 18.51
N ALA K 59 -17.77 -22.74 18.87
CA ALA K 59 -16.62 -23.63 19.01
C ALA K 59 -16.79 -24.59 20.18
N SER K 60 -17.33 -24.08 21.30
CA SER K 60 -17.62 -24.96 22.43
C SER K 60 -18.66 -26.00 22.06
N ASN K 61 -19.69 -25.58 21.31
CA ASN K 61 -20.70 -26.54 20.85
C ASN K 61 -20.05 -27.62 19.98
N HIS K 62 -19.18 -27.21 19.05
CA HIS K 62 -18.52 -28.17 18.18
C HIS K 62 -17.64 -29.15 18.96
N THR K 63 -16.80 -28.63 19.86
CA THR K 63 -15.90 -29.53 20.58
C THR K 63 -16.67 -30.43 21.54
N ALA K 64 -17.82 -29.96 22.02
CA ALA K 64 -18.68 -30.83 22.81
C ALA K 64 -19.29 -31.93 21.96
N LYS K 65 -19.61 -31.61 20.70
CA LYS K 65 -20.08 -32.64 19.78
C LYS K 65 -19.00 -33.69 19.54
N LEU K 66 -17.76 -33.25 19.34
CA LEU K 66 -16.68 -34.17 18.98
C LEU K 66 -16.06 -34.90 20.16
N ARG K 67 -16.69 -34.89 21.34
CA ARG K 67 -16.16 -35.68 22.45
C ARG K 67 -16.38 -37.17 22.23
N LYS K 68 -17.45 -37.54 21.52
CA LYS K 68 -17.79 -38.95 21.39
C LYS K 68 -16.82 -39.68 20.47
N ASP K 69 -16.44 -39.04 19.36
CA ASP K 69 -15.61 -39.70 18.36
C ASP K 69 -14.14 -39.51 18.70
N PRO K 70 -13.33 -40.57 18.54
CA PRO K 70 -11.91 -40.47 18.90
C PRO K 70 -11.04 -39.85 17.82
N GLU K 71 -11.65 -39.18 16.85
CA GLU K 71 -10.89 -38.55 15.78
C GLU K 71 -10.04 -37.40 16.34
N ARG K 72 -8.73 -37.64 16.44
CA ARG K 72 -7.81 -36.65 16.97
C ARG K 72 -6.71 -36.41 15.95
N LYS K 73 -6.57 -35.17 15.50
CA LYS K 73 -5.57 -34.84 14.50
C LYS K 73 -4.20 -34.66 15.16
N ALA K 76 -11.20 -32.33 16.97
CA ALA K 76 -10.15 -32.89 17.80
C ALA K 76 -10.01 -32.10 19.09
N ILE K 77 -9.64 -32.78 20.18
CA ILE K 77 -9.34 -32.07 21.41
C ILE K 77 -8.06 -31.25 21.28
N HIS K 78 -7.26 -31.54 20.25
CA HIS K 78 -6.11 -30.70 19.95
C HIS K 78 -6.55 -29.26 19.67
N TYR K 79 -7.60 -29.10 18.84
CA TYR K 79 -8.11 -27.76 18.58
C TYR K 79 -8.58 -27.10 19.86
N GLU K 80 -9.26 -27.84 20.73
CA GLU K 80 -9.75 -27.26 21.97
C GLU K 80 -8.60 -26.81 22.86
N ILE K 81 -7.52 -27.60 22.91
CA ILE K 81 -6.42 -27.22 23.78
C ILE K 81 -5.67 -26.02 23.20
N MET K 82 -5.58 -25.92 21.86
CA MET K 82 -5.03 -24.71 21.29
C MET K 82 -5.89 -23.49 21.63
N MET K 83 -7.20 -23.61 21.48
CA MET K 83 -8.10 -22.51 21.83
C MET K 83 -7.91 -22.10 23.28
N GLN K 84 -7.84 -23.08 24.19
CA GLN K 84 -7.69 -22.76 25.60
C GLN K 84 -6.36 -22.08 25.87
N GLU K 85 -5.27 -22.59 25.29
CA GLU K 85 -3.97 -21.97 25.49
C GLU K 85 -3.93 -20.56 24.94
N ILE K 86 -4.65 -20.30 23.86
CA ILE K 86 -4.66 -18.97 23.27
C ILE K 86 -5.47 -18.01 24.14
N ILE K 87 -6.66 -18.45 24.59
CA ILE K 87 -7.49 -17.59 25.45
C ILE K 87 -6.81 -17.30 26.77
N ASP K 88 -6.00 -18.24 27.27
CA ASP K 88 -5.26 -17.96 28.50
C ASP K 88 -4.33 -16.77 28.32
N ASN K 89 -3.90 -16.52 27.08
CA ASN K 89 -3.02 -15.42 26.76
C ASN K 89 -3.76 -14.16 26.33
N ILE K 90 -5.09 -14.20 26.28
CA ILE K 90 -5.91 -13.04 25.91
C ILE K 90 -6.86 -12.76 27.05
N SER K 91 -6.68 -11.63 27.72
CA SER K 91 -7.57 -11.20 28.78
C SER K 91 -8.34 -9.97 28.32
N ASP K 92 -9.64 -9.93 28.60
CA ASP K 92 -10.48 -8.78 28.28
C ASP K 92 -10.50 -8.46 26.79
N PHE K 93 -11.12 -9.34 26.00
CA PHE K 93 -11.37 -9.14 24.57
C PHE K 93 -11.70 -7.68 24.29
N PRO K 94 -11.03 -7.04 23.34
CA PRO K 94 -11.24 -5.61 23.11
C PRO K 94 -12.59 -5.35 22.43
N VAL K 95 -13.02 -4.10 22.54
CA VAL K 95 -14.27 -3.69 21.90
C VAL K 95 -14.03 -3.40 20.43
N THR K 96 -12.98 -2.65 20.11
CA THR K 96 -12.60 -2.35 18.74
C THR K 96 -11.09 -2.35 18.65
N MET K 97 -10.59 -2.60 17.44
CA MET K 97 -9.16 -2.61 17.17
C MET K 97 -8.83 -1.59 16.08
N SER K 98 -7.71 -0.91 16.26
CA SER K 98 -7.24 0.02 15.26
C SER K 98 -6.73 -0.72 14.04
N SER K 99 -6.45 0.04 12.97
CA SER K 99 -6.14 -0.59 11.69
C SER K 99 -4.82 -1.36 11.74
N ASP K 100 -3.82 -0.83 12.46
CA ASP K 100 -2.57 -1.58 12.61
C ASP K 100 -2.78 -2.85 13.43
N GLU K 101 -3.63 -2.77 14.47
CA GLU K 101 -3.97 -3.95 15.23
C GLU K 101 -4.66 -4.99 14.35
N GLN K 102 -5.49 -4.55 13.41
CA GLN K 102 -6.14 -5.49 12.51
C GLN K 102 -5.13 -6.08 11.52
N GLY K 103 -4.11 -5.31 11.15
CA GLY K 103 -3.04 -5.88 10.35
C GLY K 103 -2.31 -6.98 11.08
N LEU K 104 -2.01 -6.75 12.36
CA LEU K 104 -1.39 -7.81 13.17
C LEU K 104 -2.33 -9.00 13.32
N PHE K 105 -3.63 -8.74 13.45
CA PHE K 105 -4.65 -9.79 13.45
C PHE K 105 -4.51 -10.67 12.22
N MET K 106 -4.49 -10.07 11.03
CA MET K 106 -4.39 -10.84 9.80
C MET K 106 -3.06 -11.59 9.73
N ILE K 107 -1.99 -10.97 10.22
CA ILE K 107 -0.68 -11.63 10.23
C ILE K 107 -0.74 -12.90 11.06
N GLY K 108 -1.26 -12.80 12.29
CA GLY K 108 -1.36 -13.96 13.15
C GLY K 108 -2.26 -15.04 12.58
N TYR K 109 -3.42 -14.64 12.03
CA TYR K 109 -4.32 -15.62 11.43
C TYR K 109 -3.62 -16.37 10.31
N TYR K 110 -2.88 -15.66 9.46
CA TYR K 110 -2.21 -16.34 8.36
C TYR K 110 -1.06 -17.22 8.83
N HIS K 111 -0.31 -16.78 9.85
CA HIS K 111 0.70 -17.64 10.44
C HIS K 111 0.09 -18.95 10.93
N GLN K 112 -1.04 -18.86 11.63
CA GLN K 112 -1.67 -20.06 12.15
C GLN K 112 -2.20 -20.94 11.03
N ARG K 113 -2.86 -20.34 10.04
CA ARG K 113 -3.40 -21.11 8.92
C ARG K 113 -2.28 -21.83 8.17
N LYS K 114 -1.10 -21.23 8.08
CA LYS K 114 0.02 -21.94 7.49
C LYS K 114 0.55 -23.02 8.41
N ALA K 115 0.49 -22.80 9.72
CA ALA K 115 0.95 -23.83 10.65
C ALA K 115 0.03 -25.04 10.65
N LEU K 116 -1.27 -24.82 10.50
CA LEU K 116 -2.27 -25.88 10.60
C LEU K 116 -2.65 -26.46 9.24
N PHE K 117 -1.72 -26.47 8.29
CA PHE K 117 -2.04 -27.04 7.00
C PHE K 117 -2.02 -28.56 7.07
N THR K 118 -2.55 -29.21 6.03
CA THR K 118 -2.56 -30.67 5.97
C THR K 118 -1.16 -31.26 5.99
N LYS K 119 -0.18 -30.56 5.40
CA LYS K 119 1.19 -31.03 5.44
C LYS K 119 1.91 -30.61 6.71
N LYS K 120 1.23 -29.86 7.59
CA LYS K 120 1.75 -29.43 8.87
C LYS K 120 3.01 -28.58 8.71
N ASN K 121 3.00 -27.69 7.72
CA ASN K 121 4.04 -26.67 7.54
C ASN K 121 5.41 -27.30 7.28
N LYS K 122 5.43 -28.51 6.71
CA LYS K 122 6.69 -29.18 6.39
C LYS K 122 7.22 -28.83 5.00
N GLU K 123 6.49 -28.01 4.24
CA GLU K 123 6.93 -27.56 2.93
C GLU K 123 6.43 -26.14 2.67
N ASN K 124 7.34 -25.24 2.32
CA ASN K 124 6.96 -23.85 2.05
C ASN K 124 6.47 -23.70 0.61
#